data_3O6X
#
_entry.id   3O6X
#
_cell.length_a   198.250
_cell.length_b   203.960
_cell.length_c   234.590
_cell.angle_alpha   90.000
_cell.angle_beta   90.000
_cell.angle_gamma   90.000
#
_symmetry.space_group_name_H-M   'C 2 2 21'
#
loop_
_entity.id
_entity.type
_entity.pdbx_description
1 polymer 'Glutamine synthetase'
2 non-polymer 'MAGNESIUM ION'
3 non-polymer 'L-METHIONINE-S-SULFOXIMINE PHOSPHATE'
4 non-polymer "ADENOSINE-5'-DIPHOSPHATE"
5 non-polymer 'CHLORIDE ION'
#
_entity_poly.entity_id   1
_entity_poly.type   'polypeptide(L)'
_entity_poly.pdbx_seq_one_letter_code
;MSKMRFFALQELSNRKPLEITTPSNKLSDYYASHVFDRKKMQEYLPKEAYKAVVDATEKGTPISREMADLIANGMKSWAK
SLNVTHYTHWFQPLTDGTAEKHDGFIEFGEDGEVIERFSGKLLIQQEPDASSFPNGGIRNTFEARGYTAWDGSSPAFVVD
TTLCIPTIFISYTGEALDYKTPLLKALAAVDKAATEVCQLFDKNITRVFTNLGWEQEYFLVDTSLYNARPDLRLTGRTLM
GHSSAKDQQLEDHYFGSIPPRVTAFMKELEIECHKLGIPVKTRHNEVAPNQFELAPIFENCNLANDHNQLVMDLMKRIAR
KHHFAVLFHEKPYNGVNGSGKHNNWSLCTDTGINLFAPGKNPKGNMLFLTFLVNVLMMVHKNQDLLRASIMSAGNSHRLG
ANEAPPAILSIFLGSQLSATLDEIVRQVTNSKMTPEEKTTLKLGIGRIPEILLDTTDRNRTSPFAFTGNRFEFRAAGSSA
NCAAAMIAINAAMANQLNEFKASVDKLMEEGIGKDEAIFRILKENIIASELIRFEGDGYSEEWKQEAARRGLTNICHVPE
ALMHYMDNQSRAVLIGERIFNETELACRLEVELEKYTMKVQIESRVLGDLAINHIVPIAVSYQNRLLENLCRMKEIFSEE
EYEVMSADRKELIKEISHRVSAIKVLVRDMTEARKVANHKENFKEKAFAYEETVRPYLESIRDHIDHLEMEIDDEIWPLP
KYRELLFTK
;
_entity_poly.pdbx_strand_id   A,B,C,D,E,F
#
# COMPACT_ATOMS: atom_id res chain seq x y z
N LYS A 3 9.27 8.69 -15.41
CA LYS A 3 8.58 7.40 -15.15
C LYS A 3 9.09 6.76 -13.86
N MET A 4 10.29 6.18 -13.90
CA MET A 4 10.89 5.55 -12.72
C MET A 4 11.60 6.58 -11.86
N ARG A 5 12.13 7.61 -12.48
CA ARG A 5 12.84 8.66 -11.77
C ARG A 5 11.98 9.29 -10.72
N PHE A 6 10.67 9.13 -10.84
CA PHE A 6 9.77 9.68 -9.84
C PHE A 6 9.42 8.60 -8.83
N PHE A 7 9.15 7.41 -9.32
CA PHE A 7 8.87 6.29 -8.46
C PHE A 7 10.06 6.23 -7.51
N ALA A 8 11.09 6.99 -7.81
CA ALA A 8 12.28 7.01 -6.99
C ALA A 8 12.10 8.07 -5.94
N LEU A 9 11.95 9.32 -6.38
CA LEU A 9 11.77 10.40 -5.42
C LEU A 9 10.65 10.03 -4.46
N GLN A 10 9.65 9.34 -4.96
CA GLN A 10 8.56 8.96 -4.09
C GLN A 10 9.00 7.82 -3.21
N GLU A 11 9.77 6.92 -3.78
CA GLU A 11 10.24 5.79 -3.03
C GLU A 11 10.91 6.22 -1.75
N LEU A 12 11.81 7.18 -1.83
CA LEU A 12 12.51 7.63 -0.62
C LEU A 12 11.83 8.73 0.18
N SER A 13 10.55 8.96 -0.05
CA SER A 13 9.88 9.99 0.73
C SER A 13 9.93 9.50 2.16
N ASN A 14 9.74 8.20 2.32
CA ASN A 14 9.77 7.58 3.63
C ASN A 14 10.87 6.54 3.65
N ARG A 15 11.88 6.79 4.46
CA ARG A 15 12.99 5.86 4.56
C ARG A 15 13.49 5.82 6.00
N LYS A 16 12.86 5.02 6.84
CA LYS A 16 13.30 4.93 8.22
C LYS A 16 14.74 4.43 8.22
N PRO A 17 15.65 5.15 8.91
CA PRO A 17 17.06 4.76 8.99
C PRO A 17 17.12 3.59 9.96
N LEU A 18 17.66 2.46 9.52
CA LEU A 18 17.77 1.25 10.35
C LEU A 18 18.28 1.46 11.78
N GLU A 19 17.93 0.51 12.66
CA GLU A 19 18.36 0.54 14.06
C GLU A 19 19.60 -0.33 14.20
N ILE A 20 20.69 0.18 14.76
CA ILE A 20 21.86 -0.67 14.92
C ILE A 20 21.85 -1.41 16.27
N THR A 21 22.86 -1.21 17.13
CA THR A 21 22.92 -1.91 18.42
C THR A 21 24.10 -1.54 19.31
N THR A 22 25.27 -2.06 18.96
CA THR A 22 26.54 -1.85 19.69
C THR A 22 26.73 -3.01 20.67
N PRO A 23 27.43 -4.07 20.23
CA PRO A 23 27.69 -5.26 21.04
C PRO A 23 27.64 -4.99 22.52
N SER A 24 28.77 -4.55 23.06
CA SER A 24 28.86 -4.22 24.47
C SER A 24 29.19 -2.75 24.49
N ASN A 25 29.65 -2.27 25.63
CA ASN A 25 29.99 -0.89 25.73
C ASN A 25 31.51 -0.78 25.82
N LYS A 26 32.16 -1.94 25.96
CA LYS A 26 33.62 -2.02 26.08
C LYS A 26 34.19 -2.58 24.77
N LEU A 27 34.73 -1.70 23.94
CA LEU A 27 35.29 -2.09 22.64
C LEU A 27 36.10 -3.33 22.83
N SER A 28 37.12 -3.24 23.69
CA SER A 28 37.98 -4.37 23.95
C SER A 28 37.20 -5.68 23.91
N ASP A 29 35.92 -5.64 24.25
CA ASP A 29 35.09 -6.85 24.23
C ASP A 29 34.91 -7.49 22.86
N TYR A 30 34.36 -6.75 21.91
CA TYR A 30 34.10 -7.30 20.61
C TYR A 30 35.13 -7.01 19.52
N TYR A 31 36.07 -6.11 19.77
CA TYR A 31 37.04 -5.82 18.73
C TYR A 31 37.76 -7.09 18.32
N ALA A 32 38.22 -7.13 17.08
CA ALA A 32 38.92 -8.30 16.55
C ALA A 32 38.23 -9.61 16.93
N SER A 33 36.92 -9.55 17.16
CA SER A 33 36.15 -10.73 17.55
C SER A 33 36.07 -11.80 16.46
N HIS A 34 35.86 -11.36 15.24
CA HIS A 34 35.73 -12.32 14.18
C HIS A 34 37.01 -12.66 13.50
N VAL A 35 38.13 -12.32 14.10
CA VAL A 35 39.40 -12.66 13.46
C VAL A 35 40.27 -13.60 14.28
N PHE A 36 40.67 -14.69 13.65
CA PHE A 36 41.50 -15.71 14.27
C PHE A 36 42.93 -15.21 14.45
N ASP A 37 43.07 -14.18 15.28
CA ASP A 37 44.37 -13.58 15.58
C ASP A 37 45.07 -14.41 16.64
N ARG A 38 46.36 -14.14 16.88
CA ARG A 38 47.09 -14.96 17.86
C ARG A 38 46.38 -14.99 19.20
N LYS A 39 45.98 -13.81 19.69
CA LYS A 39 45.27 -13.74 20.96
C LYS A 39 44.45 -15.01 21.07
N LYS A 40 43.91 -15.47 19.93
CA LYS A 40 43.07 -16.68 19.87
C LYS A 40 43.81 -17.92 19.43
N MET A 41 44.80 -17.79 18.55
CA MET A 41 45.51 -18.97 18.10
C MET A 41 46.09 -19.62 19.33
N GLN A 42 46.66 -18.81 20.20
CA GLN A 42 47.22 -19.31 21.44
C GLN A 42 46.15 -20.15 22.13
N GLU A 43 44.92 -19.63 22.14
CA GLU A 43 43.79 -20.33 22.76
C GLU A 43 43.49 -21.68 22.11
N TYR A 44 43.12 -21.66 20.83
CA TYR A 44 42.76 -22.84 20.06
C TYR A 44 43.91 -23.74 19.58
N LEU A 45 45.05 -23.16 19.30
CA LEU A 45 46.18 -23.93 18.82
C LEU A 45 46.95 -24.68 19.91
N PRO A 46 47.43 -25.87 19.57
CA PRO A 46 48.20 -26.70 20.50
C PRO A 46 49.49 -25.96 20.92
N LYS A 47 49.91 -26.14 22.17
CA LYS A 47 51.11 -25.50 22.71
C LYS A 47 52.25 -25.27 21.70
N GLU A 48 52.43 -26.21 20.78
CA GLU A 48 53.48 -26.15 19.77
C GLU A 48 53.00 -25.58 18.44
N ALA A 49 51.89 -26.09 17.94
CA ALA A 49 51.33 -25.63 16.67
C ALA A 49 51.24 -24.10 16.64
N TYR A 50 51.03 -23.51 17.80
CA TYR A 50 50.95 -22.05 17.89
C TYR A 50 52.37 -21.51 17.72
N LYS A 51 53.27 -21.99 18.57
CA LYS A 51 54.66 -21.58 18.51
C LYS A 51 55.14 -21.63 17.06
N ALA A 52 54.40 -22.33 16.21
CA ALA A 52 54.76 -22.48 14.80
C ALA A 52 54.21 -21.38 13.93
N VAL A 53 52.94 -21.05 14.10
CA VAL A 53 52.40 -19.98 13.28
C VAL A 53 53.19 -18.73 13.61
N VAL A 54 53.69 -18.66 14.84
CA VAL A 54 54.43 -17.48 15.27
C VAL A 54 55.79 -17.46 14.63
N ASP A 55 56.48 -18.59 14.65
CA ASP A 55 57.79 -18.63 14.03
C ASP A 55 57.65 -18.38 12.55
N ALA A 56 56.49 -18.69 12.01
CA ALA A 56 56.25 -18.47 10.59
C ALA A 56 56.19 -16.97 10.36
N THR A 57 55.28 -16.30 11.08
CA THR A 57 55.12 -14.86 10.95
C THR A 57 56.25 -14.12 11.66
N GLU A 58 57.22 -14.86 12.20
CA GLU A 58 58.36 -14.24 12.87
C GLU A 58 59.48 -14.18 11.85
N LYS A 59 59.09 -13.88 10.60
CA LYS A 59 60.02 -13.78 9.48
C LYS A 59 60.49 -15.17 9.06
N GLY A 60 60.60 -16.06 10.02
CA GLY A 60 61.08 -17.42 9.77
C GLY A 60 60.37 -18.30 8.76
N THR A 61 59.44 -19.14 9.25
CA THR A 61 58.68 -20.10 8.44
C THR A 61 59.64 -21.24 8.12
N PRO A 62 59.26 -22.20 7.27
CA PRO A 62 57.98 -22.35 6.55
C PRO A 62 56.99 -23.12 7.40
N ILE A 63 55.85 -23.42 6.81
CA ILE A 63 54.79 -24.13 7.50
C ILE A 63 54.74 -25.58 7.06
N SER A 64 54.92 -26.49 8.01
CA SER A 64 54.89 -27.91 7.70
C SER A 64 53.53 -28.38 7.27
N ARG A 65 53.48 -29.32 6.33
CA ARG A 65 52.20 -29.84 5.89
C ARG A 65 51.53 -30.34 7.14
N GLU A 66 52.33 -30.81 8.08
CA GLU A 66 51.84 -31.31 9.35
C GLU A 66 51.35 -30.13 10.20
N MET A 67 52.26 -29.21 10.51
CA MET A 67 51.92 -28.03 11.31
C MET A 67 50.69 -27.33 10.74
N ALA A 68 50.48 -27.47 9.43
CA ALA A 68 49.32 -26.87 8.78
C ALA A 68 48.08 -27.53 9.36
N ASP A 69 47.87 -28.79 9.02
CA ASP A 69 46.73 -29.54 9.53
C ASP A 69 46.54 -29.23 11.01
N LEU A 70 47.64 -29.14 11.76
CA LEU A 70 47.57 -28.82 13.18
C LEU A 70 46.79 -27.52 13.32
N ILE A 71 47.24 -26.50 12.59
CA ILE A 71 46.58 -25.18 12.61
C ILE A 71 45.18 -25.33 12.05
N ALA A 72 45.12 -25.68 10.77
CA ALA A 72 43.86 -25.88 10.06
C ALA A 72 42.75 -26.40 10.96
N ASN A 73 43.09 -27.32 11.86
CA ASN A 73 42.09 -27.87 12.74
C ASN A 73 41.70 -26.93 13.84
N GLY A 74 42.70 -26.35 14.51
CA GLY A 74 42.38 -25.42 15.57
C GLY A 74 41.54 -24.29 15.00
N MET A 75 41.86 -23.93 13.76
CA MET A 75 41.16 -22.86 13.07
C MET A 75 39.67 -23.14 13.04
N LYS A 76 39.30 -24.36 12.65
CA LYS A 76 37.90 -24.77 12.55
C LYS A 76 37.26 -24.72 13.93
N SER A 77 37.84 -25.46 14.87
CA SER A 77 37.35 -25.52 16.24
C SER A 77 36.88 -24.13 16.65
N TRP A 78 37.57 -23.11 16.15
CA TRP A 78 37.23 -21.73 16.46
C TRP A 78 36.08 -21.23 15.59
N ALA A 79 36.31 -21.27 14.29
CA ALA A 79 35.31 -20.84 13.35
C ALA A 79 33.91 -21.37 13.71
N LYS A 80 33.83 -22.54 14.33
CA LYS A 80 32.54 -23.10 14.69
C LYS A 80 31.84 -22.34 15.80
N SER A 81 32.63 -21.77 16.72
CA SER A 81 32.07 -21.03 17.82
C SER A 81 31.31 -19.87 17.24
N LEU A 82 31.52 -19.63 15.95
CA LEU A 82 30.86 -18.55 15.26
C LEU A 82 29.84 -19.10 14.30
N ASN A 83 29.74 -20.41 14.26
CA ASN A 83 28.79 -21.04 13.37
C ASN A 83 29.20 -20.91 11.92
N VAL A 84 30.50 -20.82 11.62
CA VAL A 84 30.86 -20.75 10.22
C VAL A 84 30.57 -22.14 9.70
N THR A 85 30.28 -22.26 8.40
CA THR A 85 29.98 -23.56 7.83
C THR A 85 30.61 -23.73 6.47
N HIS A 86 31.27 -22.68 6.02
CA HIS A 86 31.96 -22.69 4.75
C HIS A 86 33.29 -22.01 4.94
N TYR A 87 34.23 -22.31 4.05
CA TYR A 87 35.54 -21.72 4.13
C TYR A 87 35.84 -21.35 2.71
N THR A 88 36.60 -20.29 2.51
CA THR A 88 36.92 -19.90 1.16
C THR A 88 38.28 -19.23 1.15
N HIS A 89 38.90 -19.19 -0.02
CA HIS A 89 40.19 -18.56 -0.14
C HIS A 89 40.03 -17.13 -0.53
N TRP A 90 40.22 -16.22 0.41
CA TRP A 90 40.06 -14.82 0.13
C TRP A 90 41.30 -14.31 -0.57
N PHE A 91 41.12 -13.75 -1.76
CA PHE A 91 42.27 -13.19 -2.48
C PHE A 91 41.82 -12.24 -3.56
N GLN A 92 42.55 -11.13 -3.68
CA GLN A 92 42.28 -10.09 -4.65
C GLN A 92 43.12 -10.34 -5.93
N PRO A 93 42.50 -10.90 -6.98
CA PRO A 93 43.21 -11.18 -8.23
C PRO A 93 43.37 -9.87 -8.99
N LEU A 94 43.56 -9.90 -10.30
CA LEU A 94 43.70 -8.65 -11.06
C LEU A 94 42.34 -8.03 -11.40
N THR A 95 41.78 -7.31 -10.41
CA THR A 95 40.47 -6.65 -10.47
C THR A 95 39.50 -7.39 -11.39
N LYS A 101 34.26 -20.93 -4.96
CA LYS A 101 34.87 -20.08 -3.94
C LYS A 101 33.94 -20.03 -2.76
N HIS A 102 33.67 -21.19 -2.17
CA HIS A 102 32.78 -21.36 -1.01
C HIS A 102 32.57 -22.84 -0.77
N ASP A 103 33.31 -23.45 0.16
CA ASP A 103 33.15 -24.88 0.42
C ASP A 103 32.70 -25.23 1.84
N GLY A 104 31.64 -26.02 1.95
CA GLY A 104 31.20 -26.41 3.27
C GLY A 104 32.33 -27.27 3.80
N PHE A 105 32.27 -27.67 5.07
CA PHE A 105 33.33 -28.52 5.61
C PHE A 105 32.99 -29.97 5.30
N ILE A 106 31.73 -30.22 4.97
CA ILE A 106 31.24 -31.56 4.64
C ILE A 106 32.33 -32.49 4.12
N GLU A 107 32.38 -33.69 4.69
CA GLU A 107 33.38 -34.70 4.34
C GLU A 107 32.88 -36.08 4.74
N PHE A 108 32.95 -37.03 3.81
CA PHE A 108 32.51 -38.38 4.12
C PHE A 108 33.59 -39.10 4.92
N GLY A 109 33.20 -39.68 6.04
CA GLY A 109 34.17 -40.37 6.88
C GLY A 109 34.49 -41.79 6.48
N GLU A 110 35.63 -42.30 6.95
CA GLU A 110 36.04 -43.65 6.65
C GLU A 110 34.88 -44.57 7.02
N ASP A 111 34.33 -44.35 8.20
CA ASP A 111 33.21 -45.15 8.69
C ASP A 111 31.89 -44.82 8.02
N GLY A 112 31.94 -44.49 6.73
CA GLY A 112 30.72 -44.18 5.97
C GLY A 112 29.89 -42.94 6.31
N GLU A 113 29.89 -42.54 7.59
CA GLU A 113 29.13 -41.38 8.07
C GLU A 113 29.79 -40.06 7.70
N VAL A 114 29.00 -39.00 7.60
CA VAL A 114 29.49 -37.65 7.24
C VAL A 114 30.09 -36.87 8.39
N ILE A 115 31.18 -36.17 8.12
CA ILE A 115 31.82 -35.35 9.14
C ILE A 115 32.16 -33.98 8.57
N GLU A 116 32.61 -33.07 9.42
CA GLU A 116 33.01 -31.75 8.94
C GLU A 116 34.49 -31.73 9.23
N ARG A 117 35.30 -31.44 8.21
CA ARG A 117 36.73 -31.46 8.39
C ARG A 117 37.41 -30.37 7.59
N PHE A 118 38.48 -29.80 8.14
CA PHE A 118 39.23 -28.78 7.42
C PHE A 118 40.69 -29.18 7.39
N SER A 119 41.09 -29.81 6.28
CA SER A 119 42.45 -30.30 6.10
C SER A 119 43.49 -29.20 5.99
N GLY A 120 44.63 -29.40 6.65
CA GLY A 120 45.70 -28.43 6.59
C GLY A 120 46.12 -28.31 5.14
N LYS A 121 45.77 -29.35 4.38
CA LYS A 121 46.08 -29.41 2.98
C LYS A 121 45.50 -28.18 2.31
N LEU A 122 44.72 -27.40 3.05
CA LEU A 122 44.11 -26.18 2.51
C LEU A 122 44.74 -24.88 2.97
N LEU A 123 46.08 -24.84 2.96
CA LEU A 123 46.85 -23.67 3.37
C LEU A 123 48.28 -23.85 2.84
N THR A 148 44.87 -20.94 -2.82
CA THR A 148 46.24 -21.07 -3.33
C THR A 148 47.21 -20.42 -2.34
N ALA A 149 47.79 -21.24 -1.46
CA ALA A 149 48.75 -20.74 -0.47
C ALA A 149 48.23 -19.57 0.37
N TRP A 150 48.10 -19.82 1.67
CA TRP A 150 47.61 -18.80 2.60
C TRP A 150 48.73 -17.86 3.07
N ASP A 151 48.42 -16.56 3.08
CA ASP A 151 49.39 -15.59 3.52
C ASP A 151 49.56 -15.73 5.04
N GLY A 152 50.33 -16.74 5.46
CA GLY A 152 50.59 -17.00 6.88
C GLY A 152 50.52 -15.73 7.69
N SER A 153 50.82 -14.59 7.05
CA SER A 153 50.80 -13.29 7.67
C SER A 153 49.42 -12.83 8.09
N SER A 154 48.64 -12.24 7.17
CA SER A 154 47.29 -11.73 7.47
C SER A 154 46.31 -12.80 7.95
N PRO A 155 45.86 -12.69 9.20
CA PRO A 155 44.93 -13.61 9.86
C PRO A 155 43.65 -13.88 9.13
N ALA A 156 43.12 -15.08 9.33
CA ALA A 156 41.88 -15.47 8.69
C ALA A 156 40.80 -14.75 9.45
N PHE A 157 39.68 -14.49 8.80
CA PHE A 157 38.57 -13.79 9.43
C PHE A 157 37.26 -14.39 9.02
N VAL A 158 36.27 -14.27 9.89
CA VAL A 158 34.95 -14.81 9.60
C VAL A 158 33.97 -13.74 9.19
N VAL A 159 33.12 -14.07 8.23
CA VAL A 159 32.12 -13.14 7.73
C VAL A 159 30.83 -13.90 7.40
N ASP A 160 29.80 -13.70 8.22
CA ASP A 160 28.53 -14.38 8.01
C ASP A 160 28.73 -15.84 7.61
N THR A 161 28.87 -16.72 8.59
CA THR A 161 29.05 -18.15 8.33
C THR A 161 30.12 -18.57 7.31
N THR A 162 31.00 -17.67 6.91
CA THR A 162 32.06 -18.04 5.96
C THR A 162 33.44 -17.61 6.40
N LEU A 163 34.30 -18.57 6.66
CA LEU A 163 35.67 -18.30 7.08
C LEU A 163 36.52 -17.99 5.85
N CYS A 164 37.30 -16.91 5.89
CA CYS A 164 38.12 -16.58 4.73
C CYS A 164 39.61 -16.70 5.00
N ILE A 165 40.33 -17.25 4.05
CA ILE A 165 41.75 -17.39 4.23
C ILE A 165 42.51 -16.56 3.23
N PRO A 166 43.09 -15.45 3.67
CA PRO A 166 43.85 -14.61 2.74
C PRO A 166 44.86 -15.49 2.04
N THR A 167 44.88 -15.51 0.71
CA THR A 167 45.85 -16.35 0.01
C THR A 167 46.44 -15.59 -1.13
N ILE A 168 47.39 -16.22 -1.83
CA ILE A 168 47.98 -15.56 -2.97
C ILE A 168 47.44 -16.16 -4.27
N PHE A 169 48.04 -15.83 -5.40
CA PHE A 169 47.53 -16.35 -6.66
C PHE A 169 48.66 -16.75 -7.61
N ILE A 170 49.15 -17.96 -7.44
CA ILE A 170 50.25 -18.46 -8.26
C ILE A 170 49.77 -19.36 -9.40
N GLU A 175 54.61 -17.16 -12.66
CA GLU A 175 53.71 -16.03 -12.89
C GLU A 175 52.84 -15.75 -11.66
N ALA A 176 52.62 -14.46 -11.38
CA ALA A 176 51.79 -14.03 -10.25
C ALA A 176 50.54 -13.33 -10.76
N LEU A 177 49.40 -14.00 -10.61
CA LEU A 177 48.13 -13.46 -11.08
C LEU A 177 47.37 -12.65 -10.01
N ASP A 178 48.06 -12.15 -9.01
CA ASP A 178 47.41 -11.36 -7.96
C ASP A 178 48.11 -10.03 -7.68
N TYR A 179 47.76 -9.40 -6.57
CA TYR A 179 48.39 -8.14 -6.16
C TYR A 179 49.27 -8.38 -4.93
N LYS A 180 48.81 -9.29 -4.08
CA LYS A 180 49.53 -9.63 -2.86
C LYS A 180 50.97 -9.97 -3.15
N THR A 181 51.18 -11.09 -3.83
CA THR A 181 52.52 -11.55 -4.17
C THR A 181 53.43 -10.37 -4.44
N PRO A 182 53.17 -9.64 -5.52
CA PRO A 182 54.04 -8.49 -5.80
C PRO A 182 54.30 -7.70 -4.53
N LEU A 183 53.24 -7.07 -4.02
CA LEU A 183 53.36 -6.27 -2.83
C LEU A 183 54.29 -6.92 -1.86
N LEU A 184 53.98 -8.15 -1.47
CA LEU A 184 54.85 -8.83 -0.51
C LEU A 184 56.30 -8.73 -0.95
N LYS A 185 56.62 -9.32 -2.09
CA LYS A 185 57.98 -9.26 -2.62
C LYS A 185 58.46 -7.81 -2.49
N ALA A 186 57.67 -6.89 -3.03
CA ALA A 186 57.99 -5.48 -3.01
C ALA A 186 58.33 -5.05 -1.61
N LEU A 187 57.49 -5.40 -0.65
CA LEU A 187 57.75 -5.00 0.72
C LEU A 187 59.02 -5.66 1.25
N ALA A 188 59.22 -6.93 0.89
CA ALA A 188 60.39 -7.69 1.32
C ALA A 188 61.64 -6.88 1.01
N ALA A 189 61.78 -6.51 -0.24
CA ALA A 189 62.91 -5.72 -0.71
C ALA A 189 63.13 -4.51 0.18
N VAL A 190 62.13 -3.65 0.25
CA VAL A 190 62.23 -2.44 1.05
C VAL A 190 62.75 -2.73 2.43
N ASP A 191 62.35 -3.87 3.00
CA ASP A 191 62.80 -4.23 4.33
C ASP A 191 64.32 -4.38 4.38
N LYS A 192 64.82 -5.44 3.76
CA LYS A 192 66.27 -5.72 3.72
C LYS A 192 67.01 -4.45 3.29
N ALA A 193 66.68 -3.98 2.09
CA ALA A 193 67.28 -2.78 1.51
C ALA A 193 67.39 -1.59 2.47
N ALA A 194 66.45 -1.48 3.40
CA ALA A 194 66.45 -0.39 4.35
C ALA A 194 67.12 -0.81 5.65
N THR A 195 67.04 -2.11 5.96
CA THR A 195 67.66 -2.59 7.18
C THR A 195 69.14 -2.38 7.04
N GLU A 196 69.65 -2.72 5.86
CA GLU A 196 71.06 -2.60 5.58
C GLU A 196 71.52 -1.15 5.75
N VAL A 197 71.04 -0.24 4.90
CA VAL A 197 71.44 1.15 5.03
C VAL A 197 71.29 1.59 6.49
N CYS A 198 70.29 1.06 7.18
CA CYS A 198 70.08 1.42 8.57
C CYS A 198 71.31 1.04 9.37
N GLN A 199 71.93 -0.08 9.01
CA GLN A 199 73.14 -0.57 9.70
C GLN A 199 74.17 0.51 9.97
N LEU A 200 74.46 1.34 8.97
CA LEU A 200 75.44 2.41 9.13
C LEU A 200 75.27 3.17 10.44
N PHE A 201 74.09 3.04 11.03
CA PHE A 201 73.79 3.69 12.30
C PHE A 201 73.28 2.54 13.19
N ASP A 202 73.06 2.81 14.47
CA ASP A 202 72.61 1.78 15.41
C ASP A 202 72.79 0.36 14.85
N LYS A 203 74.01 -0.16 14.97
CA LYS A 203 74.40 -1.48 14.47
C LYS A 203 73.32 -2.55 14.57
N ASN A 204 72.44 -2.43 15.56
CA ASN A 204 71.37 -3.41 15.74
C ASN A 204 70.39 -3.29 14.60
N ILE A 205 69.11 -3.28 14.91
CA ILE A 205 68.10 -3.17 13.86
C ILE A 205 68.08 -4.43 12.99
N THR A 206 67.30 -5.41 13.43
CA THR A 206 67.15 -6.67 12.73
C THR A 206 66.47 -6.43 11.38
N ARG A 207 65.41 -5.63 11.38
CA ARG A 207 64.69 -5.33 10.15
C ARG A 207 63.96 -3.99 10.21
N VAL A 208 63.18 -3.71 9.17
CA VAL A 208 62.45 -2.47 9.11
C VAL A 208 61.10 -2.72 8.47
N PHE A 209 60.02 -2.51 9.23
CA PHE A 209 58.66 -2.73 8.73
C PHE A 209 58.13 -1.50 7.98
N THR A 210 57.02 -1.67 7.26
CA THR A 210 56.40 -0.56 6.52
C THR A 210 54.98 -0.33 7.00
N ASN A 211 54.64 0.89 7.42
CA ASN A 211 53.29 1.14 7.88
C ASN A 211 52.50 1.89 6.85
N LEU A 212 51.25 1.48 6.65
CA LEU A 212 50.39 2.14 5.69
C LEU A 212 49.08 2.61 6.27
N GLY A 213 48.91 3.91 6.38
CA GLY A 213 47.65 4.39 6.90
C GLY A 213 46.84 4.95 5.75
N TRP A 214 45.80 4.24 5.32
CA TRP A 214 45.00 4.75 4.20
C TRP A 214 43.90 5.67 4.66
N GLU A 215 43.16 6.21 3.71
CA GLU A 215 42.05 7.11 4.00
C GLU A 215 41.07 6.90 2.88
N GLN A 216 39.93 6.28 3.15
CA GLN A 216 38.94 5.99 2.12
C GLN A 216 37.85 7.03 1.93
N GLU A 217 37.64 7.46 0.69
CA GLU A 217 36.58 8.43 0.39
C GLU A 217 35.54 7.77 -0.48
N TYR A 218 34.28 8.22 -0.41
CA TYR A 218 33.22 7.62 -1.21
C TYR A 218 32.00 8.52 -1.33
N PHE A 219 31.01 8.05 -2.06
CA PHE A 219 29.78 8.81 -2.26
C PHE A 219 28.68 7.78 -2.06
N LEU A 220 27.50 8.23 -1.64
CA LEU A 220 26.36 7.34 -1.46
C LEU A 220 25.22 7.87 -2.30
N VAL A 221 24.36 6.98 -2.79
CA VAL A 221 23.19 7.42 -3.57
C VAL A 221 22.09 6.51 -3.14
N ASP A 222 20.90 7.04 -2.95
CA ASP A 222 19.82 6.16 -2.53
C ASP A 222 19.69 5.15 -3.63
N THR A 223 19.81 3.88 -3.27
CA THR A 223 19.69 2.81 -4.24
C THR A 223 18.62 3.20 -5.26
N SER A 224 17.39 3.38 -4.81
CA SER A 224 16.32 3.76 -5.72
C SER A 224 16.75 4.75 -6.81
N LEU A 225 17.34 5.88 -6.46
CA LEU A 225 17.78 6.83 -7.47
C LEU A 225 18.77 6.13 -8.37
N TYR A 226 19.82 5.63 -7.77
CA TYR A 226 20.84 4.91 -8.48
C TYR A 226 20.28 4.10 -9.65
N ASN A 227 19.66 2.97 -9.34
CA ASN A 227 19.09 2.08 -10.37
C ASN A 227 18.41 2.85 -11.47
N ALA A 228 17.65 3.86 -11.12
CA ALA A 228 16.97 4.62 -12.14
C ALA A 228 17.95 5.62 -12.70
N ARG A 229 19.16 5.14 -13.01
CA ARG A 229 20.25 5.96 -13.56
C ARG A 229 21.25 4.99 -14.11
N PRO A 230 20.95 4.35 -15.25
CA PRO A 230 21.89 3.37 -15.84
C PRO A 230 23.34 3.80 -15.72
N ASP A 231 23.82 4.64 -16.62
CA ASP A 231 25.19 5.12 -16.58
C ASP A 231 25.87 4.91 -15.23
N LEU A 232 25.23 5.38 -14.15
CA LEU A 232 25.78 5.23 -12.80
C LEU A 232 25.92 3.74 -12.39
N ARG A 233 24.86 2.96 -12.51
CA ARG A 233 24.96 1.52 -12.22
C ARG A 233 25.55 1.14 -13.55
N LEU A 234 26.60 0.31 -13.61
CA LEU A 234 27.23 -0.08 -14.90
C LEU A 234 28.54 0.64 -15.19
N THR A 235 28.54 1.96 -15.04
CA THR A 235 29.76 2.69 -15.27
C THR A 235 30.28 3.25 -13.98
N GLY A 236 29.53 3.11 -12.91
CA GLY A 236 30.00 3.59 -11.63
C GLY A 236 30.11 5.10 -11.57
N ARG A 237 29.85 5.77 -12.69
CA ARG A 237 29.90 7.25 -12.72
C ARG A 237 28.92 7.79 -13.71
N THR A 238 28.32 8.93 -13.38
CA THR A 238 27.35 9.55 -14.26
C THR A 238 28.00 9.91 -15.58
N LEU A 239 27.39 9.48 -16.67
CA LEU A 239 27.94 9.78 -17.98
C LEU A 239 27.39 11.07 -18.54
N MET A 240 26.44 11.67 -17.82
CA MET A 240 25.83 12.91 -18.28
C MET A 240 25.17 13.63 -17.12
N GLY A 241 24.43 14.68 -17.42
CA GLY A 241 23.77 15.40 -16.35
C GLY A 241 24.33 16.77 -16.13
N HIS A 242 23.41 17.74 -16.13
CA HIS A 242 23.71 19.16 -15.93
C HIS A 242 23.92 19.39 -14.45
N SER A 243 24.83 20.29 -14.11
CA SER A 243 25.11 20.60 -12.72
C SER A 243 24.24 21.75 -12.19
N ILE A 258 25.23 15.17 8.39
CA ILE A 258 25.24 13.72 8.19
C ILE A 258 23.85 13.24 8.53
N PRO A 259 22.98 13.13 7.54
CA PRO A 259 21.60 12.68 7.73
C PRO A 259 21.43 11.36 8.49
N PRO A 260 20.36 11.23 9.26
CA PRO A 260 20.10 10.00 10.01
C PRO A 260 20.36 8.75 9.16
N ARG A 261 19.65 8.65 8.05
CA ARG A 261 19.82 7.54 7.13
C ARG A 261 21.27 7.11 7.09
N VAL A 262 22.15 8.06 6.80
CA VAL A 262 23.57 7.80 6.69
C VAL A 262 24.29 7.49 7.97
N THR A 263 24.06 8.27 9.02
CA THR A 263 24.74 7.95 10.26
C THR A 263 24.57 6.47 10.51
N ALA A 264 23.32 6.03 10.59
CA ALA A 264 23.00 4.61 10.80
C ALA A 264 23.92 3.72 9.97
N PHE A 265 24.18 4.11 8.73
CA PHE A 265 25.05 3.30 7.90
C PHE A 265 26.41 3.16 8.58
N MET A 266 27.12 4.27 8.73
CA MET A 266 28.43 4.24 9.37
C MET A 266 28.34 3.57 10.74
N LYS A 267 27.22 3.77 11.44
CA LYS A 267 27.02 3.18 12.74
C LYS A 267 27.35 1.72 12.55
N GLU A 268 26.63 1.07 11.64
CA GLU A 268 26.88 -0.35 11.39
C GLU A 268 28.21 -0.61 10.73
N LEU A 269 28.55 0.13 9.69
CA LEU A 269 29.81 -0.09 8.99
C LEU A 269 30.99 -0.17 9.94
N GLU A 270 30.97 0.70 10.93
CA GLU A 270 32.05 0.77 11.87
C GLU A 270 32.08 -0.46 12.75
N ILE A 271 30.95 -0.82 13.34
CA ILE A 271 30.95 -1.99 14.22
C ILE A 271 31.48 -3.22 13.52
N GLU A 272 30.97 -3.49 12.33
CA GLU A 272 31.39 -4.65 11.58
C GLU A 272 32.87 -4.65 11.30
N CYS A 273 33.47 -3.47 11.26
CA CYS A 273 34.89 -3.38 11.02
C CYS A 273 35.62 -3.79 12.27
N HIS A 274 35.25 -3.18 13.38
CA HIS A 274 35.90 -3.53 14.61
C HIS A 274 35.75 -5.01 14.88
N LYS A 275 34.56 -5.56 14.68
CA LYS A 275 34.38 -6.99 14.90
C LYS A 275 35.44 -7.69 14.06
N LEU A 276 35.81 -7.08 12.94
CA LEU A 276 36.77 -7.72 12.04
C LEU A 276 38.25 -7.32 12.17
N GLY A 277 38.59 -6.43 13.06
CA GLY A 277 40.00 -6.10 13.18
C GLY A 277 40.47 -4.85 12.46
N ILE A 278 39.68 -4.32 11.55
CA ILE A 278 40.07 -3.10 10.88
C ILE A 278 39.92 -2.04 11.97
N PRO A 279 41.01 -1.43 12.43
CA PRO A 279 40.84 -0.44 13.49
C PRO A 279 40.36 0.92 12.98
N VAL A 280 39.09 1.00 12.60
CA VAL A 280 38.56 2.25 12.12
C VAL A 280 38.61 3.30 13.19
N LYS A 281 39.35 4.37 12.95
CA LYS A 281 39.48 5.43 13.92
C LYS A 281 38.65 6.67 13.59
N THR A 282 38.42 6.93 12.31
CA THR A 282 37.69 8.13 11.97
C THR A 282 36.66 8.03 10.86
N ARG A 283 35.69 8.92 10.91
CA ARG A 283 34.65 8.96 9.89
C ARG A 283 33.99 10.33 9.93
N HIS A 284 34.12 11.05 8.82
CA HIS A 284 33.53 12.39 8.70
C HIS A 284 33.13 12.59 7.27
N ASN A 285 32.22 13.54 6.99
CA ASN A 285 31.82 13.74 5.61
C ASN A 285 32.73 14.71 4.89
N GLU A 286 32.93 14.42 3.61
CA GLU A 286 33.79 15.16 2.74
C GLU A 286 33.28 16.50 2.29
N VAL A 287 34.07 17.11 1.40
CA VAL A 287 33.83 18.43 0.84
C VAL A 287 32.61 18.60 0.00
N ALA A 288 32.23 17.56 -0.74
CA ALA A 288 31.07 17.61 -1.61
C ALA A 288 29.86 16.99 -0.96
N PRO A 289 28.72 17.02 -1.65
CA PRO A 289 27.49 16.43 -1.10
C PRO A 289 27.57 14.93 -1.19
N ASN A 290 27.03 14.24 -0.20
CA ASN A 290 27.05 12.79 -0.19
C ASN A 290 28.42 12.16 -0.26
N GLN A 291 29.47 12.90 0.11
CA GLN A 291 30.81 12.32 0.10
C GLN A 291 31.19 12.17 1.58
N PHE A 292 32.04 11.20 1.89
CA PHE A 292 32.44 10.95 3.28
C PHE A 292 33.77 10.20 3.33
N GLU A 293 34.61 10.46 4.32
CA GLU A 293 35.90 9.77 4.45
C GLU A 293 35.69 8.63 5.44
N LEU A 294 36.76 8.11 6.02
CA LEU A 294 36.73 7.02 7.00
C LEU A 294 38.09 6.38 6.96
N ALA A 295 38.87 6.52 8.03
CA ALA A 295 40.22 5.96 8.04
C ALA A 295 40.55 5.19 9.30
N PRO A 296 41.44 4.21 9.19
CA PRO A 296 41.85 3.39 10.32
C PRO A 296 43.12 3.96 10.92
N ILE A 297 43.74 3.17 11.80
CA ILE A 297 45.01 3.51 12.44
C ILE A 297 46.10 2.75 11.68
N PHE A 298 47.02 3.44 11.03
CA PHE A 298 48.07 2.79 10.24
C PHE A 298 48.47 1.42 10.73
N GLU A 299 48.62 0.46 9.83
CA GLU A 299 49.02 -0.90 10.20
C GLU A 299 50.08 -1.29 9.21
N ASN A 300 50.82 -2.38 9.50
CA ASN A 300 51.87 -2.80 8.58
C ASN A 300 51.28 -2.80 7.17
N CYS A 301 51.92 -2.10 6.26
CA CYS A 301 51.43 -1.97 4.88
C CYS A 301 50.57 -3.11 4.35
N ASN A 302 51.05 -4.34 4.44
CA ASN A 302 50.28 -5.45 3.92
C ASN A 302 48.95 -5.55 4.62
N LEU A 303 48.98 -5.84 5.91
CA LEU A 303 47.74 -5.98 6.68
C LEU A 303 46.90 -4.76 6.45
N ALA A 304 47.53 -3.60 6.55
CA ALA A 304 46.82 -2.36 6.34
C ALA A 304 45.99 -2.59 5.10
N ASN A 305 46.68 -2.81 3.99
CA ASN A 305 46.01 -3.04 2.71
C ASN A 305 44.88 -4.03 2.79
N ASP A 306 45.19 -5.30 3.02
CA ASP A 306 44.14 -6.33 3.13
C ASP A 306 42.89 -5.77 3.81
N HIS A 307 43.08 -5.16 4.96
CA HIS A 307 41.98 -4.56 5.69
C HIS A 307 41.19 -3.64 4.76
N ASN A 308 41.77 -2.52 4.37
CA ASN A 308 41.08 -1.62 3.45
C ASN A 308 40.36 -2.45 2.37
N GLN A 309 41.12 -3.21 1.61
CA GLN A 309 40.58 -4.02 0.53
C GLN A 309 39.31 -4.78 0.83
N LEU A 310 39.01 -4.98 2.12
CA LEU A 310 37.81 -5.70 2.49
C LEU A 310 36.79 -4.70 2.97
N VAL A 311 37.26 -3.63 3.59
CA VAL A 311 36.37 -2.58 4.05
C VAL A 311 35.57 -2.13 2.86
N MET A 312 36.18 -2.22 1.68
CA MET A 312 35.49 -1.84 0.46
C MET A 312 34.31 -2.80 0.37
N ASP A 313 34.58 -4.09 0.47
CA ASP A 313 33.51 -5.10 0.42
C ASP A 313 32.51 -4.78 1.51
N LEU A 314 32.97 -4.95 2.75
CA LEU A 314 32.15 -4.70 3.91
C LEU A 314 31.17 -3.53 3.69
N MET A 315 31.65 -2.46 3.05
CA MET A 315 30.80 -1.30 2.79
C MET A 315 29.71 -1.62 1.79
N LYS A 316 30.12 -2.03 0.60
CA LYS A 316 29.15 -2.36 -0.43
C LYS A 316 28.06 -3.23 0.14
N ARG A 317 28.41 -4.16 1.01
CA ARG A 317 27.41 -5.03 1.58
C ARG A 317 26.47 -4.24 2.44
N ILE A 318 26.98 -3.77 3.57
CA ILE A 318 26.19 -3.00 4.51
C ILE A 318 25.40 -1.91 3.81
N ALA A 319 26.01 -1.29 2.82
CA ALA A 319 25.37 -0.21 2.08
C ALA A 319 24.00 -0.62 1.59
N ARG A 320 23.96 -1.63 0.72
CA ARG A 320 22.70 -2.12 0.16
C ARG A 320 21.70 -2.26 1.30
N LYS A 321 22.11 -2.97 2.34
CA LYS A 321 21.28 -3.17 3.51
C LYS A 321 20.60 -1.88 3.94
N HIS A 322 21.21 -0.74 3.66
CA HIS A 322 20.62 0.54 4.04
C HIS A 322 20.15 1.31 2.85
N HIS A 323 19.54 0.63 1.91
CA HIS A 323 19.03 1.31 0.73
C HIS A 323 19.97 2.39 0.16
N PHE A 324 21.27 2.12 0.17
CA PHE A 324 22.27 3.04 -0.39
C PHE A 324 23.13 2.28 -1.36
N ALA A 325 23.91 3.00 -2.14
CA ALA A 325 24.82 2.37 -3.09
C ALA A 325 26.08 3.16 -2.89
N VAL A 326 27.16 2.48 -2.51
CA VAL A 326 28.41 3.18 -2.27
C VAL A 326 29.12 3.38 -3.59
N LEU A 327 29.42 4.63 -3.92
CA LEU A 327 30.08 4.93 -5.17
C LEU A 327 31.57 5.16 -4.92
N PHE A 328 32.37 4.16 -5.31
CA PHE A 328 33.82 4.19 -5.16
C PHE A 328 34.55 4.77 -6.36
N HIS A 329 33.82 5.09 -7.43
CA HIS A 329 34.45 5.65 -8.62
C HIS A 329 35.14 6.94 -8.23
N GLU A 330 36.24 7.25 -8.89
CA GLU A 330 37.00 8.45 -8.57
C GLU A 330 36.23 9.72 -8.83
N LYS A 331 35.34 9.70 -9.80
CA LYS A 331 34.56 10.90 -10.14
C LYS A 331 33.10 10.61 -10.44
N PRO A 332 32.31 10.23 -9.44
CA PRO A 332 30.91 9.94 -9.71
C PRO A 332 30.26 11.06 -10.50
N TYR A 333 30.17 12.24 -9.88
CA TYR A 333 29.56 13.40 -10.50
C TYR A 333 30.60 14.38 -10.97
N ASN A 334 30.34 14.96 -12.12
CA ASN A 334 31.21 15.94 -12.75
C ASN A 334 31.01 17.23 -11.99
N GLY A 335 31.99 18.10 -11.97
CA GLY A 335 31.82 19.37 -11.26
C GLY A 335 31.79 19.40 -9.74
N VAL A 336 32.30 18.38 -9.08
CA VAL A 336 32.31 18.35 -7.61
C VAL A 336 33.45 17.44 -7.18
N ASN A 337 34.13 17.78 -6.08
CA ASN A 337 35.28 17.00 -5.62
C ASN A 337 35.18 15.52 -5.96
N GLY A 338 36.23 14.96 -6.57
CA GLY A 338 36.22 13.55 -6.90
C GLY A 338 36.67 12.83 -5.63
N SER A 339 36.49 11.51 -5.54
CA SER A 339 36.90 10.76 -4.35
C SER A 339 38.36 10.32 -4.45
N GLY A 340 39.04 10.27 -3.31
CA GLY A 340 40.44 9.88 -3.33
C GLY A 340 40.80 8.95 -2.20
N LYS A 341 41.96 8.29 -2.31
CA LYS A 341 42.43 7.35 -1.30
C LYS A 341 43.88 7.70 -1.01
N HIS A 342 44.11 8.40 0.10
CA HIS A 342 45.47 8.78 0.42
C HIS A 342 46.23 7.62 0.99
N ASN A 343 47.55 7.66 0.83
CA ASN A 343 48.40 6.62 1.36
C ASN A 343 49.45 7.28 2.21
N ASN A 344 49.32 7.09 3.52
CA ASN A 344 50.26 7.62 4.48
C ASN A 344 51.32 6.56 4.74
N TRP A 345 52.49 6.82 4.17
CA TRP A 345 53.65 5.94 4.23
C TRP A 345 54.58 6.28 5.38
N SER A 346 55.33 5.29 5.86
CA SER A 346 56.26 5.50 6.96
C SER A 346 56.97 4.19 7.23
N LEU A 347 58.18 4.23 7.80
CA LEU A 347 58.95 3.02 8.08
C LEU A 347 59.46 2.90 9.51
N CYS A 348 58.92 1.94 10.26
CA CYS A 348 59.32 1.71 11.66
C CYS A 348 60.34 0.56 11.67
N THR A 349 61.42 0.70 12.43
CA THR A 349 62.43 -0.35 12.52
C THR A 349 62.25 -1.07 13.85
N ASP A 350 62.19 -2.40 13.81
CA ASP A 350 61.98 -3.20 15.01
C ASP A 350 62.39 -2.52 16.31
N THR A 351 63.60 -1.99 16.35
CA THR A 351 64.07 -1.33 17.55
C THR A 351 63.46 0.07 17.65
N GLY A 352 62.17 0.20 17.29
CA GLY A 352 61.49 1.49 17.32
C GLY A 352 62.05 2.41 16.24
N ILE A 353 61.58 3.66 16.19
CA ILE A 353 62.09 4.63 15.20
C ILE A 353 61.18 4.85 13.97
N ASN A 354 60.53 6.01 13.95
CA ASN A 354 59.65 6.35 12.85
C ASN A 354 60.49 6.46 11.59
N LEU A 355 61.79 6.64 11.76
CA LEU A 355 62.73 6.73 10.64
C LEU A 355 62.38 7.81 9.62
N PHE A 356 61.24 8.43 9.79
CA PHE A 356 60.80 9.50 8.92
C PHE A 356 60.48 10.59 9.91
N ALA A 357 60.85 10.36 11.16
CA ALA A 357 60.57 11.32 12.23
C ALA A 357 61.73 12.21 12.60
N PRO A 358 61.63 13.49 12.25
CA PRO A 358 62.70 14.45 12.57
C PRO A 358 62.85 14.61 14.09
N GLY A 359 61.94 15.36 14.70
CA GLY A 359 62.01 15.58 16.14
C GLY A 359 62.93 16.76 16.46
N LYS A 360 62.98 17.16 17.72
CA LYS A 360 63.83 18.27 18.14
C LYS A 360 65.19 18.11 17.48
N ASN A 361 65.73 19.21 16.97
CA ASN A 361 67.05 19.20 16.31
C ASN A 361 67.15 18.15 15.21
N PRO A 362 66.61 18.43 14.01
CA PRO A 362 66.62 17.53 12.85
C PRO A 362 68.01 17.28 12.24
N LYS A 363 69.04 17.94 12.78
CA LYS A 363 70.40 17.76 12.29
C LYS A 363 70.95 16.52 12.98
N GLY A 364 70.68 16.41 14.29
CA GLY A 364 71.14 15.27 15.04
C GLY A 364 70.66 13.96 14.44
N ASN A 365 69.38 13.93 14.06
CA ASN A 365 68.80 12.74 13.46
C ASN A 365 69.37 12.57 12.05
N MET A 366 70.60 12.06 11.98
CA MET A 366 71.27 11.83 10.69
C MET A 366 70.52 10.74 9.94
N LEU A 367 70.03 9.76 10.70
CA LEU A 367 69.27 8.64 10.16
C LEU A 367 68.11 9.20 9.35
N PHE A 368 67.29 10.02 9.98
CA PHE A 368 66.17 10.66 9.32
C PHE A 368 66.75 11.36 8.09
N LEU A 369 67.41 12.50 8.30
CA LEU A 369 68.02 13.26 7.21
C LEU A 369 68.38 12.28 6.09
N THR A 370 69.10 11.21 6.43
CA THR A 370 69.48 10.21 5.46
C THR A 370 68.26 9.77 4.68
N PHE A 371 67.40 9.00 5.34
CA PHE A 371 66.20 8.50 4.70
C PHE A 371 65.42 9.56 3.96
N LEU A 372 65.19 10.69 4.62
CA LEU A 372 64.46 11.79 3.99
C LEU A 372 65.00 12.04 2.57
N VAL A 373 66.26 12.45 2.51
CA VAL A 373 66.93 12.72 1.25
C VAL A 373 66.68 11.54 0.34
N ASN A 374 66.86 10.35 0.89
CA ASN A 374 66.65 9.17 0.10
C ASN A 374 65.30 9.17 -0.56
N VAL A 375 64.24 9.19 0.23
CA VAL A 375 62.93 9.20 -0.38
C VAL A 375 62.92 10.28 -1.45
N LEU A 376 63.40 11.48 -1.11
CA LEU A 376 63.42 12.58 -2.06
C LEU A 376 63.92 12.14 -3.43
N MET A 377 64.91 11.27 -3.44
CA MET A 377 65.46 10.78 -4.71
C MET A 377 64.48 9.85 -5.40
N MET A 378 63.95 8.90 -4.63
CA MET A 378 62.99 7.93 -5.13
C MET A 378 61.83 8.60 -5.85
N VAL A 379 61.17 9.54 -5.18
CA VAL A 379 60.06 10.24 -5.79
C VAL A 379 60.53 10.97 -7.04
N HIS A 380 61.77 11.44 -7.04
CA HIS A 380 62.31 12.17 -8.20
C HIS A 380 62.74 11.25 -9.34
N LYS A 381 63.64 10.32 -9.02
CA LYS A 381 64.19 9.37 -9.97
C LYS A 381 63.15 8.42 -10.53
N ASN A 382 62.05 8.20 -9.80
CA ASN A 382 61.02 7.28 -10.27
C ASN A 382 59.65 7.93 -10.54
N GLN A 383 59.67 9.17 -11.02
CA GLN A 383 58.44 9.90 -11.33
C GLN A 383 57.43 9.04 -12.06
N ASP A 384 57.59 8.92 -13.37
CA ASP A 384 56.67 8.15 -14.19
C ASP A 384 56.23 6.79 -13.64
N LEU A 385 57.08 6.12 -12.86
CA LEU A 385 56.70 4.82 -12.31
C LEU A 385 55.52 4.99 -11.36
N LEU A 386 55.60 5.99 -10.49
CA LEU A 386 54.51 6.25 -9.56
C LEU A 386 53.27 6.60 -10.38
N ARG A 387 53.32 7.71 -11.09
CA ARG A 387 52.19 8.13 -11.89
C ARG A 387 51.44 6.93 -12.51
N ALA A 388 52.17 5.90 -12.90
CA ALA A 388 51.53 4.75 -13.52
C ALA A 388 50.91 3.80 -12.53
N SER A 389 51.39 3.84 -11.30
CA SER A 389 50.87 2.95 -10.29
C SER A 389 49.55 3.48 -9.75
N ILE A 390 49.07 4.57 -10.31
CA ILE A 390 47.83 5.12 -9.81
C ILE A 390 46.98 5.65 -10.94
N MET A 391 47.44 5.46 -12.16
CA MET A 391 46.71 5.94 -13.32
C MET A 391 45.61 4.94 -13.62
N SER A 392 44.43 5.45 -14.00
CA SER A 392 43.27 4.59 -14.32
C SER A 392 42.18 5.38 -14.99
N ALA A 393 41.50 4.75 -15.93
CA ALA A 393 40.41 5.39 -16.66
C ALA A 393 39.57 6.27 -15.75
N GLY A 394 39.24 5.77 -14.57
CA GLY A 394 38.43 6.57 -13.69
C GLY A 394 39.17 7.71 -13.04
N ASN A 395 40.34 7.39 -12.49
CA ASN A 395 41.18 8.36 -11.79
C ASN A 395 41.59 9.47 -12.73
N SER A 396 41.57 9.20 -14.02
CA SER A 396 41.94 10.21 -14.98
C SER A 396 40.98 11.36 -14.78
N HIS A 397 39.68 11.06 -14.77
CA HIS A 397 38.67 12.09 -14.59
C HIS A 397 38.85 12.79 -13.24
N ARG A 398 39.75 12.24 -12.41
CA ARG A 398 39.95 12.78 -11.06
C ARG A 398 41.13 13.68 -10.80
N LEU A 399 42.34 13.13 -10.83
CA LEU A 399 43.49 13.95 -10.51
C LEU A 399 43.69 15.16 -11.40
N GLY A 400 44.28 16.20 -10.78
CA GLY A 400 44.53 17.47 -11.42
C GLY A 400 43.31 18.35 -11.34
N ALA A 401 42.76 18.53 -10.14
CA ALA A 401 41.57 19.37 -10.00
C ALA A 401 41.11 19.70 -8.58
N ASN A 402 39.83 19.51 -8.32
CA ASN A 402 39.25 19.78 -7.01
C ASN A 402 40.06 19.07 -5.94
N GLU A 403 41.13 19.72 -5.49
CA GLU A 403 42.03 19.20 -4.47
C GLU A 403 42.78 17.91 -4.83
N ALA A 404 42.72 17.51 -6.10
CA ALA A 404 43.40 16.30 -6.55
C ALA A 404 44.67 16.69 -7.30
N PRO A 405 45.82 16.15 -6.86
CA PRO A 405 47.14 16.41 -7.47
C PRO A 405 47.28 16.16 -8.98
N PRO A 406 47.83 17.12 -9.71
CA PRO A 406 47.99 16.96 -11.16
C PRO A 406 49.00 15.84 -11.46
N ALA A 407 49.05 15.40 -12.70
CA ALA A 407 49.97 14.34 -13.05
C ALA A 407 51.40 14.87 -13.13
N ILE A 408 51.84 15.55 -12.07
CA ILE A 408 53.19 16.10 -12.03
C ILE A 408 53.83 15.82 -10.68
N LEU A 409 54.41 14.63 -10.52
CA LEU A 409 55.02 14.28 -9.24
C LEU A 409 56.03 15.28 -8.70
N SER A 410 55.90 15.62 -7.42
CA SER A 410 56.80 16.56 -6.76
C SER A 410 56.49 16.61 -5.27
N ILE A 411 57.53 16.42 -4.44
CA ILE A 411 57.36 16.39 -2.99
C ILE A 411 57.12 17.74 -2.32
N PHE A 412 56.89 17.69 -1.01
CA PHE A 412 56.61 18.88 -0.21
C PHE A 412 57.22 18.75 1.18
N LEU A 413 58.23 19.56 1.48
CA LEU A 413 58.89 19.51 2.78
C LEU A 413 58.48 20.67 3.66
N GLY A 414 58.08 21.77 3.02
CA GLY A 414 57.64 22.95 3.75
C GLY A 414 58.67 23.64 4.64
N SER A 415 58.93 24.91 4.34
CA SER A 415 59.86 25.75 5.10
C SER A 415 60.82 24.97 6.01
N GLN A 416 60.41 24.77 7.27
CA GLN A 416 61.22 24.06 8.27
C GLN A 416 62.23 23.08 7.64
N LEU A 417 61.84 21.82 7.55
CA LEU A 417 62.71 20.80 6.97
C LEU A 417 63.25 21.23 5.62
N SER A 418 62.51 22.08 4.91
CA SER A 418 62.95 22.51 3.60
C SER A 418 64.25 23.31 3.65
N ALA A 419 64.16 24.59 4.00
CA ALA A 419 65.34 25.43 4.08
C ALA A 419 66.45 24.68 4.79
N THR A 420 66.11 24.06 5.92
CA THR A 420 67.10 23.32 6.70
C THR A 420 67.70 22.17 5.91
N LEU A 421 67.07 21.78 4.82
CA LEU A 421 67.61 20.71 4.02
C LEU A 421 68.62 21.35 3.07
N ASP A 422 68.55 22.67 2.97
CA ASP A 422 69.44 23.45 2.13
C ASP A 422 70.74 23.66 2.87
N GLU A 423 70.73 23.43 4.17
CA GLU A 423 71.91 23.63 4.99
C GLU A 423 73.08 22.76 4.55
N ILE A 424 73.18 22.54 3.24
CA ILE A 424 74.26 21.74 2.67
C ILE A 424 74.48 22.16 1.21
N ARG A 458 50.96 22.23 6.47
CA ARG A 458 51.19 21.46 5.24
C ARG A 458 50.07 21.64 4.21
N ASN A 459 50.42 22.12 3.02
CA ASN A 459 49.44 22.35 1.95
C ASN A 459 49.28 21.21 0.94
N ARG A 460 48.02 20.80 0.72
CA ARG A 460 47.68 19.74 -0.22
C ARG A 460 48.17 20.11 -1.61
N THR A 461 47.31 20.01 -2.60
CA THR A 461 47.68 20.35 -3.98
C THR A 461 49.06 19.82 -4.40
N SER A 462 49.45 18.63 -3.92
CA SER A 462 50.76 18.05 -4.27
C SER A 462 50.84 16.54 -4.05
N PRO A 463 51.15 15.78 -5.10
CA PRO A 463 51.25 14.32 -5.01
C PRO A 463 51.83 13.81 -3.70
N PHE A 464 53.10 14.07 -3.47
CA PHE A 464 53.73 13.63 -2.25
C PHE A 464 53.73 14.83 -1.35
N ALA A 465 53.89 14.59 -0.04
CA ALA A 465 53.92 15.68 0.92
C ALA A 465 54.28 15.17 2.29
N PHE A 466 55.47 15.54 2.77
CA PHE A 466 55.90 15.13 4.10
C PHE A 466 54.92 15.77 5.07
N THR A 467 54.17 14.93 5.80
CA THR A 467 53.19 15.45 6.74
C THR A 467 53.59 15.37 8.22
N GLY A 468 54.83 14.98 8.50
CA GLY A 468 55.26 14.86 9.88
C GLY A 468 55.32 13.41 10.29
N ASN A 469 56.52 12.94 10.60
CA ASN A 469 56.70 11.56 10.97
C ASN A 469 55.87 10.71 10.01
N ARG A 470 56.10 10.91 8.70
CA ARG A 470 55.43 10.20 7.58
C ARG A 470 55.16 11.04 6.31
N PHE A 471 55.08 10.38 5.16
CA PHE A 471 54.79 11.07 3.90
C PHE A 471 53.37 10.72 3.45
N GLU A 472 52.74 11.58 2.67
CA GLU A 472 51.37 11.30 2.22
C GLU A 472 51.29 11.31 0.71
N PHE A 473 50.85 10.18 0.14
CA PHE A 473 50.75 10.02 -1.31
C PHE A 473 49.31 10.26 -1.82
N ARG A 474 48.95 11.51 -2.03
CA ARG A 474 47.61 11.90 -2.46
C ARG A 474 47.15 11.33 -3.81
N ALA A 475 48.07 11.20 -4.76
CA ALA A 475 47.77 10.73 -6.13
C ALA A 475 46.78 9.57 -6.34
N ALA A 476 46.89 8.56 -5.49
CA ALA A 476 46.05 7.38 -5.54
C ALA A 476 44.56 7.64 -5.74
N GLY A 477 43.91 6.80 -6.53
CA GLY A 477 42.48 6.98 -6.73
C GLY A 477 41.70 6.36 -5.58
N SER A 478 40.42 6.70 -5.45
CA SER A 478 39.61 6.18 -4.36
C SER A 478 39.08 4.77 -4.57
N SER A 479 39.38 4.17 -5.72
CA SER A 479 38.89 2.85 -6.01
C SER A 479 40.00 1.84 -6.19
N ALA A 480 41.23 2.33 -6.28
CA ALA A 480 42.37 1.46 -6.52
C ALA A 480 42.68 0.56 -5.35
N ASN A 481 43.58 -0.38 -5.58
CA ASN A 481 44.03 -1.29 -4.54
C ASN A 481 45.34 -0.69 -4.06
N CYS A 482 45.36 -0.23 -2.82
CA CYS A 482 46.54 0.40 -2.31
C CYS A 482 47.79 -0.28 -2.80
N ALA A 483 47.82 -1.62 -2.74
CA ALA A 483 48.99 -2.37 -3.19
C ALA A 483 49.73 -1.68 -4.34
N ALA A 484 49.05 -1.48 -5.45
CA ALA A 484 49.65 -0.84 -6.63
C ALA A 484 50.56 0.32 -6.28
N ALA A 485 50.01 1.34 -5.63
CA ALA A 485 50.82 2.49 -5.26
C ALA A 485 51.95 2.04 -4.38
N MET A 486 51.68 1.17 -3.42
CA MET A 486 52.74 0.70 -2.54
C MET A 486 53.78 -0.07 -3.32
N ILE A 487 53.37 -1.09 -4.09
CA ILE A 487 54.34 -1.85 -4.88
C ILE A 487 55.39 -0.90 -5.42
N ALA A 488 54.97 0.14 -6.12
CA ALA A 488 55.91 1.09 -6.65
C ALA A 488 56.64 1.71 -5.46
N ILE A 489 56.06 2.74 -4.87
CA ILE A 489 56.64 3.43 -3.72
C ILE A 489 57.71 2.59 -3.04
N ASN A 490 57.31 1.46 -2.48
CA ASN A 490 58.24 0.58 -1.79
C ASN A 490 59.38 0.08 -2.65
N ALA A 491 59.11 -0.78 -3.62
CA ALA A 491 60.18 -1.29 -4.51
C ALA A 491 61.09 -0.14 -4.95
N ALA A 492 60.48 0.95 -5.38
CA ALA A 492 61.25 2.09 -5.80
C ALA A 492 62.22 2.41 -4.67
N MET A 493 61.69 2.78 -3.51
CA MET A 493 62.52 3.11 -2.35
C MET A 493 63.57 2.05 -2.14
N ALA A 494 63.12 0.80 -2.00
CA ALA A 494 64.03 -0.31 -1.80
C ALA A 494 65.26 -0.11 -2.67
N ASN A 495 65.02 0.04 -3.96
CA ASN A 495 66.09 0.26 -4.94
C ASN A 495 66.92 1.46 -4.53
N GLN A 496 66.37 2.66 -4.74
CA GLN A 496 67.05 3.90 -4.38
C GLN A 496 67.78 3.80 -3.04
N LEU A 497 67.37 2.87 -2.18
CA LEU A 497 68.07 2.69 -0.92
C LEU A 497 69.33 1.90 -1.21
N ASN A 498 69.16 0.64 -1.60
CA ASN A 498 70.28 -0.23 -1.94
C ASN A 498 71.30 0.52 -2.77
N GLU A 499 70.81 1.45 -3.58
CA GLU A 499 71.66 2.25 -4.44
C GLU A 499 72.59 3.10 -3.59
N PHE A 500 71.99 3.85 -2.67
CA PHE A 500 72.73 4.72 -1.76
C PHE A 500 73.83 3.92 -1.04
N LYS A 501 73.48 2.72 -0.59
CA LYS A 501 74.41 1.85 0.11
C LYS A 501 75.60 1.57 -0.77
N ALA A 502 75.35 1.35 -2.05
CA ALA A 502 76.44 1.08 -2.99
C ALA A 502 77.41 2.26 -2.89
N SER A 503 76.96 3.42 -3.37
CA SER A 503 77.76 4.63 -3.33
C SER A 503 78.50 4.79 -2.03
N VAL A 504 77.76 4.93 -0.95
CA VAL A 504 78.35 5.12 0.37
C VAL A 504 79.27 3.98 0.79
N ASP A 505 79.86 3.30 -0.19
CA ASP A 505 80.81 2.24 0.06
C ASP A 505 82.07 2.66 -0.69
N LYS A 506 82.89 3.47 -0.02
CA LYS A 506 84.14 3.97 -0.57
C LYS A 506 85.20 4.01 0.53
N ASP A 515 82.17 5.96 7.35
CA ASP A 515 81.69 6.38 8.67
C ASP A 515 81.41 7.89 8.67
N GLU A 516 81.68 8.53 7.54
CA GLU A 516 81.46 9.96 7.38
C GLU A 516 81.20 10.18 5.91
N ALA A 517 81.37 9.10 5.15
CA ALA A 517 81.16 9.14 3.71
C ALA A 517 79.73 9.54 3.45
N ILE A 518 78.81 8.85 4.12
CA ILE A 518 77.40 9.12 3.95
C ILE A 518 77.16 10.60 3.64
N PHE A 519 77.75 11.48 4.43
CA PHE A 519 77.55 12.92 4.23
C PHE A 519 77.90 13.31 2.80
N ARG A 520 78.87 12.61 2.22
CA ARG A 520 79.29 12.88 0.86
C ARG A 520 78.08 12.59 -0.02
N ILE A 521 77.62 11.34 0.02
CA ILE A 521 76.48 10.89 -0.77
C ILE A 521 75.22 11.72 -0.49
N LEU A 522 74.86 11.79 0.78
CA LEU A 522 73.69 12.54 1.21
C LEU A 522 73.73 13.93 0.59
N LYS A 523 74.88 14.59 0.67
CA LYS A 523 75.06 15.92 0.10
C LYS A 523 74.80 15.86 -1.40
N GLU A 524 75.24 14.76 -2.02
CA GLU A 524 75.06 14.58 -3.45
C GLU A 524 73.57 14.58 -3.76
N ASN A 525 72.89 13.54 -3.31
CA ASN A 525 71.45 13.37 -3.53
C ASN A 525 70.66 14.64 -3.30
N ILE A 526 70.93 15.30 -2.17
CA ILE A 526 70.25 16.55 -1.87
C ILE A 526 70.26 17.41 -3.14
N ILE A 527 71.41 17.95 -3.48
CA ILE A 527 71.53 18.79 -4.66
C ILE A 527 71.00 18.07 -5.88
N ALA A 528 71.17 16.76 -5.89
CA ALA A 528 70.73 15.92 -6.99
C ALA A 528 69.21 15.90 -7.16
N SER A 529 68.47 15.80 -6.06
CA SER A 529 67.01 15.80 -6.14
C SER A 529 66.55 17.22 -6.54
N GLU A 530 66.79 18.18 -5.67
CA GLU A 530 66.43 19.57 -5.93
C GLU A 530 65.21 19.69 -6.81
N LEU A 531 65.41 19.53 -8.11
CA LEU A 531 64.34 19.62 -9.09
C LEU A 531 62.97 19.14 -8.61
N ILE A 532 62.97 18.09 -7.77
CA ILE A 532 61.72 17.50 -7.29
C ILE A 532 60.93 18.19 -6.19
N ARG A 533 61.61 18.99 -5.36
CA ARG A 533 60.92 19.68 -4.26
C ARG A 533 60.09 20.84 -4.76
N PHE A 534 58.96 21.08 -4.10
CA PHE A 534 58.07 22.19 -4.44
C PHE A 534 57.27 22.56 -3.20
N GLU A 535 56.44 23.59 -3.30
CA GLU A 535 55.65 24.01 -2.15
C GLU A 535 54.45 24.91 -2.46
N GLY A 536 54.19 25.18 -3.74
CA GLY A 536 53.09 26.07 -4.10
C GLY A 536 51.94 25.51 -4.93
N ASP A 537 50.94 26.36 -5.19
CA ASP A 537 49.76 26.00 -5.96
C ASP A 537 50.09 25.02 -7.08
N GLY A 538 49.91 23.73 -6.83
CA GLY A 538 50.20 22.71 -7.81
C GLY A 538 49.29 22.72 -9.02
N TYR A 539 48.11 23.32 -8.89
CA TYR A 539 47.16 23.40 -10.00
C TYR A 539 47.50 24.63 -10.81
N SER A 540 48.41 25.44 -10.27
CA SER A 540 48.85 26.67 -10.91
C SER A 540 49.45 26.43 -12.29
N GLU A 541 49.28 27.42 -13.16
CA GLU A 541 49.82 27.36 -14.51
C GLU A 541 51.28 27.78 -14.41
N GLU A 542 51.58 28.66 -13.45
CA GLU A 542 52.93 29.15 -13.25
C GLU A 542 53.81 27.94 -12.95
N TRP A 543 53.20 26.86 -12.49
CA TRP A 543 53.92 25.62 -12.18
C TRP A 543 53.66 24.53 -13.22
N LYS A 544 52.41 24.47 -13.72
CA LYS A 544 52.06 23.48 -14.72
C LYS A 544 53.09 23.58 -15.84
N GLN A 545 53.85 24.67 -15.82
CA GLN A 545 54.89 24.92 -16.80
C GLN A 545 56.24 24.98 -16.08
N GLU A 546 56.27 25.61 -14.90
CA GLU A 546 57.49 25.75 -14.09
C GLU A 546 58.18 24.42 -13.80
N ALA A 547 57.44 23.33 -14.01
CA ALA A 547 57.96 21.99 -13.79
C ALA A 547 58.54 21.53 -15.11
N ALA A 548 57.72 21.63 -16.16
CA ALA A 548 58.13 21.24 -17.50
C ALA A 548 59.56 21.69 -17.74
N ARG A 549 59.91 22.82 -17.14
CA ARG A 549 61.25 23.38 -17.23
C ARG A 549 62.22 22.46 -16.49
N ARG A 550 61.93 22.25 -15.22
CA ARG A 550 62.77 21.42 -14.37
C ARG A 550 62.93 20.02 -14.95
N GLY A 551 62.14 19.72 -15.98
CA GLY A 551 62.22 18.40 -16.59
C GLY A 551 61.22 17.45 -15.98
N LEU A 552 60.49 17.93 -14.97
CA LEU A 552 59.48 17.11 -14.30
C LEU A 552 58.44 16.75 -15.34
N THR A 553 58.29 15.44 -15.54
CA THR A 553 57.34 14.92 -16.51
C THR A 553 55.92 15.08 -16.05
N ASN A 554 55.03 15.21 -17.01
CA ASN A 554 53.62 15.35 -16.77
C ASN A 554 52.90 14.56 -17.84
N ILE A 555 52.08 13.59 -17.42
CA ILE A 555 51.34 12.77 -18.39
C ILE A 555 49.90 12.53 -17.96
N CYS A 556 48.97 12.80 -18.85
CA CYS A 556 47.56 12.63 -18.55
C CYS A 556 47.00 11.36 -19.16
N HIS A 557 47.07 11.27 -20.48
CA HIS A 557 46.56 10.11 -21.21
C HIS A 557 46.93 8.78 -20.56
N VAL A 558 45.93 8.09 -20.03
CA VAL A 558 46.19 6.83 -19.35
C VAL A 558 47.11 6.00 -20.21
N PRO A 559 46.66 5.59 -21.39
CA PRO A 559 47.55 4.78 -22.22
C PRO A 559 49.00 5.18 -22.02
N GLU A 560 49.39 6.33 -22.56
CA GLU A 560 50.76 6.79 -22.41
C GLU A 560 51.27 6.59 -20.98
N ALA A 561 50.73 7.35 -20.04
CA ALA A 561 51.14 7.24 -18.64
C ALA A 561 51.39 5.81 -18.20
N LEU A 562 50.60 4.88 -18.69
CA LEU A 562 50.76 3.49 -18.30
C LEU A 562 51.99 2.90 -18.96
N MET A 563 52.07 3.00 -20.28
CA MET A 563 53.21 2.45 -21.02
C MET A 563 54.49 2.49 -20.20
N HIS A 564 54.73 3.59 -19.50
CA HIS A 564 55.95 3.73 -18.70
C HIS A 564 56.21 2.58 -17.73
N TYR A 565 55.27 1.68 -17.58
CA TYR A 565 55.53 0.58 -16.69
C TYR A 565 56.72 -0.16 -17.30
N MET A 566 56.78 -0.18 -18.64
CA MET A 566 57.85 -0.86 -19.35
C MET A 566 59.15 -0.08 -19.51
N ASP A 567 59.11 1.25 -19.50
CA ASP A 567 60.35 2.01 -19.70
C ASP A 567 61.42 1.58 -18.73
N ASN A 568 62.60 1.27 -19.27
CA ASN A 568 63.76 0.76 -18.54
C ASN A 568 63.95 1.21 -17.09
N GLN A 569 63.74 2.48 -16.80
CA GLN A 569 63.90 2.94 -15.42
C GLN A 569 63.00 2.08 -14.52
N SER A 570 61.69 2.17 -14.75
CA SER A 570 60.73 1.39 -14.00
C SER A 570 61.26 -0.04 -13.88
N ARG A 571 61.58 -0.63 -15.03
CA ARG A 571 62.13 -1.98 -15.12
C ARG A 571 63.23 -2.21 -14.09
N ALA A 572 64.21 -1.32 -14.11
CA ALA A 572 65.34 -1.38 -13.18
C ALA A 572 64.88 -1.62 -11.75
N VAL A 573 63.78 -0.95 -11.38
CA VAL A 573 63.24 -1.07 -10.04
C VAL A 573 62.37 -2.29 -9.88
N LEU A 574 61.38 -2.44 -10.75
CA LEU A 574 60.46 -3.58 -10.68
C LEU A 574 61.08 -4.92 -11.02
N ILE A 575 61.43 -5.10 -12.28
CA ILE A 575 62.02 -6.35 -12.73
C ILE A 575 63.41 -6.41 -12.11
N GLY A 576 63.88 -5.24 -11.70
CA GLY A 576 65.18 -5.16 -11.09
C GLY A 576 65.25 -5.80 -9.72
N GLU A 577 64.32 -5.45 -8.81
CA GLU A 577 64.32 -6.00 -7.46
C GLU A 577 63.70 -7.38 -7.26
N ARG A 578 63.73 -8.24 -8.28
CA ARG A 578 63.14 -9.56 -8.15
C ARG A 578 61.65 -9.44 -7.83
N ILE A 579 61.07 -8.27 -8.14
CA ILE A 579 59.65 -8.03 -7.91
C ILE A 579 58.81 -8.69 -8.99
N PHE A 580 59.19 -8.45 -10.24
CA PHE A 580 58.51 -9.05 -11.38
C PHE A 580 59.56 -9.60 -12.31
N ASN A 581 59.21 -10.61 -13.10
CA ASN A 581 60.18 -11.15 -14.04
C ASN A 581 59.71 -10.63 -15.37
N GLU A 582 60.66 -10.51 -16.30
CA GLU A 582 60.40 -9.98 -17.64
C GLU A 582 58.99 -10.14 -18.19
N THR A 583 58.52 -11.38 -18.25
CA THR A 583 57.19 -11.64 -18.75
C THR A 583 56.18 -10.95 -17.85
N GLU A 584 56.11 -11.38 -16.59
CA GLU A 584 55.16 -10.80 -15.64
C GLU A 584 54.87 -9.34 -15.93
N LEU A 585 55.84 -8.49 -15.63
CA LEU A 585 55.69 -7.06 -15.83
C LEU A 585 55.04 -6.78 -17.18
N ALA A 586 55.41 -7.55 -18.20
CA ALA A 586 54.84 -7.35 -19.53
C ALA A 586 53.34 -7.56 -19.46
N CYS A 587 52.95 -8.64 -18.80
CA CYS A 587 51.54 -8.97 -18.63
C CYS A 587 50.80 -7.87 -17.82
N ARG A 588 51.36 -7.52 -16.66
CA ARG A 588 50.75 -6.50 -15.83
C ARG A 588 50.35 -5.31 -16.69
N LEU A 589 51.27 -4.87 -17.54
CA LEU A 589 50.97 -3.71 -18.38
C LEU A 589 49.87 -4.01 -19.38
N GLU A 590 49.74 -5.28 -19.74
CA GLU A 590 48.74 -5.72 -20.69
C GLU A 590 47.35 -5.65 -20.04
N VAL A 591 47.19 -6.45 -18.99
CA VAL A 591 45.95 -6.50 -18.26
C VAL A 591 45.59 -5.11 -17.79
N GLU A 592 46.57 -4.29 -17.48
CA GLU A 592 46.26 -2.96 -17.02
C GLU A 592 45.62 -2.15 -18.16
N LEU A 593 46.26 -2.18 -19.31
CA LEU A 593 45.77 -1.47 -20.49
C LEU A 593 44.42 -2.06 -20.84
N GLU A 594 44.32 -3.37 -20.71
CA GLU A 594 43.09 -4.09 -20.98
C GLU A 594 41.96 -3.35 -20.29
N LYS A 595 42.03 -3.29 -18.95
CA LYS A 595 41.02 -2.62 -18.14
C LYS A 595 40.66 -1.28 -18.72
N TYR A 596 41.62 -0.36 -18.75
CA TYR A 596 41.37 0.95 -19.30
C TYR A 596 40.47 0.86 -20.50
N THR A 597 40.86 0.03 -21.44
CA THR A 597 40.06 -0.09 -22.65
C THR A 597 38.64 -0.55 -22.39
N MET A 598 38.47 -1.62 -21.60
CA MET A 598 37.14 -2.11 -21.31
C MET A 598 36.33 -0.98 -20.72
N LYS A 599 36.81 -0.39 -19.63
CA LYS A 599 36.09 0.69 -18.97
C LYS A 599 35.62 1.75 -19.95
N VAL A 600 36.55 2.25 -20.76
CA VAL A 600 36.23 3.30 -21.69
C VAL A 600 35.17 2.87 -22.66
N GLN A 601 35.18 1.60 -23.01
CA GLN A 601 34.21 1.08 -23.95
C GLN A 601 32.82 1.06 -23.33
N ILE A 602 32.67 0.37 -22.21
CA ILE A 602 31.39 0.30 -21.51
C ILE A 602 30.81 1.69 -21.30
N GLU A 603 31.66 2.69 -21.08
CA GLU A 603 31.17 4.05 -20.89
C GLU A 603 30.56 4.44 -22.22
N SER A 604 31.37 4.42 -23.27
CA SER A 604 30.89 4.76 -24.62
C SER A 604 29.65 3.95 -24.91
N ARG A 605 29.74 2.63 -24.76
CA ARG A 605 28.62 1.73 -25.00
C ARG A 605 27.40 2.41 -24.43
N VAL A 606 27.26 2.33 -23.11
CA VAL A 606 26.15 2.97 -22.40
C VAL A 606 25.73 4.27 -23.05
N LEU A 607 26.44 5.34 -22.71
CA LEU A 607 26.13 6.66 -23.25
C LEU A 607 25.43 6.60 -24.59
N GLY A 608 26.02 5.86 -25.52
CA GLY A 608 25.44 5.74 -26.84
C GLY A 608 23.99 5.38 -26.77
N ASP A 609 23.68 4.35 -25.99
CA ASP A 609 22.31 3.89 -25.83
C ASP A 609 21.51 4.91 -25.05
N LEU A 610 21.88 5.15 -23.80
CA LEU A 610 21.13 6.11 -23.04
C LEU A 610 20.75 7.33 -23.86
N ALA A 611 21.59 7.72 -24.82
CA ALA A 611 21.26 8.89 -25.62
C ALA A 611 20.15 8.53 -26.56
N ILE A 612 20.52 7.90 -27.66
CA ILE A 612 19.57 7.49 -28.66
C ILE A 612 18.29 6.90 -28.09
N ASN A 613 18.48 5.97 -27.17
CA ASN A 613 17.40 5.23 -26.51
C ASN A 613 16.53 5.95 -25.51
N HIS A 614 17.13 6.62 -24.52
CA HIS A 614 16.40 7.31 -23.45
C HIS A 614 16.18 8.80 -23.58
N ILE A 615 17.26 9.55 -23.82
CA ILE A 615 17.17 11.01 -23.94
C ILE A 615 16.45 11.53 -25.17
N VAL A 616 16.95 11.16 -26.35
CA VAL A 616 16.37 11.61 -27.59
C VAL A 616 14.85 11.53 -27.62
N PRO A 617 14.30 10.32 -27.51
CA PRO A 617 12.86 10.12 -27.53
C PRO A 617 12.08 11.10 -26.69
N ILE A 618 12.64 11.52 -25.56
CA ILE A 618 11.88 12.47 -24.76
C ILE A 618 11.96 13.76 -25.48
N ALA A 619 13.17 14.15 -25.82
CA ALA A 619 13.40 15.40 -26.52
C ALA A 619 12.33 15.65 -27.58
N VAL A 620 12.04 14.61 -28.37
CA VAL A 620 11.04 14.72 -29.42
C VAL A 620 9.71 15.03 -28.80
N SER A 621 9.29 14.16 -27.89
CA SER A 621 8.02 14.31 -27.18
C SER A 621 7.83 15.77 -26.80
N TYR A 622 8.80 16.33 -26.09
CA TYR A 622 8.67 17.72 -25.70
C TYR A 622 8.53 18.58 -26.92
N GLN A 623 9.44 18.40 -27.88
CA GLN A 623 9.36 19.20 -29.10
C GLN A 623 7.94 19.26 -29.63
N ASN A 624 7.24 18.12 -29.63
CA ASN A 624 5.87 18.12 -30.12
C ASN A 624 5.05 19.09 -29.31
N ARG A 625 5.15 19.04 -28.00
CA ARG A 625 4.35 19.95 -27.22
C ARG A 625 4.56 21.31 -27.86
N LEU A 626 5.82 21.72 -27.96
CA LEU A 626 6.15 23.02 -28.54
C LEU A 626 5.49 23.21 -29.88
N LEU A 627 5.63 22.23 -30.77
CA LEU A 627 5.03 22.34 -32.10
C LEU A 627 3.52 22.45 -32.04
N GLU A 628 2.86 21.49 -31.41
CA GLU A 628 1.42 21.53 -31.34
C GLU A 628 1.02 22.91 -30.91
N ASN A 629 1.86 23.58 -30.12
CA ASN A 629 1.54 24.94 -29.69
C ASN A 629 1.49 25.80 -30.95
N LEU A 630 2.66 26.08 -31.52
CA LEU A 630 2.74 26.90 -32.73
C LEU A 630 1.74 26.51 -33.79
N CYS A 631 1.69 25.23 -34.11
CA CYS A 631 0.80 24.75 -35.14
C CYS A 631 -0.58 25.32 -34.96
N ARG A 632 -1.15 25.22 -33.77
CA ARG A 632 -2.49 25.73 -33.54
C ARG A 632 -2.52 27.23 -33.51
N MET A 633 -1.59 27.84 -32.79
CA MET A 633 -1.60 29.30 -32.69
C MET A 633 -1.32 29.96 -34.04
N LYS A 634 -0.61 29.25 -34.90
CA LYS A 634 -0.30 29.78 -36.21
C LYS A 634 -1.57 29.99 -37.01
N GLU A 635 -2.71 29.53 -36.52
CA GLU A 635 -3.92 29.73 -37.27
C GLU A 635 -5.03 30.39 -36.46
N ILE A 636 -4.67 31.06 -35.39
CA ILE A 636 -5.68 31.73 -34.59
C ILE A 636 -5.21 33.16 -34.48
N PHE A 637 -4.09 33.45 -35.11
CA PHE A 637 -3.56 34.80 -35.02
C PHE A 637 -3.08 35.40 -36.33
N SER A 638 -3.19 36.73 -36.41
CA SER A 638 -2.76 37.45 -37.57
C SER A 638 -1.30 37.13 -37.80
N GLU A 639 -0.97 36.79 -39.03
CA GLU A 639 0.40 36.47 -39.37
C GLU A 639 1.28 37.46 -38.62
N GLU A 640 0.80 38.69 -38.48
CA GLU A 640 1.56 39.71 -37.77
C GLU A 640 1.84 39.24 -36.35
N GLU A 641 0.77 38.91 -35.63
CA GLU A 641 0.83 38.46 -34.22
C GLU A 641 1.61 37.18 -34.07
N TYR A 642 1.27 36.21 -34.89
CA TYR A 642 1.93 34.93 -34.88
C TYR A 642 3.42 35.09 -35.00
N GLU A 643 3.83 36.06 -35.80
CA GLU A 643 5.24 36.35 -36.02
C GLU A 643 5.88 36.74 -34.70
N VAL A 644 5.26 37.69 -34.01
CA VAL A 644 5.80 38.16 -32.74
C VAL A 644 5.69 37.16 -31.61
N MET A 645 4.66 36.34 -31.62
CA MET A 645 4.47 35.35 -30.58
C MET A 645 5.31 34.10 -30.81
N SER A 646 5.43 33.65 -32.06
CA SER A 646 6.23 32.45 -32.35
C SER A 646 7.66 32.64 -31.87
N ALA A 647 8.32 33.64 -32.42
CA ALA A 647 9.70 33.96 -32.06
C ALA A 647 10.41 32.86 -31.28
N ASP A 648 10.72 33.14 -30.02
CA ASP A 648 11.40 32.21 -29.12
C ASP A 648 11.02 30.77 -29.39
N ARG A 649 9.78 30.44 -29.06
CA ARG A 649 9.25 29.09 -29.23
C ARG A 649 9.87 28.44 -30.46
N LYS A 650 9.57 29.04 -31.60
CA LYS A 650 10.05 28.59 -32.88
C LYS A 650 11.55 28.29 -32.80
N GLU A 651 12.33 29.22 -32.25
CA GLU A 651 13.76 29.05 -32.15
C GLU A 651 14.16 27.86 -31.32
N LEU A 652 13.55 27.70 -30.16
CA LEU A 652 13.85 26.57 -29.27
C LEU A 652 13.61 25.29 -30.06
N ILE A 653 12.45 25.23 -30.71
CA ILE A 653 12.12 24.07 -31.51
C ILE A 653 13.35 23.84 -32.34
N LYS A 654 13.83 24.90 -32.99
CA LYS A 654 15.03 24.75 -33.78
C LYS A 654 16.12 24.23 -32.87
N GLU A 655 16.40 24.96 -31.78
CA GLU A 655 17.43 24.56 -30.83
C GLU A 655 17.37 23.05 -30.57
N ILE A 656 16.22 22.58 -30.14
CA ILE A 656 16.11 21.16 -29.85
C ILE A 656 16.48 20.35 -31.08
N SER A 657 15.77 20.56 -32.18
CA SER A 657 16.05 19.82 -33.39
C SER A 657 17.55 19.79 -33.68
N HIS A 658 18.22 20.90 -33.42
CA HIS A 658 19.66 20.95 -33.66
C HIS A 658 20.32 19.85 -32.84
N ARG A 659 20.22 19.98 -31.52
CA ARG A 659 20.80 19.02 -30.57
C ARG A 659 20.55 17.55 -30.87
N VAL A 660 19.28 17.13 -30.83
CA VAL A 660 18.92 15.74 -31.09
C VAL A 660 19.63 15.22 -32.32
N SER A 661 19.72 16.07 -33.34
CA SER A 661 20.40 15.67 -34.56
C SER A 661 21.87 15.53 -34.26
N ALA A 662 22.44 16.57 -33.65
CA ALA A 662 23.83 16.57 -33.30
C ALA A 662 24.19 15.24 -32.66
N ILE A 663 23.41 14.88 -31.66
CA ILE A 663 23.63 13.65 -30.94
C ILE A 663 23.58 12.48 -31.88
N LYS A 664 22.43 12.31 -32.54
CA LYS A 664 22.27 11.20 -33.45
C LYS A 664 23.58 10.95 -34.18
N VAL A 665 24.28 12.01 -34.55
CA VAL A 665 25.55 11.83 -35.25
C VAL A 665 26.67 11.35 -34.36
N LEU A 666 27.12 12.20 -33.45
CA LEU A 666 28.23 11.81 -32.56
C LEU A 666 28.14 10.37 -32.13
N VAL A 667 26.95 9.94 -31.71
CA VAL A 667 26.79 8.57 -31.32
C VAL A 667 27.23 7.72 -32.50
N ARG A 668 26.61 7.95 -33.67
CA ARG A 668 26.96 7.21 -34.88
C ARG A 668 28.46 7.18 -35.00
N ASP A 669 29.02 8.34 -35.32
CA ASP A 669 30.46 8.48 -35.48
C ASP A 669 31.21 7.74 -34.39
N MET A 670 30.78 7.94 -33.16
CA MET A 670 31.42 7.28 -32.03
C MET A 670 31.32 5.77 -32.15
N THR A 671 30.12 5.25 -32.35
CA THR A 671 29.94 3.82 -32.47
C THR A 671 30.96 3.30 -33.45
N GLU A 672 31.13 4.04 -34.55
CA GLU A 672 32.08 3.67 -35.60
C GLU A 672 33.52 3.69 -35.08
N ALA A 673 33.90 4.76 -34.41
CA ALA A 673 35.25 4.86 -33.88
C ALA A 673 35.55 3.57 -33.17
N ARG A 674 34.79 3.31 -32.12
CA ARG A 674 34.94 2.11 -31.33
C ARG A 674 35.13 0.94 -32.30
N LYS A 675 34.18 0.75 -33.21
CA LYS A 675 34.24 -0.33 -34.19
C LYS A 675 35.67 -0.55 -34.58
N VAL A 676 36.28 0.50 -35.13
CA VAL A 676 37.66 0.45 -35.55
C VAL A 676 38.60 0.12 -34.41
N ALA A 677 38.70 1.04 -33.46
CA ALA A 677 39.58 0.84 -32.32
C ALA A 677 39.55 -0.63 -32.01
N ASN A 678 38.36 -1.13 -31.70
CA ASN A 678 38.17 -2.54 -31.38
C ASN A 678 38.99 -3.44 -32.27
N HIS A 679 39.15 -3.05 -33.52
CA HIS A 679 39.87 -3.85 -34.48
C HIS A 679 41.38 -3.82 -34.53
N LYS A 680 42.01 -2.79 -33.95
CA LYS A 680 43.46 -2.76 -33.94
C LYS A 680 43.83 -4.14 -33.39
N GLU A 681 44.86 -4.77 -33.94
CA GLU A 681 45.21 -6.12 -33.52
C GLU A 681 45.97 -6.25 -32.22
N ASN A 682 46.25 -5.14 -31.56
CA ASN A 682 47.03 -5.19 -30.32
C ASN A 682 46.43 -4.35 -29.21
N PHE A 683 46.25 -4.96 -28.03
CA PHE A 683 45.69 -4.28 -26.85
C PHE A 683 46.33 -2.91 -26.66
N LYS A 684 47.63 -2.85 -26.86
CA LYS A 684 48.39 -1.61 -26.71
C LYS A 684 47.84 -0.61 -27.70
N GLU A 685 47.47 -1.09 -28.87
CA GLU A 685 46.92 -0.23 -29.89
C GLU A 685 45.52 0.18 -29.47
N LYS A 686 44.69 -0.81 -29.16
CA LYS A 686 43.31 -0.55 -28.76
C LYS A 686 43.23 0.54 -27.72
N ALA A 687 44.12 0.51 -26.74
CA ALA A 687 44.11 1.51 -25.68
C ALA A 687 44.22 2.89 -26.31
N PHE A 688 45.38 3.19 -26.89
CA PHE A 688 45.56 4.48 -27.51
C PHE A 688 44.38 4.75 -28.43
N ALA A 689 43.89 3.71 -29.08
CA ALA A 689 42.74 3.85 -29.96
C ALA A 689 41.61 4.56 -29.23
N TYR A 690 41.17 4.01 -28.10
CA TYR A 690 40.11 4.64 -27.37
C TYR A 690 40.54 6.01 -26.87
N GLU A 691 41.57 6.05 -26.03
CA GLU A 691 42.06 7.32 -25.51
C GLU A 691 42.04 8.39 -26.60
N GLU A 692 42.42 8.03 -27.82
CA GLU A 692 42.48 9.00 -28.91
C GLU A 692 41.24 9.31 -29.70
N THR A 693 40.35 8.36 -29.91
CA THR A 693 39.19 8.70 -30.72
C THR A 693 37.81 8.33 -30.23
N VAL A 694 37.73 7.52 -29.19
CA VAL A 694 36.44 7.13 -28.67
C VAL A 694 36.20 8.00 -27.46
N ARG A 695 37.17 7.94 -26.55
CA ARG A 695 37.17 8.71 -25.31
C ARG A 695 36.71 10.14 -25.56
N PRO A 696 37.27 10.80 -26.58
CA PRO A 696 36.89 12.17 -26.88
C PRO A 696 35.40 12.46 -27.01
N TYR A 697 34.64 11.50 -27.52
CA TYR A 697 33.20 11.71 -27.72
C TYR A 697 32.39 11.87 -26.47
N LEU A 698 32.73 11.10 -25.45
CA LEU A 698 31.96 11.18 -24.22
C LEU A 698 31.56 12.60 -23.92
N GLU A 699 32.52 13.51 -23.94
CA GLU A 699 32.19 14.89 -23.62
C GLU A 699 31.35 15.57 -24.68
N SER A 700 31.67 15.38 -25.96
CA SER A 700 30.92 16.00 -27.04
C SER A 700 29.43 15.71 -26.84
N ILE A 701 29.04 14.45 -26.98
CA ILE A 701 27.64 14.02 -26.83
C ILE A 701 27.02 14.61 -25.60
N ARG A 702 27.72 14.47 -24.49
CA ARG A 702 27.21 14.97 -23.26
C ARG A 702 26.77 16.37 -23.46
N ASP A 703 27.74 17.27 -23.63
CA ASP A 703 27.48 18.69 -23.78
C ASP A 703 26.07 18.97 -24.26
N HIS A 704 25.66 18.31 -25.34
CA HIS A 704 24.33 18.52 -25.85
C HIS A 704 23.30 18.08 -24.85
N ILE A 705 23.23 16.78 -24.58
CA ILE A 705 22.25 16.25 -23.64
C ILE A 705 22.00 17.18 -22.45
N ASP A 706 23.08 17.65 -21.84
CA ASP A 706 22.95 18.54 -20.72
C ASP A 706 22.20 19.82 -21.08
N HIS A 707 22.43 20.35 -22.28
CA HIS A 707 21.71 21.55 -22.66
C HIS A 707 20.27 21.10 -22.74
N LEU A 708 20.00 20.04 -23.50
CA LEU A 708 18.64 19.56 -23.64
C LEU A 708 17.95 19.41 -22.30
N GLU A 709 18.69 18.97 -21.29
CA GLU A 709 18.10 18.81 -19.96
C GLU A 709 17.55 20.18 -19.58
N MET A 710 18.37 21.21 -19.70
CA MET A 710 17.94 22.54 -19.33
C MET A 710 16.71 22.98 -20.06
N GLU A 711 16.51 22.52 -21.29
CA GLU A 711 15.35 22.97 -22.03
C GLU A 711 14.04 22.22 -21.75
N ILE A 712 14.05 20.90 -21.95
CA ILE A 712 12.89 20.05 -21.72
C ILE A 712 12.18 20.25 -20.37
N ASP A 713 10.90 19.88 -20.29
CA ASP A 713 10.06 20.03 -19.09
C ASP A 713 10.38 19.08 -17.92
N ASP A 714 10.88 19.60 -16.81
CA ASP A 714 11.22 18.78 -15.64
C ASP A 714 10.24 17.67 -15.36
N GLU A 715 9.00 17.89 -15.77
CA GLU A 715 7.91 16.93 -15.56
C GLU A 715 8.36 15.62 -16.16
N ILE A 716 8.98 15.72 -17.33
CA ILE A 716 9.53 14.56 -18.02
C ILE A 716 11.03 14.52 -17.67
N TRP A 717 11.81 13.96 -18.58
CA TRP A 717 13.24 13.85 -18.37
C TRP A 717 13.52 12.58 -17.61
N PRO A 718 13.73 11.50 -18.33
CA PRO A 718 14.01 10.18 -17.79
C PRO A 718 14.94 10.03 -16.60
N LEU A 719 16.04 10.77 -16.58
CA LEU A 719 16.98 10.55 -15.50
C LEU A 719 16.90 11.45 -14.30
N PRO A 720 17.34 10.95 -13.14
CA PRO A 720 17.34 11.71 -11.90
C PRO A 720 18.35 12.84 -12.03
N LYS A 721 17.92 14.05 -11.73
CA LYS A 721 18.76 15.24 -11.84
C LYS A 721 19.87 15.29 -10.80
N TYR A 722 21.02 15.89 -11.16
CA TYR A 722 22.13 16.03 -10.22
C TYR A 722 21.62 16.66 -8.95
N ARG A 723 20.86 17.72 -9.11
CA ARG A 723 20.32 18.40 -7.96
C ARG A 723 19.67 17.41 -7.02
N GLU A 724 19.12 16.33 -7.55
CA GLU A 724 18.44 15.34 -6.73
C GLU A 724 19.42 14.31 -6.22
N LEU A 725 20.34 13.90 -7.07
CA LEU A 725 21.32 12.92 -6.68
C LEU A 725 22.23 13.41 -5.56
N LEU A 726 22.33 14.71 -5.36
CA LEU A 726 23.22 15.20 -4.33
C LEU A 726 22.52 15.74 -3.10
N PHE A 727 21.18 15.81 -3.13
CA PHE A 727 20.39 16.34 -2.00
C PHE A 727 19.01 15.63 -1.97
N THR A 728 18.02 16.21 -2.63
CA THR A 728 16.70 15.60 -2.65
C THR A 728 15.97 15.93 -3.95
N LYS B 3 2.57 16.79 -10.49
CA LYS B 3 2.41 15.34 -10.35
C LYS B 3 3.17 14.79 -9.14
N MET B 4 3.99 15.64 -8.52
CA MET B 4 4.82 15.27 -7.37
C MET B 4 4.30 16.11 -6.24
N ARG B 5 3.79 17.29 -6.58
CA ARG B 5 3.24 18.18 -5.60
C ARG B 5 2.08 17.47 -4.95
N PHE B 6 1.27 16.82 -5.76
CA PHE B 6 0.15 16.10 -5.21
C PHE B 6 0.57 14.90 -4.41
N PHE B 7 1.57 14.19 -4.89
CA PHE B 7 2.08 13.03 -4.17
C PHE B 7 2.44 13.52 -2.78
N ALA B 8 2.57 14.83 -2.66
CA ALA B 8 2.93 15.42 -1.39
C ALA B 8 1.68 15.66 -0.60
N LEU B 9 0.71 16.31 -1.21
CA LEU B 9 -0.53 16.58 -0.49
C LEU B 9 -1.11 15.26 -0.04
N GLN B 10 -1.18 14.30 -0.95
CA GLN B 10 -1.72 13.02 -0.60
C GLN B 10 -0.85 12.39 0.45
N GLU B 11 0.44 12.65 0.35
CA GLU B 11 1.40 12.10 1.29
C GLU B 11 1.05 12.46 2.73
N LEU B 12 0.81 13.73 3.00
CA LEU B 12 0.50 14.12 4.36
C LEU B 12 -0.96 13.94 4.79
N SER B 13 -1.80 13.38 3.93
CA SER B 13 -3.19 13.20 4.31
C SER B 13 -3.21 12.44 5.63
N ASN B 14 -2.23 11.56 5.82
CA ASN B 14 -2.13 10.76 7.03
C ASN B 14 -0.73 10.91 7.60
N ARG B 15 -0.66 11.43 8.81
CA ARG B 15 0.62 11.63 9.48
C ARG B 15 0.51 11.55 11.00
N LYS B 16 0.36 10.33 11.52
CA LYS B 16 0.25 10.19 12.97
C LYS B 16 1.45 10.88 13.63
N PRO B 17 1.20 11.89 14.47
CA PRO B 17 2.26 12.63 15.16
C PRO B 17 2.98 11.67 16.09
N LEU B 18 4.31 11.67 16.06
CA LEU B 18 5.11 10.78 16.88
C LEU B 18 4.74 10.85 18.37
N GLU B 19 4.94 9.73 19.08
CA GLU B 19 4.68 9.64 20.51
C GLU B 19 5.99 10.02 21.19
N ILE B 20 5.96 10.64 22.36
CA ILE B 20 7.21 10.97 23.02
C ILE B 20 7.45 10.23 24.33
N THR B 21 7.35 10.90 25.48
CA THR B 21 7.57 10.25 26.79
C THR B 21 7.65 11.21 27.98
N THR B 22 8.88 11.64 28.28
CA THR B 22 9.26 12.55 29.38
C THR B 22 9.94 11.73 30.47
N PRO B 23 11.28 11.75 30.50
CA PRO B 23 12.10 11.01 31.47
C PRO B 23 11.38 10.77 32.79
N SER B 24 11.50 11.71 33.72
CA SER B 24 10.84 11.61 35.01
C SER B 24 9.88 12.78 35.04
N ASN B 25 9.15 12.90 36.13
CA ASN B 25 8.21 13.99 36.25
C ASN B 25 8.92 15.18 36.89
N LYS B 26 10.14 14.92 37.39
CA LYS B 26 10.97 15.94 38.04
C LYS B 26 12.07 16.38 37.09
N LEU B 27 12.01 17.63 36.65
CA LEU B 27 12.98 18.13 35.70
C LEU B 27 14.34 17.89 36.28
N SER B 28 14.56 18.42 37.48
CA SER B 28 15.84 18.27 38.14
C SER B 28 16.48 16.90 37.90
N ASP B 29 15.66 15.89 37.61
CA ASP B 29 16.19 14.55 37.37
C ASP B 29 17.03 14.36 36.11
N TYR B 30 16.75 15.10 35.05
CA TYR B 30 17.50 14.91 33.82
C TYR B 30 18.01 16.18 33.18
N TYR B 31 17.58 17.33 33.67
CA TYR B 31 18.06 18.57 33.09
C TYR B 31 19.57 18.51 33.21
N ALA B 32 20.27 18.82 32.13
CA ALA B 32 21.72 18.80 32.13
C ALA B 32 22.26 17.39 32.17
N SER B 33 21.39 16.40 32.03
CA SER B 33 21.81 15.00 32.07
C SER B 33 22.93 14.71 31.09
N HIS B 34 22.86 15.31 29.91
CA HIS B 34 23.88 15.03 28.93
C HIS B 34 25.03 15.98 28.86
N VAL B 35 25.31 16.72 29.92
CA VAL B 35 26.44 17.64 29.86
C VAL B 35 27.41 17.50 31.00
N PHE B 36 28.68 17.37 30.65
CA PHE B 36 29.74 17.24 31.62
C PHE B 36 29.97 18.61 32.24
N ASP B 37 29.10 18.97 33.19
CA ASP B 37 29.14 20.25 33.89
C ASP B 37 29.82 20.05 35.23
N ARG B 38 30.01 21.12 36.00
CA ARG B 38 30.66 21.00 37.30
C ARG B 38 30.03 19.91 38.14
N LYS B 39 28.72 20.05 38.36
CA LYS B 39 27.97 19.08 39.14
C LYS B 39 28.60 17.71 38.94
N LYS B 40 29.09 17.42 37.73
CA LYS B 40 29.70 16.12 37.43
C LYS B 40 31.23 16.11 37.39
N MET B 41 31.85 17.22 37.04
CA MET B 41 33.32 17.24 37.01
C MET B 41 33.76 16.95 38.43
N GLN B 42 33.04 17.53 39.39
CA GLN B 42 33.35 17.32 40.79
C GLN B 42 33.28 15.83 41.10
N GLU B 43 32.32 15.15 40.49
CA GLU B 43 32.16 13.71 40.70
C GLU B 43 33.27 12.92 40.00
N TYR B 44 33.29 12.97 38.67
CA TYR B 44 34.27 12.22 37.87
C TYR B 44 35.73 12.65 37.93
N LEU B 45 36.00 13.94 38.14
CA LEU B 45 37.38 14.41 38.19
C LEU B 45 38.04 14.29 39.55
N PRO B 46 39.36 14.06 39.56
CA PRO B 46 40.16 13.93 40.78
C PRO B 46 40.09 15.20 41.62
N LYS B 47 40.15 15.04 42.94
CA LYS B 47 40.09 16.15 43.88
C LYS B 47 40.80 17.40 43.38
N GLU B 48 41.94 17.22 42.72
CA GLU B 48 42.71 18.33 42.19
C GLU B 48 42.24 18.77 40.82
N ALA B 49 42.37 17.88 39.84
CA ALA B 49 41.96 18.16 38.46
C ALA B 49 40.73 19.06 38.40
N TYR B 50 39.77 18.81 39.28
CA TYR B 50 38.55 19.61 39.31
C TYR B 50 38.87 21.03 39.76
N LYS B 51 39.54 21.14 40.91
CA LYS B 51 39.92 22.44 41.45
C LYS B 51 40.61 23.25 40.36
N ALA B 52 41.12 22.56 39.35
CA ALA B 52 41.82 23.21 38.23
C ALA B 52 40.91 23.67 37.13
N VAL B 53 39.96 22.83 36.74
CA VAL B 53 39.04 23.26 35.69
C VAL B 53 38.48 24.58 36.18
N VAL B 54 38.31 24.69 37.48
CA VAL B 54 37.76 25.89 38.06
C VAL B 54 38.73 27.06 38.00
N ASP B 55 39.86 26.94 38.68
CA ASP B 55 40.85 28.02 38.67
C ASP B 55 41.05 28.53 37.25
N ALA B 56 40.85 27.64 36.27
CA ALA B 56 41.00 28.02 34.88
C ALA B 56 39.77 28.81 34.43
N THR B 57 38.60 28.23 34.65
CA THR B 57 37.35 28.87 34.28
C THR B 57 37.07 30.05 35.22
N GLU B 58 37.84 30.15 36.29
CA GLU B 58 37.68 31.24 37.25
C GLU B 58 38.47 32.44 36.76
N LYS B 59 38.24 32.80 35.50
CA LYS B 59 38.89 33.95 34.85
C LYS B 59 40.42 33.83 34.84
N GLY B 60 40.96 32.80 35.49
CA GLY B 60 42.39 32.62 35.54
C GLY B 60 43.07 31.77 34.48
N THR B 61 43.06 30.45 34.67
CA THR B 61 43.69 29.47 33.78
C THR B 61 45.18 29.53 34.11
N PRO B 62 46.05 28.90 33.29
CA PRO B 62 45.81 28.12 32.08
C PRO B 62 45.62 26.67 32.45
N ILE B 63 45.57 25.81 31.44
CA ILE B 63 45.37 24.39 31.64
C ILE B 63 46.63 23.61 31.31
N SER B 64 47.21 23.00 32.32
CA SER B 64 48.42 22.21 32.14
C SER B 64 48.19 21.01 31.23
N ARG B 65 49.19 20.66 30.44
CA ARG B 65 49.05 19.50 29.58
C ARG B 65 48.83 18.29 30.47
N GLU B 66 49.23 18.42 31.73
CA GLU B 66 49.07 17.37 32.72
C GLU B 66 47.60 17.41 33.17
N MET B 67 47.17 18.55 33.68
CA MET B 67 45.80 18.72 34.14
C MET B 67 44.82 18.34 33.01
N ALA B 68 45.30 18.35 31.77
CA ALA B 68 44.45 18.01 30.62
C ALA B 68 44.10 16.54 30.71
N ASP B 69 45.09 15.69 30.46
CA ASP B 69 44.89 14.26 30.53
C ASP B 69 44.13 13.98 31.84
N LEU B 70 44.51 14.69 32.91
CA LEU B 70 43.84 14.53 34.19
C LEU B 70 42.35 14.61 33.90
N ILE B 71 41.95 15.68 33.23
CA ILE B 71 40.55 15.89 32.87
C ILE B 71 40.09 14.90 31.82
N ALA B 72 40.58 15.07 30.62
CA ALA B 72 40.23 14.20 29.50
C ALA B 72 39.90 12.78 29.95
N ASN B 73 40.75 12.17 30.75
CA ASN B 73 40.49 10.81 31.20
C ASN B 73 39.20 10.79 31.97
N GLY B 74 39.09 11.64 32.98
CA GLY B 74 37.87 11.68 33.75
C GLY B 74 36.68 11.93 32.84
N MET B 75 36.84 12.91 31.96
CA MET B 75 35.79 13.27 31.02
C MET B 75 35.20 12.03 30.32
N LYS B 76 36.08 11.22 29.70
CA LYS B 76 35.67 10.00 29.00
C LYS B 76 34.86 9.08 29.91
N SER B 77 35.48 8.70 31.02
CA SER B 77 34.82 7.85 31.98
C SER B 77 33.34 8.23 32.09
N TRP B 78 33.06 9.53 32.04
CA TRP B 78 31.68 10.02 32.14
C TRP B 78 30.89 9.65 30.91
N ALA B 79 31.40 10.09 29.77
CA ALA B 79 30.76 9.82 28.49
C ALA B 79 30.51 8.32 28.28
N LYS B 80 31.42 7.47 28.76
CA LYS B 80 31.22 6.05 28.60
C LYS B 80 29.93 5.64 29.29
N SER B 81 29.55 6.37 30.33
CA SER B 81 28.34 6.09 31.08
C SER B 81 27.13 6.36 30.20
N LEU B 82 27.37 6.97 29.04
CA LEU B 82 26.30 7.29 28.10
C LEU B 82 26.53 6.51 26.83
N ASN B 83 27.50 5.62 26.88
CA ASN B 83 27.82 4.80 25.74
C ASN B 83 28.31 5.65 24.61
N VAL B 84 28.85 6.83 24.88
CA VAL B 84 29.35 7.62 23.77
C VAL B 84 30.52 6.80 23.28
N THR B 85 30.84 6.88 22.00
CA THR B 85 31.93 6.10 21.47
C THR B 85 32.82 6.90 20.54
N HIS B 86 32.54 8.19 20.46
CA HIS B 86 33.32 9.08 19.61
C HIS B 86 33.42 10.43 20.27
N TYR B 87 34.45 11.18 19.88
CA TYR B 87 34.66 12.51 20.40
C TYR B 87 34.88 13.40 19.20
N THR B 88 34.58 14.70 19.35
CA THR B 88 34.77 15.62 18.25
C THR B 88 34.87 17.05 18.72
N HIS B 89 35.64 17.85 18.01
CA HIS B 89 35.78 19.25 18.38
C HIS B 89 34.64 20.02 17.78
N TRP B 90 33.68 20.40 18.62
CA TRP B 90 32.52 21.14 18.16
C TRP B 90 32.93 22.57 17.98
N PHE B 91 32.61 23.16 16.84
CA PHE B 91 32.96 24.56 16.65
C PHE B 91 32.33 25.16 15.40
N GLN B 92 31.76 26.35 15.54
CA GLN B 92 31.15 27.03 14.41
C GLN B 92 32.17 27.97 13.79
N PRO B 93 32.63 27.66 12.58
CA PRO B 93 33.61 28.47 11.88
C PRO B 93 32.88 29.50 11.04
N LEU B 94 33.60 30.39 10.38
CA LEU B 94 32.96 31.39 9.52
C LEU B 94 32.36 30.72 8.31
N THR B 95 32.39 29.38 8.31
CA THR B 95 31.88 28.58 7.19
C THR B 95 32.29 29.20 5.85
N LYS B 101 34.07 15.67 11.92
CA LYS B 101 35.07 14.65 12.14
C LYS B 101 34.71 13.92 13.41
N HIS B 102 34.64 12.60 13.34
CA HIS B 102 34.32 11.75 14.49
C HIS B 102 35.44 10.76 14.73
N ASP B 103 35.90 10.66 15.96
CA ASP B 103 36.97 9.73 16.28
C ASP B 103 36.64 8.78 17.42
N GLY B 104 36.73 7.48 17.15
CA GLY B 104 36.46 6.54 18.22
C GLY B 104 37.62 6.74 19.17
N PHE B 105 37.52 6.21 20.38
CA PHE B 105 38.60 6.35 21.35
C PHE B 105 39.65 5.30 21.03
N ILE B 106 39.26 4.33 20.21
CA ILE B 106 40.13 3.22 19.81
C ILE B 106 41.61 3.58 19.76
N GLU B 107 42.44 2.69 20.31
CA GLU B 107 43.88 2.88 20.33
C GLU B 107 44.61 1.62 20.79
N PHE B 108 45.68 1.28 20.10
CA PHE B 108 46.45 0.10 20.42
C PHE B 108 47.37 0.33 21.62
N GLY B 109 47.20 -0.50 22.65
CA GLY B 109 48.03 -0.38 23.84
C GLY B 109 49.41 -0.98 23.67
N GLU B 110 50.29 -0.75 24.64
CA GLU B 110 51.63 -1.30 24.56
C GLU B 110 51.57 -2.80 24.29
N ASP B 111 50.86 -3.50 25.17
CA ASP B 111 50.72 -4.94 25.05
C ASP B 111 50.15 -5.39 23.71
N GLY B 112 49.86 -4.42 22.84
CA GLY B 112 49.33 -4.76 21.53
C GLY B 112 47.82 -4.87 21.51
N GLU B 113 47.22 -5.15 22.67
CA GLU B 113 45.76 -5.28 22.80
C GLU B 113 45.15 -3.90 22.58
N VAL B 114 43.92 -3.87 22.08
CA VAL B 114 43.24 -2.60 21.81
C VAL B 114 42.58 -2.03 23.06
N ILE B 115 42.58 -0.71 23.19
CA ILE B 115 41.97 -0.05 24.32
C ILE B 115 41.37 1.25 23.86
N GLU B 116 40.47 1.80 24.66
CA GLU B 116 39.85 3.07 24.30
C GLU B 116 40.54 4.06 25.21
N ARG B 117 40.91 5.21 24.68
CA ARG B 117 41.61 6.22 25.47
C ARG B 117 41.38 7.62 24.94
N PHE B 118 41.18 8.57 25.84
CA PHE B 118 40.99 9.95 25.41
C PHE B 118 42.10 10.74 26.09
N SER B 119 43.08 11.17 25.31
CA SER B 119 44.23 11.90 25.85
C SER B 119 43.94 13.36 26.04
N GLY B 120 44.35 13.90 27.18
CA GLY B 120 44.13 15.32 27.43
C GLY B 120 44.73 16.11 26.28
N LYS B 121 45.66 15.48 25.57
CA LYS B 121 46.34 16.10 24.44
C LYS B 121 45.31 16.53 23.41
N LEU B 122 44.04 16.31 23.72
CA LEU B 122 42.94 16.67 22.82
C LEU B 122 42.06 17.77 23.39
N LEU B 123 42.68 18.82 23.90
CA LEU B 123 41.95 19.94 24.47
C LEU B 123 42.90 21.14 24.51
N THR B 148 40.95 21.92 18.01
CA THR B 148 41.78 23.12 18.11
C THR B 148 41.51 23.90 19.39
N ALA B 149 41.98 23.42 20.54
CA ALA B 149 41.78 24.11 21.81
C ALA B 149 40.32 24.19 22.28
N TRP B 150 40.05 23.49 23.39
CA TRP B 150 38.72 23.44 23.99
C TRP B 150 38.42 24.68 24.80
N ASP B 151 37.22 25.22 24.62
CA ASP B 151 36.83 26.39 25.37
C ASP B 151 36.49 25.96 26.79
N GLY B 152 37.49 25.93 27.68
CA GLY B 152 37.26 25.53 29.06
C GLY B 152 35.98 26.16 29.61
N SER B 153 35.55 27.24 28.98
CA SER B 153 34.37 27.95 29.39
C SER B 153 33.07 27.27 29.14
N SER B 154 32.91 26.62 27.99
CA SER B 154 31.67 25.92 27.67
C SER B 154 31.78 24.43 27.89
N PRO B 155 30.93 23.88 28.77
CA PRO B 155 30.98 22.44 29.06
C PRO B 155 30.88 21.54 27.85
N ALA B 156 31.44 20.34 27.97
CA ALA B 156 31.38 19.37 26.87
C ALA B 156 30.02 18.72 27.01
N PHE B 157 29.43 18.31 25.89
CA PHE B 157 28.12 17.68 25.96
C PHE B 157 28.09 16.46 25.09
N VAL B 158 27.10 15.61 25.32
CA VAL B 158 26.96 14.38 24.55
C VAL B 158 25.68 14.31 23.74
N VAL B 159 25.85 13.96 22.47
CA VAL B 159 24.73 13.82 21.55
C VAL B 159 24.83 12.48 20.82
N ASP B 160 23.77 11.67 20.91
CA ASP B 160 23.76 10.37 20.27
C ASP B 160 25.15 9.78 20.12
N THR B 161 25.69 9.24 21.22
CA THR B 161 27.02 8.61 21.21
C THR B 161 28.17 9.41 20.60
N THR B 162 28.31 10.68 20.98
CA THR B 162 29.41 11.49 20.46
C THR B 162 29.70 12.63 21.41
N LEU B 163 30.83 12.55 22.09
CA LEU B 163 31.24 13.61 23.01
C LEU B 163 31.63 14.81 22.17
N CYS B 164 31.02 15.96 22.44
CA CYS B 164 31.34 17.17 21.70
C CYS B 164 32.11 18.16 22.56
N ILE B 165 33.30 18.54 22.10
CA ILE B 165 34.11 19.47 22.86
C ILE B 165 34.08 20.81 22.18
N PRO B 166 33.43 21.80 22.78
CA PRO B 166 33.37 23.13 22.16
C PRO B 166 34.81 23.62 22.01
N THR B 167 35.19 24.12 20.84
CA THR B 167 36.57 24.59 20.66
C THR B 167 36.59 25.87 19.87
N ILE B 168 37.78 26.45 19.72
CA ILE B 168 37.92 27.67 18.93
C ILE B 168 38.77 27.39 17.70
N PHE B 169 38.22 27.63 16.52
CA PHE B 169 38.93 27.40 15.27
C PHE B 169 40.02 28.45 15.02
N ILE B 170 41.26 28.01 14.85
CA ILE B 170 42.36 28.93 14.62
C ILE B 170 43.21 28.52 13.41
N GLU B 175 45.41 34.26 12.07
CA GLU B 175 44.12 34.90 12.30
C GLU B 175 43.20 34.00 13.13
N ALA B 176 41.91 34.23 13.00
CA ALA B 176 40.88 33.47 13.71
C ALA B 176 39.79 33.09 12.71
N LEU B 177 39.72 31.82 12.34
CA LEU B 177 38.72 31.37 11.37
C LEU B 177 37.33 31.08 11.97
N ASP B 178 37.16 31.30 13.27
CA ASP B 178 35.88 31.02 13.89
C ASP B 178 35.06 32.25 14.27
N TYR B 179 34.13 32.03 15.20
CA TYR B 179 33.25 33.07 15.71
C TYR B 179 33.46 33.21 17.20
N LYS B 180 33.76 32.09 17.85
CA LYS B 180 34.00 32.05 19.29
C LYS B 180 35.08 33.03 19.71
N THR B 181 36.27 32.85 19.15
CA THR B 181 37.40 33.71 19.48
C THR B 181 37.00 35.18 19.47
N PRO B 182 36.65 35.71 18.29
CA PRO B 182 36.26 37.11 18.24
C PRO B 182 35.37 37.47 19.41
N LEU B 183 34.34 36.65 19.65
CA LEU B 183 33.41 36.95 20.73
C LEU B 183 34.12 36.94 22.07
N LEU B 184 34.61 35.77 22.46
CA LEU B 184 35.30 35.67 23.74
C LEU B 184 36.06 36.95 24.01
N LYS B 185 36.87 37.39 23.05
CA LYS B 185 37.63 38.63 23.20
C LYS B 185 36.67 39.78 23.46
N ALA B 186 35.77 40.02 22.50
CA ALA B 186 34.79 41.08 22.61
C ALA B 186 34.21 41.10 24.00
N LEU B 187 33.76 39.94 24.47
CA LEU B 187 33.17 39.85 25.80
C LEU B 187 34.16 40.25 26.88
N ALA B 188 35.41 39.86 26.71
CA ALA B 188 36.45 40.18 27.67
C ALA B 188 36.53 41.70 27.78
N ALA B 189 36.91 42.34 26.69
CA ALA B 189 37.03 43.79 26.65
C ALA B 189 35.88 44.43 27.43
N VAL B 190 34.65 44.10 27.04
CA VAL B 190 33.48 44.66 27.71
C VAL B 190 33.64 44.57 29.21
N ASP B 191 34.08 43.41 29.70
CA ASP B 191 34.25 43.22 31.13
C ASP B 191 35.25 44.20 31.73
N LYS B 192 36.53 44.04 31.38
CA LYS B 192 37.58 44.93 31.87
C LYS B 192 36.99 46.33 31.93
N ALA B 193 36.65 46.86 30.75
CA ALA B 193 36.05 48.18 30.62
C ALA B 193 34.96 48.50 31.65
N ALA B 194 33.83 47.82 31.55
CA ALA B 194 32.71 48.04 32.46
C ALA B 194 33.10 47.89 33.91
N THR B 195 34.03 46.98 34.19
CA THR B 195 34.47 46.76 35.57
C THR B 195 35.15 48.02 36.06
N GLU B 196 36.15 48.47 35.32
CA GLU B 196 36.89 49.66 35.68
C GLU B 196 35.90 50.80 35.92
N VAL B 197 35.08 51.11 34.90
CA VAL B 197 34.10 52.17 35.02
C VAL B 197 33.17 51.92 36.20
N CYS B 198 33.05 50.67 36.62
CA CYS B 198 32.19 50.36 37.75
C CYS B 198 32.87 50.88 39.01
N GLN B 199 34.20 50.86 39.02
CA GLN B 199 34.97 51.32 40.17
C GLN B 199 34.49 52.66 40.71
N LEU B 200 34.13 53.59 39.83
CA LEU B 200 33.68 54.91 40.25
C LEU B 200 32.57 54.84 41.29
N PHE B 201 32.07 53.64 41.53
CA PHE B 201 31.00 53.42 42.51
C PHE B 201 31.44 52.11 43.16
N ASP B 202 30.76 51.71 44.23
CA ASP B 202 31.12 50.47 44.94
C ASP B 202 32.52 49.93 44.59
N LYS B 203 33.53 50.46 45.27
CA LYS B 203 34.92 50.07 45.06
C LYS B 203 35.11 48.60 44.74
N ASN B 204 34.25 47.74 45.28
CA ASN B 204 34.35 46.30 45.04
C ASN B 204 34.16 46.02 43.56
N ILE B 205 33.28 45.07 43.26
CA ILE B 205 33.01 44.74 41.88
C ILE B 205 34.31 44.34 41.17
N THR B 206 34.67 43.08 41.31
CA THR B 206 35.87 42.55 40.69
C THR B 206 35.69 42.49 39.17
N ARG B 207 34.56 41.96 38.71
CA ARG B 207 34.31 41.84 37.28
C ARG B 207 32.83 42.00 36.93
N VAL B 208 32.53 42.18 35.64
CA VAL B 208 31.17 42.35 35.15
C VAL B 208 30.89 41.37 34.02
N PHE B 209 29.90 40.51 34.20
CA PHE B 209 29.55 39.51 33.19
C PHE B 209 28.53 40.05 32.19
N THR B 210 28.35 39.33 31.07
CA THR B 210 27.39 39.74 30.03
C THR B 210 26.33 38.68 29.84
N ASN B 211 25.06 39.02 30.04
CA ASN B 211 24.01 38.03 29.88
C ASN B 211 23.27 38.19 28.58
N LEU B 212 23.11 37.08 27.87
CA LEU B 212 22.41 37.07 26.59
C LEU B 212 21.18 36.20 26.58
N GLY B 213 20.03 36.81 26.40
CA GLY B 213 18.82 36.01 26.32
C GLY B 213 18.35 36.10 24.89
N TRP B 214 18.35 34.99 24.16
CA TRP B 214 17.92 35.03 22.77
C TRP B 214 16.52 34.48 22.55
N GLU B 215 15.90 34.89 21.44
CA GLU B 215 14.56 34.42 21.09
C GLU B 215 14.63 33.85 19.68
N GLN B 216 14.41 32.55 19.53
CA GLN B 216 14.48 31.89 18.21
C GLN B 216 13.16 31.69 17.49
N GLU B 217 13.02 32.32 16.31
CA GLU B 217 11.81 32.20 15.49
C GLU B 217 12.11 31.31 14.29
N TYR B 218 11.09 30.66 13.73
CA TYR B 218 11.29 29.76 12.58
C TYR B 218 9.96 29.34 11.99
N PHE B 219 10.03 28.65 10.86
CA PHE B 219 8.83 28.14 10.20
C PHE B 219 9.05 26.66 10.05
N LEU B 220 7.99 25.90 9.77
CA LEU B 220 8.05 24.45 9.56
C LEU B 220 7.26 24.11 8.30
N VAL B 221 7.67 23.10 7.56
CA VAL B 221 6.93 22.69 6.36
C VAL B 221 6.99 21.20 6.30
N ASP B 222 5.89 20.55 6.01
CA ASP B 222 5.97 19.10 5.94
C ASP B 222 7.03 18.80 4.93
N THR B 223 7.98 17.95 5.29
CA THR B 223 9.07 17.62 4.39
C THR B 223 8.58 17.41 2.97
N SER B 224 7.64 16.50 2.77
CA SER B 224 7.12 16.25 1.43
C SER B 224 6.89 17.56 0.71
N LEU B 225 6.00 18.40 1.21
CA LEU B 225 5.76 19.66 0.55
C LEU B 225 7.06 20.38 0.26
N TYR B 226 7.92 20.44 1.26
CA TYR B 226 9.20 21.11 1.13
C TYR B 226 10.01 20.63 -0.05
N ASN B 227 10.23 19.32 -0.16
CA ASN B 227 11.00 18.77 -1.27
C ASN B 227 10.31 19.13 -2.58
N ALA B 228 8.99 19.07 -2.60
CA ALA B 228 8.27 19.39 -3.80
C ALA B 228 8.48 20.84 -4.21
N ARG B 229 9.31 21.56 -3.48
CA ARG B 229 9.55 22.96 -3.78
C ARG B 229 11.07 23.18 -3.84
N PRO B 230 11.69 22.94 -4.98
CA PRO B 230 13.14 23.10 -5.11
C PRO B 230 13.73 24.41 -4.61
N ASP B 231 13.06 25.53 -4.84
CA ASP B 231 13.59 26.80 -4.39
C ASP B 231 13.65 26.85 -2.87
N LEU B 232 12.76 26.12 -2.20
CA LEU B 232 12.75 26.10 -0.74
C LEU B 232 13.95 25.29 -0.27
N ARG B 233 14.22 24.18 -0.93
CA ARG B 233 15.38 23.37 -0.60
C ARG B 233 16.37 24.21 -1.37
N LEU B 234 17.67 24.09 -1.15
CA LEU B 234 18.65 24.91 -1.91
C LEU B 234 18.72 26.40 -1.56
N THR B 235 17.59 27.06 -1.37
CA THR B 235 17.62 28.48 -1.04
C THR B 235 17.07 28.78 0.34
N GLY B 236 16.28 27.88 0.88
CA GLY B 236 15.76 28.13 2.21
C GLY B 236 14.58 29.07 2.21
N ARG B 237 14.31 29.71 1.06
CA ARG B 237 13.19 30.65 0.94
C ARG B 237 12.55 30.47 -0.41
N THR B 238 11.23 30.60 -0.47
CA THR B 238 10.54 30.48 -1.75
C THR B 238 11.05 31.57 -2.68
N LEU B 239 11.41 31.21 -3.91
CA LEU B 239 11.89 32.20 -4.87
C LEU B 239 10.75 32.68 -5.76
N MET B 240 9.55 32.21 -5.49
CA MET B 240 8.40 32.60 -6.29
C MET B 240 7.14 32.16 -5.56
N GLY B 241 5.98 32.55 -6.06
CA GLY B 241 4.75 32.15 -5.41
C GLY B 241 3.79 33.28 -5.07
N HIS B 242 2.55 33.10 -5.53
CA HIS B 242 1.46 34.05 -5.32
C HIS B 242 0.91 33.88 -3.91
N SER B 243 0.80 34.98 -3.18
CA SER B 243 0.31 34.96 -1.82
C SER B 243 -1.23 34.95 -1.77
N ILE B 258 -2.16 24.97 17.85
CA ILE B 258 -0.91 24.36 17.38
C ILE B 258 -1.15 22.92 17.02
N PRO B 259 -1.18 22.60 15.72
CA PRO B 259 -1.41 21.23 15.24
C PRO B 259 -0.65 20.16 16.01
N PRO B 260 -1.30 19.02 16.29
CA PRO B 260 -0.65 17.94 17.01
C PRO B 260 0.74 17.64 16.43
N ARG B 261 0.81 17.29 15.16
CA ARG B 261 2.07 17.02 14.49
C ARG B 261 3.17 17.86 15.11
N VAL B 262 2.95 19.16 15.08
CA VAL B 262 3.90 20.13 15.60
C VAL B 262 4.11 20.00 17.10
N THR B 263 3.04 20.14 17.88
CA THR B 263 3.18 20.03 19.32
C THR B 263 4.19 18.94 19.63
N ALA B 264 3.94 17.73 19.15
CA ALA B 264 4.85 16.59 19.35
C ALA B 264 6.28 16.96 19.00
N PHE B 265 6.47 17.66 17.89
CA PHE B 265 7.81 18.07 17.50
C PHE B 265 8.43 18.78 18.69
N MET B 266 7.73 19.81 19.17
CA MET B 266 8.19 20.60 20.31
C MET B 266 8.36 19.70 21.53
N LYS B 267 7.32 18.89 21.80
CA LYS B 267 7.35 17.97 22.93
C LYS B 267 8.76 17.40 23.03
N GLU B 268 9.27 16.88 21.93
CA GLU B 268 10.60 16.31 21.94
C GLU B 268 11.64 17.38 22.07
N LEU B 269 11.76 18.23 21.05
CA LEU B 269 12.75 19.31 21.05
C LEU B 269 13.13 19.83 22.44
N GLU B 270 12.10 20.19 23.21
CA GLU B 270 12.30 20.73 24.54
C GLU B 270 13.03 19.71 25.37
N ILE B 271 12.46 18.53 25.54
CA ILE B 271 13.11 17.50 26.34
C ILE B 271 14.57 17.41 25.97
N GLU B 272 14.81 17.12 24.70
CA GLU B 272 16.16 16.98 24.25
C GLU B 272 17.01 18.19 24.57
N CYS B 273 16.41 19.37 24.57
CA CYS B 273 17.15 20.59 24.89
C CYS B 273 17.55 20.56 26.33
N HIS B 274 16.57 20.32 27.20
CA HIS B 274 16.85 20.25 28.61
C HIS B 274 18.00 19.31 28.86
N LYS B 275 17.84 18.06 28.49
CA LYS B 275 18.91 17.09 28.68
C LYS B 275 20.24 17.74 28.28
N LEU B 276 20.24 18.52 27.20
CA LEU B 276 21.48 19.16 26.74
C LEU B 276 21.91 20.40 27.51
N GLY B 277 21.26 20.69 28.63
CA GLY B 277 21.65 21.87 29.37
C GLY B 277 20.97 23.16 28.96
N ILE B 278 20.61 23.29 27.70
CA ILE B 278 19.93 24.50 27.22
C ILE B 278 18.63 24.61 28.02
N PRO B 279 18.40 25.72 28.72
CA PRO B 279 17.19 25.90 29.53
C PRO B 279 15.98 26.52 28.82
N VAL B 280 15.40 25.80 27.88
CA VAL B 280 14.25 26.33 27.16
C VAL B 280 13.14 26.66 28.13
N LYS B 281 12.69 27.92 28.10
CA LYS B 281 11.63 28.38 29.01
C LYS B 281 10.24 28.46 28.36
N THR B 282 10.11 29.18 27.25
CA THR B 282 8.81 29.32 26.60
C THR B 282 8.84 28.87 25.16
N ARG B 283 7.64 28.66 24.61
CA ARG B 283 7.48 28.22 23.23
C ARG B 283 6.06 28.52 22.84
N HIS B 284 5.89 29.25 21.75
CA HIS B 284 4.55 29.61 21.26
C HIS B 284 4.62 29.85 19.76
N ASN B 285 3.47 29.95 19.10
CA ASN B 285 3.50 30.19 17.67
C ASN B 285 3.38 31.66 17.32
N GLU B 286 4.08 32.05 16.26
CA GLU B 286 4.13 33.43 15.81
C GLU B 286 2.91 33.95 15.07
N VAL B 287 3.06 35.16 14.57
CA VAL B 287 2.00 35.86 13.86
C VAL B 287 1.63 35.15 12.59
N ALA B 288 2.64 34.74 11.84
CA ALA B 288 2.42 34.06 10.56
C ALA B 288 2.00 32.62 10.70
N PRO B 289 1.57 32.01 9.60
CA PRO B 289 1.15 30.60 9.62
C PRO B 289 2.41 29.76 9.70
N ASN B 290 2.35 28.64 10.41
CA ASN B 290 3.51 27.78 10.54
C ASN B 290 4.76 28.46 11.05
N GLN B 291 4.62 29.57 11.76
CA GLN B 291 5.79 30.22 12.33
C GLN B 291 5.70 30.00 13.84
N PHE B 292 6.83 29.89 14.51
CA PHE B 292 6.83 29.65 15.96
C PHE B 292 8.10 30.20 16.58
N GLU B 293 8.09 30.41 17.90
CA GLU B 293 9.28 30.90 18.62
C GLU B 293 9.62 29.90 19.72
N LEU B 294 10.64 30.23 20.51
CA LEU B 294 11.06 29.39 21.65
C LEU B 294 12.28 30.08 22.23
N ALA B 295 12.23 30.42 23.51
CA ALA B 295 13.35 31.09 24.13
C ALA B 295 13.67 30.47 25.48
N PRO B 296 14.93 30.54 25.89
CA PRO B 296 15.40 30.00 27.17
C PRO B 296 15.56 31.14 28.16
N ILE B 297 16.17 30.83 29.29
CA ILE B 297 16.44 31.85 30.30
C ILE B 297 17.83 32.37 29.94
N PHE B 298 18.07 33.67 30.06
CA PHE B 298 19.38 34.22 29.69
C PHE B 298 20.54 33.43 30.27
N GLU B 299 21.73 33.60 29.69
CA GLU B 299 22.92 32.90 30.15
C GLU B 299 24.15 33.67 29.73
N ASN B 300 25.22 33.61 30.53
CA ASN B 300 26.43 34.36 30.18
C ASN B 300 26.68 34.24 28.68
N CYS B 301 26.49 35.36 27.99
CA CYS B 301 26.63 35.46 26.54
C CYS B 301 27.27 34.31 25.79
N ASN B 302 28.54 34.05 26.05
CA ASN B 302 29.21 32.97 25.34
C ASN B 302 28.41 31.67 25.37
N LEU B 303 28.05 31.22 26.56
CA LEU B 303 27.27 30.00 26.70
C LEU B 303 25.98 30.17 25.97
N ALA B 304 25.27 31.23 26.29
CA ALA B 304 24.01 31.50 25.64
C ALA B 304 24.20 31.15 24.17
N ASN B 305 25.06 31.91 23.50
CA ASN B 305 25.31 31.68 22.08
C ASN B 305 25.52 30.20 21.80
N ASP B 306 26.61 29.62 22.29
CA ASP B 306 26.87 28.20 22.07
C ASP B 306 25.56 27.46 22.13
N HIS B 307 24.84 27.60 23.23
CA HIS B 307 23.56 26.95 23.38
C HIS B 307 22.68 27.17 22.17
N ASN B 308 22.32 28.41 21.88
CA ASN B 308 21.48 28.68 20.72
C ASN B 308 22.00 27.92 19.50
N GLN B 309 23.28 28.09 19.19
CA GLN B 309 23.89 27.41 18.06
C GLN B 309 23.49 25.96 18.06
N LEU B 310 23.70 25.29 19.18
CA LEU B 310 23.35 23.88 19.32
C LEU B 310 21.86 23.65 19.11
N VAL B 311 21.03 24.51 19.68
CA VAL B 311 19.59 24.35 19.52
C VAL B 311 19.22 24.27 18.07
N MET B 312 19.77 25.13 17.24
CA MET B 312 19.45 25.08 15.82
C MET B 312 19.75 23.67 15.33
N ASP B 313 20.91 23.12 15.69
CA ASP B 313 21.27 21.77 15.27
C ASP B 313 20.16 20.81 15.70
N LEU B 314 19.92 20.75 17.00
CA LEU B 314 18.86 19.89 17.52
C LEU B 314 17.60 20.00 16.69
N MET B 315 17.08 21.21 16.57
CA MET B 315 15.87 21.45 15.82
C MET B 315 15.88 20.75 14.47
N LYS B 316 16.93 20.98 13.69
CA LYS B 316 17.00 20.35 12.39
C LYS B 316 16.97 18.84 12.50
N ARG B 317 17.82 18.24 13.31
CA ARG B 317 17.80 16.80 13.36
C ARG B 317 16.42 16.32 13.77
N ILE B 318 15.90 16.86 14.86
CA ILE B 318 14.58 16.45 15.34
C ILE B 318 13.45 16.67 14.39
N ALA B 319 13.42 17.83 13.76
CA ALA B 319 12.36 18.15 12.80
C ALA B 319 12.24 17.04 11.76
N ARG B 320 13.36 16.73 11.11
CA ARG B 320 13.43 15.69 10.08
C ARG B 320 12.72 14.45 10.62
N LYS B 321 13.12 14.03 11.81
CA LYS B 321 12.53 12.87 12.46
C LYS B 321 11.02 12.99 12.52
N HIS B 322 10.51 14.21 12.62
CA HIS B 322 9.09 14.44 12.68
C HIS B 322 8.51 14.79 11.34
N HIS B 323 9.20 14.36 10.29
CA HIS B 323 8.73 14.59 8.95
C HIS B 323 8.39 16.06 8.71
N PHE B 324 9.24 16.95 9.18
CA PHE B 324 9.09 18.40 9.01
C PHE B 324 10.41 18.93 8.53
N ALA B 325 10.42 20.18 8.09
CA ALA B 325 11.65 20.83 7.65
C ALA B 325 11.60 22.16 8.35
N VAL B 326 12.60 22.46 9.18
CA VAL B 326 12.61 23.71 9.90
C VAL B 326 13.23 24.77 9.02
N LEU B 327 12.51 25.85 8.77
CA LEU B 327 13.01 26.91 7.91
C LEU B 327 13.55 28.07 8.74
N PHE B 328 14.87 28.22 8.73
CA PHE B 328 15.52 29.28 9.49
C PHE B 328 15.82 30.56 8.73
N HIS B 329 15.48 30.61 7.45
CA HIS B 329 15.72 31.81 6.65
C HIS B 329 14.88 32.91 7.26
N GLU B 330 15.32 34.15 7.16
CA GLU B 330 14.57 35.25 7.75
C GLU B 330 13.29 35.60 7.01
N LYS B 331 13.17 35.18 5.76
CA LYS B 331 11.96 35.47 5.00
C LYS B 331 11.58 34.30 4.10
N PRO B 332 11.19 33.18 4.69
CA PRO B 332 10.81 32.00 3.90
C PRO B 332 9.79 32.36 2.84
N TYR B 333 8.60 32.76 3.29
CA TYR B 333 7.54 33.11 2.35
C TYR B 333 7.42 34.60 2.25
N ASN B 334 7.25 35.06 1.02
CA ASN B 334 7.12 36.48 0.78
C ASN B 334 5.74 36.92 1.23
N GLY B 335 5.60 38.18 1.61
CA GLY B 335 4.29 38.64 2.01
C GLY B 335 3.76 38.15 3.35
N VAL B 336 4.63 37.73 4.25
CA VAL B 336 4.16 37.26 5.55
C VAL B 336 5.28 37.40 6.58
N ASN B 337 4.93 37.84 7.78
CA ASN B 337 5.91 38.05 8.84
C ASN B 337 7.21 37.30 8.62
N GLY B 338 8.33 38.00 8.75
CA GLY B 338 9.61 37.34 8.58
C GLY B 338 9.97 36.70 9.91
N SER B 339 11.10 35.99 9.99
CA SER B 339 11.52 35.35 11.23
C SER B 339 12.73 36.09 11.74
N GLY B 340 12.75 36.41 13.03
CA GLY B 340 13.89 37.13 13.58
C GLY B 340 14.41 36.51 14.87
N LYS B 341 15.62 36.90 15.25
CA LYS B 341 16.24 36.39 16.48
C LYS B 341 16.63 37.58 17.34
N HIS B 342 15.82 37.87 18.34
CA HIS B 342 16.10 38.98 19.21
C HIS B 342 17.24 38.64 20.12
N ASN B 343 17.90 39.66 20.64
CA ASN B 343 18.99 39.47 21.57
C ASN B 343 18.81 40.41 22.74
N ASN B 344 18.32 39.88 23.84
CA ASN B 344 18.13 40.68 25.04
C ASN B 344 19.47 40.70 25.75
N TRP B 345 20.05 41.88 25.79
CA TRP B 345 21.37 42.12 26.36
C TRP B 345 21.30 42.81 27.71
N SER B 346 22.19 42.42 28.61
CA SER B 346 22.25 43.01 29.95
C SER B 346 23.63 42.76 30.55
N LEU B 347 23.98 43.48 31.61
CA LEU B 347 25.29 43.32 32.23
C LEU B 347 25.27 43.14 33.73
N CYS B 348 25.26 41.89 34.19
CA CYS B 348 25.24 41.57 35.61
C CYS B 348 26.66 41.70 36.15
N THR B 349 26.86 42.46 37.23
CA THR B 349 28.18 42.63 37.82
C THR B 349 28.40 41.51 38.83
N ASP B 350 29.66 41.10 39.01
CA ASP B 350 29.98 40.00 39.91
C ASP B 350 29.44 40.11 41.31
N THR B 351 29.15 41.33 41.77
CA THR B 351 28.62 41.50 43.12
C THR B 351 27.11 41.50 43.07
N GLY B 352 26.57 41.26 41.87
CA GLY B 352 25.13 41.30 41.68
C GLY B 352 24.92 42.60 40.95
N ILE B 353 23.68 43.03 40.76
CA ILE B 353 23.38 44.29 40.06
C ILE B 353 23.17 44.15 38.55
N ASN B 354 21.91 44.32 38.13
CA ASN B 354 21.57 44.22 36.73
C ASN B 354 22.38 45.21 35.95
N LEU B 355 22.72 46.33 36.59
CA LEU B 355 23.52 47.38 35.95
C LEU B 355 22.77 48.04 34.82
N PHE B 356 21.54 47.60 34.58
CA PHE B 356 20.69 48.11 33.53
C PHE B 356 19.31 48.14 34.15
N ALA B 357 19.26 47.95 35.46
CA ALA B 357 17.98 47.94 36.16
C ALA B 357 17.78 49.20 36.99
N PRO B 358 16.79 50.01 36.63
CA PRO B 358 16.52 51.24 37.37
C PRO B 358 15.95 50.90 38.76
N GLY B 359 14.63 50.75 38.84
CA GLY B 359 13.98 50.40 40.10
C GLY B 359 13.93 51.45 41.21
N LYS B 360 12.75 52.03 41.42
CA LYS B 360 12.55 53.04 42.46
C LYS B 360 13.54 54.20 42.35
N ASN B 361 13.02 55.42 42.26
CA ASN B 361 13.83 56.63 42.17
C ASN B 361 15.09 56.43 41.34
N PRO B 362 14.94 56.23 40.01
CA PRO B 362 16.06 56.02 39.09
C PRO B 362 17.05 57.19 39.05
N LYS B 363 16.59 58.38 39.41
CA LYS B 363 17.45 59.55 39.44
C LYS B 363 18.56 59.34 40.47
N GLY B 364 18.26 58.52 41.48
CA GLY B 364 19.23 58.25 42.52
C GLY B 364 20.28 57.21 42.16
N ASN B 365 19.85 56.16 41.46
CA ASN B 365 20.76 55.09 41.03
C ASN B 365 21.75 55.61 40.00
N MET B 366 22.71 56.41 40.44
CA MET B 366 23.72 57.03 39.58
C MET B 366 24.47 56.02 38.72
N LEU B 367 24.77 54.85 39.28
CA LEU B 367 25.48 53.79 38.53
C LEU B 367 24.75 53.49 37.23
N PHE B 368 23.50 53.06 37.38
CA PHE B 368 22.62 52.77 36.26
C PHE B 368 22.69 53.91 35.26
N LEU B 369 22.30 55.11 35.71
CA LEU B 369 22.33 56.29 34.86
C LEU B 369 23.61 56.25 34.04
N THR B 370 24.74 56.13 34.72
CA THR B 370 26.04 56.10 34.06
C THR B 370 26.10 55.13 32.88
N PHE B 371 25.60 53.91 33.09
CA PHE B 371 25.61 52.90 32.05
C PHE B 371 24.58 53.17 30.99
N LEU B 372 23.33 53.43 31.39
CA LEU B 372 22.29 53.68 30.42
C LEU B 372 22.76 54.70 29.40
N VAL B 373 23.03 55.92 29.87
CA VAL B 373 23.49 56.98 29.01
C VAL B 373 24.61 56.45 28.12
N ASN B 374 25.47 55.62 28.70
CA ASN B 374 26.58 55.06 27.95
C ASN B 374 26.08 54.25 26.76
N VAL B 375 25.24 53.24 27.03
CA VAL B 375 24.70 52.43 25.95
C VAL B 375 24.29 53.42 24.87
N LEU B 376 23.43 54.37 25.24
CA LEU B 376 22.93 55.38 24.32
C LEU B 376 24.01 55.89 23.37
N MET B 377 25.12 56.33 23.94
CA MET B 377 26.24 56.81 23.14
C MET B 377 26.75 55.75 22.16
N MET B 378 26.92 54.53 22.67
CA MET B 378 27.43 53.42 21.86
C MET B 378 26.54 53.14 20.66
N VAL B 379 25.26 52.90 20.93
CA VAL B 379 24.33 52.63 19.84
C VAL B 379 24.41 53.77 18.84
N HIS B 380 24.46 55.00 19.37
CA HIS B 380 24.55 56.19 18.54
C HIS B 380 25.87 56.28 17.79
N LYS B 381 26.96 56.31 18.54
CA LYS B 381 28.31 56.42 17.99
C LYS B 381 28.72 55.26 17.09
N ASN B 382 27.99 54.14 17.14
CA ASN B 382 28.34 52.99 16.31
C ASN B 382 27.24 52.46 15.40
N GLN B 383 26.35 53.32 14.95
CA GLN B 383 25.25 52.89 14.08
C GLN B 383 25.68 51.87 13.06
N ASP B 384 26.34 52.34 12.00
CA ASP B 384 26.81 51.47 10.94
C ASP B 384 27.39 50.14 11.40
N LEU B 385 28.26 50.17 12.42
CA LEU B 385 28.86 48.94 12.90
C LEU B 385 27.83 47.89 13.26
N LEU B 386 26.81 48.28 14.02
CA LEU B 386 25.78 47.32 14.39
C LEU B 386 25.06 46.89 13.12
N ARG B 387 24.37 47.82 12.48
CA ARG B 387 23.65 47.49 11.26
C ARG B 387 24.42 46.55 10.36
N ALA B 388 25.73 46.51 10.51
CA ALA B 388 26.54 45.62 9.68
C ALA B 388 26.61 44.24 10.29
N SER B 389 26.66 44.17 11.62
CA SER B 389 26.76 42.89 12.27
C SER B 389 25.51 42.06 12.13
N ILE B 390 24.47 42.61 11.54
CA ILE B 390 23.26 41.81 11.37
C ILE B 390 22.77 41.74 9.95
N MET B 391 23.49 42.42 9.04
CA MET B 391 23.10 42.44 7.64
C MET B 391 23.48 41.12 6.97
N SER B 392 22.62 40.64 6.06
CA SER B 392 22.83 39.37 5.34
C SER B 392 21.82 39.22 4.23
N ALA B 393 22.26 38.64 3.12
CA ALA B 393 21.38 38.43 1.98
C ALA B 393 19.98 38.00 2.41
N GLY B 394 19.90 37.20 3.47
CA GLY B 394 18.60 36.76 3.92
C GLY B 394 17.85 37.84 4.67
N ASN B 395 18.52 38.41 5.67
CA ASN B 395 17.91 39.42 6.49
C ASN B 395 17.49 40.64 5.69
N SER B 396 18.20 40.88 4.60
CA SER B 396 17.87 42.02 3.77
C SER B 396 16.39 41.91 3.46
N HIS B 397 15.95 40.70 3.12
CA HIS B 397 14.54 40.47 2.81
C HIS B 397 13.63 40.68 4.00
N ARG B 398 14.18 40.80 5.20
CA ARG B 398 13.35 40.96 6.38
C ARG B 398 13.22 42.33 7.01
N LEU B 399 14.32 42.82 7.57
CA LEU B 399 14.28 44.11 8.24
C LEU B 399 13.60 45.21 7.42
N GLY B 400 12.92 46.10 8.15
CA GLY B 400 12.19 47.19 7.53
C GLY B 400 10.95 46.60 6.89
N ALA B 401 10.00 46.17 7.73
CA ALA B 401 8.76 45.56 7.25
C ALA B 401 7.84 45.07 8.36
N ASN B 402 7.12 43.99 8.09
CA ASN B 402 6.20 43.40 9.05
C ASN B 402 6.86 43.10 10.39
N GLU B 403 6.84 44.10 11.28
CA GLU B 403 7.41 44.00 12.63
C GLU B 403 8.93 43.84 12.69
N ALA B 404 9.60 44.16 11.59
CA ALA B 404 11.06 44.06 11.51
C ALA B 404 11.68 45.45 11.39
N PRO B 405 12.53 45.82 12.36
CA PRO B 405 13.20 47.13 12.39
C PRO B 405 13.95 47.50 11.10
N PRO B 406 13.69 48.68 10.56
CA PRO B 406 14.35 49.13 9.33
C PRO B 406 15.83 49.37 9.63
N ALA B 407 16.66 49.40 8.60
CA ALA B 407 18.09 49.61 8.82
C ALA B 407 18.37 51.04 9.30
N ILE B 408 17.86 51.38 10.48
CA ILE B 408 18.05 52.72 11.05
C ILE B 408 18.12 52.58 12.55
N LEU B 409 19.31 52.35 13.09
CA LEU B 409 19.38 52.19 14.55
C LEU B 409 18.85 53.41 15.30
N SER B 410 18.13 53.15 16.38
CA SER B 410 17.54 54.22 17.20
C SER B 410 16.88 53.63 18.45
N ILE B 411 17.51 53.83 19.60
CA ILE B 411 17.02 53.32 20.87
C ILE B 411 15.63 53.78 21.28
N PHE B 412 15.03 53.05 22.20
CA PHE B 412 13.70 53.36 22.71
C PHE B 412 13.77 53.29 24.25
N LEU B 413 13.58 54.43 24.91
CA LEU B 413 13.65 54.45 26.37
C LEU B 413 12.27 54.48 27.00
N GLY B 414 11.28 55.00 26.27
CA GLY B 414 9.93 55.06 26.78
C GLY B 414 9.65 56.08 27.87
N SER B 415 8.83 57.08 27.53
CA SER B 415 8.42 58.14 28.43
C SER B 415 9.13 58.15 29.79
N GLN B 416 8.60 57.37 30.73
CA GLN B 416 9.17 57.27 32.08
C GLN B 416 10.66 57.59 32.09
N LEU B 417 11.49 56.58 31.84
CA LEU B 417 12.92 56.75 31.82
C LEU B 417 13.35 57.86 30.87
N SER B 418 12.55 58.09 29.83
CA SER B 418 12.87 59.12 28.85
C SER B 418 12.95 60.52 29.45
N ALA B 419 11.80 61.08 29.82
CA ALA B 419 11.77 62.40 30.41
C ALA B 419 12.81 62.47 31.52
N THR B 420 12.94 61.39 32.26
CA THR B 420 13.91 61.31 33.35
C THR B 420 15.32 61.62 32.88
N LEU B 421 15.61 61.35 31.62
CA LEU B 421 16.94 61.63 31.09
C LEU B 421 17.02 63.10 30.71
N ASP B 422 15.87 63.72 30.50
CA ASP B 422 15.83 65.13 30.15
C ASP B 422 16.07 65.97 31.40
N GLU B 423 15.80 65.38 32.55
CA GLU B 423 15.99 66.05 33.83
C GLU B 423 17.45 66.44 34.04
N ILE B 424 18.23 66.41 32.96
CA ILE B 424 19.64 66.75 33.02
C ILE B 424 20.11 67.41 31.71
N ARG B 458 6.34 49.67 26.84
CA ARG B 458 7.30 48.98 25.98
C ARG B 458 6.74 48.73 24.58
N ASN B 459 7.35 49.32 23.55
CA ASN B 459 6.88 49.16 22.17
C ASN B 459 7.95 48.66 21.19
N ARG B 460 7.58 47.67 20.38
CA ARG B 460 8.48 47.08 19.39
C ARG B 460 8.79 48.09 18.29
N THR B 461 8.72 47.64 17.05
CA THR B 461 8.98 48.49 15.89
C THR B 461 10.15 49.46 16.08
N SER B 462 11.33 48.92 16.42
CA SER B 462 12.55 49.70 16.62
C SER B 462 13.73 48.78 16.93
N PRO B 463 14.92 49.10 16.41
CA PRO B 463 16.16 48.34 16.59
C PRO B 463 16.49 47.97 18.04
N PHE B 464 16.83 48.97 18.83
CA PHE B 464 17.19 48.78 20.23
C PHE B 464 15.99 49.16 21.04
N ALA B 465 15.90 48.70 22.29
CA ALA B 465 14.77 49.03 23.12
C ALA B 465 14.93 48.63 24.56
N PHE B 466 14.98 49.62 25.46
CA PHE B 466 15.10 49.32 26.88
C PHE B 466 13.78 48.71 27.29
N THR B 467 13.76 47.39 27.46
CA THR B 467 12.54 46.70 27.83
C THR B 467 12.39 46.43 29.32
N GLY B 468 13.19 47.08 30.15
CA GLY B 468 13.10 46.88 31.58
C GLY B 468 14.22 46.00 32.09
N ASN B 469 15.10 46.59 32.88
CA ASN B 469 16.24 45.86 33.42
C ASN B 469 16.85 45.00 32.32
N ARG B 470 17.15 45.62 31.16
CA ARG B 470 17.76 44.98 29.96
C ARG B 470 17.37 45.64 28.63
N PHE B 471 18.23 45.50 27.62
CA PHE B 471 17.99 46.06 26.28
C PHE B 471 17.71 44.93 25.30
N GLU B 472 16.80 45.13 24.37
CA GLU B 472 16.51 44.09 23.38
C GLU B 472 16.94 44.55 21.99
N PHE B 473 17.79 43.76 21.33
CA PHE B 473 18.29 44.11 19.99
C PHE B 473 17.60 43.30 18.91
N ARG B 474 16.50 43.82 18.41
CA ARG B 474 15.68 43.16 17.40
C ARG B 474 16.22 43.02 15.97
N ALA B 475 17.14 43.89 15.58
CA ALA B 475 17.69 43.86 14.21
C ALA B 475 18.17 42.51 13.69
N ALA B 476 18.75 41.72 14.58
CA ALA B 476 19.29 40.41 14.24
C ALA B 476 18.41 39.52 13.37
N GLY B 477 19.03 38.79 12.45
CA GLY B 477 18.27 37.88 11.62
C GLY B 477 17.99 36.61 12.39
N SER B 478 17.11 35.75 11.89
CA SER B 478 16.80 34.51 12.61
C SER B 478 17.76 33.38 12.31
N SER B 479 18.59 33.55 11.29
CA SER B 479 19.54 32.51 10.93
C SER B 479 20.94 32.85 11.39
N ALA B 480 21.18 34.13 11.62
CA ALA B 480 22.50 34.60 12.03
C ALA B 480 22.98 33.97 13.30
N ASN B 481 24.29 33.96 13.48
CA ASN B 481 24.89 33.43 14.69
C ASN B 481 24.98 34.63 15.63
N CYS B 482 24.25 34.56 16.74
CA CYS B 482 24.26 35.66 17.67
C CYS B 482 25.60 36.34 17.75
N ALA B 483 26.63 35.56 18.08
CA ALA B 483 28.00 36.08 18.20
C ALA B 483 28.24 37.40 17.45
N ALA B 484 28.05 37.38 16.13
CA ALA B 484 28.23 38.56 15.29
C ALA B 484 27.65 39.79 15.95
N ALA B 485 26.34 39.79 16.15
CA ALA B 485 25.66 40.91 16.78
C ALA B 485 26.30 41.22 18.13
N MET B 486 26.60 40.19 18.92
CA MET B 486 27.21 40.42 20.22
C MET B 486 28.61 40.98 20.08
N ILE B 487 29.45 40.29 19.32
CA ILE B 487 30.81 40.76 19.13
C ILE B 487 30.79 42.27 18.92
N ALA B 488 29.93 42.72 18.02
CA ALA B 488 29.83 44.15 17.78
C ALA B 488 29.36 44.82 19.07
N ILE B 489 28.05 44.87 19.26
CA ILE B 489 27.47 45.47 20.46
C ILE B 489 28.41 45.47 21.67
N ASN B 490 28.96 44.31 22.03
CA ASN B 490 29.83 44.28 23.20
C ASN B 490 31.10 45.11 23.05
N ALA B 491 31.95 44.78 22.07
CA ALA B 491 33.19 45.57 21.88
C ALA B 491 32.84 47.06 21.77
N ALA B 492 31.87 47.36 20.92
CA ALA B 492 31.42 48.73 20.71
C ALA B 492 31.18 49.37 22.06
N MET B 493 30.52 48.64 22.95
CA MET B 493 30.23 49.16 24.28
C MET B 493 31.51 49.30 25.06
N ALA B 494 32.34 48.27 25.00
CA ALA B 494 33.62 48.26 25.70
C ALA B 494 34.35 49.58 25.43
N ASN B 495 34.48 49.91 24.15
CA ASN B 495 35.12 51.15 23.74
C ASN B 495 34.41 52.31 24.43
N GLN B 496 33.19 52.59 23.98
CA GLN B 496 32.37 53.65 24.55
C GLN B 496 32.53 53.79 26.07
N LEU B 497 32.84 52.69 26.76
CA LEU B 497 33.04 52.76 28.20
C LEU B 497 34.43 53.31 28.47
N ASN B 498 35.45 52.54 28.09
CA ASN B 498 36.83 52.94 28.27
C ASN B 498 37.01 54.39 27.88
N GLU B 499 36.11 54.88 27.03
CA GLU B 499 36.15 56.25 26.58
C GLU B 499 35.58 57.14 27.67
N PHE B 500 34.35 56.83 28.09
CA PHE B 500 33.69 57.59 29.14
C PHE B 500 34.62 57.72 30.34
N LYS B 501 35.41 56.69 30.60
CA LYS B 501 36.32 56.67 31.73
C LYS B 501 37.43 57.71 31.57
N ALA B 502 38.28 57.54 30.56
CA ALA B 502 39.35 58.50 30.31
C ALA B 502 38.79 59.91 30.45
N SER B 503 37.72 60.17 29.71
CA SER B 503 37.05 61.46 29.74
C SER B 503 36.75 61.92 31.16
N VAL B 504 35.98 61.13 31.91
CA VAL B 504 35.62 61.48 33.29
C VAL B 504 36.82 61.39 34.22
N ASP B 505 37.98 61.80 33.71
CA ASP B 505 39.22 61.80 34.50
C ASP B 505 39.91 63.15 34.32
N LYS B 506 39.36 64.17 34.97
CA LYS B 506 39.92 65.51 34.91
C LYS B 506 40.03 66.06 36.34
N ASP B 515 34.83 62.20 41.47
CA ASP B 515 33.77 61.79 42.40
C ASP B 515 32.49 62.61 42.17
N GLU B 516 32.61 63.66 41.36
CA GLU B 516 31.48 64.53 41.06
C GLU B 516 31.60 64.90 39.59
N ALA B 517 32.68 64.41 38.99
CA ALA B 517 32.95 64.66 37.60
C ALA B 517 31.91 63.93 36.77
N ILE B 518 31.68 62.67 37.11
CA ILE B 518 30.71 61.84 36.42
C ILE B 518 29.57 62.70 35.88
N PHE B 519 28.80 63.29 36.79
CA PHE B 519 27.67 64.14 36.41
C PHE B 519 28.03 65.04 35.24
N ARG B 520 29.28 65.51 35.20
CA ARG B 520 29.73 66.37 34.12
C ARG B 520 29.66 65.60 32.82
N ILE B 521 30.42 64.52 32.72
CA ILE B 521 30.44 63.71 31.51
C ILE B 521 29.07 63.11 31.20
N LEU B 522 28.43 62.53 32.21
CA LEU B 522 27.11 61.93 32.06
C LEU B 522 26.17 62.88 31.33
N LYS B 523 26.03 64.09 31.85
CA LYS B 523 25.17 65.08 31.21
C LYS B 523 25.73 65.41 29.84
N GLU B 524 27.06 65.48 29.76
CA GLU B 524 27.73 65.79 28.51
C GLU B 524 27.32 64.79 27.44
N ASN B 525 27.15 63.54 27.84
CA ASN B 525 26.76 62.48 26.91
C ASN B 525 25.31 62.44 26.54
N ILE B 526 24.44 62.62 27.52
CA ILE B 526 23.01 62.61 27.25
C ILE B 526 22.74 63.58 26.12
N ILE B 527 23.20 64.81 26.28
CA ILE B 527 23.00 65.85 25.28
C ILE B 527 23.59 65.37 23.98
N ALA B 528 24.71 64.65 24.08
CA ALA B 528 25.41 64.13 22.92
C ALA B 528 24.61 63.07 22.16
N SER B 529 23.97 62.15 22.88
CA SER B 529 23.17 61.09 22.26
C SER B 529 21.95 61.70 21.56
N GLU B 530 21.00 62.17 22.37
CA GLU B 530 19.79 62.79 21.83
C GLU B 530 19.40 62.21 20.48
N LEU B 531 20.00 62.75 19.41
CA LEU B 531 19.73 62.29 18.05
C LEU B 531 19.23 60.84 17.96
N ILE B 532 20.00 59.93 18.54
CA ILE B 532 19.71 58.49 18.52
C ILE B 532 18.39 58.02 19.12
N ARG B 533 17.90 58.69 20.15
CA ARG B 533 16.67 58.30 20.79
C ARG B 533 15.43 58.62 19.97
N PHE B 534 14.53 57.64 19.86
CA PHE B 534 13.27 57.80 19.13
C PHE B 534 12.19 57.12 19.97
N GLU B 535 10.93 57.21 19.55
CA GLU B 535 9.86 56.59 20.33
C GLU B 535 8.64 56.11 19.54
N GLY B 536 8.55 56.44 18.24
CA GLY B 536 7.37 56.05 17.48
C GLY B 536 7.48 55.20 16.22
N ASP B 537 6.33 54.94 15.60
CA ASP B 537 6.21 54.13 14.38
C ASP B 537 7.49 54.14 13.56
N GLY B 538 8.43 53.27 13.91
CA GLY B 538 9.71 53.19 13.22
C GLY B 538 9.63 52.94 11.72
N TYR B 539 8.49 52.48 11.23
CA TYR B 539 8.33 52.22 9.80
C TYR B 539 7.76 53.45 9.14
N SER B 540 6.98 54.22 9.90
CA SER B 540 6.35 55.43 9.39
C SER B 540 7.27 56.22 8.48
N GLU B 541 6.73 56.71 7.36
CA GLU B 541 7.52 57.49 6.43
C GLU B 541 7.99 58.71 7.20
N GLU B 542 7.33 58.96 8.33
CA GLU B 542 7.65 60.07 9.21
C GLU B 542 9.13 59.96 9.60
N TRP B 543 9.44 58.86 10.28
CA TRP B 543 10.79 58.58 10.77
C TRP B 543 11.77 58.38 9.63
N LYS B 544 11.29 57.92 8.48
CA LYS B 544 12.14 57.69 7.32
C LYS B 544 13.04 58.89 7.10
N GLN B 545 12.44 60.09 7.13
CA GLN B 545 13.17 61.32 6.94
C GLN B 545 13.54 61.95 8.29
N GLU B 546 12.59 61.93 9.22
CA GLU B 546 12.77 62.49 10.56
C GLU B 546 14.10 62.12 11.21
N ALA B 547 14.66 60.99 10.77
CA ALA B 547 15.94 60.50 11.29
C ALA B 547 17.04 60.88 10.33
N ALA B 548 16.80 60.65 9.05
CA ALA B 548 17.77 60.99 8.01
C ALA B 548 18.22 62.41 8.27
N ARG B 549 17.31 63.19 8.81
CA ARG B 549 17.55 64.59 9.14
C ARG B 549 18.58 64.68 10.26
N ARG B 550 18.41 63.86 11.28
CA ARG B 550 19.31 63.85 12.42
C ARG B 550 20.68 63.33 12.04
N GLY B 551 20.80 62.83 10.82
CA GLY B 551 22.07 62.29 10.38
C GLY B 551 22.17 60.80 10.62
N LEU B 552 21.09 60.20 11.14
CA LEU B 552 21.07 58.77 11.39
C LEU B 552 21.09 58.08 10.04
N THR B 553 22.10 57.24 9.83
CA THR B 553 22.24 56.54 8.56
C THR B 553 21.18 55.49 8.35
N ASN B 554 20.91 55.21 7.09
CA ASN B 554 19.93 54.22 6.70
C ASN B 554 20.51 53.53 5.48
N ILE B 555 20.85 52.25 5.62
CA ILE B 555 21.42 51.49 4.51
C ILE B 555 20.73 50.16 4.29
N CYS B 556 20.08 50.02 3.13
CA CYS B 556 19.36 48.80 2.79
C CYS B 556 20.24 47.78 2.09
N HIS B 557 21.04 48.26 1.14
CA HIS B 557 21.93 47.40 0.37
C HIS B 557 22.97 46.67 1.20
N VAL B 558 22.91 45.34 1.16
CA VAL B 558 23.84 44.55 1.94
C VAL B 558 25.27 44.94 1.67
N PRO B 559 25.74 44.77 0.43
CA PRO B 559 27.12 45.14 0.16
C PRO B 559 27.51 46.42 0.89
N GLU B 560 26.96 47.54 0.48
CA GLU B 560 27.26 48.82 1.13
C GLU B 560 27.30 48.61 2.65
N ALA B 561 26.12 48.45 3.23
CA ALA B 561 25.98 48.25 4.67
C ALA B 561 27.12 47.45 5.26
N LEU B 562 27.53 46.40 4.55
CA LEU B 562 28.60 45.55 5.04
C LEU B 562 29.93 46.28 5.06
N MET B 563 30.25 46.92 3.94
CA MET B 563 31.49 47.66 3.76
C MET B 563 31.95 48.37 5.02
N HIS B 564 31.01 48.98 5.72
CA HIS B 564 31.36 49.70 6.94
C HIS B 564 32.14 48.92 7.99
N TYR B 565 32.43 47.66 7.75
CA TYR B 565 33.21 46.95 8.73
C TYR B 565 34.59 47.63 8.75
N MET B 566 35.15 47.89 7.57
CA MET B 566 36.47 48.53 7.41
C MET B 566 36.40 50.04 7.65
N ASP B 567 35.19 50.59 7.71
CA ASP B 567 35.02 52.02 7.96
C ASP B 567 35.81 52.36 9.22
N ASN B 568 36.62 53.41 9.15
CA ASN B 568 37.49 53.84 10.25
C ASN B 568 36.91 53.74 11.66
N GLN B 569 35.73 54.30 11.87
CA GLN B 569 35.10 54.25 13.19
C GLN B 569 35.07 52.80 13.71
N SER B 570 34.46 51.92 12.93
CA SER B 570 34.36 50.51 13.29
C SER B 570 35.73 49.97 13.68
N ARG B 571 36.71 50.18 12.80
CA ARG B 571 38.07 49.72 13.02
C ARG B 571 38.55 50.17 14.40
N ALA B 572 38.18 51.40 14.73
CA ALA B 572 38.54 51.99 16.01
C ALA B 572 38.06 51.08 17.12
N VAL B 573 36.88 50.48 16.93
CA VAL B 573 36.32 49.60 17.94
C VAL B 573 36.90 48.21 17.78
N LEU B 574 36.76 47.66 16.58
CA LEU B 574 37.25 46.33 16.32
C LEU B 574 38.75 46.17 16.54
N ILE B 575 39.55 46.87 15.75
CA ILE B 575 40.99 46.76 15.89
C ILE B 575 41.40 47.45 17.17
N GLY B 576 40.71 48.53 17.48
CA GLY B 576 41.03 49.26 18.69
C GLY B 576 41.12 48.33 19.87
N GLU B 577 39.98 47.79 20.28
CA GLU B 577 39.90 46.89 21.43
C GLU B 577 40.69 45.60 21.26
N ARG B 578 41.59 45.55 20.29
CA ARG B 578 42.39 44.35 20.07
C ARG B 578 41.50 43.12 19.86
N ILE B 579 40.40 43.31 19.13
CA ILE B 579 39.46 42.23 18.81
C ILE B 579 39.87 41.55 17.51
N PHE B 580 40.31 42.36 16.55
CA PHE B 580 40.76 41.85 15.26
C PHE B 580 41.98 42.66 14.87
N ASN B 581 42.85 42.07 14.04
CA ASN B 581 44.01 42.80 13.58
C ASN B 581 43.77 42.99 12.09
N GLU B 582 44.13 44.16 11.57
CA GLU B 582 43.95 44.48 10.16
C GLU B 582 43.68 43.27 9.26
N THR B 583 44.66 42.38 9.17
CA THR B 583 44.55 41.18 8.34
C THR B 583 43.25 40.43 8.57
N GLU B 584 42.90 40.20 9.84
CA GLU B 584 41.66 39.51 10.18
C GLU B 584 40.45 40.28 9.67
N LEU B 585 40.19 41.42 10.30
CA LEU B 585 39.06 42.25 9.93
C LEU B 585 38.93 42.24 8.41
N ALA B 586 40.08 42.24 7.73
CA ALA B 586 40.09 42.20 6.27
C ALA B 586 39.26 41.01 5.84
N CYS B 587 39.69 39.80 6.23
CA CYS B 587 38.98 38.57 5.91
C CYS B 587 37.51 38.71 6.25
N ARG B 588 37.22 38.82 7.54
CA ARG B 588 35.86 38.96 8.01
C ARG B 588 35.05 39.65 6.91
N LEU B 589 35.39 40.90 6.61
CA LEU B 589 34.64 41.64 5.61
C LEU B 589 34.53 40.93 4.28
N GLU B 590 35.60 40.26 3.87
CA GLU B 590 35.56 39.57 2.61
C GLU B 590 34.66 38.34 2.69
N VAL B 591 35.04 37.38 3.53
CA VAL B 591 34.24 36.18 3.68
C VAL B 591 32.78 36.56 3.83
N GLU B 592 32.52 37.69 4.47
CA GLU B 592 31.14 38.13 4.65
C GLU B 592 30.53 38.49 3.29
N LEU B 593 31.28 39.26 2.51
CA LEU B 593 30.84 39.67 1.18
C LEU B 593 30.75 38.41 0.34
N GLU B 594 31.75 37.54 0.53
CA GLU B 594 31.81 36.29 -0.20
C GLU B 594 30.45 35.60 -0.12
N LYS B 595 30.00 35.36 1.12
CA LYS B 595 28.71 34.70 1.37
C LYS B 595 27.61 35.35 0.55
N TYR B 596 27.26 36.57 0.92
CA TYR B 596 26.23 37.31 0.21
C TYR B 596 26.28 36.94 -1.25
N THR B 597 27.40 37.22 -1.88
CA THR B 597 27.58 36.95 -3.30
C THR B 597 27.10 35.56 -3.74
N MET B 598 27.52 34.51 -3.03
CA MET B 598 27.10 33.16 -3.40
C MET B 598 25.61 33.01 -3.18
N LYS B 599 25.15 33.33 -1.98
CA LYS B 599 23.72 33.23 -1.70
C LYS B 599 22.92 33.83 -2.85
N VAL B 600 23.17 35.10 -3.15
CA VAL B 600 22.43 35.77 -4.21
C VAL B 600 22.55 35.01 -5.50
N GLN B 601 23.71 34.41 -5.71
CA GLN B 601 23.93 33.66 -6.92
C GLN B 601 22.99 32.46 -7.01
N ILE B 602 23.10 31.53 -6.08
CA ILE B 602 22.24 30.35 -6.07
C ILE B 602 20.78 30.71 -6.28
N GLU B 603 20.31 31.71 -5.54
CA GLU B 603 18.92 32.14 -5.67
C GLU B 603 18.65 32.36 -7.15
N SER B 604 19.52 33.13 -7.78
CA SER B 604 19.40 33.42 -9.21
C SER B 604 19.47 32.14 -10.01
N ARG B 605 20.57 31.39 -9.85
CA ARG B 605 20.73 30.13 -10.59
C ARG B 605 19.41 29.38 -10.55
N VAL B 606 19.01 28.99 -9.34
CA VAL B 606 17.76 28.24 -9.16
C VAL B 606 16.60 28.86 -9.90
N LEU B 607 16.13 30.00 -9.42
CA LEU B 607 15.01 30.67 -10.05
C LEU B 607 15.07 30.64 -11.57
N GLY B 608 16.28 30.65 -12.13
CA GLY B 608 16.43 30.61 -13.57
C GLY B 608 16.02 29.27 -14.11
N ASP B 609 16.67 28.23 -13.57
CA ASP B 609 16.37 26.86 -13.99
C ASP B 609 14.93 26.52 -13.73
N LEU B 610 14.44 26.81 -12.53
CA LEU B 610 13.07 26.49 -12.21
C LEU B 610 12.13 27.12 -13.21
N ALA B 611 12.45 28.34 -13.64
CA ALA B 611 11.56 29.02 -14.56
C ALA B 611 11.53 28.30 -15.89
N ILE B 612 12.67 28.19 -16.51
CA ILE B 612 12.75 27.55 -17.80
C ILE B 612 12.32 26.09 -17.83
N ASN B 613 12.81 25.29 -16.87
CA ASN B 613 12.50 23.87 -16.76
C ASN B 613 11.14 23.53 -16.22
N HIS B 614 10.75 24.13 -15.10
CA HIS B 614 9.48 23.80 -14.46
C HIS B 614 8.26 24.61 -14.83
N ILE B 615 8.33 25.93 -14.60
CA ILE B 615 7.19 26.81 -14.88
C ILE B 615 6.76 26.93 -16.34
N VAL B 616 7.66 27.42 -17.19
CA VAL B 616 7.32 27.61 -18.58
C VAL B 616 6.63 26.40 -19.20
N PRO B 617 7.35 25.28 -19.30
CA PRO B 617 6.82 24.06 -19.89
C PRO B 617 5.38 23.81 -19.56
N ILE B 618 4.95 24.26 -18.38
CA ILE B 618 3.56 24.05 -18.00
C ILE B 618 2.72 25.07 -18.70
N ALA B 619 3.11 26.34 -18.53
CA ALA B 619 2.40 27.43 -19.15
C ALA B 619 2.03 27.02 -20.56
N VAL B 620 2.99 26.48 -21.29
CA VAL B 620 2.77 26.04 -22.65
C VAL B 620 1.65 25.01 -22.66
N SER B 621 1.88 23.91 -21.96
CA SER B 621 0.91 22.86 -21.89
C SER B 621 -0.46 23.46 -21.74
N TYR B 622 -0.62 24.33 -20.75
CA TYR B 622 -1.94 24.93 -20.57
C TYR B 622 -2.35 25.79 -21.74
N GLN B 623 -1.42 26.55 -22.28
CA GLN B 623 -1.78 27.39 -23.40
C GLN B 623 -2.39 26.54 -24.50
N ASN B 624 -1.83 25.35 -24.71
CA ASN B 624 -2.36 24.46 -25.74
C ASN B 624 -3.82 24.20 -25.45
N ARG B 625 -4.12 23.80 -24.22
CA ARG B 625 -5.50 23.52 -23.82
C ARG B 625 -6.36 24.61 -24.45
N LEU B 626 -6.00 25.85 -24.12
CA LEU B 626 -6.71 27.03 -24.59
C LEU B 626 -6.79 27.10 -26.10
N LEU B 627 -5.65 26.93 -26.75
CA LEU B 627 -5.62 26.99 -28.20
C LEU B 627 -6.49 25.90 -28.79
N GLU B 628 -6.26 24.65 -28.38
CA GLU B 628 -7.05 23.57 -28.93
C GLU B 628 -8.50 23.95 -28.85
N ASN B 629 -8.86 24.73 -27.83
CA ASN B 629 -10.24 25.15 -27.68
C ASN B 629 -10.65 25.97 -28.90
N LEU B 630 -10.09 27.16 -29.02
CA LEU B 630 -10.42 28.01 -30.15
C LEU B 630 -10.28 27.27 -31.46
N CYS B 631 -9.06 26.85 -31.73
CA CYS B 631 -8.78 26.14 -32.95
C CYS B 631 -9.97 25.35 -33.47
N ARG B 632 -10.68 24.64 -32.59
CA ARG B 632 -11.85 23.87 -33.00
C ARG B 632 -13.05 24.76 -33.08
N MET B 633 -13.32 25.46 -31.98
CA MET B 633 -14.43 26.39 -31.92
C MET B 633 -14.50 27.24 -33.17
N LYS B 634 -13.42 27.95 -33.43
CA LYS B 634 -13.32 28.83 -34.60
C LYS B 634 -13.94 28.17 -35.83
N GLU B 635 -13.65 26.89 -36.03
CA GLU B 635 -14.16 26.22 -37.19
C GLU B 635 -15.52 25.54 -37.01
N ILE B 636 -16.32 25.99 -36.06
CA ILE B 636 -17.63 25.38 -35.85
C ILE B 636 -18.68 26.44 -35.61
N PHE B 637 -18.27 27.70 -35.57
CA PHE B 637 -19.21 28.78 -35.34
C PHE B 637 -19.04 29.90 -36.35
N SER B 638 -20.16 30.54 -36.71
CA SER B 638 -20.13 31.62 -37.67
C SER B 638 -19.17 32.66 -37.13
N GLU B 639 -18.26 33.12 -37.98
CA GLU B 639 -17.27 34.13 -37.60
C GLU B 639 -17.88 35.03 -36.54
N GLU B 640 -19.12 35.47 -36.74
CA GLU B 640 -19.77 36.33 -35.77
C GLU B 640 -19.68 35.68 -34.38
N GLU B 641 -20.26 34.49 -34.25
CA GLU B 641 -20.27 33.76 -32.98
C GLU B 641 -18.85 33.63 -32.45
N TYR B 642 -17.98 33.06 -33.26
CA TYR B 642 -16.59 32.87 -32.85
C TYR B 642 -15.92 34.14 -32.34
N GLU B 643 -16.19 35.25 -33.02
CA GLU B 643 -15.61 36.52 -32.62
C GLU B 643 -15.95 36.84 -31.18
N VAL B 644 -17.20 36.63 -30.79
CA VAL B 644 -17.61 36.95 -29.44
C VAL B 644 -17.26 35.88 -28.40
N MET B 645 -17.32 34.62 -28.79
CA MET B 645 -16.99 33.55 -27.86
C MET B 645 -15.49 33.49 -27.57
N SER B 646 -14.66 33.43 -28.60
CA SER B 646 -13.21 33.37 -28.38
C SER B 646 -12.72 34.60 -27.60
N ALA B 647 -13.25 35.76 -27.95
CA ALA B 647 -12.90 37.01 -27.30
C ALA B 647 -11.85 36.90 -26.21
N ASP B 648 -12.30 36.83 -24.96
CA ASP B 648 -11.42 36.73 -23.79
C ASP B 648 -10.34 35.65 -23.93
N ARG B 649 -10.79 34.41 -24.08
CA ARG B 649 -9.87 33.30 -24.22
C ARG B 649 -8.67 33.71 -25.07
N LYS B 650 -8.95 34.05 -26.31
CA LYS B 650 -7.95 34.47 -27.27
C LYS B 650 -6.98 35.43 -26.59
N GLU B 651 -7.53 36.35 -25.81
CA GLU B 651 -6.71 37.34 -25.13
C GLU B 651 -5.74 36.71 -24.17
N LEU B 652 -6.26 35.88 -23.28
CA LEU B 652 -5.46 35.20 -22.26
C LEU B 652 -4.30 34.48 -22.89
N ILE B 653 -4.55 33.84 -24.02
CA ILE B 653 -3.51 33.15 -24.72
C ILE B 653 -2.41 34.17 -24.97
N LYS B 654 -2.80 35.33 -25.48
CA LYS B 654 -1.83 36.40 -25.72
C LYS B 654 -1.12 36.60 -24.39
N GLU B 655 -1.90 36.91 -23.38
CA GLU B 655 -1.41 37.12 -22.02
C GLU B 655 -0.33 36.12 -21.67
N ILE B 656 -0.65 34.84 -21.74
CA ILE B 656 0.33 33.82 -21.41
C ILE B 656 1.58 33.97 -22.29
N SER B 657 1.39 33.84 -23.59
CA SER B 657 2.52 33.93 -24.53
C SER B 657 3.39 35.12 -24.12
N HIS B 658 2.74 36.21 -23.70
CA HIS B 658 3.49 37.38 -23.28
C HIS B 658 4.42 36.93 -22.16
N ARG B 659 3.82 36.67 -20.99
CA ARG B 659 4.59 36.23 -19.82
C ARG B 659 5.74 35.29 -20.17
N VAL B 660 5.39 34.12 -20.70
CA VAL B 660 6.39 33.14 -21.09
C VAL B 660 7.59 33.83 -21.70
N SER B 661 7.38 34.46 -22.84
CA SER B 661 8.45 35.16 -23.52
C SER B 661 9.22 36.06 -22.57
N ALA B 662 8.48 36.93 -21.89
CA ALA B 662 9.08 37.84 -20.94
C ALA B 662 10.07 37.09 -20.09
N ILE B 663 9.60 36.05 -19.42
CA ILE B 663 10.46 35.27 -18.55
C ILE B 663 11.66 34.77 -19.34
N LYS B 664 11.38 34.11 -20.47
CA LYS B 664 12.44 33.58 -21.30
C LYS B 664 13.54 34.61 -21.39
N VAL B 665 13.18 35.87 -21.61
CA VAL B 665 14.18 36.92 -21.72
C VAL B 665 14.84 37.19 -20.39
N LEU B 666 14.10 37.79 -19.48
CA LEU B 666 14.63 38.11 -18.16
C LEU B 666 15.68 37.11 -17.70
N VAL B 667 15.33 35.83 -17.74
CA VAL B 667 16.27 34.79 -17.34
C VAL B 667 17.59 34.93 -18.09
N ARG B 668 17.50 34.93 -19.42
CA ARG B 668 18.68 35.08 -20.26
C ARG B 668 19.48 36.26 -19.74
N ASP B 669 18.91 37.45 -19.87
CA ASP B 669 19.58 38.66 -19.43
C ASP B 669 20.18 38.51 -18.04
N MET B 670 19.43 37.87 -17.16
CA MET B 670 19.91 37.67 -15.79
C MET B 670 21.12 36.77 -15.83
N THR B 671 21.02 35.69 -16.57
CA THR B 671 22.11 34.75 -16.67
C THR B 671 23.33 35.53 -17.05
N GLU B 672 23.17 36.42 -18.02
CA GLU B 672 24.28 37.26 -18.49
C GLU B 672 24.80 38.09 -17.34
N ALA B 673 23.93 38.90 -16.75
CA ALA B 673 24.31 39.73 -15.63
C ALA B 673 25.24 38.93 -14.74
N ARG B 674 24.72 37.86 -14.17
CA ARG B 674 25.51 37.01 -13.30
C ARG B 674 26.87 36.78 -13.96
N LYS B 675 26.85 36.38 -15.23
CA LYS B 675 28.10 36.11 -15.95
C LYS B 675 29.10 37.24 -15.70
N VAL B 676 28.87 38.39 -16.33
CA VAL B 676 29.76 39.51 -16.14
C VAL B 676 30.06 39.63 -14.66
N ALA B 677 29.06 39.94 -13.86
CA ALA B 677 29.23 40.09 -12.42
C ALA B 677 30.31 39.16 -11.91
N ASN B 678 30.15 37.88 -12.19
CA ASN B 678 31.10 36.87 -11.76
C ASN B 678 32.53 37.13 -12.18
N HIS B 679 32.72 38.00 -13.17
CA HIS B 679 34.05 38.30 -13.67
C HIS B 679 34.74 39.51 -13.08
N LYS B 680 34.00 40.39 -12.40
CA LYS B 680 34.61 41.57 -11.79
C LYS B 680 35.86 41.10 -11.05
N GLU B 681 37.02 41.58 -11.47
CA GLU B 681 38.28 41.15 -10.85
C GLU B 681 38.45 41.71 -9.44
N ASN B 682 37.56 41.31 -8.52
CA ASN B 682 37.60 41.79 -7.14
C ASN B 682 36.35 41.42 -6.36
N PHE B 683 36.48 40.49 -5.43
CA PHE B 683 35.35 40.04 -4.61
C PHE B 683 34.46 41.20 -4.15
N LYS B 684 35.09 42.29 -3.76
CA LYS B 684 34.38 43.46 -3.26
C LYS B 684 33.45 43.99 -4.33
N GLU B 685 33.90 44.01 -5.58
CA GLU B 685 33.08 44.52 -6.66
C GLU B 685 32.04 43.50 -7.04
N LYS B 686 32.48 42.26 -7.12
CA LYS B 686 31.59 41.18 -7.48
C LYS B 686 30.29 41.34 -6.68
N ALA B 687 30.44 41.56 -5.38
CA ALA B 687 29.28 41.72 -4.52
C ALA B 687 28.35 42.77 -5.09
N PHE B 688 28.83 44.01 -5.15
CA PHE B 688 28.02 45.09 -5.68
C PHE B 688 27.37 44.65 -6.98
N ALA B 689 28.18 44.15 -7.90
CA ALA B 689 27.69 43.67 -9.18
C ALA B 689 26.36 42.97 -8.98
N TYR B 690 26.32 42.01 -8.07
CA TYR B 690 25.07 41.30 -7.83
C TYR B 690 24.00 42.23 -7.26
N GLU B 691 24.18 42.70 -6.02
CA GLU B 691 23.20 43.59 -5.40
C GLU B 691 22.75 44.63 -6.42
N GLU B 692 23.65 44.98 -7.35
CA GLU B 692 23.36 46.00 -8.34
C GLU B 692 22.57 45.57 -9.57
N THR B 693 23.10 44.62 -10.32
CA THR B 693 22.46 44.18 -11.55
C THR B 693 21.79 42.82 -11.55
N VAL B 694 22.23 41.89 -10.70
CA VAL B 694 21.63 40.56 -10.67
C VAL B 694 20.40 40.50 -9.75
N ARG B 695 20.59 40.87 -8.49
CA ARG B 695 19.50 40.85 -7.52
C ARG B 695 18.18 41.30 -8.12
N PRO B 696 18.18 42.43 -8.84
CA PRO B 696 16.96 42.96 -9.44
C PRO B 696 16.05 41.97 -10.15
N TYR B 697 16.62 41.08 -10.95
CA TYR B 697 15.82 40.13 -11.71
C TYR B 697 14.96 39.22 -10.86
N LEU B 698 15.49 38.81 -9.72
CA LEU B 698 14.75 37.92 -8.85
C LEU B 698 13.28 38.32 -8.78
N GLU B 699 13.03 39.60 -8.49
CA GLU B 699 11.65 40.06 -8.39
C GLU B 699 11.00 40.14 -9.76
N SER B 700 11.73 40.65 -10.75
CA SER B 700 11.20 40.78 -12.11
C SER B 700 10.58 39.48 -12.58
N ILE B 701 11.44 38.48 -12.76
CA ILE B 701 11.03 37.16 -13.23
C ILE B 701 9.83 36.66 -12.47
N ARG B 702 9.91 36.77 -11.16
CA ARG B 702 8.84 36.31 -10.32
C ARG B 702 7.51 36.88 -10.71
N ASP B 703 7.37 38.19 -10.56
CA ASP B 703 6.10 38.83 -10.86
C ASP B 703 5.34 38.12 -11.96
N HIS B 704 6.05 37.69 -13.01
CA HIS B 704 5.39 37.00 -14.11
C HIS B 704 4.89 35.64 -13.66
N ILE B 705 5.82 34.79 -13.24
CA ILE B 705 5.45 33.46 -12.81
C ILE B 705 4.22 33.56 -11.93
N ASP B 706 4.29 34.38 -10.88
CA ASP B 706 3.15 34.53 -9.99
C ASP B 706 1.86 34.77 -10.76
N HIS B 707 1.90 35.66 -11.76
CA HIS B 707 0.69 35.91 -12.51
C HIS B 707 0.27 34.63 -13.19
N LEU B 708 1.22 33.97 -13.84
CA LEU B 708 0.88 32.73 -14.51
C LEU B 708 0.18 31.78 -13.57
N GLU B 709 0.72 31.64 -12.36
CA GLU B 709 0.12 30.75 -11.38
C GLU B 709 -1.38 31.02 -11.32
N MET B 710 -1.77 32.28 -11.24
CA MET B 710 -3.19 32.63 -11.15
C MET B 710 -3.98 32.23 -12.36
N GLU B 711 -3.33 32.16 -13.52
CA GLU B 711 -4.07 31.84 -14.74
C GLU B 711 -4.24 30.36 -15.05
N ILE B 712 -3.14 29.62 -15.02
CA ILE B 712 -3.11 28.20 -15.31
C ILE B 712 -3.99 27.34 -14.40
N ASP B 713 -4.40 26.17 -14.90
CA ASP B 713 -5.24 25.21 -14.18
C ASP B 713 -4.60 24.64 -12.92
N ASP B 714 -5.22 24.81 -11.77
CA ASP B 714 -4.66 24.31 -10.51
C ASP B 714 -4.38 22.83 -10.54
N GLU B 715 -5.05 22.13 -11.45
CA GLU B 715 -4.92 20.70 -11.64
C GLU B 715 -3.46 20.45 -11.90
N ILE B 716 -2.87 21.33 -12.68
CA ILE B 716 -1.45 21.25 -12.99
C ILE B 716 -0.72 22.23 -12.07
N TRP B 717 0.37 22.80 -12.57
CA TRP B 717 1.16 23.73 -11.79
C TRP B 717 2.06 22.96 -10.86
N PRO B 718 3.29 22.72 -11.29
CA PRO B 718 4.33 21.98 -10.58
C PRO B 718 4.55 22.21 -9.10
N LEU B 719 4.54 23.44 -8.63
CA LEU B 719 4.86 23.67 -7.24
C LEU B 719 3.74 23.71 -6.24
N PRO B 720 4.04 23.41 -4.97
CA PRO B 720 3.00 23.48 -3.96
C PRO B 720 2.68 24.97 -3.85
N LYS B 721 1.42 25.33 -3.73
CA LYS B 721 1.03 26.73 -3.66
C LYS B 721 1.09 27.28 -2.22
N TYR B 722 1.44 28.56 -2.06
CA TYR B 722 1.52 29.15 -0.73
C TYR B 722 0.38 28.72 0.14
N ARG B 723 -0.83 28.80 -0.39
CA ARG B 723 -2.02 28.41 0.36
C ARG B 723 -1.80 27.07 1.05
N GLU B 724 -0.98 26.23 0.44
CA GLU B 724 -0.72 24.91 0.97
C GLU B 724 0.49 24.96 1.87
N LEU B 725 1.55 25.62 1.42
CA LEU B 725 2.75 25.71 2.23
C LEU B 725 2.42 26.32 3.58
N LEU B 726 1.33 27.06 3.67
CA LEU B 726 0.98 27.71 4.91
C LEU B 726 -0.16 27.13 5.73
N PHE B 727 -1.04 26.34 5.14
CA PHE B 727 -2.14 25.76 5.92
C PHE B 727 -2.31 24.29 5.51
N THR B 728 -2.62 24.06 4.24
CA THR B 728 -2.81 22.72 3.72
C THR B 728 -1.55 21.89 3.94
N LYS C 3 -9.01 15.19 -9.42
CA LYS C 3 -7.97 14.19 -9.27
C LYS C 3 -7.49 14.06 -7.81
N MET C 4 -7.94 14.96 -6.96
CA MET C 4 -7.58 14.98 -5.55
C MET C 4 -8.86 14.73 -4.80
N ARG C 5 -9.97 15.15 -5.40
CA ARG C 5 -11.28 14.95 -4.82
C ARG C 5 -11.47 13.47 -4.70
N PHE C 6 -11.09 12.74 -5.73
CA PHE C 6 -11.25 11.30 -5.70
C PHE C 6 -10.31 10.66 -4.71
N PHE C 7 -9.08 11.15 -4.66
CA PHE C 7 -8.13 10.62 -3.71
C PHE C 7 -8.77 10.72 -2.34
N ALA C 8 -9.79 11.56 -2.23
CA ALA C 8 -10.46 11.76 -0.99
C ALA C 8 -11.52 10.72 -0.83
N LEU C 9 -12.36 10.57 -1.84
CA LEU C 9 -13.42 9.59 -1.76
C LEU C 9 -12.80 8.23 -1.52
N GLN C 10 -11.77 7.91 -2.29
CA GLN C 10 -11.12 6.64 -2.13
C GLN C 10 -10.48 6.59 -0.78
N GLU C 11 -10.00 7.75 -0.34
CA GLU C 11 -9.37 7.84 0.97
C GLU C 11 -10.26 7.30 2.08
N LEU C 12 -11.50 7.81 2.16
CA LEU C 12 -12.40 7.36 3.22
C LEU C 12 -13.11 6.04 2.96
N SER C 13 -12.81 5.36 1.87
CA SER C 13 -13.49 4.09 1.62
C SER C 13 -13.29 3.21 2.84
N ASN C 14 -12.14 3.37 3.49
CA ASN C 14 -11.79 2.60 4.68
C ASN C 14 -11.40 3.54 5.80
N ARG C 15 -12.15 3.50 6.88
CA ARG C 15 -11.87 4.36 8.02
C ARG C 15 -12.32 3.74 9.34
N LYS C 16 -11.57 2.77 9.83
CA LYS C 16 -11.94 2.15 11.09
C LYS C 16 -12.09 3.25 12.15
N PRO C 17 -13.30 3.39 12.74
CA PRO C 17 -13.56 4.39 13.77
C PRO C 17 -12.72 4.07 14.99
N LEU C 18 -12.00 5.05 15.51
CA LEU C 18 -11.14 4.87 16.67
C LEU C 18 -11.83 4.16 17.85
N GLU C 19 -11.03 3.44 18.64
CA GLU C 19 -11.53 2.74 19.82
C GLU C 19 -11.38 3.72 20.98
N ILE C 20 -12.26 3.68 21.98
CA ILE C 20 -12.10 4.60 23.09
C ILE C 20 -11.78 3.92 24.43
N THR C 21 -12.72 3.89 25.38
CA THR C 21 -12.48 3.26 26.69
C THR C 21 -13.58 3.49 27.73
N THR C 22 -13.40 4.58 28.50
CA THR C 22 -14.28 5.04 29.59
C THR C 22 -13.60 4.72 30.92
N PRO C 23 -12.96 5.73 31.53
CA PRO C 23 -12.23 5.60 32.80
C PRO C 23 -12.80 4.50 33.70
N SER C 24 -13.78 4.87 34.51
CA SER C 24 -14.42 3.90 35.40
C SER C 24 -15.86 3.85 34.94
N ASN C 25 -16.66 3.00 35.58
CA ASN C 25 -18.05 2.90 35.21
C ASN C 25 -18.84 3.94 36.01
N LYS C 26 -18.18 4.52 37.01
CA LYS C 26 -18.77 5.53 37.89
C LYS C 26 -18.27 6.93 37.46
N LEU C 27 -19.18 7.75 36.95
CA LEU C 27 -18.82 9.08 36.51
C LEU C 27 -18.12 9.78 37.63
N SER C 28 -18.80 9.87 38.77
CA SER C 28 -18.24 10.53 39.94
C SER C 28 -16.74 10.27 40.11
N ASP C 29 -16.24 9.17 39.55
CA ASP C 29 -14.83 8.85 39.64
C ASP C 29 -13.86 9.75 38.88
N TYR C 30 -14.29 10.32 37.77
CA TYR C 30 -13.39 11.17 37.00
C TYR C 30 -13.96 12.50 36.57
N TYR C 31 -15.26 12.68 36.73
CA TYR C 31 -15.84 13.95 36.35
C TYR C 31 -15.07 15.00 37.11
N ALA C 32 -14.65 16.05 36.42
CA ALA C 32 -13.89 17.13 37.05
C ALA C 32 -12.48 16.69 37.41
N SER C 33 -12.10 15.49 37.00
CA SER C 33 -10.77 14.98 37.30
C SER C 33 -9.67 15.98 36.93
N HIS C 34 -9.81 16.64 35.79
CA HIS C 34 -8.78 17.55 35.38
C HIS C 34 -8.95 19.01 35.75
N VAL C 35 -9.73 19.29 36.78
CA VAL C 35 -9.89 20.69 37.15
C VAL C 35 -9.63 20.97 38.60
N PHE C 36 -8.79 21.97 38.83
CA PHE C 36 -8.45 22.36 40.18
C PHE C 36 -9.64 23.13 40.73
N ASP C 37 -10.64 22.39 41.18
CA ASP C 37 -11.86 22.95 41.75
C ASP C 37 -11.76 22.93 43.27
N ARG C 38 -12.78 23.44 43.96
CA ARG C 38 -12.75 23.44 45.42
C ARG C 38 -12.43 22.07 45.97
N LYS C 39 -13.26 21.10 45.59
CA LYS C 39 -13.09 19.73 46.04
C LYS C 39 -11.60 19.47 46.23
N LYS C 40 -10.75 20.05 45.38
CA LYS C 40 -9.31 19.84 45.45
C LYS C 40 -8.52 20.98 46.07
N MET C 41 -9.01 22.21 45.97
CA MET C 41 -8.28 23.31 46.57
C MET C 41 -8.24 23.04 48.06
N GLN C 42 -9.37 22.53 48.57
CA GLN C 42 -9.47 22.19 49.99
C GLN C 42 -8.40 21.17 50.34
N GLU C 43 -8.13 20.25 49.41
CA GLU C 43 -7.12 19.24 49.63
C GLU C 43 -5.71 19.83 49.53
N TYR C 44 -5.34 20.28 48.34
CA TYR C 44 -4.01 20.84 48.09
C TYR C 44 -3.63 22.16 48.76
N LEU C 45 -4.60 23.04 48.98
CA LEU C 45 -4.30 24.33 49.59
C LEU C 45 -4.28 24.33 51.11
N PRO C 46 -3.42 25.17 51.70
CA PRO C 46 -3.28 25.30 53.15
C PRO C 46 -4.61 25.72 53.79
N LYS C 47 -4.84 25.25 55.02
CA LYS C 47 -6.06 25.55 55.76
C LYS C 47 -6.58 26.97 55.53
N GLU C 48 -5.65 27.92 55.43
CA GLU C 48 -5.99 29.34 55.23
C GLU C 48 -6.16 29.67 53.76
N ALA C 49 -5.09 29.56 53.00
CA ALA C 49 -5.10 29.85 51.58
C ALA C 49 -6.42 29.49 50.92
N TYR C 50 -6.98 28.34 51.31
CA TYR C 50 -8.25 27.90 50.77
C TYR C 50 -9.38 28.80 51.22
N LYS C 51 -9.48 29.00 52.53
CA LYS C 51 -10.51 29.87 53.09
C LYS C 51 -10.47 31.20 52.35
N ALA C 52 -9.35 31.51 51.71
CA ALA C 52 -9.17 32.76 50.97
C ALA C 52 -9.68 32.70 49.56
N VAL C 53 -9.36 31.63 48.84
CA VAL C 53 -9.85 31.54 47.48
C VAL C 53 -11.34 31.74 47.57
N VAL C 54 -11.93 31.25 48.67
CA VAL C 54 -13.36 31.37 48.87
C VAL C 54 -13.77 32.79 49.17
N ASP C 55 -13.33 33.34 50.29
CA ASP C 55 -13.69 34.71 50.62
C ASP C 55 -13.58 35.61 49.40
N ALA C 56 -12.68 35.25 48.49
CA ALA C 56 -12.49 36.03 47.28
C ALA C 56 -13.61 35.73 46.30
N THR C 57 -13.79 34.44 46.02
CA THR C 57 -14.83 34.01 45.09
C THR C 57 -16.21 34.18 45.74
N GLU C 58 -16.22 34.47 47.04
CA GLU C 58 -17.48 34.67 47.76
C GLU C 58 -17.90 36.12 47.60
N LYS C 59 -17.93 36.57 46.33
CA LYS C 59 -18.33 37.93 45.96
C LYS C 59 -17.45 39.00 46.61
N GLY C 60 -16.55 38.60 47.48
CA GLY C 60 -15.70 39.55 48.17
C GLY C 60 -14.35 39.91 47.56
N THR C 61 -13.35 39.06 47.82
CA THR C 61 -11.96 39.24 47.37
C THR C 61 -11.36 40.28 48.30
N PRO C 62 -10.17 40.83 47.99
CA PRO C 62 -9.29 40.58 46.85
C PRO C 62 -8.32 39.46 47.19
N ILE C 63 -7.34 39.25 46.32
CA ILE C 63 -6.36 38.20 46.50
C ILE C 63 -4.99 38.79 46.81
N SER C 64 -4.51 38.54 48.01
CA SER C 64 -3.21 39.05 48.43
C SER C 64 -2.08 38.47 47.61
N ARG C 65 -1.05 39.26 47.35
CA ARG C 65 0.09 38.76 46.58
C ARG C 65 0.67 37.61 47.36
N GLU C 66 0.39 37.59 48.67
CA GLU C 66 0.86 36.53 49.55
C GLU C 66 -0.04 35.33 49.31
N MET C 67 -1.34 35.51 49.50
CA MET C 67 -2.31 34.44 49.29
C MET C 67 -2.17 33.83 47.89
N ALA C 68 -1.58 34.59 46.98
CA ALA C 68 -1.37 34.11 45.61
C ALA C 68 -0.37 32.97 45.66
N ASP C 69 0.89 33.30 45.90
CA ASP C 69 1.93 32.28 45.98
C ASP C 69 1.37 31.16 46.84
N LEU C 70 0.66 31.52 47.90
CA LEU C 70 0.07 30.52 48.79
C LEU C 70 -0.64 29.53 47.86
N ILE C 71 -1.52 30.06 47.02
CA ILE C 71 -2.29 29.25 46.09
C ILE C 71 -1.39 28.65 45.02
N ALA C 72 -0.92 29.51 44.12
CA ALA C 72 -0.06 29.09 43.03
C ALA C 72 0.79 27.88 43.38
N ASN C 73 1.47 27.91 44.52
CA ASN C 73 2.31 26.78 44.89
C ASN C 73 1.44 25.55 45.02
N GLY C 74 0.39 25.65 45.82
CA GLY C 74 -0.50 24.52 45.99
C GLY C 74 -1.02 24.08 44.63
N MET C 75 -1.47 25.04 43.85
CA MET C 75 -2.00 24.74 42.52
C MET C 75 -1.07 23.83 41.75
N LYS C 76 0.20 24.21 41.62
CA LYS C 76 1.19 23.41 40.89
C LYS C 76 1.25 21.99 41.40
N SER C 77 1.52 21.86 42.69
CA SER C 77 1.59 20.56 43.32
C SER C 77 0.52 19.64 42.77
N TRP C 78 -0.66 20.20 42.52
CA TRP C 78 -1.77 19.43 41.97
C TRP C 78 -1.49 19.02 40.54
N ALA C 79 -1.26 20.01 39.71
CA ALA C 79 -0.97 19.79 38.30
C ALA C 79 0.18 18.79 38.10
N LYS C 80 1.17 18.82 38.98
CA LYS C 80 2.28 17.89 38.84
C LYS C 80 1.75 16.48 38.93
N SER C 81 0.64 16.30 39.65
CA SER C 81 0.03 14.99 39.80
C SER C 81 -0.51 14.51 38.48
N LEU C 82 -0.54 15.42 37.50
CA LEU C 82 -1.05 15.11 36.18
C LEU C 82 0.08 15.24 35.19
N ASN C 83 1.28 15.41 35.72
CA ASN C 83 2.45 15.53 34.88
C ASN C 83 2.34 16.77 34.02
N VAL C 84 1.57 17.75 34.42
CA VAL C 84 1.53 18.95 33.60
C VAL C 84 2.93 19.49 33.72
N THR C 85 3.40 20.19 32.69
CA THR C 85 4.76 20.72 32.75
C THR C 85 4.83 22.15 32.24
N HIS C 86 3.67 22.72 31.96
CA HIS C 86 3.59 24.08 31.48
C HIS C 86 2.35 24.75 32.04
N TYR C 87 2.38 26.07 32.06
CA TYR C 87 1.26 26.84 32.53
C TYR C 87 1.01 27.90 31.49
N THR C 88 -0.23 28.37 31.43
CA THR C 88 -0.56 29.41 30.46
C THR C 88 -1.81 30.18 30.83
N HIS C 89 -1.84 31.45 30.46
CA HIS C 89 -2.99 32.26 30.76
C HIS C 89 -4.02 32.03 29.67
N TRP C 90 -5.06 31.29 29.99
CA TRP C 90 -6.11 30.99 29.03
C TRP C 90 -7.02 32.20 28.96
N PHE C 91 -7.31 32.68 27.76
CA PHE C 91 -8.22 33.81 27.64
C PHE C 91 -8.63 34.08 26.21
N GLN C 92 -9.93 34.30 26.00
CA GLN C 92 -10.44 34.60 24.68
C GLN C 92 -10.49 36.11 24.50
N PRO C 93 -9.65 36.66 23.64
CA PRO C 93 -9.59 38.10 23.38
C PRO C 93 -10.54 38.40 22.24
N LEU C 94 -10.69 39.68 21.89
CA LEU C 94 -11.57 40.06 20.78
C LEU C 94 -10.95 39.62 19.47
N THR C 95 -9.87 38.86 19.57
CA THR C 95 -9.14 38.36 18.41
C THR C 95 -9.05 39.45 17.34
N LYS C 101 0.97 30.98 24.47
CA LYS C 101 2.24 31.05 25.16
C LYS C 101 2.26 29.94 26.19
N HIS C 102 3.32 29.13 26.18
CA HIS C 102 3.50 28.03 27.12
C HIS C 102 4.80 28.22 27.89
N ASP C 103 4.73 28.11 29.22
CA ASP C 103 5.93 28.25 30.03
C ASP C 103 6.18 27.10 30.97
N GLY C 104 7.35 26.49 30.87
CA GLY C 104 7.67 25.40 31.77
C GLY C 104 7.80 26.08 33.11
N PHE C 105 7.82 25.31 34.18
CA PHE C 105 7.96 25.88 35.51
C PHE C 105 9.42 26.15 35.75
N ILE C 106 10.26 25.56 34.91
CA ILE C 106 11.70 25.69 35.00
C ILE C 106 12.19 27.01 35.57
N GLU C 107 13.17 26.94 36.48
CA GLU C 107 13.73 28.13 37.10
C GLU C 107 14.97 27.80 37.93
N PHE C 108 16.00 28.62 37.79
CA PHE C 108 17.23 28.41 38.51
C PHE C 108 17.15 28.83 39.95
N GLY C 109 17.43 27.90 40.86
CA GLY C 109 17.39 28.22 42.27
C GLY C 109 18.63 28.95 42.76
N GLU C 110 18.59 29.43 44.00
CA GLU C 110 19.73 30.15 44.57
C GLU C 110 20.99 29.30 44.39
N ASP C 111 20.93 28.08 44.92
CA ASP C 111 22.06 27.16 44.86
C ASP C 111 22.54 26.92 43.44
N GLY C 112 21.88 27.54 42.46
CA GLY C 112 22.28 27.35 41.07
C GLY C 112 21.61 26.17 40.40
N GLU C 113 21.19 25.19 41.21
CA GLU C 113 20.52 24.00 40.70
C GLU C 113 19.17 24.41 40.14
N VAL C 114 18.67 23.68 39.14
CA VAL C 114 17.38 23.99 38.53
C VAL C 114 16.22 23.43 39.34
N ILE C 115 15.11 24.17 39.37
CA ILE C 115 13.93 23.73 40.09
C ILE C 115 12.70 24.18 39.32
N GLU C 116 11.57 23.57 39.61
CA GLU C 116 10.34 23.97 38.95
C GLU C 116 9.61 24.78 40.00
N ARG C 117 9.02 25.89 39.60
CA ARG C 117 8.33 26.75 40.54
C ARG C 117 7.23 27.56 39.87
N PHE C 118 6.09 27.69 40.53
CA PHE C 118 4.99 28.50 39.96
C PHE C 118 4.71 29.57 41.00
N SER C 119 5.10 30.80 40.71
CA SER C 119 4.93 31.90 41.64
C SER C 119 3.54 32.47 41.59
N GLY C 120 2.96 32.73 42.75
CA GLY C 120 1.64 33.33 42.79
C GLY C 120 1.63 34.60 41.97
N LYS C 121 2.83 35.16 41.77
CA LYS C 121 3.01 36.39 41.00
C LYS C 121 2.46 36.20 39.61
N LEU C 122 1.90 35.02 39.34
CA LEU C 122 1.33 34.69 38.04
C LEU C 122 -0.17 34.50 38.08
N LEU C 123 -0.88 35.41 38.74
CA LEU C 123 -2.32 35.34 38.88
C LEU C 123 -2.83 36.73 39.25
N THR C 148 -2.46 37.81 32.51
CA THR C 148 -3.03 39.10 32.88
C THR C 148 -4.21 38.93 33.87
N ALA C 149 -3.91 38.62 35.12
CA ALA C 149 -4.96 38.47 36.13
C ALA C 149 -5.90 37.29 35.91
N TRP C 150 -5.82 36.33 36.83
CA TRP C 150 -6.62 35.12 36.80
C TRP C 150 -8.03 35.35 37.32
N ASP C 151 -9.01 34.84 36.61
CA ASP C 151 -10.38 34.99 37.04
C ASP C 151 -10.63 34.02 38.19
N GLY C 152 -10.38 34.48 39.42
CA GLY C 152 -10.59 33.64 40.60
C GLY C 152 -11.90 32.89 40.50
N SER C 153 -12.81 33.39 39.67
CA SER C 153 -14.11 32.79 39.49
C SER C 153 -14.14 31.48 38.74
N SER C 154 -13.34 31.36 37.67
CA SER C 154 -13.29 30.13 36.89
C SER C 154 -12.09 29.27 37.24
N PRO C 155 -12.33 28.03 37.69
CA PRO C 155 -11.25 27.12 38.06
C PRO C 155 -10.22 26.91 36.98
N ALA C 156 -8.99 26.60 37.40
CA ALA C 156 -7.91 26.34 36.46
C ALA C 156 -8.09 24.90 36.06
N PHE C 157 -7.75 24.58 34.82
CA PHE C 157 -7.91 23.23 34.36
C PHE C 157 -6.66 22.76 33.63
N VAL C 158 -6.54 21.45 33.47
CA VAL C 158 -5.39 20.89 32.80
C VAL C 158 -5.72 20.14 31.53
N VAL C 159 -4.97 20.46 30.48
CA VAL C 159 -5.14 19.84 29.17
C VAL C 159 -3.79 19.36 28.66
N ASP C 160 -3.70 18.08 28.34
CA ASP C 160 -2.46 17.50 27.84
C ASP C 160 -1.23 18.24 28.36
N THR C 161 -0.86 17.99 29.60
CA THR C 161 0.31 18.61 30.22
C THR C 161 0.44 20.13 30.13
N THR C 162 -0.63 20.86 30.43
CA THR C 162 -0.57 22.31 30.40
C THR C 162 -1.64 22.90 31.29
N LEU C 163 -1.21 23.49 32.40
CA LEU C 163 -2.13 24.11 33.33
C LEU C 163 -2.66 25.37 32.68
N CYS C 164 -3.97 25.48 32.59
CA CYS C 164 -4.58 26.66 31.98
C CYS C 164 -5.23 27.56 33.01
N ILE C 165 -4.80 28.81 33.09
CA ILE C 165 -5.37 29.73 34.05
C ILE C 165 -6.28 30.71 33.35
N PRO C 166 -7.59 30.59 33.55
CA PRO C 166 -8.51 31.52 32.87
C PRO C 166 -8.14 32.92 33.31
N THR C 167 -8.00 33.87 32.38
CA THR C 167 -7.64 35.22 32.78
C THR C 167 -8.42 36.25 31.99
N ILE C 168 -8.23 37.52 32.34
CA ILE C 168 -8.92 38.59 31.63
C ILE C 168 -7.89 39.46 30.91
N PHE C 169 -8.01 39.57 29.60
CA PHE C 169 -7.09 40.35 28.81
C PHE C 169 -7.31 41.86 28.99
N ILE C 170 -6.27 42.59 29.40
CA ILE C 170 -6.39 44.03 29.61
C ILE C 170 -5.27 44.80 28.93
N GLU C 175 -8.43 50.23 28.30
CA GLU C 175 -9.65 49.57 27.89
C GLU C 175 -9.64 48.10 28.31
N ALA C 176 -10.44 47.29 27.61
CA ALA C 176 -10.53 45.86 27.86
C ALA C 176 -10.50 45.14 26.52
N LEU C 177 -9.38 44.47 26.23
CA LEU C 177 -9.23 43.76 24.96
C LEU C 177 -9.86 42.36 24.91
N ASP C 178 -10.51 41.94 25.99
CA ASP C 178 -11.12 40.61 26.00
C ASP C 178 -12.64 40.61 25.93
N TYR C 179 -13.21 39.49 26.35
CA TYR C 179 -14.66 39.29 26.37
C TYR C 179 -15.12 39.06 27.79
N LYS C 180 -14.26 38.42 28.57
CA LYS C 180 -14.53 38.11 29.97
C LYS C 180 -14.92 39.37 30.75
N THR C 181 -14.00 40.33 30.79
CA THR C 181 -14.22 41.56 31.50
C THR C 181 -15.61 42.12 31.24
N PRO C 182 -15.87 42.54 29.99
CA PRO C 182 -17.19 43.09 29.68
C PRO C 182 -18.29 42.25 30.31
N LEU C 183 -18.22 40.94 30.13
CA LEU C 183 -19.26 40.07 30.68
C LEU C 183 -19.28 40.18 32.20
N LEU C 184 -18.22 39.73 32.84
CA LEU C 184 -18.17 39.79 34.29
C LEU C 184 -18.92 41.01 34.77
N LYS C 185 -18.57 42.18 34.23
CA LYS C 185 -19.23 43.42 34.63
C LYS C 185 -20.72 43.30 34.35
N ALA C 186 -21.06 43.06 33.10
CA ALA C 186 -22.45 42.92 32.70
C ALA C 186 -23.19 42.05 33.69
N LEU C 187 -22.62 40.89 34.00
CA LEU C 187 -23.26 39.98 34.95
C LEU C 187 -23.41 40.61 36.32
N ALA C 188 -22.40 41.36 36.75
CA ALA C 188 -22.43 42.04 38.05
C ALA C 188 -23.65 42.95 38.08
N ALA C 189 -23.64 43.95 37.23
CA ALA C 189 -24.74 44.88 37.14
C ALA C 189 -26.07 44.15 37.31
N VAL C 190 -26.30 43.17 36.45
CA VAL C 190 -27.55 42.41 36.50
C VAL C 190 -27.86 41.99 37.92
N ASP C 191 -26.84 41.53 38.63
CA ASP C 191 -27.04 41.07 39.98
C ASP C 191 -27.51 42.19 40.88
N LYS C 192 -26.63 43.17 41.14
CA LYS C 192 -26.98 44.31 41.99
C LYS C 192 -28.42 44.65 41.68
N ALA C 193 -28.66 45.08 40.45
CA ALA C 193 -29.98 45.46 39.97
C ALA C 193 -31.10 44.51 40.41
N ALA C 194 -31.10 43.30 39.86
CA ALA C 194 -32.12 42.31 40.18
C ALA C 194 -32.24 42.03 41.68
N THR C 195 -31.13 42.13 42.40
CA THR C 195 -31.15 41.88 43.83
C THR C 195 -31.97 42.97 44.50
N GLU C 196 -31.60 44.21 44.24
CA GLU C 196 -32.30 45.35 44.80
C GLU C 196 -33.80 45.19 44.51
N VAL C 197 -34.16 45.11 43.23
CA VAL C 197 -35.55 44.94 42.83
C VAL C 197 -36.16 43.72 43.51
N CYS C 198 -35.32 42.76 43.91
CA CYS C 198 -35.85 41.59 44.57
C CYS C 198 -36.31 41.99 45.97
N GLN C 199 -35.63 42.97 46.54
CA GLN C 199 -35.96 43.46 47.88
C GLN C 199 -37.45 43.70 48.08
N LEU C 200 -38.12 44.27 47.07
CA LEU C 200 -39.55 44.56 47.18
C LEU C 200 -40.37 43.36 47.61
N PHE C 201 -39.73 42.21 47.71
CA PHE C 201 -40.38 40.99 48.13
C PHE C 201 -39.31 40.34 48.99
N ASP C 202 -39.64 39.25 49.69
CA ASP C 202 -38.67 38.56 50.56
C ASP C 202 -37.42 39.40 50.89
N LYS C 203 -37.54 40.26 51.90
CA LYS C 203 -36.46 41.14 52.34
C LYS C 203 -35.07 40.52 52.23
N ASN C 204 -34.98 39.20 52.40
CA ASN C 204 -33.70 38.51 52.32
C ASN C 204 -33.12 38.68 50.93
N ILE C 205 -32.71 37.56 50.33
CA ILE C 205 -32.14 37.61 49.00
C ILE C 205 -30.96 38.57 48.96
N THR C 206 -29.80 38.05 49.32
CA THR C 206 -28.59 38.84 49.32
C THR C 206 -28.18 39.16 47.89
N ARG C 207 -28.17 38.15 47.02
CA ARG C 207 -27.77 38.34 45.63
C ARG C 207 -28.55 37.45 44.66
N VAL C 208 -28.45 37.74 43.37
CA VAL C 208 -29.12 36.96 42.33
C VAL C 208 -28.12 36.56 41.25
N PHE C 209 -27.99 35.25 41.03
CA PHE C 209 -27.05 34.72 40.05
C PHE C 209 -27.68 34.60 38.67
N THR C 210 -26.85 34.40 37.64
CA THR C 210 -27.34 34.25 36.27
C THR C 210 -26.97 32.89 35.69
N ASN C 211 -27.95 32.08 35.32
CA ASN C 211 -27.62 30.78 34.77
C ASN C 211 -27.73 30.73 33.27
N LEU C 212 -26.70 30.19 32.63
CA LEU C 212 -26.66 30.07 31.18
C LEU C 212 -26.57 28.64 30.69
N GLY C 213 -27.59 28.19 29.98
CA GLY C 213 -27.53 26.84 29.45
C GLY C 213 -27.39 27.00 27.95
N TRP C 214 -26.27 26.59 27.37
CA TRP C 214 -26.11 26.74 25.93
C TRP C 214 -26.30 25.44 25.16
N GLU C 215 -26.60 25.56 23.87
CA GLU C 215 -26.80 24.41 22.99
C GLU C 215 -25.89 24.56 21.79
N GLN C 216 -24.89 23.70 21.66
CA GLN C 216 -23.93 23.78 20.55
C GLN C 216 -24.22 22.91 19.34
N GLU C 217 -24.43 23.55 18.18
CA GLU C 217 -24.69 22.83 16.93
C GLU C 217 -23.45 22.93 16.04
N TYR C 218 -23.27 21.96 15.15
CA TYR C 218 -22.11 21.94 14.25
C TYR C 218 -22.26 20.90 13.15
N PHE C 219 -21.31 20.89 12.22
CA PHE C 219 -21.30 19.92 11.14
C PHE C 219 -19.93 19.27 11.22
N LEU C 220 -19.78 18.12 10.55
CA LEU C 220 -18.51 17.40 10.48
C LEU C 220 -18.26 17.00 9.02
N VAL C 221 -17.00 16.95 8.60
CA VAL C 221 -16.69 16.52 7.24
C VAL C 221 -15.43 15.72 7.32
N ASP C 222 -15.37 14.61 6.61
CA ASP C 222 -14.15 13.84 6.68
C ASP C 222 -13.05 14.79 6.25
N THR C 223 -12.00 14.90 7.04
CA THR C 223 -10.91 15.80 6.73
C THR C 223 -10.55 15.77 5.25
N SER C 224 -10.24 14.60 4.71
CA SER C 224 -9.88 14.48 3.30
C SER C 224 -10.83 15.32 2.46
N LEU C 225 -12.11 14.98 2.45
CA LEU C 225 -13.07 15.76 1.67
C LEU C 225 -12.91 17.25 1.95
N TYR C 226 -12.85 17.60 3.21
CA TYR C 226 -12.70 18.99 3.60
C TYR C 226 -11.53 19.69 2.93
N ASN C 227 -10.34 19.11 3.02
CA ASN C 227 -9.17 19.72 2.38
C ASN C 227 -9.39 19.85 0.89
N ALA C 228 -10.01 18.83 0.31
CA ALA C 228 -10.27 18.84 -1.11
C ALA C 228 -11.22 19.96 -1.48
N ARG C 229 -11.60 20.79 -0.50
CA ARG C 229 -12.53 21.87 -0.76
C ARG C 229 -11.92 23.16 -0.17
N PRO C 230 -11.06 23.85 -0.92
CA PRO C 230 -10.43 25.08 -0.42
C PRO C 230 -11.34 26.12 0.20
N ASP C 231 -12.52 26.32 -0.37
CA ASP C 231 -13.41 27.33 0.17
C ASP C 231 -13.87 26.92 1.58
N LEU C 232 -13.93 25.61 1.83
CA LEU C 232 -14.37 25.14 3.15
C LEU C 232 -13.26 25.41 4.15
N ARG C 233 -12.02 25.15 3.75
CA ARG C 233 -10.88 25.46 4.61
C ARG C 233 -10.84 26.93 4.29
N LEU C 234 -10.13 27.77 5.04
CA LEU C 234 -10.08 29.21 4.74
C LEU C 234 -11.36 30.02 4.99
N THR C 235 -12.52 29.49 4.62
CA THR C 235 -13.76 30.24 4.83
C THR C 235 -14.71 29.58 5.80
N GLY C 236 -14.53 28.29 6.05
CA GLY C 236 -15.40 27.64 6.99
C GLY C 236 -16.74 27.31 6.40
N ARG C 237 -17.04 27.85 5.21
CA ARG C 237 -18.32 27.60 4.53
C ARG C 237 -18.10 27.44 3.04
N THR C 238 -18.84 26.54 2.41
CA THR C 238 -18.70 26.35 0.98
C THR C 238 -19.06 27.66 0.29
N LEU C 239 -18.21 28.12 -0.61
CA LEU C 239 -18.49 29.35 -1.33
C LEU C 239 -19.19 29.07 -2.64
N MET C 240 -19.49 27.81 -2.90
CA MET C 240 -20.13 27.43 -4.14
C MET C 240 -20.62 26.01 -4.02
N GLY C 241 -21.38 25.54 -4.99
CA GLY C 241 -21.88 24.18 -4.92
C GLY C 241 -23.37 24.03 -5.11
N HIS C 242 -23.71 23.13 -6.04
CA HIS C 242 -25.10 22.80 -6.38
C HIS C 242 -25.66 21.84 -5.36
N SER C 243 -26.82 22.18 -4.81
CA SER C 243 -27.48 21.35 -3.80
C SER C 243 -28.27 20.21 -4.43
N ILE C 258 -26.60 7.40 13.49
CA ILE C 258 -25.34 8.14 13.63
C ILE C 258 -24.16 7.23 13.29
N PRO C 259 -23.53 7.45 12.13
CA PRO C 259 -22.39 6.65 11.68
C PRO C 259 -21.37 6.33 12.77
N PRO C 260 -20.86 5.10 12.80
CA PRO C 260 -19.86 4.72 13.80
C PRO C 260 -18.76 5.77 13.92
N ARG C 261 -18.07 6.02 12.82
CA ARG C 261 -17.00 7.02 12.79
C ARG C 261 -17.33 8.11 13.79
N VAL C 262 -18.47 8.75 13.56
CA VAL C 262 -18.94 9.84 14.39
C VAL C 262 -19.19 9.46 15.83
N THR C 263 -20.07 8.49 16.07
CA THR C 263 -20.34 8.07 17.42
C THR C 263 -19.05 8.07 18.22
N ALA C 264 -18.05 7.34 17.74
CA ALA C 264 -16.74 7.29 18.39
C ALA C 264 -16.22 8.69 18.68
N PHE C 265 -16.34 9.60 17.72
CA PHE C 265 -15.89 10.96 17.94
C PHE C 265 -16.51 11.45 19.22
N MET C 266 -17.84 11.42 19.27
CA MET C 266 -18.59 11.84 20.44
C MET C 266 -18.16 11.04 21.67
N LYS C 267 -18.09 9.72 21.52
CA LYS C 267 -17.68 8.84 22.60
C LYS C 267 -16.54 9.51 23.35
N GLU C 268 -15.52 9.94 22.62
CA GLU C 268 -14.38 10.59 23.24
C GLU C 268 -14.76 11.97 23.74
N LEU C 269 -15.07 12.88 22.82
CA LEU C 269 -15.45 14.25 23.17
C LEU C 269 -16.11 14.38 24.55
N GLU C 270 -17.16 13.58 24.76
CA GLU C 270 -17.89 13.61 26.00
C GLU C 270 -16.95 13.30 27.14
N ILE C 271 -16.34 12.11 27.13
CA ILE C 271 -15.43 11.77 28.21
C ILE C 271 -14.50 12.92 28.51
N GLU C 272 -13.77 13.33 27.50
CA GLU C 272 -12.83 14.42 27.68
C GLU C 272 -13.46 15.66 28.25
N CYS C 273 -14.73 15.90 27.92
CA CYS C 273 -15.43 17.08 28.45
C CYS C 273 -15.65 16.88 29.92
N HIS C 274 -16.21 15.74 30.30
CA HIS C 274 -16.47 15.46 31.70
C HIS C 274 -15.20 15.69 32.48
N LYS C 275 -14.14 14.97 32.15
CA LYS C 275 -12.87 15.14 32.84
C LYS C 275 -12.59 16.64 33.02
N LEU C 276 -12.90 17.44 32.01
CA LEU C 276 -12.66 18.87 32.08
C LEU C 276 -13.69 19.68 32.88
N GLY C 277 -14.59 19.00 33.58
CA GLY C 277 -15.57 19.73 34.35
C GLY C 277 -16.84 20.12 33.60
N ILE C 278 -16.75 20.33 32.29
CA ILE C 278 -17.92 20.67 31.48
C ILE C 278 -18.92 19.52 31.62
N PRO C 279 -20.14 19.79 32.09
CA PRO C 279 -21.13 18.73 32.26
C PRO C 279 -22.02 18.41 31.08
N VAL C 280 -21.45 17.85 30.02
CA VAL C 280 -22.24 17.52 28.84
C VAL C 280 -23.38 16.58 29.21
N LYS C 281 -24.61 17.00 28.93
CA LYS C 281 -25.79 16.18 29.23
C LYS C 281 -26.36 15.40 28.06
N THR C 282 -26.67 16.08 26.95
CA THR C 282 -27.23 15.40 25.79
C THR C 282 -26.41 15.60 24.54
N ARG C 283 -26.68 14.77 23.53
CA ARG C 283 -25.97 14.83 22.25
C ARG C 283 -26.81 14.06 21.27
N HIS C 284 -27.17 14.71 20.16
CA HIS C 284 -27.99 14.06 19.13
C HIS C 284 -27.70 14.73 17.80
N ASN C 285 -28.15 14.12 16.70
CA ASN C 285 -27.90 14.75 15.41
C ASN C 285 -29.06 15.65 14.96
N GLU C 286 -28.69 16.73 14.27
CA GLU C 286 -29.64 17.71 13.80
C GLU C 286 -30.45 17.35 12.58
N VAL C 287 -31.23 18.32 12.10
CA VAL C 287 -32.10 18.16 10.96
C VAL C 287 -31.33 17.88 9.71
N ALA C 288 -30.26 18.63 9.49
CA ALA C 288 -29.44 18.49 8.30
C ALA C 288 -28.52 17.29 8.33
N PRO C 289 -27.91 16.96 7.18
CA PRO C 289 -26.99 15.81 7.11
C PRO C 289 -25.69 16.24 7.79
N ASN C 290 -25.04 15.31 8.49
CA ASN C 290 -23.79 15.63 9.17
C ASN C 290 -23.88 16.80 10.11
N GLN C 291 -25.06 17.12 10.62
CA GLN C 291 -25.18 18.19 11.59
C GLN C 291 -25.52 17.52 12.93
N PHE C 292 -25.03 18.08 14.03
CA PHE C 292 -25.29 17.49 15.35
C PHE C 292 -25.27 18.56 16.43
N GLU C 293 -25.84 18.24 17.59
CA GLU C 293 -25.86 19.19 18.71
C GLU C 293 -25.21 18.52 19.92
N LEU C 294 -25.20 19.21 21.04
CA LEU C 294 -24.65 18.69 22.31
C LEU C 294 -24.77 19.82 23.32
N ALA C 295 -25.46 19.56 24.43
CA ALA C 295 -25.64 20.59 25.44
C ALA C 295 -25.39 20.04 26.81
N PRO C 296 -24.93 20.89 27.73
CA PRO C 296 -24.64 20.52 29.12
C PRO C 296 -25.77 21.00 30.01
N ILE C 297 -25.56 20.90 31.30
CA ILE C 297 -26.54 21.39 32.25
C ILE C 297 -26.16 22.85 32.50
N PHE C 298 -27.13 23.74 32.61
CA PHE C 298 -26.81 25.16 32.82
C PHE C 298 -25.77 25.38 33.90
N GLU C 299 -25.12 26.54 33.89
CA GLU C 299 -24.09 26.89 34.88
C GLU C 299 -23.97 28.39 34.98
N ASN C 300 -23.64 28.90 36.16
CA ASN C 300 -23.53 30.34 36.32
C ASN C 300 -22.85 30.94 35.10
N CYS C 301 -23.64 31.67 34.32
CA CYS C 301 -23.22 32.29 33.08
C CYS C 301 -21.73 32.34 32.76
N ASN C 302 -20.96 33.05 33.56
CA ASN C 302 -19.53 33.14 33.28
C ASN C 302 -18.89 31.79 33.06
N LEU C 303 -19.08 30.88 34.00
CA LEU C 303 -18.51 29.55 33.86
C LEU C 303 -19.08 28.91 32.62
N ALA C 304 -20.40 28.90 32.53
CA ALA C 304 -21.04 28.32 31.38
C ALA C 304 -20.24 28.71 30.17
N ASN C 305 -20.19 30.02 29.89
CA ASN C 305 -19.46 30.52 28.75
C ASN C 305 -18.08 29.91 28.68
N ASP C 306 -17.22 30.23 29.64
CA ASP C 306 -15.88 29.66 29.66
C ASP C 306 -15.94 28.23 29.18
N HIS C 307 -16.76 27.42 29.84
CA HIS C 307 -16.92 26.02 29.46
C HIS C 307 -17.19 25.88 27.98
N ASN C 308 -18.28 26.44 27.48
CA ASN C 308 -18.56 26.34 26.05
C ASN C 308 -17.32 26.67 25.23
N GLN C 309 -16.72 27.84 25.48
CA GLN C 309 -15.53 28.25 24.77
C GLN C 309 -14.55 27.08 24.70
N LEU C 310 -14.21 26.51 25.86
CA LEU C 310 -13.31 25.39 25.91
C LEU C 310 -13.81 24.21 25.08
N VAL C 311 -15.09 23.90 25.20
CA VAL C 311 -15.63 22.79 24.45
C VAL C 311 -15.30 22.92 22.98
N MET C 312 -15.47 24.11 22.42
CA MET C 312 -15.16 24.28 21.01
C MET C 312 -13.73 23.83 20.78
N ASP C 313 -12.81 24.27 21.65
CA ASP C 313 -11.41 23.88 21.51
C ASP C 313 -11.34 22.37 21.48
N LEU C 314 -11.79 21.72 22.55
CA LEU C 314 -11.77 20.27 22.61
C LEU C 314 -12.27 19.66 21.29
N MET C 315 -13.47 20.02 20.89
CA MET C 315 -14.04 19.49 19.68
C MET C 315 -13.06 19.52 18.53
N LYS C 316 -12.49 20.68 18.27
CA LYS C 316 -11.55 20.78 17.17
C LYS C 316 -10.37 19.83 17.34
N ARG C 317 -9.71 19.86 18.49
CA ARG C 317 -8.56 18.98 18.63
C ARG C 317 -8.98 17.54 18.44
N ILE C 318 -10.03 17.13 19.15
CA ILE C 318 -10.50 15.75 19.04
C ILE C 318 -10.96 15.35 17.65
N ALA C 319 -11.73 16.21 17.00
CA ALA C 319 -12.22 15.90 15.67
C ALA C 319 -11.06 15.50 14.76
N ARG C 320 -10.06 16.37 14.67
CA ARG C 320 -8.88 16.13 13.85
C ARG C 320 -8.40 14.71 14.10
N LYS C 321 -8.22 14.37 15.37
CA LYS C 321 -7.78 13.05 15.80
C LYS C 321 -8.65 11.96 15.17
N HIS C 322 -9.92 12.26 14.97
CA HIS C 322 -10.83 11.29 14.38
C HIS C 322 -10.99 11.49 12.90
N HIS C 323 -9.99 12.10 12.29
CA HIS C 323 -10.02 12.31 10.86
C HIS C 323 -11.30 12.99 10.41
N PHE C 324 -11.73 14.01 11.14
CA PHE C 324 -12.93 14.80 10.82
C PHE C 324 -12.55 16.26 10.93
N ALA C 325 -13.42 17.13 10.47
CA ALA C 325 -13.19 18.56 10.56
C ALA C 325 -14.51 19.08 11.08
N VAL C 326 -14.49 19.73 12.23
CA VAL C 326 -15.72 20.25 12.81
C VAL C 326 -15.99 21.63 12.21
N LEU C 327 -17.17 21.82 11.62
CA LEU C 327 -17.50 23.09 10.98
C LEU C 327 -18.39 23.89 11.87
N PHE C 328 -17.86 24.96 12.43
CA PHE C 328 -18.63 25.82 13.34
C PHE C 328 -19.31 27.03 12.69
N HIS C 329 -19.11 27.21 11.39
CA HIS C 329 -19.72 28.34 10.71
C HIS C 329 -21.23 28.16 10.82
N GLU C 330 -21.98 29.25 10.83
CA GLU C 330 -23.43 29.13 10.97
C GLU C 330 -24.15 28.63 9.72
N LYS C 331 -23.49 28.68 8.56
CA LYS C 331 -24.09 28.18 7.34
C LYS C 331 -23.07 27.51 6.45
N PRO C 332 -22.55 26.37 6.88
CA PRO C 332 -21.54 25.66 6.09
C PRO C 332 -22.01 25.44 4.67
N TYR C 333 -23.07 24.66 4.53
CA TYR C 333 -23.60 24.36 3.22
C TYR C 333 -24.83 25.18 2.97
N ASN C 334 -24.93 25.70 1.74
CA ASN C 334 -26.06 26.51 1.37
C ASN C 334 -27.25 25.61 1.14
N GLY C 335 -28.45 26.11 1.36
CA GLY C 335 -29.61 25.28 1.14
C GLY C 335 -29.89 24.17 2.14
N VAL C 336 -29.39 24.28 3.36
CA VAL C 336 -29.64 23.25 4.35
C VAL C 336 -29.49 23.84 5.73
N ASN C 337 -30.39 23.45 6.64
CA ASN C 337 -30.38 23.96 8.00
C ASN C 337 -29.05 24.56 8.42
N GLY C 338 -29.08 25.78 8.96
CA GLY C 338 -27.86 26.41 9.41
C GLY C 338 -27.56 25.88 10.81
N SER C 339 -26.44 26.27 11.41
CA SER C 339 -26.10 25.82 12.75
C SER C 339 -26.25 26.98 13.70
N GLY C 340 -26.89 26.77 14.85
CA GLY C 340 -27.06 27.86 15.78
C GLY C 340 -26.70 27.49 17.21
N LYS C 341 -26.51 28.51 18.05
CA LYS C 341 -26.15 28.29 19.45
C LYS C 341 -27.18 28.99 20.33
N HIS C 342 -28.12 28.22 20.85
CA HIS C 342 -29.14 28.80 21.69
C HIS C 342 -28.57 29.17 23.02
N ASN C 343 -29.22 30.09 23.70
CA ASN C 343 -28.80 30.50 25.03
C ASN C 343 -30.00 30.55 25.92
N ASN C 344 -30.15 29.53 26.74
CA ASN C 344 -31.25 29.48 27.67
C ASN C 344 -30.79 30.26 28.89
N TRP C 345 -31.48 31.38 29.12
CA TRP C 345 -31.19 32.32 30.18
C TRP C 345 -32.20 32.25 31.32
N SER C 346 -31.71 32.40 32.55
CA SER C 346 -32.57 32.34 33.73
C SER C 346 -31.85 33.04 34.88
N LEU C 347 -32.59 33.39 35.94
CA LEU C 347 -31.97 34.07 37.08
C LEU C 347 -32.29 33.46 38.44
N CYS C 348 -31.42 32.58 38.91
CA CYS C 348 -31.60 31.94 40.21
C CYS C 348 -31.14 32.91 41.31
N THR C 349 -32.00 33.15 42.29
CA THR C 349 -31.63 34.06 43.40
C THR C 349 -30.93 33.24 44.48
N ASP C 350 -30.02 33.88 45.20
CA ASP C 350 -29.25 33.20 46.23
C ASP C 350 -30.04 32.41 47.26
N THR C 351 -31.30 32.76 47.46
CA THR C 351 -32.12 32.04 48.43
C THR C 351 -32.87 30.92 47.72
N GLY C 352 -32.58 30.77 46.43
CA GLY C 352 -33.27 29.77 45.63
C GLY C 352 -34.22 30.60 44.80
N ILE C 353 -35.13 29.98 44.06
CA ILE C 353 -36.09 30.73 43.22
C ILE C 353 -35.63 30.97 41.78
N ASN C 354 -36.26 30.26 40.86
CA ASN C 354 -35.93 30.39 39.44
C ASN C 354 -36.10 31.83 39.03
N LEU C 355 -37.02 32.53 39.68
CA LEU C 355 -37.27 33.94 39.39
C LEU C 355 -37.83 34.12 37.99
N PHE C 356 -38.01 33.01 37.28
CA PHE C 356 -38.55 33.02 35.93
C PHE C 356 -39.45 31.80 35.88
N ALA C 357 -39.74 31.25 37.05
CA ALA C 357 -40.59 30.07 37.12
C ALA C 357 -41.95 30.40 37.71
N PRO C 358 -43.00 30.23 36.89
CA PRO C 358 -44.36 30.52 37.37
C PRO C 358 -44.80 29.46 38.39
N GLY C 359 -45.36 28.36 37.90
CA GLY C 359 -45.79 27.27 38.77
C GLY C 359 -46.99 27.49 39.67
N LYS C 360 -48.11 26.87 39.31
CA LYS C 360 -49.34 26.99 40.09
C LYS C 360 -49.76 28.43 40.35
N ASN C 361 -50.99 28.78 39.96
CA ASN C 361 -51.52 30.13 40.16
C ASN C 361 -50.47 31.23 39.97
N PRO C 362 -49.98 31.41 38.73
CA PRO C 362 -48.97 32.42 38.40
C PRO C 362 -49.39 33.85 38.71
N LYS C 363 -50.70 34.08 38.78
CA LYS C 363 -51.23 35.40 39.09
C LYS C 363 -50.81 35.78 40.51
N GLY C 364 -50.61 34.77 41.34
CA GLY C 364 -50.22 34.99 42.72
C GLY C 364 -48.74 35.29 42.91
N ASN C 365 -47.90 34.57 42.16
CA ASN C 365 -46.44 34.76 42.25
C ASN C 365 -46.05 36.14 41.70
N MET C 366 -46.36 37.17 42.47
CA MET C 366 -46.08 38.57 42.09
C MET C 366 -44.61 38.83 41.72
N LEU C 367 -43.68 38.18 42.42
CA LEU C 367 -42.25 38.34 42.14
C LEU C 367 -42.00 38.01 40.67
N PHE C 368 -42.33 36.78 40.30
CA PHE C 368 -42.18 36.31 38.93
C PHE C 368 -42.77 37.36 37.99
N LEU C 369 -44.06 37.62 38.14
CA LEU C 369 -44.75 38.61 37.31
C LEU C 369 -43.82 39.81 37.12
N THR C 370 -43.37 40.37 38.23
CA THR C 370 -42.48 41.53 38.21
C THR C 370 -41.31 41.37 37.25
N PHE C 371 -40.65 40.22 37.30
CA PHE C 371 -39.51 39.97 36.42
C PHE C 371 -39.92 39.69 35.00
N LEU C 372 -40.88 38.79 34.82
CA LEU C 372 -41.32 38.46 33.47
C LEU C 372 -41.59 39.74 32.69
N VAL C 373 -42.59 40.49 33.15
CA VAL C 373 -42.95 41.74 32.50
C VAL C 373 -41.69 42.56 32.23
N ASN C 374 -40.74 42.50 33.17
CA ASN C 374 -39.51 43.24 33.01
C ASN C 374 -38.75 42.78 31.78
N VAL C 375 -38.44 41.49 31.74
CA VAL C 375 -37.72 40.96 30.59
C VAL C 375 -38.41 41.58 29.37
N LEU C 376 -39.72 41.35 29.27
CA LEU C 376 -40.52 41.87 28.16
C LEU C 376 -40.11 43.27 27.74
N MET C 377 -40.07 44.18 28.71
CA MET C 377 -39.67 45.55 28.44
C MET C 377 -38.25 45.63 27.85
N MET C 378 -37.32 44.88 28.46
CA MET C 378 -35.94 44.87 28.02
C MET C 378 -35.78 44.42 26.57
N VAL C 379 -36.32 43.24 26.27
CA VAL C 379 -36.24 42.73 24.92
C VAL C 379 -36.81 43.78 23.99
N HIS C 380 -37.95 44.36 24.40
CA HIS C 380 -38.62 45.39 23.61
C HIS C 380 -37.79 46.68 23.50
N LYS C 381 -37.49 47.26 24.66
CA LYS C 381 -36.74 48.51 24.73
C LYS C 381 -35.33 48.42 24.17
N ASN C 382 -34.81 47.21 23.97
CA ASN C 382 -33.45 47.05 23.46
C ASN C 382 -33.30 46.20 22.22
N GLN C 383 -34.31 46.19 21.36
CA GLN C 383 -34.24 45.41 20.13
C GLN C 383 -32.88 45.47 19.45
N ASP C 384 -32.62 46.56 18.76
CA ASP C 384 -31.36 46.74 18.07
C ASP C 384 -30.14 46.24 18.83
N LEU C 385 -30.01 46.60 20.10
CA LEU C 385 -28.86 46.17 20.90
C LEU C 385 -28.65 44.66 20.84
N LEU C 386 -29.70 43.90 21.06
CA LEU C 386 -29.55 42.46 21.00
C LEU C 386 -29.18 42.08 19.58
N ARG C 387 -30.09 42.30 18.64
CA ARG C 387 -29.83 41.95 17.25
C ARG C 387 -28.40 42.26 16.84
N ALA C 388 -27.75 43.17 17.56
CA ALA C 388 -26.38 43.52 17.22
C ALA C 388 -25.41 42.58 17.89
N SER C 389 -25.73 42.16 19.11
CA SER C 389 -24.83 41.28 19.82
C SER C 389 -24.74 39.90 19.20
N ILE C 390 -25.55 39.63 18.17
CA ILE C 390 -25.47 38.31 17.57
C ILE C 390 -25.22 38.37 16.08
N MET C 391 -25.15 39.57 15.53
CA MET C 391 -24.93 39.73 14.10
C MET C 391 -23.46 39.46 13.74
N SER C 392 -23.25 38.80 12.59
CA SER C 392 -21.90 38.46 12.12
C SER C 392 -21.93 37.97 10.69
N ALA C 393 -20.90 38.31 9.93
CA ALA C 393 -20.82 37.90 8.53
C ALA C 393 -21.31 36.47 8.34
N GLY C 394 -21.03 35.62 9.30
CA GLY C 394 -21.47 34.25 9.16
C GLY C 394 -22.94 34.06 9.46
N ASN C 395 -23.36 34.57 10.60
CA ASN C 395 -24.74 34.45 11.01
C ASN C 395 -25.69 35.11 10.03
N SER C 396 -25.21 36.13 9.33
CA SER C 396 -26.05 36.81 8.37
C SER C 396 -26.61 35.75 7.46
N HIS C 397 -25.75 34.82 7.05
CA HIS C 397 -26.17 33.74 6.16
C HIS C 397 -27.18 32.81 6.81
N ARG C 398 -27.35 32.91 8.13
CA ARG C 398 -28.27 32.00 8.83
C ARG C 398 -29.61 32.51 9.26
N LEU C 399 -29.63 33.44 10.20
CA LEU C 399 -30.89 33.93 10.70
C LEU C 399 -31.88 34.33 9.59
N GLY C 400 -33.15 34.11 9.88
CA GLY C 400 -34.21 34.39 8.94
C GLY C 400 -34.18 33.32 7.88
N ALA C 401 -34.55 32.10 8.25
CA ALA C 401 -34.54 30.98 7.30
C ALA C 401 -34.95 29.66 7.94
N ASN C 402 -34.35 28.57 7.45
CA ASN C 402 -34.64 27.23 7.96
C ASN C 402 -34.47 27.13 9.47
N GLU C 403 -35.56 27.40 10.19
CA GLU C 403 -35.60 27.35 11.66
C GLU C 403 -34.72 28.37 12.38
N ALA C 404 -34.31 29.41 11.67
CA ALA C 404 -33.47 30.47 12.23
C ALA C 404 -34.24 31.78 12.29
N PRO C 405 -34.40 32.33 13.52
CA PRO C 405 -35.12 33.59 13.75
C PRO C 405 -34.66 34.77 12.90
N PRO C 406 -35.59 35.42 12.22
CA PRO C 406 -35.24 36.57 11.37
C PRO C 406 -34.77 37.72 12.25
N ALA C 407 -34.08 38.70 11.69
CA ALA C 407 -33.61 39.82 12.50
C ALA C 407 -34.77 40.70 12.95
N ILE C 408 -35.65 40.15 13.78
CA ILE C 408 -36.81 40.89 14.28
C ILE C 408 -37.12 40.38 15.68
N LEU C 409 -36.51 40.95 16.70
CA LEU C 409 -36.78 40.46 18.05
C LEU C 409 -38.25 40.53 18.41
N SER C 410 -38.74 39.50 19.08
CA SER C 410 -40.13 39.44 19.49
C SER C 410 -40.39 38.22 20.36
N ILE C 411 -40.60 38.44 21.66
CA ILE C 411 -40.81 37.37 22.63
C ILE C 411 -42.01 36.48 22.37
N PHE C 412 -41.99 35.29 22.97
CA PHE C 412 -43.06 34.32 22.83
C PHE C 412 -43.43 33.84 24.23
N LEU C 413 -44.64 34.14 24.68
CA LEU C 413 -45.06 33.73 26.02
C LEU C 413 -45.97 32.53 26.00
N GLY C 414 -46.67 32.34 24.87
CA GLY C 414 -47.56 31.20 24.73
C GLY C 414 -48.85 31.25 25.53
N SER C 415 -49.96 31.31 24.80
CA SER C 415 -51.30 31.34 25.38
C SER C 415 -51.36 31.43 26.89
N GLN C 416 -51.28 30.27 27.56
CA GLN C 416 -51.34 30.22 29.03
C GLN C 416 -50.84 31.53 29.67
N LEU C 417 -49.54 31.64 29.85
CA LEU C 417 -48.94 32.82 30.45
C LEU C 417 -49.34 34.09 29.71
N SER C 418 -49.60 33.95 28.42
CA SER C 418 -49.98 35.11 27.61
C SER C 418 -51.25 35.78 28.11
N ALA C 419 -52.40 35.14 27.88
CA ALA C 419 -53.66 35.70 28.32
C ALA C 419 -53.53 36.17 29.76
N THR C 420 -52.79 35.39 30.55
CA THR C 420 -52.57 35.72 31.94
C THR C 420 -51.98 37.10 32.10
N LEU C 421 -51.24 37.56 31.11
CA LEU C 421 -50.66 38.89 31.22
C LEU C 421 -51.69 39.93 30.82
N ASP C 422 -52.71 39.50 30.10
CA ASP C 422 -53.76 40.41 29.67
C ASP C 422 -54.69 40.69 30.83
N GLU C 423 -54.70 39.77 31.80
CA GLU C 423 -55.54 39.89 32.98
C GLU C 423 -55.18 41.15 33.76
N ILE C 424 -54.42 42.05 33.13
CA ILE C 424 -54.01 43.30 33.77
C ILE C 424 -53.90 44.44 32.76
N ARG C 458 -45.04 25.36 23.59
CA ARG C 458 -43.73 25.93 23.27
C ARG C 458 -43.38 25.80 21.79
N ASN C 459 -43.23 26.94 21.09
CA ASN C 459 -42.93 26.94 19.65
C ASN C 459 -41.68 27.75 19.28
N ARG C 460 -40.81 27.16 18.46
CA ARG C 460 -39.59 27.80 18.00
C ARG C 460 -39.92 28.96 17.08
N THR C 461 -39.22 29.04 15.96
CA THR C 461 -39.43 30.11 14.98
C THR C 461 -39.67 31.49 15.60
N SER C 462 -38.74 31.94 16.45
CA SER C 462 -38.83 33.25 17.10
C SER C 462 -37.59 33.50 17.95
N PRO C 463 -37.10 34.75 17.99
CA PRO C 463 -35.91 35.17 18.74
C PRO C 463 -35.88 34.74 20.20
N PHE C 464 -36.76 35.32 20.99
CA PHE C 464 -36.83 35.03 22.41
C PHE C 464 -38.00 34.10 22.60
N ALA C 465 -38.03 33.36 23.71
CA ALA C 465 -39.13 32.45 23.95
C ALA C 465 -39.16 31.88 25.34
N PHE C 466 -40.20 32.20 26.11
CA PHE C 466 -40.32 31.67 27.46
C PHE C 466 -40.63 30.20 27.30
N THR C 467 -39.62 29.35 27.52
CA THR C 467 -39.80 27.92 27.36
C THR C 467 -40.10 27.17 28.66
N GLY C 468 -40.48 27.90 29.71
CA GLY C 468 -40.79 27.25 30.97
C GLY C 468 -39.67 27.43 31.98
N ASN C 469 -39.95 28.17 33.04
CA ASN C 469 -38.93 28.43 34.05
C ASN C 469 -37.60 28.73 33.38
N ARG C 470 -37.60 29.68 32.43
CA ARG C 470 -36.41 30.14 31.67
C ARG C 470 -36.74 30.67 30.27
N PHE C 471 -35.89 31.56 29.75
CA PHE C 471 -36.06 32.12 28.39
C PHE C 471 -34.98 31.57 27.46
N GLU C 472 -35.32 31.30 26.21
CA GLU C 472 -34.33 30.77 25.26
C GLU C 472 -34.06 31.81 24.18
N PHE C 473 -32.80 32.20 24.00
CA PHE C 473 -32.43 33.20 23.00
C PHE C 473 -31.79 32.57 21.77
N ARG C 474 -32.62 32.21 20.81
CA ARG C 474 -32.18 31.53 19.59
C ARG C 474 -31.35 32.29 18.56
N ALA C 475 -31.48 33.62 18.53
CA ALA C 475 -30.78 34.44 17.56
C ALA C 475 -29.28 34.18 17.39
N ALA C 476 -28.62 33.86 18.50
CA ALA C 476 -27.18 33.62 18.52
C ALA C 476 -26.65 32.72 17.41
N GLY C 477 -25.47 33.05 16.90
CA GLY C 477 -24.87 32.20 15.87
C GLY C 477 -24.22 31.01 16.52
N SER C 478 -23.81 30.01 15.75
CA SER C 478 -23.18 28.83 16.33
C SER C 478 -21.68 28.99 16.56
N SER C 479 -21.10 30.04 16.00
CA SER C 479 -19.67 30.25 16.16
C SER C 479 -19.38 31.34 17.17
N ALA C 480 -20.39 32.20 17.39
CA ALA C 480 -20.22 33.32 18.29
C ALA C 480 -19.85 32.91 19.68
N ASN C 481 -19.24 33.83 20.41
CA ASN C 481 -18.86 33.59 21.80
C ASN C 481 -20.07 34.05 22.60
N CYS C 482 -20.71 33.12 23.29
CA CYS C 482 -21.90 33.47 24.06
C CYS C 482 -21.78 34.85 24.66
N ALA C 483 -20.75 35.06 25.47
CA ALA C 483 -20.52 36.35 26.14
C ALA C 483 -21.22 37.52 25.47
N ALA C 484 -20.88 37.79 24.22
CA ALA C 484 -21.51 38.89 23.47
C ALA C 484 -23.00 38.96 23.72
N ALA C 485 -23.71 37.90 23.33
CA ALA C 485 -25.14 37.85 23.53
C ALA C 485 -25.49 38.09 24.99
N MET C 486 -24.76 37.45 25.90
CA MET C 486 -25.03 37.62 27.31
C MET C 486 -24.75 39.04 27.76
N ILE C 487 -23.54 39.53 27.49
CA ILE C 487 -23.16 40.88 27.88
C ILE C 487 -24.32 41.80 27.59
N ALA C 488 -24.85 41.72 26.38
CA ALA C 488 -25.99 42.55 26.02
C ALA C 488 -27.15 42.18 26.93
N ILE C 489 -27.89 41.16 26.53
CA ILE C 489 -29.03 40.71 27.32
C ILE C 489 -28.93 41.02 28.81
N ASN C 490 -27.84 40.64 29.45
CA ASN C 490 -27.73 40.92 30.88
C ASN C 490 -27.71 42.39 31.24
N ALA C 491 -26.73 43.14 30.77
CA ALA C 491 -26.68 44.58 31.07
C ALA C 491 -28.02 45.22 30.72
N ALA C 492 -28.50 44.94 29.51
CA ALA C 492 -29.76 45.48 29.04
C ALA C 492 -30.82 45.25 30.11
N MET C 493 -30.84 44.03 30.66
CA MET C 493 -31.81 43.70 31.69
C MET C 493 -31.49 44.50 32.93
N ALA C 494 -30.22 44.53 33.32
CA ALA C 494 -29.78 45.27 34.50
C ALA C 494 -30.41 46.65 34.49
N ASN C 495 -30.24 47.37 33.38
CA ASN C 495 -30.79 48.70 33.22
C ASN C 495 -32.29 48.62 33.44
N GLN C 496 -33.00 48.01 32.50
CA GLN C 496 -34.44 47.83 32.58
C GLN C 496 -34.93 47.55 34.00
N LEU C 497 -34.10 46.94 34.83
CA LEU C 497 -34.49 46.65 36.20
C LEU C 497 -34.31 47.92 37.01
N ASN C 498 -33.06 48.35 37.17
CA ASN C 498 -32.75 49.57 37.91
C ASN C 498 -33.72 50.68 37.54
N GLU C 499 -34.30 50.56 36.35
CA GLU C 499 -35.25 51.54 35.87
C GLU C 499 -36.59 51.28 36.54
N PHE C 500 -37.09 50.06 36.41
CA PHE C 500 -38.35 49.67 37.02
C PHE C 500 -38.36 50.05 38.49
N LYS C 501 -37.20 49.95 39.14
CA LYS C 501 -37.07 50.28 40.56
C LYS C 501 -37.30 51.75 40.81
N ALA C 502 -36.42 52.60 40.28
CA ALA C 502 -36.58 54.04 40.46
C ALA C 502 -38.05 54.40 40.25
N SER C 503 -38.58 53.99 39.10
CA SER C 503 -39.97 54.24 38.76
C SER C 503 -40.93 53.83 39.87
N VAL C 504 -40.88 52.55 40.26
CA VAL C 504 -41.77 52.05 41.31
C VAL C 504 -41.38 52.61 42.68
N ASP C 505 -40.97 53.87 42.70
CA ASP C 505 -40.59 54.55 43.94
C ASP C 505 -41.27 55.92 44.00
N LYS C 506 -42.58 55.90 44.27
CA LYS C 506 -43.37 57.10 44.38
C LYS C 506 -44.18 57.05 45.66
N ASP C 515 -45.24 49.31 48.26
CA ASP C 515 -45.72 47.98 48.66
C ASP C 515 -46.96 47.56 47.86
N GLU C 516 -47.50 48.52 47.12
CA GLU C 516 -48.69 48.27 46.30
C GLU C 516 -48.48 49.05 45.01
N ALA C 517 -47.36 49.77 44.97
CA ALA C 517 -47.01 50.56 43.81
C ALA C 517 -46.69 49.61 42.66
N ILE C 518 -45.88 48.60 42.96
CA ILE C 518 -45.50 47.61 41.97
C ILE C 518 -46.60 47.43 40.94
N PHE C 519 -47.75 46.92 41.38
CA PHE C 519 -48.88 46.69 40.50
C PHE C 519 -49.07 47.85 39.53
N ARG C 520 -48.81 49.06 40.01
CA ARG C 520 -48.96 50.26 39.19
C ARG C 520 -47.98 50.16 38.04
N ILE C 521 -46.69 50.13 38.36
CA ILE C 521 -45.66 50.05 37.33
C ILE C 521 -45.77 48.78 36.50
N LEU C 522 -45.93 47.65 37.16
CA LEU C 522 -46.05 46.36 36.48
C LEU C 522 -47.08 46.44 35.36
N LYS C 523 -48.29 46.88 35.68
CA LYS C 523 -49.34 47.01 34.68
C LYS C 523 -48.89 48.06 33.67
N GLU C 524 -48.25 49.13 34.17
CA GLU C 524 -47.79 50.20 33.31
C GLU C 524 -46.86 49.66 32.24
N ASN C 525 -46.05 48.67 32.60
CA ASN C 525 -45.12 48.06 31.68
C ASN C 525 -45.72 47.05 30.72
N ILE C 526 -46.61 46.21 31.22
CA ILE C 526 -47.22 45.23 30.35
C ILE C 526 -47.80 45.95 29.14
N ILE C 527 -48.62 46.95 29.42
CA ILE C 527 -49.24 47.73 28.35
C ILE C 527 -48.17 48.31 27.46
N ALA C 528 -47.05 48.69 28.09
CA ALA C 528 -45.93 49.27 27.39
C ALA C 528 -45.24 48.30 26.43
N SER C 529 -45.04 47.05 26.87
CA SER C 529 -44.40 46.05 26.03
C SER C 529 -45.30 45.71 24.84
N GLU C 530 -46.39 45.01 25.11
CA GLU C 530 -47.35 44.64 24.06
C GLU C 530 -46.67 44.45 22.71
N LEU C 531 -46.48 45.55 21.99
CA LEU C 531 -45.83 45.51 20.69
C LEU C 531 -44.88 44.32 20.49
N ILE C 532 -43.92 44.17 21.40
CA ILE C 532 -42.90 43.13 21.35
C ILE C 532 -43.38 41.67 21.34
N ARG C 533 -44.48 41.38 22.01
CA ARG C 533 -44.98 40.01 22.08
C ARG C 533 -45.61 39.53 20.78
N PHE C 534 -45.24 38.33 20.36
CA PHE C 534 -45.79 37.71 19.15
C PHE C 534 -46.03 36.25 19.46
N GLU C 535 -46.62 35.50 18.54
CA GLU C 535 -46.88 34.08 18.81
C GLU C 535 -46.88 33.13 17.60
N GLY C 536 -46.79 33.67 16.38
CA GLY C 536 -46.84 32.82 15.20
C GLY C 536 -45.71 32.81 14.18
N ASP C 537 -45.89 31.99 13.13
CA ASP C 537 -44.92 31.82 12.04
C ASP C 537 -44.03 33.04 11.85
N GLY C 538 -42.96 33.12 12.64
CA GLY C 538 -42.04 34.24 12.58
C GLY C 538 -41.43 34.51 11.23
N TYR C 539 -41.49 33.55 10.32
CA TYR C 539 -40.92 33.73 8.98
C TYR C 539 -42.01 34.23 8.06
N SER C 540 -43.25 33.86 8.36
CA SER C 540 -44.40 34.26 7.54
C SER C 540 -44.29 35.70 7.07
N GLU C 541 -44.64 35.93 5.80
CA GLU C 541 -44.59 37.27 5.25
C GLU C 541 -45.57 38.11 6.07
N GLU C 542 -46.45 37.40 6.77
CA GLU C 542 -47.46 38.00 7.64
C GLU C 542 -46.74 38.91 8.63
N TRP C 543 -45.90 38.29 9.46
CA TRP C 543 -45.12 38.97 10.50
C TRP C 543 -44.12 39.96 9.91
N LYS C 544 -43.65 39.68 8.70
CA LYS C 544 -42.67 40.55 8.04
C LYS C 544 -43.13 42.00 8.16
N GLN C 545 -44.40 42.24 7.84
CA GLN C 545 -44.98 43.58 7.90
C GLN C 545 -45.70 43.79 9.23
N GLU C 546 -46.46 42.78 9.66
CA GLU C 546 -47.23 42.81 10.90
C GLU C 546 -46.45 43.38 12.09
N ALA C 547 -45.12 43.29 12.02
CA ALA C 547 -44.25 43.78 13.07
C ALA C 547 -43.71 45.13 12.66
N ALA C 548 -43.27 45.22 11.42
CA ALA C 548 -42.73 46.47 10.88
C ALA C 548 -43.72 47.56 11.22
N ARG C 549 -44.98 47.16 11.27
CA ARG C 549 -46.08 48.05 11.58
C ARG C 549 -45.98 48.53 13.02
N ARG C 550 -45.71 47.59 13.92
CA ARG C 550 -45.60 47.90 15.34
C ARG C 550 -44.37 48.75 15.62
N GLY C 551 -43.53 48.93 14.60
CA GLY C 551 -42.32 49.70 14.79
C GLY C 551 -41.14 48.82 15.14
N LEU C 552 -41.36 47.51 15.20
CA LEU C 552 -40.28 46.58 15.51
C LEU C 552 -39.31 46.63 14.36
N THR C 553 -38.05 46.95 14.65
CA THR C 553 -37.04 47.04 13.62
C THR C 553 -36.67 45.68 13.05
N ASN C 554 -36.22 45.72 11.81
CA ASN C 554 -35.77 44.54 11.10
C ASN C 554 -34.55 44.96 10.30
N ILE C 555 -33.38 44.43 10.66
CA ILE C 555 -32.15 44.78 9.96
C ILE C 555 -31.34 43.54 9.54
N CYS C 556 -31.21 43.35 8.23
CA CYS C 556 -30.48 42.21 7.70
C CYS C 556 -29.00 42.50 7.52
N HIS C 557 -28.70 43.68 6.98
CA HIS C 557 -27.33 44.07 6.75
C HIS C 557 -26.46 44.16 7.99
N VAL C 558 -25.41 43.34 8.02
CA VAL C 558 -24.54 43.33 9.17
C VAL C 558 -24.05 44.72 9.51
N PRO C 559 -23.29 45.36 8.61
CA PRO C 559 -22.81 46.71 8.94
C PRO C 559 -23.87 47.51 9.68
N GLU C 560 -24.94 47.88 8.98
CA GLU C 560 -26.00 48.64 9.63
C GLU C 560 -26.28 48.07 11.02
N ALA C 561 -26.91 46.90 11.05
CA ALA C 561 -27.26 46.23 12.28
C ALA C 561 -26.22 46.41 13.36
N LEU C 562 -24.95 46.34 12.98
CA LEU C 562 -23.87 46.50 13.94
C LEU C 562 -23.80 47.90 14.47
N MET C 563 -23.79 48.88 13.56
CA MET C 563 -23.71 50.28 13.90
C MET C 563 -24.44 50.63 15.19
N HIS C 564 -25.64 50.08 15.37
CA HIS C 564 -26.42 50.38 16.56
C HIS C 564 -25.69 50.17 17.90
N TYR C 565 -24.45 49.73 17.89
CA TYR C 565 -23.78 49.59 19.16
C TYR C 565 -23.66 51.00 19.74
N MET C 566 -23.22 51.95 18.90
CA MET C 566 -23.04 53.36 19.29
C MET C 566 -24.37 54.11 19.38
N ASP C 567 -25.44 53.51 18.87
CA ASP C 567 -26.76 54.14 18.92
C ASP C 567 -27.01 54.53 20.37
N ASN C 568 -27.42 55.77 20.59
CA ASN C 568 -27.67 56.32 21.93
C ASN C 568 -28.31 55.38 22.96
N GLN C 569 -29.42 54.75 22.60
CA GLN C 569 -30.09 53.84 23.51
C GLN C 569 -29.11 52.82 24.04
N SER C 570 -28.47 52.09 23.14
CA SER C 570 -27.49 51.08 23.52
C SER C 570 -26.46 51.66 24.50
N ARG C 571 -25.88 52.79 24.12
CA ARG C 571 -24.88 53.47 24.95
C ARG C 571 -25.43 53.65 26.35
N ALA C 572 -26.71 53.97 26.41
CA ALA C 572 -27.40 54.18 27.68
C ALA C 572 -27.26 52.94 28.54
N VAL C 573 -27.30 51.78 27.90
CA VAL C 573 -27.16 50.52 28.62
C VAL C 573 -25.71 50.19 28.81
N LEU C 574 -24.97 50.16 27.72
CA LEU C 574 -23.56 49.83 27.78
C LEU C 574 -22.75 50.80 28.63
N ILE C 575 -22.67 52.05 28.21
CA ILE C 575 -21.90 53.02 28.98
C ILE C 575 -22.63 53.32 30.25
N GLY C 576 -23.96 53.35 30.16
CA GLY C 576 -24.74 53.63 31.34
C GLY C 576 -24.32 52.77 32.52
N GLU C 577 -24.56 51.46 32.43
CA GLU C 577 -24.23 50.52 33.49
C GLU C 577 -22.73 50.40 33.75
N ARG C 578 -21.95 51.36 33.28
CA ARG C 578 -20.51 51.33 33.50
C ARG C 578 -19.90 50.02 33.00
N ILE C 579 -20.39 49.52 31.86
CA ILE C 579 -19.89 48.28 31.25
C ILE C 579 -18.74 48.60 30.30
N PHE C 580 -18.87 49.72 29.58
CA PHE C 580 -17.84 50.17 28.65
C PHE C 580 -17.76 51.67 28.77
N ASN C 581 -16.61 52.24 28.44
CA ASN C 581 -16.49 53.68 28.48
C ASN C 581 -16.31 54.09 27.03
N GLU C 582 -16.92 55.20 26.63
CA GLU C 582 -16.82 55.71 25.27
C GLU C 582 -15.71 55.10 24.42
N THR C 583 -14.47 55.34 24.83
CA THR C 583 -13.30 54.82 24.12
C THR C 583 -13.42 53.33 23.82
N GLU C 584 -13.79 52.54 24.82
CA GLU C 584 -13.96 51.10 24.63
C GLU C 584 -15.04 50.81 23.59
N LEU C 585 -16.29 51.07 23.97
CA LEU C 585 -17.42 50.83 23.10
C LEU C 585 -17.01 51.22 21.67
N ALA C 586 -16.23 52.28 21.56
CA ALA C 586 -15.75 52.74 20.26
C ALA C 586 -15.07 51.55 19.59
N CYS C 587 -14.01 51.05 20.21
CA CYS C 587 -13.26 49.90 19.71
C CYS C 587 -14.21 48.78 19.35
N ARG C 588 -14.84 48.21 20.38
CA ARG C 588 -15.79 47.13 20.18
C ARG C 588 -16.43 47.25 18.82
N LEU C 589 -17.16 48.34 18.60
CA LEU C 589 -17.83 48.54 17.31
C LEU C 589 -16.91 48.48 16.12
N GLU C 590 -15.71 49.02 16.26
CA GLU C 590 -14.78 48.99 15.15
C GLU C 590 -14.29 47.57 14.92
N VAL C 591 -13.55 47.04 15.89
CA VAL C 591 -13.04 45.69 15.78
C VAL C 591 -14.14 44.76 15.25
N GLU C 592 -15.38 45.02 15.64
CA GLU C 592 -16.48 44.19 15.18
C GLU C 592 -16.67 44.37 13.69
N LEU C 593 -16.67 45.63 13.26
CA LEU C 593 -16.82 45.96 11.84
C LEU C 593 -15.60 45.43 11.13
N GLU C 594 -14.44 45.61 11.77
CA GLU C 594 -13.17 45.15 11.23
C GLU C 594 -13.32 43.71 10.78
N LYS C 595 -13.74 42.83 11.70
CA LYS C 595 -13.93 41.42 11.41
C LYS C 595 -14.76 41.23 10.15
N TYR C 596 -16.05 41.57 10.26
CA TYR C 596 -16.92 41.46 9.12
C TYR C 596 -16.16 41.75 7.84
N THR C 597 -15.64 42.96 7.75
CA THR C 597 -14.90 43.36 6.57
C THR C 597 -13.90 42.33 6.07
N MET C 598 -13.06 41.81 6.96
CA MET C 598 -12.07 40.81 6.55
C MET C 598 -12.75 39.55 6.09
N LYS C 599 -13.60 39.01 6.94
CA LYS C 599 -14.32 37.80 6.58
C LYS C 599 -14.88 37.91 5.16
N VAL C 600 -15.68 38.95 4.90
CA VAL C 600 -16.28 39.12 3.59
C VAL C 600 -15.20 39.19 2.54
N GLN C 601 -14.07 39.77 2.91
CA GLN C 601 -12.98 39.87 1.97
C GLN C 601 -12.48 38.49 1.55
N ILE C 602 -11.93 37.74 2.49
CA ILE C 602 -11.42 36.40 2.20
C ILE C 602 -12.40 35.57 1.37
N GLU C 603 -13.67 35.57 1.76
CA GLU C 603 -14.67 34.83 1.01
C GLU C 603 -14.52 35.24 -0.45
N SER C 604 -14.54 36.55 -0.69
CA SER C 604 -14.39 37.07 -2.04
C SER C 604 -13.06 36.63 -2.65
N ARG C 605 -11.95 36.96 -2.00
CA ARG C 605 -10.64 36.59 -2.50
C ARG C 605 -10.69 35.14 -2.97
N VAL C 606 -10.95 34.22 -2.05
CA VAL C 606 -11.02 32.81 -2.37
C VAL C 606 -11.88 32.55 -3.59
N LEU C 607 -13.19 32.69 -3.45
CA LEU C 607 -14.11 32.46 -4.55
C LEU C 607 -13.60 32.96 -5.88
N GLY C 608 -12.83 34.04 -5.86
CA GLY C 608 -12.30 34.59 -7.09
C GLY C 608 -11.24 33.67 -7.64
N ASP C 609 -10.24 33.38 -6.82
CA ASP C 609 -9.14 32.51 -7.23
C ASP C 609 -9.67 31.14 -7.60
N LEU C 610 -10.51 30.56 -6.75
CA LEU C 610 -11.04 29.25 -7.05
C LEU C 610 -11.72 29.24 -8.40
N ALA C 611 -12.43 30.32 -8.72
CA ALA C 611 -13.15 30.36 -9.99
C ALA C 611 -12.20 30.33 -11.13
N ILE C 612 -11.33 31.33 -11.18
CA ILE C 612 -10.37 31.43 -12.25
C ILE C 612 -9.38 30.26 -12.37
N ASN C 613 -8.81 29.84 -11.25
CA ASN C 613 -7.84 28.74 -11.20
C ASN C 613 -8.40 27.35 -11.26
N HIS C 614 -9.44 27.05 -10.49
CA HIS C 614 -10.00 25.72 -10.46
C HIS C 614 -11.17 25.42 -11.36
N ILE C 615 -12.25 26.16 -11.21
CA ILE C 615 -13.46 25.91 -12.01
C ILE C 615 -13.34 26.14 -13.51
N VAL C 616 -12.99 27.35 -13.91
CA VAL C 616 -12.91 27.65 -15.34
C VAL C 616 -12.11 26.62 -16.13
N PRO C 617 -10.80 26.52 -15.83
CA PRO C 617 -9.90 25.60 -16.51
C PRO C 617 -10.54 24.29 -16.81
N ILE C 618 -11.46 23.83 -15.96
CA ILE C 618 -12.10 22.56 -16.22
C ILE C 618 -13.15 22.77 -17.27
N ALA C 619 -14.02 23.73 -17.02
CA ALA C 619 -15.08 24.04 -17.97
C ALA C 619 -14.50 23.96 -19.37
N VAL C 620 -13.35 24.60 -19.57
CA VAL C 620 -12.69 24.61 -20.87
C VAL C 620 -12.43 23.17 -21.28
N SER C 621 -11.62 22.49 -20.49
CA SER C 621 -11.30 21.11 -20.80
C SER C 621 -12.54 20.41 -21.28
N TYR C 622 -13.62 20.47 -20.52
CA TYR C 622 -14.82 19.78 -20.96
C TYR C 622 -15.36 20.33 -22.25
N GLN C 623 -15.35 21.65 -22.38
CA GLN C 623 -15.87 22.25 -23.60
C GLN C 623 -15.16 21.64 -24.80
N ASN C 624 -13.85 21.41 -24.67
CA ASN C 624 -13.07 20.82 -25.75
C ASN C 624 -13.69 19.48 -26.12
N ARG C 625 -13.88 18.63 -25.12
CA ARG C 625 -14.48 17.33 -25.35
C ARG C 625 -15.61 17.53 -26.35
N LEU C 626 -16.53 18.40 -25.98
CA LEU C 626 -17.70 18.71 -26.80
C LEU C 626 -17.34 19.18 -28.18
N LEU C 627 -16.43 20.15 -28.27
CA LEU C 627 -16.01 20.67 -29.56
C LEU C 627 -15.40 19.58 -30.41
N GLU C 628 -14.42 18.87 -29.86
CA GLU C 628 -13.76 17.82 -30.62
C GLU C 628 -14.83 16.93 -31.20
N ASN C 629 -15.94 16.78 -30.49
CA ASN C 629 -17.02 15.95 -30.97
C ASN C 629 -17.52 16.51 -32.29
N LEU C 630 -18.18 17.66 -32.25
CA LEU C 630 -18.71 18.28 -33.47
C LEU C 630 -17.62 18.38 -34.53
N CYS C 631 -16.59 19.13 -34.21
CA CYS C 631 -15.49 19.32 -35.14
C CYS C 631 -15.30 18.12 -36.07
N ARG C 632 -15.37 16.90 -35.54
CA ARG C 632 -15.19 15.71 -36.37
C ARG C 632 -16.49 15.37 -37.01
N MET C 633 -17.52 15.24 -36.18
CA MET C 633 -18.85 14.91 -36.69
C MET C 633 -19.21 15.76 -37.89
N LYS C 634 -19.15 17.07 -37.72
CA LYS C 634 -19.46 18.02 -38.78
C LYS C 634 -18.88 17.57 -40.10
N GLU C 635 -17.63 17.13 -40.07
CA GLU C 635 -16.98 16.71 -41.30
C GLU C 635 -17.17 15.22 -41.68
N ILE C 636 -18.23 14.58 -41.20
CA ILE C 636 -18.46 13.17 -41.54
C ILE C 636 -19.93 12.93 -41.86
N PHE C 637 -20.74 13.96 -41.72
CA PHE C 637 -22.15 13.82 -42.01
C PHE C 637 -22.66 14.94 -42.91
N SER C 638 -23.63 14.60 -43.77
CA SER C 638 -24.20 15.57 -44.68
C SER C 638 -24.72 16.70 -43.84
N GLU C 639 -24.38 17.92 -44.24
CA GLU C 639 -24.82 19.11 -43.54
C GLU C 639 -26.19 18.86 -42.89
N GLU C 640 -27.11 18.27 -43.65
CA GLU C 640 -28.43 17.96 -43.11
C GLU C 640 -28.27 17.21 -41.78
N GLU C 641 -27.64 16.03 -41.84
CA GLU C 641 -27.43 15.20 -40.65
C GLU C 641 -26.77 16.00 -39.55
N TYR C 642 -25.63 16.59 -39.86
CA TYR C 642 -24.90 17.36 -38.88
C TYR C 642 -25.74 18.45 -38.23
N GLU C 643 -26.58 19.11 -39.02
CA GLU C 643 -27.43 20.17 -38.48
C GLU C 643 -28.31 19.64 -37.35
N VAL C 644 -28.89 18.47 -37.54
CA VAL C 644 -29.76 17.93 -36.52
C VAL C 644 -29.03 17.25 -35.37
N MET C 645 -27.92 16.58 -35.66
CA MET C 645 -27.18 15.90 -34.61
C MET C 645 -26.47 16.89 -33.71
N SER C 646 -25.67 17.80 -34.27
CA SER C 646 -24.96 18.78 -33.44
C SER C 646 -25.93 19.62 -32.60
N ALA C 647 -27.03 20.02 -33.22
CA ALA C 647 -28.07 20.81 -32.56
C ALA C 647 -27.78 21.19 -31.10
N ASP C 648 -28.33 20.41 -30.17
CA ASP C 648 -28.17 20.64 -28.74
C ASP C 648 -26.73 20.84 -28.33
N ARG C 649 -25.89 19.83 -28.58
CA ARG C 649 -24.48 19.91 -28.25
C ARG C 649 -23.94 21.31 -28.50
N LYS C 650 -24.01 21.70 -29.77
CA LYS C 650 -23.54 23.00 -30.22
C LYS C 650 -24.04 24.06 -29.25
N GLU C 651 -25.30 23.96 -28.87
CA GLU C 651 -25.89 24.92 -27.96
C GLU C 651 -25.19 24.98 -26.62
N LEU C 652 -25.05 23.82 -25.98
CA LEU C 652 -24.39 23.70 -24.68
C LEU C 652 -23.03 24.35 -24.70
N ILE C 653 -22.29 24.12 -25.77
CA ILE C 653 -20.99 24.73 -25.91
C ILE C 653 -21.20 26.23 -25.72
N LYS C 654 -22.18 26.78 -26.44
CA LYS C 654 -22.49 28.19 -26.30
C LYS C 654 -22.70 28.42 -24.82
N GLU C 655 -23.64 27.68 -24.25
CA GLU C 655 -23.98 27.76 -22.85
C GLU C 655 -22.73 27.88 -21.99
N ILE C 656 -21.83 26.91 -22.13
CA ILE C 656 -20.60 26.94 -21.33
C ILE C 656 -19.83 28.23 -21.59
N SER C 657 -19.42 28.44 -22.83
CA SER C 657 -18.67 29.62 -23.18
C SER C 657 -19.31 30.82 -22.52
N HIS C 658 -20.64 30.85 -22.50
CA HIS C 658 -21.32 31.95 -21.86
C HIS C 658 -20.83 32.03 -20.43
N ARG C 659 -21.28 31.08 -19.61
CA ARG C 659 -20.90 31.01 -18.20
C ARG C 659 -19.46 31.43 -17.96
N VAL C 660 -18.53 30.67 -18.51
CA VAL C 660 -17.10 30.96 -18.35
C VAL C 660 -16.87 32.46 -18.41
N SER C 661 -17.15 33.04 -19.57
CA SER C 661 -16.96 34.46 -19.78
C SER C 661 -17.60 35.25 -18.65
N ALA C 662 -18.87 34.98 -18.42
CA ALA C 662 -19.59 35.66 -17.37
C ALA C 662 -18.75 35.71 -16.12
N ILE C 663 -18.35 34.54 -15.64
CA ILE C 663 -17.54 34.44 -14.45
C ILE C 663 -16.31 35.29 -14.61
N LYS C 664 -15.57 35.06 -15.69
CA LYS C 664 -14.36 35.80 -15.95
C LYS C 664 -14.61 37.27 -15.62
N VAL C 665 -15.74 37.81 -16.06
CA VAL C 665 -16.06 39.20 -15.79
C VAL C 665 -16.33 39.42 -14.33
N LEU C 666 -17.48 38.94 -13.87
CA LEU C 666 -17.87 39.09 -12.47
C LEU C 666 -16.68 39.14 -11.55
N VAL C 667 -15.80 38.15 -11.63
CA VAL C 667 -14.61 38.12 -10.79
C VAL C 667 -13.83 39.42 -10.92
N ARG C 668 -13.49 39.79 -12.15
CA ARG C 668 -12.75 41.01 -12.40
C ARG C 668 -13.45 42.14 -11.67
N ASP C 669 -14.67 42.43 -12.10
CA ASP C 669 -15.45 43.50 -11.50
C ASP C 669 -15.43 43.43 -9.99
N MET C 670 -15.57 42.22 -9.46
CA MET C 670 -15.57 42.03 -8.03
C MET C 670 -14.22 42.40 -7.47
N THR C 671 -13.18 41.95 -8.13
CA THR C 671 -11.84 42.24 -7.67
C THR C 671 -11.73 43.74 -7.54
N GLU C 672 -12.25 44.45 -8.54
CA GLU C 672 -12.22 45.90 -8.54
C GLU C 672 -12.98 46.41 -7.32
N ALA C 673 -14.25 46.05 -7.23
CA ALA C 673 -15.07 46.49 -6.10
C ALA C 673 -14.22 46.42 -4.84
N ARG C 674 -13.80 45.21 -4.49
CA ARG C 674 -12.98 45.03 -3.32
C ARG C 674 -11.91 46.13 -3.31
N LYS C 675 -11.20 46.28 -4.42
CA LYS C 675 -10.14 47.29 -4.51
C LYS C 675 -10.61 48.62 -3.93
N VAL C 676 -11.47 49.31 -4.67
CA VAL C 676 -11.99 50.59 -4.20
C VAL C 676 -12.39 50.42 -2.73
N ALA C 677 -13.39 49.57 -2.46
CA ALA C 677 -13.85 49.33 -1.10
C ALA C 677 -12.72 49.44 -0.12
N ASN C 678 -11.68 48.66 -0.36
CA ASN C 678 -10.51 48.64 0.51
C ASN C 678 -9.87 50.01 0.72
N HIS C 679 -10.19 50.95 -0.14
CA HIS C 679 -9.61 52.28 -0.03
C HIS C 679 -10.42 53.32 0.72
N LYS C 680 -11.70 53.06 0.95
CA LYS C 680 -12.54 54.01 1.69
C LYS C 680 -11.74 54.43 2.91
N GLU C 681 -11.42 55.72 3.03
CA GLU C 681 -10.64 56.21 4.15
C GLU C 681 -11.42 56.22 5.45
N ASN C 682 -11.81 55.03 5.93
CA ASN C 682 -12.60 54.90 7.15
C ASN C 682 -13.17 53.50 7.34
N PHE C 683 -12.64 52.76 8.30
CA PHE C 683 -13.09 51.39 8.57
C PHE C 683 -14.62 51.26 8.52
N LYS C 684 -15.31 52.25 9.08
CA LYS C 684 -16.76 52.23 9.12
C LYS C 684 -17.36 52.19 7.73
N GLU C 685 -16.76 52.93 6.81
CA GLU C 685 -17.26 52.96 5.44
C GLU C 685 -16.85 51.71 4.71
N LYS C 686 -15.59 51.34 4.91
CA LYS C 686 -15.05 50.16 4.28
C LYS C 686 -16.07 49.03 4.43
N ALA C 687 -16.57 48.86 5.65
CA ALA C 687 -17.55 47.81 5.91
C ALA C 687 -18.69 47.91 4.92
N PHE C 688 -19.45 49.01 4.99
CA PHE C 688 -20.56 49.19 4.08
C PHE C 688 -20.13 48.87 2.67
N ALA C 689 -19.04 49.49 2.24
CA ALA C 689 -18.52 49.24 0.90
C ALA C 689 -18.68 47.76 0.55
N TYR C 690 -18.18 46.89 1.40
CA TYR C 690 -18.32 45.47 1.13
C TYR C 690 -19.78 45.04 1.12
N GLU C 691 -20.44 45.05 2.28
CA GLU C 691 -21.85 44.65 2.34
C GLU C 691 -22.60 45.26 1.17
N GLU C 692 -22.15 46.41 0.71
CA GLU C 692 -22.83 47.10 -0.39
C GLU C 692 -22.51 46.64 -1.80
N THR C 693 -21.24 46.72 -2.18
CA THR C 693 -20.83 46.36 -3.54
C THR C 693 -20.07 45.07 -3.74
N VAL C 694 -19.38 44.59 -2.71
CA VAL C 694 -18.60 43.35 -2.85
C VAL C 694 -19.44 42.12 -2.55
N ARG C 695 -20.04 42.09 -1.38
CA ARG C 695 -20.86 40.96 -0.98
C ARG C 695 -21.72 40.42 -2.12
N PRO C 696 -22.40 41.30 -2.85
CA PRO C 696 -23.26 40.90 -3.95
C PRO C 696 -22.71 39.88 -4.93
N TYR C 697 -21.44 40.03 -5.34
CA TYR C 697 -20.84 39.12 -6.31
C TYR C 697 -20.78 37.67 -5.87
N LEU C 698 -20.56 37.46 -4.57
CA LEU C 698 -20.48 36.10 -4.05
C LEU C 698 -21.57 35.21 -4.63
N GLU C 699 -22.81 35.68 -4.57
CA GLU C 699 -23.92 34.90 -5.11
C GLU C 699 -23.90 34.89 -6.64
N SER C 700 -23.63 36.04 -7.25
CA SER C 700 -23.60 36.16 -8.71
C SER C 700 -22.71 35.10 -9.30
N ILE C 701 -21.41 35.21 -9.04
CA ILE C 701 -20.41 34.28 -9.53
C ILE C 701 -20.85 32.85 -9.35
N ARG C 702 -21.27 32.55 -8.14
CA ARG C 702 -21.69 31.22 -7.82
C ARG C 702 -22.71 30.69 -8.79
N ASP C 703 -23.89 31.29 -8.80
CA ASP C 703 -24.96 30.82 -9.67
C ASP C 703 -24.44 30.20 -10.95
N HIS C 704 -23.40 30.80 -11.54
CA HIS C 704 -22.86 30.25 -12.76
C HIS C 704 -22.13 28.96 -12.49
N ILE C 705 -21.10 29.02 -11.67
CA ILE C 705 -20.34 27.82 -11.33
C ILE C 705 -21.31 26.68 -11.09
N ASP C 706 -22.25 26.87 -10.17
CA ASP C 706 -23.21 25.82 -9.88
C ASP C 706 -23.84 25.26 -11.16
N HIS C 707 -24.22 26.12 -12.09
CA HIS C 707 -24.81 25.60 -13.30
C HIS C 707 -23.78 24.76 -14.00
N LEU C 708 -22.57 25.29 -14.14
CA LEU C 708 -21.53 24.53 -14.81
C LEU C 708 -21.41 23.14 -14.21
N GLU C 709 -21.38 23.08 -12.87
CA GLU C 709 -21.27 21.80 -12.20
C GLU C 709 -22.25 20.81 -12.81
N MET C 710 -23.50 21.23 -12.99
CA MET C 710 -24.53 20.35 -13.55
C MET C 710 -24.23 19.92 -14.97
N GLU C 711 -23.52 20.74 -15.74
CA GLU C 711 -23.25 20.37 -17.11
C GLU C 711 -22.04 19.48 -17.37
N ILE C 712 -20.90 19.85 -16.80
CA ILE C 712 -19.66 19.14 -16.96
C ILE C 712 -19.67 17.69 -16.48
N ASP C 713 -18.78 16.87 -17.02
CA ASP C 713 -18.64 15.44 -16.68
C ASP C 713 -18.23 15.18 -15.23
N ASP C 714 -19.04 14.44 -14.49
CA ASP C 714 -18.74 14.17 -13.08
C ASP C 714 -17.38 13.52 -12.89
N GLU C 715 -16.88 12.93 -13.96
CA GLU C 715 -15.60 12.25 -13.96
C GLU C 715 -14.58 13.28 -13.54
N ILE C 716 -14.74 14.48 -14.05
CA ILE C 716 -13.88 15.59 -13.70
C ILE C 716 -14.58 16.42 -12.62
N TRP C 717 -14.34 17.72 -12.63
CA TRP C 717 -14.94 18.60 -11.65
C TRP C 717 -14.15 18.53 -10.36
N PRO C 718 -13.19 19.43 -10.21
CA PRO C 718 -12.28 19.56 -9.07
C PRO C 718 -12.80 19.40 -7.65
N LEU C 719 -13.95 19.95 -7.32
CA LEU C 719 -14.40 19.87 -5.94
C LEU C 719 -15.31 18.76 -5.54
N PRO C 720 -15.31 18.41 -4.26
CA PRO C 720 -16.20 17.34 -3.81
C PRO C 720 -17.58 17.97 -3.94
N LYS C 721 -18.55 17.19 -4.40
CA LYS C 721 -19.91 17.68 -4.60
C LYS C 721 -20.75 17.58 -3.33
N TYR C 722 -21.64 18.55 -3.09
CA TYR C 722 -22.49 18.53 -1.90
C TYR C 722 -22.97 17.14 -1.59
N ARG C 723 -23.50 16.44 -2.59
CA ARG C 723 -24.01 15.09 -2.40
C ARG C 723 -23.03 14.26 -1.61
N GLU C 724 -21.74 14.57 -1.76
CA GLU C 724 -20.70 13.82 -1.07
C GLU C 724 -20.39 14.48 0.24
N LEU C 725 -20.26 15.80 0.25
CA LEU C 725 -19.99 16.49 1.50
C LEU C 725 -21.06 16.17 2.54
N LEU C 726 -22.23 15.77 2.08
CA LEU C 726 -23.32 15.49 3.00
C LEU C 726 -23.68 14.02 3.29
N PHE C 727 -23.28 13.10 2.44
CA PHE C 727 -23.61 11.70 2.68
C PHE C 727 -22.39 10.86 2.35
N THR C 728 -21.97 10.89 1.08
CA THR C 728 -20.81 10.13 0.63
C THR C 728 -19.58 10.51 1.44
N LYS D 3 -13.98 5.19 -13.43
CA LYS D 3 -12.67 5.30 -12.78
C LYS D 3 -12.76 5.12 -11.27
N MET D 4 -13.99 5.04 -10.75
CA MET D 4 -14.24 4.88 -9.33
C MET D 4 -14.91 3.54 -9.18
N ARG D 5 -15.62 3.16 -10.23
CA ARG D 5 -16.32 1.89 -10.26
C ARG D 5 -15.27 0.83 -10.12
N PHE D 6 -14.18 1.00 -10.85
CA PHE D 6 -13.12 0.02 -10.80
C PHE D 6 -12.41 0.03 -9.45
N PHE D 7 -12.18 1.22 -8.91
CA PHE D 7 -11.56 1.32 -7.61
C PHE D 7 -12.39 0.48 -6.66
N ALA D 8 -13.62 0.19 -7.06
CA ALA D 8 -14.51 -0.58 -6.23
C ALA D 8 -14.27 -2.05 -6.49
N LEU D 9 -14.28 -2.45 -7.76
CA LEU D 9 -14.05 -3.84 -8.08
C LEU D 9 -12.70 -4.23 -7.50
N GLN D 10 -11.69 -3.42 -7.75
CA GLN D 10 -10.39 -3.74 -7.24
C GLN D 10 -10.43 -3.74 -5.73
N GLU D 11 -11.24 -2.84 -5.20
CA GLU D 11 -11.37 -2.72 -3.75
C GLU D 11 -11.73 -4.04 -3.12
N LEU D 12 -12.78 -4.69 -3.62
CA LEU D 12 -13.22 -5.95 -3.04
C LEU D 12 -12.46 -7.18 -3.47
N SER D 13 -11.42 -7.03 -4.28
CA SER D 13 -10.68 -8.20 -4.71
C SER D 13 -10.23 -8.96 -3.47
N ASN D 14 -9.98 -8.21 -2.40
CA ASN D 14 -9.55 -8.79 -1.13
C ASN D 14 -10.44 -8.27 -0.02
N ARG D 15 -11.13 -9.19 0.65
CA ARG D 15 -12.02 -8.83 1.72
C ARG D 15 -12.16 -9.94 2.77
N LYS D 16 -11.14 -10.13 3.59
CA LYS D 16 -11.20 -11.16 4.61
C LYS D 16 -12.48 -10.96 5.42
N PRO D 17 -13.39 -11.95 5.43
CA PRO D 17 -14.64 -11.88 6.17
C PRO D 17 -14.33 -11.82 7.66
N LEU D 18 -14.91 -10.87 8.38
CA LEU D 18 -14.66 -10.70 9.80
C LEU D 18 -14.81 -12.00 10.60
N GLU D 19 -14.06 -12.10 11.69
CA GLU D 19 -14.11 -13.25 12.60
C GLU D 19 -15.17 -12.91 13.65
N ILE D 20 -15.90 -13.90 14.17
CA ILE D 20 -16.89 -13.57 15.18
C ILE D 20 -16.57 -14.15 16.57
N THR D 21 -17.32 -15.17 17.02
CA THR D 21 -17.10 -15.78 18.34
C THR D 21 -18.17 -16.78 18.79
N THR D 22 -19.16 -16.25 19.50
CA THR D 22 -20.32 -16.97 20.07
C THR D 22 -20.12 -17.07 21.58
N PRO D 23 -20.77 -16.18 22.34
CA PRO D 23 -20.68 -16.13 23.80
C PRO D 23 -20.37 -17.47 24.44
N SER D 24 -21.42 -18.24 24.73
CA SER D 24 -21.24 -19.56 25.30
C SER D 24 -21.81 -20.52 24.28
N ASN D 25 -21.74 -21.80 24.56
CA ASN D 25 -22.25 -22.79 23.64
C ASN D 25 -23.73 -23.02 23.96
N LYS D 26 -24.17 -22.48 25.10
CA LYS D 26 -25.54 -22.61 25.57
C LYS D 26 -26.28 -21.29 25.32
N LEU D 27 -27.25 -21.31 24.41
CA LEU D 27 -28.00 -20.11 24.08
C LEU D 27 -28.54 -19.54 25.35
N SER D 28 -29.31 -20.33 26.07
CA SER D 28 -29.90 -19.89 27.33
C SER D 28 -28.97 -18.99 28.15
N ASP D 29 -27.66 -19.08 27.92
CA ASP D 29 -26.70 -18.26 28.65
C ASP D 29 -26.71 -16.77 28.31
N TYR D 30 -27.03 -16.40 27.08
CA TYR D 30 -27.01 -14.99 26.73
C TYR D 30 -28.25 -14.50 26.01
N TYR D 31 -29.12 -15.41 25.58
CA TYR D 31 -30.31 -14.95 24.91
C TYR D 31 -30.99 -13.99 25.87
N ALA D 32 -31.42 -12.85 25.36
CA ALA D 32 -32.08 -11.86 26.19
C ALA D 32 -31.11 -11.18 27.14
N SER D 33 -29.82 -11.45 26.99
CA SER D 33 -28.83 -10.86 27.87
C SER D 33 -28.94 -9.34 27.95
N HIS D 34 -29.20 -8.70 26.83
CA HIS D 34 -29.29 -7.26 26.84
C HIS D 34 -30.65 -6.65 27.00
N VAL D 35 -31.60 -7.38 27.56
CA VAL D 35 -32.91 -6.79 27.74
C VAL D 35 -33.45 -6.88 29.15
N PHE D 36 -33.89 -5.74 29.66
CA PHE D 36 -34.44 -5.67 31.00
C PHE D 36 -35.84 -6.27 30.95
N ASP D 37 -35.90 -7.60 30.96
CA ASP D 37 -37.15 -8.35 30.91
C ASP D 37 -37.54 -8.77 32.31
N ARG D 38 -38.67 -9.44 32.47
CA ARG D 38 -39.10 -9.87 33.79
C ARG D 38 -38.00 -10.62 34.52
N LYS D 39 -37.53 -11.70 33.88
CA LYS D 39 -36.47 -12.51 34.45
C LYS D 39 -35.55 -11.62 35.27
N LYS D 40 -35.34 -10.38 34.82
CA LYS D 40 -34.45 -9.45 35.53
C LYS D 40 -35.15 -8.38 36.36
N MET D 41 -36.36 -7.99 35.98
CA MET D 41 -37.05 -6.98 36.77
C MET D 41 -37.26 -7.59 38.15
N GLN D 42 -37.60 -8.88 38.16
CA GLN D 42 -37.80 -9.60 39.41
C GLN D 42 -36.54 -9.52 40.24
N GLU D 43 -35.39 -9.60 39.58
CA GLU D 43 -34.11 -9.50 40.28
C GLU D 43 -33.83 -8.07 40.75
N TYR D 44 -33.64 -7.15 39.81
CA TYR D 44 -33.32 -5.76 40.14
C TYR D 44 -34.39 -4.90 40.81
N LEU D 45 -35.66 -5.17 40.55
CA LEU D 45 -36.73 -4.37 41.13
C LEU D 45 -37.18 -4.83 42.50
N PRO D 46 -37.60 -3.89 43.36
CA PRO D 46 -38.07 -4.15 44.72
C PRO D 46 -39.28 -5.09 44.68
N LYS D 47 -39.40 -5.91 45.73
CA LYS D 47 -40.49 -6.87 45.86
C LYS D 47 -41.84 -6.35 45.33
N GLU D 48 -42.10 -5.07 45.59
CA GLU D 48 -43.34 -4.43 45.16
C GLU D 48 -43.26 -3.90 43.75
N ALA D 49 -42.37 -2.93 43.53
CA ALA D 49 -42.18 -2.32 42.22
C ALA D 49 -42.38 -3.32 41.08
N TYR D 50 -41.86 -4.53 41.27
CA TYR D 50 -41.98 -5.56 40.26
C TYR D 50 -43.43 -6.00 40.14
N LYS D 51 -44.03 -6.38 41.25
CA LYS D 51 -45.42 -6.80 41.25
C LYS D 51 -46.26 -5.76 40.53
N ALA D 52 -45.74 -4.54 40.41
CA ALA D 52 -46.44 -3.43 39.75
C ALA D 52 -46.21 -3.40 38.26
N VAL D 53 -44.97 -3.59 37.82
CA VAL D 53 -44.73 -3.57 36.38
C VAL D 53 -45.69 -4.60 35.81
N VAL D 54 -45.93 -5.66 36.58
CA VAL D 54 -46.81 -6.71 36.13
C VAL D 54 -48.28 -6.28 36.12
N ASP D 55 -48.83 -5.96 37.29
CA ASP D 55 -50.22 -5.52 37.35
C ASP D 55 -50.51 -4.52 36.25
N ALA D 56 -49.49 -3.78 35.84
CA ALA D 56 -49.65 -2.79 34.77
C ALA D 56 -49.66 -3.51 33.43
N THR D 57 -48.65 -4.32 33.19
CA THR D 57 -48.55 -5.05 31.95
C THR D 57 -49.60 -6.17 31.91
N GLU D 58 -50.23 -6.42 33.06
CA GLU D 58 -51.26 -7.45 33.15
C GLU D 58 -52.60 -6.86 32.71
N LYS D 59 -52.58 -6.22 31.55
CA LYS D 59 -53.76 -5.59 30.96
C LYS D 59 -54.37 -4.51 31.85
N GLY D 60 -53.85 -4.37 33.06
CA GLY D 60 -54.38 -3.39 33.99
C GLY D 60 -53.78 -1.98 33.99
N THR D 61 -52.68 -1.81 34.71
CA THR D 61 -51.97 -0.54 34.88
C THR D 61 -52.77 0.24 35.92
N PRO D 62 -52.50 1.55 36.11
CA PRO D 62 -51.51 2.41 35.48
C PRO D 62 -50.21 2.36 36.27
N ILE D 63 -49.28 3.23 35.92
CA ILE D 63 -47.99 3.28 36.58
C ILE D 63 -47.86 4.55 37.40
N SER D 64 -47.78 4.38 38.73
CA SER D 64 -47.66 5.52 39.62
C SER D 64 -46.36 6.27 39.39
N ARG D 65 -46.38 7.58 39.56
CA ARG D 65 -45.17 8.37 39.39
C ARG D 65 -44.16 7.87 40.43
N GLU D 66 -44.69 7.24 41.48
CA GLU D 66 -43.87 6.69 42.54
C GLU D 66 -43.28 5.38 42.01
N MET D 67 -44.16 4.45 41.61
CA MET D 67 -43.73 3.17 41.08
C MET D 67 -42.76 3.36 39.92
N ALA D 68 -42.77 4.53 39.30
CA ALA D 68 -41.88 4.84 38.18
C ALA D 68 -40.46 4.89 38.71
N ASP D 69 -40.15 5.94 39.47
CA ASP D 69 -38.83 6.09 40.06
C ASP D 69 -38.46 4.74 40.67
N LEU D 70 -39.44 4.09 41.29
CA LEU D 70 -39.21 2.79 41.90
C LEU D 70 -38.52 1.96 40.83
N ILE D 71 -39.13 1.89 39.65
CA ILE D 71 -38.58 1.13 38.54
C ILE D 71 -37.33 1.78 38.00
N ALA D 72 -37.51 2.92 37.33
CA ALA D 72 -36.40 3.66 36.75
C ALA D 72 -35.09 3.44 37.51
N ASN D 73 -35.11 3.62 38.83
CA ASN D 73 -33.89 3.45 39.59
C ASN D 73 -33.38 2.04 39.41
N GLY D 74 -34.26 1.07 39.68
CA GLY D 74 -33.84 -0.30 39.51
C GLY D 74 -33.34 -0.53 38.10
N MET D 75 -34.10 -0.06 37.14
CA MET D 75 -33.75 -0.21 35.74
C MET D 75 -32.30 0.18 35.48
N LYS D 76 -31.91 1.38 35.90
CA LYS D 76 -30.54 1.88 35.72
C LYS D 76 -29.52 0.92 36.31
N SER D 77 -29.67 0.63 37.59
CA SER D 77 -28.78 -0.29 38.28
C SER D 77 -28.43 -1.44 37.37
N TRP D 78 -29.41 -1.91 36.60
CA TRP D 78 -29.18 -3.03 35.69
C TRP D 78 -28.28 -2.60 34.55
N ALA D 79 -28.71 -1.58 33.82
CA ALA D 79 -27.98 -1.07 32.70
C ALA D 79 -26.52 -0.74 33.07
N LYS D 80 -26.30 -0.28 34.30
CA LYS D 80 -24.93 0.04 34.71
C LYS D 80 -24.09 -1.22 34.65
N SER D 81 -24.74 -2.36 34.83
CA SER D 81 -24.05 -3.64 34.79
C SER D 81 -23.55 -3.90 33.39
N LEU D 82 -23.99 -3.08 32.44
CA LEU D 82 -23.61 -3.23 31.06
C LEU D 82 -22.83 -2.00 30.66
N ASN D 83 -22.52 -1.19 31.64
CA ASN D 83 -21.76 0.01 31.36
C ASN D 83 -22.54 0.93 30.47
N VAL D 84 -23.85 0.82 30.43
CA VAL D 84 -24.58 1.76 29.59
C VAL D 84 -24.33 3.08 30.26
N THR D 85 -24.34 4.17 29.50
CA THR D 85 -24.08 5.47 30.11
C THR D 85 -25.03 6.52 29.59
N HIS D 86 -26.00 6.10 28.79
CA HIS D 86 -27.00 7.00 28.24
C HIS D 86 -28.33 6.30 28.17
N TYR D 87 -29.40 7.09 28.12
CA TYR D 87 -30.73 6.56 28.02
C TYR D 87 -31.41 7.34 26.91
N THR D 88 -32.39 6.72 26.27
CA THR D 88 -33.10 7.39 25.20
C THR D 88 -34.46 6.81 24.94
N HIS D 89 -35.40 7.66 24.52
CA HIS D 89 -36.73 7.17 24.23
C HIS D 89 -36.75 6.61 22.83
N TRP D 90 -36.77 5.30 22.71
CA TRP D 90 -36.78 4.66 21.42
C TRP D 90 -38.20 4.72 20.89
N PHE D 91 -38.37 5.17 19.66
CA PHE D 91 -39.72 5.22 19.08
C PHE D 91 -39.73 5.52 17.60
N GLN D 92 -40.50 4.74 16.85
CA GLN D 92 -40.60 4.94 15.41
C GLN D 92 -41.78 5.85 15.14
N PRO D 93 -41.52 7.07 14.67
CA PRO D 93 -42.56 8.04 14.37
C PRO D 93 -42.96 7.89 12.91
N LEU D 94 -43.97 8.63 12.46
CA LEU D 94 -44.38 8.54 11.07
C LEU D 94 -43.31 9.14 10.18
N THR D 95 -42.18 9.47 10.79
CA THR D 95 -41.05 10.09 10.09
C THR D 95 -41.55 11.15 9.09
N LYS D 101 -31.75 11.33 20.35
CA LYS D 101 -31.37 12.09 21.52
C LYS D 101 -30.79 11.13 22.54
N HIS D 102 -29.59 11.44 23.03
CA HIS D 102 -28.90 10.62 24.03
C HIS D 102 -28.61 11.46 25.28
N ASP D 103 -28.95 10.93 26.44
CA ASP D 103 -28.71 11.66 27.68
C ASP D 103 -27.93 10.86 28.72
N GLY D 104 -26.80 11.39 29.16
CA GLY D 104 -26.05 10.70 30.16
C GLY D 104 -26.94 10.78 31.38
N PHE D 105 -26.63 10.00 32.41
CA PHE D 105 -27.43 10.04 33.63
C PHE D 105 -26.96 11.21 34.47
N ILE D 106 -25.80 11.75 34.12
CA ILE D 106 -25.18 12.87 34.80
C ILE D 106 -26.19 13.84 35.44
N GLU D 107 -25.90 14.23 36.68
CA GLU D 107 -26.75 15.16 37.42
C GLU D 107 -26.09 15.61 38.71
N PHE D 108 -26.18 16.91 38.98
CA PHE D 108 -25.59 17.49 40.16
C PHE D 108 -26.43 17.23 41.40
N GLY D 109 -25.82 16.59 42.40
CA GLY D 109 -26.53 16.31 43.63
C GLY D 109 -26.62 17.51 44.56
N GLU D 110 -27.40 17.39 45.63
CA GLU D 110 -27.54 18.48 46.58
C GLU D 110 -26.17 18.97 47.01
N ASP D 111 -25.37 18.05 47.55
CA ASP D 111 -24.03 18.36 48.03
C ASP D 111 -23.15 19.02 46.98
N GLY D 112 -23.69 19.20 45.78
CA GLY D 112 -22.92 19.82 44.71
C GLY D 112 -22.12 18.83 43.89
N GLU D 113 -21.80 17.68 44.49
CA GLU D 113 -21.03 16.62 43.83
C GLU D 113 -21.89 16.03 42.72
N VAL D 114 -21.25 15.54 41.67
CA VAL D 114 -21.98 14.98 40.54
C VAL D 114 -22.37 13.53 40.80
N ILE D 115 -23.54 13.15 40.30
CA ILE D 115 -24.02 11.78 40.45
C ILE D 115 -24.77 11.37 39.21
N GLU D 116 -24.96 10.07 39.01
CA GLU D 116 -25.70 9.60 37.86
C GLU D 116 -27.04 9.22 38.44
N ARG D 117 -28.12 9.57 37.76
CA ARG D 117 -29.45 9.27 38.26
C ARG D 117 -30.47 9.14 37.14
N PHE D 118 -31.35 8.17 37.24
CA PHE D 118 -32.39 8.01 36.22
C PHE D 118 -33.72 8.10 36.96
N SER D 119 -34.40 9.22 36.80
CA SER D 119 -35.67 9.45 37.48
C SER D 119 -36.83 8.77 36.79
N GLY D 120 -37.69 8.13 37.57
CA GLY D 120 -38.86 7.48 37.00
C GLY D 120 -39.63 8.50 36.17
N LYS D 121 -39.41 9.78 36.48
CA LYS D 121 -40.07 10.88 35.78
C LYS D 121 -39.77 10.79 34.30
N LEU D 122 -39.03 9.76 33.90
CA LEU D 122 -38.67 9.56 32.50
C LEU D 122 -39.29 8.30 31.92
N LEU D 123 -40.58 8.12 32.15
CA LEU D 123 -41.32 6.97 31.65
C LEU D 123 -42.81 7.30 31.67
N THR D 148 -41.44 10.36 25.69
CA THR D 148 -42.89 10.54 25.69
C THR D 148 -43.64 9.27 26.07
N ALA D 149 -43.63 8.92 27.35
CA ALA D 149 -44.35 7.72 27.82
C ALA D 149 -43.81 6.39 27.31
N TRP D 150 -43.28 5.61 28.24
CA TRP D 150 -42.73 4.29 27.94
C TRP D 150 -43.80 3.24 27.79
N ASP D 151 -43.68 2.43 26.74
CA ASP D 151 -44.64 1.36 26.53
C ASP D 151 -44.33 0.24 27.53
N GLY D 152 -44.93 0.32 28.73
CA GLY D 152 -44.71 -0.70 29.74
C GLY D 152 -44.75 -2.10 29.15
N SER D 153 -45.37 -2.22 27.96
CA SER D 153 -45.50 -3.49 27.27
C SER D 153 -44.24 -4.04 26.67
N SER D 154 -43.42 -3.18 26.07
CA SER D 154 -42.17 -3.64 25.47
C SER D 154 -40.97 -3.36 26.34
N PRO D 155 -40.24 -4.43 26.72
CA PRO D 155 -39.07 -4.27 27.58
C PRO D 155 -38.03 -3.28 27.07
N ALA D 156 -37.28 -2.71 28.00
CA ALA D 156 -36.24 -1.76 27.65
C ALA D 156 -35.05 -2.63 27.29
N PHE D 157 -34.23 -2.18 26.35
CA PHE D 157 -33.08 -2.97 25.93
C PHE D 157 -31.85 -2.10 25.85
N VAL D 158 -30.69 -2.74 25.85
CA VAL D 158 -29.45 -1.99 25.78
C VAL D 158 -28.63 -2.27 24.54
N VAL D 159 -28.20 -1.19 23.89
CA VAL D 159 -27.39 -1.28 22.69
C VAL D 159 -26.14 -0.41 22.85
N ASP D 160 -24.97 -0.99 22.66
CA ASP D 160 -23.71 -0.26 22.78
C ASP D 160 -23.84 0.93 23.72
N THR D 161 -23.83 0.67 25.03
CA THR D 161 -23.92 1.71 26.05
C THR D 161 -25.04 2.73 25.93
N THR D 162 -26.26 2.28 25.68
CA THR D 162 -27.39 3.19 25.58
C THR D 162 -28.68 2.47 25.89
N LEU D 163 -29.26 2.80 27.04
CA LEU D 163 -30.52 2.19 27.44
C LEU D 163 -31.61 2.75 26.54
N CYS D 164 -32.35 1.88 25.88
CA CYS D 164 -33.42 2.31 25.01
C CYS D 164 -34.79 2.03 25.61
N ILE D 165 -35.59 3.06 25.79
CA ILE D 165 -36.92 2.88 26.34
C ILE D 165 -37.95 3.01 25.25
N PRO D 166 -38.60 1.91 24.87
CA PRO D 166 -39.61 1.99 23.81
C PRO D 166 -40.68 2.96 24.27
N THR D 167 -41.09 3.91 23.44
CA THR D 167 -42.12 4.85 23.88
C THR D 167 -43.11 5.11 22.77
N ILE D 168 -44.13 5.92 23.08
CA ILE D 168 -45.12 6.26 22.06
C ILE D 168 -45.08 7.77 21.80
N PHE D 169 -44.82 8.14 20.57
CA PHE D 169 -44.74 9.55 20.20
C PHE D 169 -46.12 10.22 20.17
N ILE D 170 -46.29 11.29 20.94
CA ILE D 170 -47.57 11.99 20.98
C ILE D 170 -47.41 13.49 20.79
N GLU D 175 -53.21 14.58 18.53
CA GLU D 175 -53.17 13.39 17.68
C GLU D 175 -52.11 12.40 18.16
N ALA D 176 -51.66 11.56 17.23
CA ALA D 176 -50.63 10.55 17.50
C ALA D 176 -49.64 10.57 16.36
N LEU D 177 -48.43 11.08 16.63
CA LEU D 177 -47.40 11.18 15.60
C LEU D 177 -46.60 9.90 15.36
N ASP D 178 -46.93 8.83 16.07
CA ASP D 178 -46.18 7.59 15.90
C ASP D 178 -46.93 6.47 15.18
N TYR D 179 -46.46 5.25 15.39
CA TYR D 179 -47.05 4.05 14.81
C TYR D 179 -47.54 3.14 15.92
N LYS D 180 -46.80 3.15 17.03
CA LYS D 180 -47.12 2.32 18.19
C LYS D 180 -48.56 2.55 18.64
N THR D 181 -48.87 3.79 19.02
CA THR D 181 -50.20 4.13 19.48
C THR D 181 -51.28 3.53 18.60
N PRO D 182 -51.35 3.95 17.33
CA PRO D 182 -52.38 3.41 16.46
C PRO D 182 -52.48 1.90 16.61
N LEU D 183 -51.34 1.22 16.55
CA LEU D 183 -51.33 -0.24 16.67
C LEU D 183 -51.88 -0.67 18.00
N LEU D 184 -51.17 -0.33 19.07
CA LEU D 184 -51.62 -0.72 20.40
C LEU D 184 -53.15 -0.70 20.44
N LYS D 185 -53.75 0.42 20.04
CA LYS D 185 -55.19 0.54 20.02
C LYS D 185 -55.76 -0.57 19.15
N ALA D 186 -55.39 -0.56 17.88
CA ALA D 186 -55.87 -1.55 16.94
C ALA D 186 -55.84 -2.91 17.58
N LEU D 187 -54.72 -3.27 18.17
CA LEU D 187 -54.59 -4.58 18.81
C LEU D 187 -55.60 -4.76 19.93
N ALA D 188 -55.81 -3.69 20.70
CA ALA D 188 -56.76 -3.72 21.80
C ALA D 188 -58.12 -4.10 21.25
N ALA D 189 -58.68 -3.23 20.42
CA ALA D 189 -59.97 -3.47 19.81
C ALA D 189 -60.12 -4.94 19.43
N VAL D 190 -59.17 -5.44 18.63
CA VAL D 190 -59.22 -6.82 18.19
C VAL D 190 -59.46 -7.74 19.36
N ASP D 191 -58.77 -7.49 20.46
CA ASP D 191 -58.93 -8.33 21.63
C ASP D 191 -60.36 -8.29 22.17
N LYS D 192 -60.76 -7.14 22.72
CA LYS D 192 -62.11 -6.98 23.25
C LYS D 192 -63.04 -7.77 22.33
N ALA D 193 -63.14 -7.29 21.09
CA ALA D 193 -63.98 -7.91 20.06
C ALA D 193 -63.93 -9.44 20.04
N ALA D 194 -62.79 -9.99 19.65
CA ALA D 194 -62.61 -11.44 19.55
C ALA D 194 -62.90 -12.15 20.86
N THR D 195 -62.63 -11.48 21.97
CA THR D 195 -62.87 -12.10 23.28
C THR D 195 -64.36 -12.27 23.44
N GLU D 196 -65.08 -11.17 23.28
CA GLU D 196 -66.54 -11.19 23.41
C GLU D 196 -67.10 -12.32 22.52
N VAL D 197 -66.81 -12.25 21.22
CA VAL D 197 -67.27 -13.26 20.27
C VAL D 197 -66.82 -14.63 20.71
N CYS D 198 -65.75 -14.70 21.47
CA CYS D 198 -65.27 -16.00 21.92
C CYS D 198 -66.25 -16.53 22.96
N GLN D 199 -66.87 -15.62 23.71
CA GLN D 199 -67.85 -16.01 24.74
C GLN D 199 -68.86 -17.03 24.26
N LEU D 200 -69.34 -16.87 23.03
CA LEU D 200 -70.35 -17.79 22.49
C LEU D 200 -69.93 -19.26 22.60
N PHE D 201 -68.71 -19.48 23.05
CA PHE D 201 -68.19 -20.84 23.22
C PHE D 201 -67.39 -20.70 24.51
N ASP D 202 -66.89 -21.79 25.06
CA ASP D 202 -66.11 -21.76 26.30
C ASP D 202 -66.24 -20.43 27.07
N LYS D 203 -67.29 -20.33 27.88
CA LYS D 203 -67.58 -19.15 28.68
C LYS D 203 -66.33 -18.45 29.23
N ASN D 204 -65.28 -19.21 29.52
CA ASN D 204 -64.04 -18.64 30.04
C ASN D 204 -63.46 -17.67 29.03
N ILE D 205 -62.16 -17.85 28.74
CA ILE D 205 -61.51 -16.98 27.78
C ILE D 205 -61.67 -15.53 28.19
N THR D 206 -60.77 -15.09 29.05
CA THR D 206 -60.79 -13.71 29.51
C THR D 206 -60.38 -12.78 28.37
N ARG D 207 -59.30 -13.09 27.66
CA ARG D 207 -58.82 -12.26 26.56
C ARG D 207 -58.21 -13.05 25.43
N VAL D 208 -58.01 -12.40 24.28
CA VAL D 208 -57.42 -13.04 23.10
C VAL D 208 -56.25 -12.20 22.59
N PHE D 209 -55.08 -12.81 22.53
CA PHE D 209 -53.86 -12.11 22.09
C PHE D 209 -53.68 -12.23 20.59
N THR D 210 -52.79 -11.41 20.02
CA THR D 210 -52.51 -11.44 18.59
C THR D 210 -51.05 -11.79 18.33
N ASN D 211 -50.79 -12.87 17.62
CA ASN D 211 -49.41 -13.23 17.35
C ASN D 211 -48.97 -12.87 15.94
N LEU D 212 -47.80 -12.23 15.85
CA LEU D 212 -47.26 -11.81 14.57
C LEU D 212 -45.93 -12.44 14.26
N GLY D 213 -45.88 -13.23 13.20
CA GLY D 213 -44.61 -13.82 12.83
C GLY D 213 -44.19 -13.16 11.54
N TRP D 214 -43.11 -12.39 11.53
CA TRP D 214 -42.70 -11.75 10.30
C TRP D 214 -41.52 -12.41 9.60
N GLU D 215 -41.38 -12.16 8.30
CA GLU D 215 -40.29 -12.73 7.50
C GLU D 215 -39.59 -11.59 6.78
N GLN D 216 -38.34 -11.30 7.16
CA GLN D 216 -37.58 -10.20 6.56
C GLN D 216 -36.67 -10.54 5.42
N GLU D 217 -36.94 -9.97 4.24
CA GLU D 217 -36.12 -10.19 3.04
C GLU D 217 -35.28 -8.94 2.76
N TYR D 218 -34.13 -9.11 2.10
CA TYR D 218 -33.26 -7.97 1.79
C TYR D 218 -32.16 -8.35 0.82
N PHE D 219 -31.40 -7.36 0.40
CA PHE D 219 -30.29 -7.61 -0.51
C PHE D 219 -29.09 -6.99 0.17
N LEU D 220 -27.88 -7.35 -0.28
CA LEU D 220 -26.63 -6.80 0.25
C LEU D 220 -25.75 -6.39 -0.93
N VAL D 221 -24.91 -5.38 -0.76
CA VAL D 221 -24.00 -4.96 -1.84
C VAL D 221 -22.75 -4.53 -1.17
N ASP D 222 -21.61 -4.91 -1.70
CA ASP D 222 -20.38 -4.48 -1.07
C ASP D 222 -20.45 -2.99 -1.05
N THR D 223 -20.24 -2.39 0.11
CA THR D 223 -20.31 -0.94 0.24
C THR D 223 -19.65 -0.23 -0.92
N SER D 224 -18.39 -0.53 -1.21
CA SER D 224 -17.69 0.11 -2.32
C SER D 224 -18.58 0.17 -3.54
N LEU D 225 -18.97 -0.99 -4.06
CA LEU D 225 -19.85 -0.98 -5.22
C LEU D 225 -21.04 -0.07 -4.99
N TYR D 226 -21.67 -0.21 -3.85
CA TYR D 226 -22.83 0.59 -3.53
C TYR D 226 -22.60 2.08 -3.68
N ASN D 227 -21.56 2.60 -3.06
CA ASN D 227 -21.26 4.03 -3.16
C ASN D 227 -21.01 4.41 -4.61
N ALA D 228 -20.34 3.53 -5.35
CA ALA D 228 -20.06 3.79 -6.74
C ALA D 228 -21.34 3.88 -7.55
N ARG D 229 -22.48 3.77 -6.89
CA ARG D 229 -23.74 3.80 -7.59
C ARG D 229 -24.65 4.82 -6.87
N PRO D 230 -24.53 6.10 -7.23
CA PRO D 230 -25.34 7.14 -6.58
C PRO D 230 -26.83 6.88 -6.47
N ASP D 231 -27.44 6.33 -7.50
CA ASP D 231 -28.86 6.07 -7.46
C ASP D 231 -29.21 5.05 -6.39
N LEU D 232 -28.26 4.17 -6.08
CA LEU D 232 -28.50 3.15 -5.07
C LEU D 232 -28.45 3.82 -3.70
N ARG D 233 -27.49 4.70 -3.51
CA ARG D 233 -27.40 5.46 -2.28
C ARG D 233 -28.46 6.48 -2.64
N LEU D 234 -29.00 7.24 -1.69
CA LEU D 234 -30.05 8.25 -2.04
C LEU D 234 -31.42 7.70 -2.41
N THR D 235 -31.49 6.64 -3.23
CA THR D 235 -32.79 6.09 -3.62
C THR D 235 -33.04 4.69 -3.11
N GLY D 236 -31.98 4.00 -2.74
CA GLY D 236 -32.17 2.67 -2.22
C GLY D 236 -32.44 1.66 -3.31
N ARG D 237 -32.66 2.13 -4.54
CA ARG D 237 -32.92 1.23 -5.67
C ARG D 237 -32.24 1.77 -6.90
N THR D 238 -31.71 0.88 -7.74
CA THR D 238 -31.06 1.32 -8.95
C THR D 238 -32.09 2.04 -9.82
N LEU D 239 -31.74 3.23 -10.31
CA LEU D 239 -32.64 3.99 -11.15
C LEU D 239 -32.37 3.71 -12.61
N MET D 240 -31.43 2.84 -12.89
CA MET D 240 -31.07 2.51 -14.26
C MET D 240 -30.22 1.26 -14.27
N GLY D 241 -29.95 0.72 -15.44
CA GLY D 241 -29.14 -0.47 -15.51
C GLY D 241 -29.73 -1.63 -16.31
N HIS D 242 -28.90 -2.11 -17.24
CA HIS D 242 -29.25 -3.22 -18.12
C HIS D 242 -29.08 -4.52 -17.37
N SER D 243 -30.11 -5.36 -17.40
CA SER D 243 -30.09 -6.65 -16.72
C SER D 243 -29.37 -7.72 -17.55
N ILE D 258 -23.66 -19.66 0.13
CA ILE D 258 -23.67 -18.33 0.74
C ILE D 258 -22.24 -17.91 1.00
N PRO D 259 -21.73 -16.94 0.22
CA PRO D 259 -20.36 -16.44 0.36
C PRO D 259 -19.92 -16.20 1.80
N PRO D 260 -18.67 -16.57 2.14
CA PRO D 260 -18.15 -16.39 3.49
C PRO D 260 -18.46 -14.97 3.99
N ARG D 261 -17.95 -13.96 3.28
CA ARG D 261 -18.21 -12.57 3.64
C ARG D 261 -19.57 -12.47 4.34
N VAL D 262 -20.60 -12.88 3.61
CA VAL D 262 -21.97 -12.83 4.08
C VAL D 262 -22.22 -13.69 5.27
N THR D 263 -21.96 -15.00 5.16
CA THR D 263 -22.19 -15.88 6.31
C THR D 263 -21.79 -15.15 7.59
N ALA D 264 -20.52 -14.70 7.64
CA ALA D 264 -20.01 -13.95 8.80
C ALA D 264 -20.95 -12.82 9.19
N PHE D 265 -21.45 -12.09 8.21
CA PHE D 265 -22.37 -11.01 8.51
C PHE D 265 -23.46 -11.58 9.38
N MET D 266 -24.13 -12.59 8.84
CA MET D 266 -25.23 -13.26 9.54
C MET D 266 -24.72 -13.79 10.90
N LYS D 267 -23.60 -14.50 10.87
CA LYS D 267 -23.01 -15.06 12.08
C LYS D 267 -23.19 -14.04 13.19
N GLU D 268 -22.79 -12.80 12.93
CA GLU D 268 -22.92 -11.76 13.95
C GLU D 268 -24.37 -11.40 14.14
N LEU D 269 -24.97 -10.82 13.12
CA LEU D 269 -26.37 -10.40 13.20
C LEU D 269 -27.23 -11.22 14.15
N GLU D 270 -27.20 -12.53 13.94
CA GLU D 270 -27.98 -13.45 14.75
C GLU D 270 -27.58 -13.28 16.19
N ILE D 271 -26.33 -13.54 16.51
CA ILE D 271 -25.89 -13.41 17.90
C ILE D 271 -26.44 -12.14 18.49
N GLU D 272 -26.09 -11.03 17.88
CA GLU D 272 -26.53 -9.73 18.38
C GLU D 272 -28.03 -9.65 18.53
N CYS D 273 -28.77 -10.34 17.67
CA CYS D 273 -30.22 -10.33 17.76
C CYS D 273 -30.64 -11.07 19.00
N HIS D 274 -30.12 -12.28 19.18
CA HIS D 274 -30.45 -13.07 20.35
C HIS D 274 -30.21 -12.24 21.59
N LYS D 275 -28.99 -11.79 21.80
CA LYS D 275 -28.69 -10.96 22.94
C LYS D 275 -29.79 -9.92 23.13
N LEU D 276 -30.29 -9.37 22.04
CA LEU D 276 -31.35 -8.36 22.12
C LEU D 276 -32.75 -8.89 22.36
N GLY D 277 -32.90 -10.18 22.64
CA GLY D 277 -34.23 -10.70 22.86
C GLY D 277 -34.97 -11.18 21.62
N ILE D 278 -34.69 -10.58 20.46
CA ILE D 278 -35.33 -10.98 19.21
C ILE D 278 -34.95 -12.44 18.99
N PRO D 279 -35.93 -13.33 18.84
CA PRO D 279 -35.65 -14.75 18.64
C PRO D 279 -35.49 -15.24 17.20
N VAL D 280 -34.42 -14.82 16.54
CA VAL D 280 -34.20 -15.23 15.17
C VAL D 280 -34.14 -16.75 15.06
N LYS D 281 -35.02 -17.33 14.25
CA LYS D 281 -35.06 -18.78 14.07
C LYS D 281 -34.37 -19.29 12.81
N THR D 282 -34.76 -18.78 11.65
CA THR D 282 -34.15 -19.24 10.40
C THR D 282 -33.52 -18.12 9.61
N ARG D 283 -32.68 -18.49 8.65
CA ARG D 283 -31.98 -17.55 7.80
C ARG D 283 -31.50 -18.31 6.59
N HIS D 284 -31.86 -17.86 5.40
CA HIS D 284 -31.44 -18.53 4.17
C HIS D 284 -31.43 -17.50 3.04
N ASN D 285 -30.84 -17.85 1.90
CA ASN D 285 -30.84 -16.88 0.81
C ASN D 285 -31.99 -17.08 -0.15
N GLU D 286 -32.48 -15.95 -0.67
CA GLU D 286 -33.62 -15.92 -1.57
C GLU D 286 -33.37 -16.36 -3.00
N VAL D 287 -34.40 -16.19 -3.81
CA VAL D 287 -34.38 -16.58 -5.19
C VAL D 287 -33.37 -15.78 -5.98
N ALA D 288 -33.36 -14.48 -5.77
CA ALA D 288 -32.47 -13.59 -6.49
C ALA D 288 -31.02 -13.64 -6.00
N PRO D 289 -30.10 -13.01 -6.73
CA PRO D 289 -28.69 -12.99 -6.33
C PRO D 289 -28.57 -12.00 -5.18
N ASN D 290 -27.69 -12.27 -4.22
CA ASN D 290 -27.51 -11.38 -3.10
C ASN D 290 -28.79 -11.04 -2.35
N GLN D 291 -29.80 -11.89 -2.43
CA GLN D 291 -31.02 -11.63 -1.67
C GLN D 291 -31.06 -12.69 -0.57
N PHE D 292 -31.60 -12.36 0.59
CA PHE D 292 -31.65 -13.31 1.72
C PHE D 292 -32.82 -13.01 2.62
N GLU D 293 -33.22 -13.97 3.45
CA GLU D 293 -34.33 -13.79 4.37
C GLU D 293 -33.83 -14.06 5.79
N LEU D 294 -34.73 -13.99 6.76
CA LEU D 294 -34.42 -14.28 8.17
C LEU D 294 -35.68 -14.03 8.96
N ALA D 295 -36.16 -15.04 9.68
CA ALA D 295 -37.38 -14.88 10.45
C ALA D 295 -37.23 -15.46 11.84
N PRO D 296 -37.95 -14.90 12.80
CA PRO D 296 -37.93 -15.34 14.19
C PRO D 296 -39.14 -16.17 14.46
N ILE D 297 -39.37 -16.46 15.74
CA ILE D 297 -40.54 -17.21 16.14
C ILE D 297 -41.61 -16.14 16.43
N PHE D 298 -42.85 -16.37 16.05
CA PHE D 298 -43.88 -15.35 16.28
C PHE D 298 -43.85 -14.77 17.69
N GLU D 299 -44.45 -13.60 17.88
CA GLU D 299 -44.50 -12.96 19.19
C GLU D 299 -45.68 -12.01 19.23
N ASN D 300 -46.27 -11.82 20.41
CA ASN D 300 -47.42 -10.94 20.51
C ASN D 300 -47.17 -9.70 19.66
N CYS D 301 -47.93 -9.61 18.58
CA CYS D 301 -47.85 -8.54 17.60
C CYS D 301 -47.01 -7.32 17.96
N ASN D 302 -47.44 -6.55 18.95
CA ASN D 302 -46.69 -5.35 19.32
C ASN D 302 -45.22 -5.60 19.47
N LEU D 303 -44.86 -6.58 20.30
CA LEU D 303 -43.45 -6.91 20.52
C LEU D 303 -42.87 -7.32 19.20
N ALA D 304 -43.53 -8.27 18.54
CA ALA D 304 -43.04 -8.75 17.27
C ALA D 304 -42.58 -7.54 16.49
N ASN D 305 -43.52 -6.63 16.20
CA ASN D 305 -43.19 -5.43 15.44
C ASN D 305 -41.96 -4.76 16.03
N ASP D 306 -42.07 -4.24 17.25
CA ASP D 306 -40.92 -3.59 17.87
C ASP D 306 -39.67 -4.34 17.50
N HIS D 307 -39.65 -5.62 17.80
CA HIS D 307 -38.50 -6.44 17.47
C HIS D 307 -38.06 -6.25 16.04
N ASN D 308 -38.91 -6.57 15.07
CA ASN D 308 -38.54 -6.40 13.67
C ASN D 308 -37.93 -5.02 13.44
N GLN D 309 -38.63 -3.98 13.88
CA GLN D 309 -38.13 -2.63 13.71
C GLN D 309 -36.67 -2.57 14.13
N LEU D 310 -36.40 -3.01 15.35
CA LEU D 310 -35.04 -3.03 15.87
C LEU D 310 -34.10 -3.85 14.98
N VAL D 311 -34.54 -5.01 14.55
CA VAL D 311 -33.69 -5.84 13.71
C VAL D 311 -33.20 -5.06 12.53
N MET D 312 -34.06 -4.31 11.88
CA MET D 312 -33.63 -3.54 10.73
C MET D 312 -32.47 -2.67 11.16
N ASP D 313 -32.59 -2.01 12.32
CA ASP D 313 -31.52 -1.16 12.81
C ASP D 313 -30.26 -1.99 12.92
N LEU D 314 -30.30 -3.04 13.73
CA LEU D 314 -29.15 -3.90 13.89
C LEU D 314 -28.51 -4.22 12.54
N MET D 315 -29.30 -4.76 11.62
CA MET D 315 -28.79 -5.13 10.30
C MET D 315 -27.97 -4.02 9.68
N LYS D 316 -28.52 -2.83 9.63
CA LYS D 316 -27.79 -1.73 9.04
C LYS D 316 -26.47 -1.48 9.76
N ARG D 317 -26.50 -1.30 11.07
CA ARG D 317 -25.25 -1.03 11.76
C ARG D 317 -24.27 -2.13 11.49
N ILE D 318 -24.68 -3.37 11.71
CA ILE D 318 -23.79 -4.51 11.51
C ILE D 318 -23.29 -4.66 10.08
N ALA D 319 -24.17 -4.50 9.11
CA ALA D 319 -23.77 -4.66 7.73
C ALA D 319 -22.57 -3.75 7.45
N ARG D 320 -22.72 -2.47 7.76
CA ARG D 320 -21.67 -1.48 7.53
C ARG D 320 -20.36 -2.03 8.05
N LYS D 321 -20.39 -2.49 9.30
CA LYS D 321 -19.23 -3.08 9.93
C LYS D 321 -18.63 -4.19 9.08
N HIS D 322 -19.47 -4.88 8.31
CA HIS D 322 -18.99 -5.95 7.46
C HIS D 322 -18.77 -5.49 6.04
N HIS D 323 -18.55 -4.20 5.89
CA HIS D 323 -18.30 -3.64 4.58
C HIS D 323 -19.37 -4.05 3.57
N PHE D 324 -20.64 -4.00 3.99
CA PHE D 324 -21.79 -4.32 3.14
C PHE D 324 -22.79 -3.21 3.30
N ALA D 325 -23.80 -3.20 2.45
CA ALA D 325 -24.86 -2.20 2.53
C ALA D 325 -26.11 -3.03 2.39
N VAL D 326 -26.98 -2.99 3.40
CA VAL D 326 -28.20 -3.78 3.36
C VAL D 326 -29.25 -2.99 2.62
N LEU D 327 -29.80 -3.56 1.55
CA LEU D 327 -30.81 -2.86 0.77
C LEU D 327 -32.21 -3.33 1.13
N PHE D 328 -32.96 -2.46 1.78
CA PHE D 328 -34.32 -2.81 2.22
C PHE D 328 -35.42 -2.39 1.27
N HIS D 329 -35.08 -1.72 0.18
CA HIS D 329 -36.09 -1.29 -0.77
C HIS D 329 -36.75 -2.55 -1.31
N GLU D 330 -38.02 -2.47 -1.69
CA GLU D 330 -38.72 -3.66 -2.18
C GLU D 330 -38.30 -4.10 -3.56
N LYS D 331 -37.65 -3.23 -4.33
CA LYS D 331 -37.20 -3.58 -5.67
C LYS D 331 -35.88 -2.94 -6.00
N PRO D 332 -34.82 -3.34 -5.30
CA PRO D 332 -33.49 -2.78 -5.53
C PRO D 332 -33.12 -2.82 -7.01
N TYR D 333 -33.00 -4.03 -7.53
CA TYR D 333 -32.63 -4.19 -8.92
C TYR D 333 -33.85 -4.55 -9.73
N ASN D 334 -33.95 -3.94 -10.90
CA ASN D 334 -35.07 -4.17 -11.80
C ASN D 334 -34.88 -5.51 -12.45
N GLY D 335 -35.97 -6.17 -12.81
CA GLY D 335 -35.84 -7.47 -13.47
C GLY D 335 -35.40 -8.64 -12.62
N VAL D 336 -35.58 -8.57 -11.31
CA VAL D 336 -35.19 -9.68 -10.45
C VAL D 336 -36.00 -9.66 -9.17
N ASN D 337 -36.41 -10.83 -8.72
CA ASN D 337 -37.24 -10.96 -7.51
C ASN D 337 -37.18 -9.74 -6.60
N GLY D 338 -38.34 -9.22 -6.19
CA GLY D 338 -38.35 -8.09 -5.31
C GLY D 338 -38.19 -8.62 -3.89
N SER D 339 -38.13 -7.74 -2.90
CA SER D 339 -37.99 -8.18 -1.52
C SER D 339 -39.29 -7.89 -0.81
N GLY D 340 -39.78 -8.82 -0.03
CA GLY D 340 -41.03 -8.60 0.68
C GLY D 340 -40.97 -8.99 2.13
N LYS D 341 -41.94 -8.53 2.91
CA LYS D 341 -42.01 -8.84 4.32
C LYS D 341 -43.36 -9.46 4.63
N HIS D 342 -43.40 -10.78 4.75
CA HIS D 342 -44.65 -11.45 5.03
C HIS D 342 -45.06 -11.22 6.46
N ASN D 343 -46.35 -11.35 6.72
CA ASN D 343 -46.85 -11.21 8.08
C ASN D 343 -47.79 -12.38 8.35
N ASN D 344 -47.29 -13.35 9.10
CA ASN D 344 -48.08 -14.49 9.47
C ASN D 344 -48.84 -14.07 10.72
N TRP D 345 -50.16 -13.96 10.55
CA TRP D 345 -51.09 -13.53 11.58
C TRP D 345 -51.89 -14.68 12.17
N SER D 346 -52.14 -14.61 13.48
CA SER D 346 -52.90 -15.64 14.18
C SER D 346 -53.44 -15.06 15.48
N LEU D 347 -54.41 -15.73 16.09
CA LEU D 347 -54.99 -15.23 17.33
C LEU D 347 -55.07 -16.26 18.46
N CYS D 348 -54.07 -16.28 19.33
CA CYS D 348 -54.03 -17.21 20.46
C CYS D 348 -54.90 -16.63 21.57
N THR D 349 -55.82 -17.43 22.09
CA THR D 349 -56.71 -16.98 23.18
C THR D 349 -56.02 -17.27 24.50
N ASP D 350 -56.29 -16.44 25.50
CA ASP D 350 -55.65 -16.58 26.79
C ASP D 350 -55.72 -17.96 27.44
N THR D 351 -56.71 -18.76 27.06
CA THR D 351 -56.85 -20.10 27.64
C THR D 351 -56.13 -21.08 26.74
N GLY D 352 -55.46 -20.56 25.71
CA GLY D 352 -54.78 -21.40 24.76
C GLY D 352 -55.69 -21.36 23.54
N ILE D 353 -55.42 -22.16 22.52
CA ILE D 353 -56.26 -22.19 21.32
C ILE D 353 -55.79 -21.27 20.20
N ASN D 354 -55.27 -21.86 19.14
CA ASN D 354 -54.78 -21.10 18.01
C ASN D 354 -55.89 -20.24 17.47
N LEU D 355 -57.12 -20.70 17.61
CA LEU D 355 -58.29 -19.96 17.14
C LEU D 355 -58.32 -19.83 15.62
N PHE D 356 -57.32 -20.41 14.98
CA PHE D 356 -57.18 -20.37 13.54
C PHE D 356 -56.67 -21.75 13.19
N ALA D 357 -56.71 -22.65 14.16
CA ALA D 357 -56.23 -24.01 13.93
C ALA D 357 -57.35 -25.01 13.85
N PRO D 358 -57.52 -25.64 12.68
CA PRO D 358 -58.58 -26.63 12.49
C PRO D 358 -58.26 -27.90 13.30
N GLY D 359 -57.52 -28.81 12.69
CA GLY D 359 -57.12 -30.05 13.35
C GLY D 359 -58.19 -31.09 13.63
N LYS D 360 -58.17 -32.18 12.86
CA LYS D 360 -59.13 -33.27 13.02
C LYS D 360 -60.58 -32.80 13.00
N ASN D 361 -61.37 -33.38 12.08
CA ASN D 361 -62.79 -33.03 11.94
C ASN D 361 -63.07 -31.55 12.17
N PRO D 362 -62.59 -30.69 11.25
CA PRO D 362 -62.78 -29.23 11.31
C PRO D 362 -64.24 -28.80 11.32
N LYS D 363 -65.13 -29.65 10.80
CA LYS D 363 -66.55 -29.36 10.77
C LYS D 363 -67.07 -29.28 12.20
N GLY D 364 -66.40 -29.99 13.11
CA GLY D 364 -66.80 -29.98 14.50
C GLY D 364 -66.33 -28.78 15.29
N ASN D 365 -65.10 -28.33 15.02
CA ASN D 365 -64.54 -27.17 15.70
C ASN D 365 -65.27 -25.89 15.31
N MET D 366 -66.50 -25.75 15.80
CA MET D 366 -67.35 -24.60 15.49
C MET D 366 -66.70 -23.24 15.77
N LEU D 367 -65.92 -23.16 16.83
CA LEU D 367 -65.22 -21.92 17.19
C LEU D 367 -64.38 -21.45 15.99
N PHE D 368 -63.44 -22.31 15.60
CA PHE D 368 -62.58 -22.06 14.46
C PHE D 368 -63.44 -21.58 13.29
N LEU D 369 -64.36 -22.43 12.85
CA LEU D 369 -65.25 -22.10 11.75
C LEU D 369 -65.68 -20.64 11.92
N THR D 370 -66.23 -20.32 13.09
CA THR D 370 -66.69 -18.97 13.37
C THR D 370 -65.67 -17.89 13.00
N PHE D 371 -64.42 -18.11 13.41
CA PHE D 371 -63.38 -17.13 13.12
C PHE D 371 -62.93 -17.15 11.68
N LEU D 372 -62.65 -18.34 11.15
CA LEU D 372 -62.22 -18.43 9.78
C LEU D 372 -63.15 -17.63 8.89
N VAL D 373 -64.40 -18.08 8.83
CA VAL D 373 -65.39 -17.41 8.00
C VAL D 373 -65.31 -15.90 8.25
N ASN D 374 -65.07 -15.53 9.50
CA ASN D 374 -64.99 -14.12 9.86
C ASN D 374 -63.86 -13.45 9.11
N VAL D 375 -62.64 -13.96 9.26
CA VAL D 375 -61.50 -13.40 8.56
C VAL D 375 -61.97 -13.16 7.13
N LEU D 376 -62.44 -14.23 6.50
CA LEU D 376 -62.94 -14.16 5.12
C LEU D 376 -63.72 -12.89 4.84
N MET D 377 -64.72 -12.63 5.67
CA MET D 377 -65.53 -11.43 5.52
C MET D 377 -64.69 -10.15 5.58
N MET D 378 -63.80 -10.09 6.58
CA MET D 378 -62.95 -8.93 6.79
C MET D 378 -62.08 -8.65 5.57
N VAL D 379 -61.31 -9.64 5.16
CA VAL D 379 -60.45 -9.47 4.01
C VAL D 379 -61.31 -8.97 2.86
N HIS D 380 -62.47 -9.60 2.69
CA HIS D 380 -63.41 -9.25 1.63
C HIS D 380 -63.98 -7.84 1.80
N LYS D 381 -64.64 -7.63 2.92
CA LYS D 381 -65.27 -6.35 3.25
C LYS D 381 -64.30 -5.18 3.35
N ASN D 382 -63.01 -5.45 3.49
CA ASN D 382 -62.03 -4.37 3.62
C ASN D 382 -60.89 -4.38 2.61
N GLN D 383 -61.15 -4.86 1.39
CA GLN D 383 -60.11 -4.91 0.36
C GLN D 383 -59.26 -3.64 0.37
N ASP D 384 -59.79 -2.59 -0.23
CA ASP D 384 -59.07 -1.33 -0.32
C ASP D 384 -58.28 -0.95 0.92
N LEU D 385 -58.89 -1.05 2.10
CA LEU D 385 -58.19 -0.69 3.33
C LEU D 385 -56.86 -1.40 3.48
N LEU D 386 -56.85 -2.71 3.26
CA LEU D 386 -55.60 -3.43 3.37
C LEU D 386 -54.67 -2.95 2.27
N ARG D 387 -55.05 -3.18 1.02
CA ARG D 387 -54.21 -2.77 -0.09
C ARG D 387 -53.59 -1.40 0.14
N ALA D 388 -54.22 -0.60 1.00
CA ALA D 388 -53.68 0.72 1.27
C ALA D 388 -52.63 0.67 2.34
N SER D 389 -52.83 -0.20 3.32
CA SER D 389 -51.86 -0.27 4.40
C SER D 389 -50.53 -0.84 3.97
N ILE D 390 -50.41 -1.26 2.72
CA ILE D 390 -49.12 -1.78 2.31
C ILE D 390 -48.59 -1.09 1.06
N MET D 391 -49.35 -0.15 0.51
CA MET D 391 -48.94 0.54 -0.70
C MET D 391 -47.86 1.56 -0.37
N SER D 392 -46.89 1.72 -1.27
CA SER D 392 -45.77 2.66 -1.08
C SER D 392 -44.97 2.77 -2.36
N ALA D 393 -44.49 3.99 -2.63
CA ALA D 393 -43.69 4.23 -3.83
C ALA D 393 -42.72 3.10 -4.10
N GLY D 394 -42.18 2.50 -3.05
CA GLY D 394 -41.25 1.41 -3.27
C GLY D 394 -41.96 0.12 -3.63
N ASN D 395 -42.96 -0.25 -2.84
CA ASN D 395 -43.69 -1.48 -3.05
C ASN D 395 -44.41 -1.49 -4.38
N SER D 396 -44.77 -0.31 -4.87
CA SER D 396 -45.45 -0.23 -6.15
C SER D 396 -44.60 -1.00 -7.14
N HIS D 397 -43.30 -0.77 -7.08
CA HIS D 397 -42.37 -1.45 -7.98
C HIS D 397 -42.34 -2.97 -7.76
N ARG D 398 -42.91 -3.45 -6.66
CA ARG D 398 -42.86 -4.87 -6.37
C ARG D 398 -44.09 -5.70 -6.61
N LEU D 399 -45.13 -5.46 -5.82
CA LEU D 399 -46.34 -6.26 -5.95
C LEU D 399 -46.83 -6.41 -7.39
N GLY D 400 -47.41 -7.58 -7.67
CA GLY D 400 -47.89 -7.90 -8.99
C GLY D 400 -46.68 -8.18 -9.86
N ALA D 401 -46.00 -9.30 -9.61
CA ALA D 401 -44.81 -9.66 -10.38
C ALA D 401 -44.15 -10.95 -9.90
N ASN D 402 -42.81 -11.00 -10.00
CA ASN D 402 -42.04 -12.17 -9.59
C ASN D 402 -42.33 -12.58 -8.15
N GLU D 403 -43.33 -13.44 -7.98
CA GLU D 403 -43.75 -13.96 -6.69
C GLU D 403 -44.35 -12.93 -5.72
N ALA D 404 -44.75 -11.78 -6.25
CA ALA D 404 -45.33 -10.71 -5.45
C ALA D 404 -46.81 -10.53 -5.80
N PRO D 405 -47.70 -10.72 -4.80
CA PRO D 405 -49.15 -10.58 -4.99
C PRO D 405 -49.60 -9.27 -5.62
N PRO D 406 -50.41 -9.35 -6.69
CA PRO D 406 -50.90 -8.15 -7.37
C PRO D 406 -51.86 -7.40 -6.45
N ALA D 407 -52.10 -6.12 -6.72
CA ALA D 407 -52.99 -5.36 -5.86
C ALA D 407 -54.44 -5.84 -6.01
N ILE D 408 -54.70 -7.08 -5.61
CA ILE D 408 -56.04 -7.66 -5.70
C ILE D 408 -56.20 -8.62 -4.54
N LEU D 409 -56.67 -8.15 -3.40
CA LEU D 409 -56.82 -9.06 -2.27
C LEU D 409 -57.75 -10.21 -2.58
N SER D 410 -57.37 -11.41 -2.13
CA SER D 410 -58.16 -12.62 -2.36
C SER D 410 -57.56 -13.79 -1.61
N ILE D 411 -58.25 -14.22 -0.55
CA ILE D 411 -57.79 -15.32 0.31
C ILE D 411 -57.61 -16.65 -0.39
N PHE D 412 -56.82 -17.52 0.24
CA PHE D 412 -56.55 -18.86 -0.27
C PHE D 412 -56.79 -19.86 0.87
N LEU D 413 -57.79 -20.72 0.72
CA LEU D 413 -58.10 -21.70 1.77
C LEU D 413 -57.58 -23.08 1.43
N GLY D 414 -57.43 -23.35 0.14
CA GLY D 414 -56.93 -24.64 -0.30
C GLY D 414 -57.87 -25.83 -0.14
N SER D 415 -58.29 -26.39 -1.28
CA SER D 415 -59.17 -27.54 -1.35
C SER D 415 -59.73 -28.01 -0.01
N GLN D 416 -58.98 -28.84 0.70
CA GLN D 416 -59.41 -29.37 1.99
C GLN D 416 -60.40 -28.44 2.69
N LEU D 417 -59.88 -27.46 3.43
CA LEU D 417 -60.70 -26.50 4.15
C LEU D 417 -61.70 -25.81 3.24
N SER D 418 -61.34 -25.68 1.97
CA SER D 418 -62.20 -25.03 0.99
C SER D 418 -63.55 -25.72 0.85
N ALA D 419 -63.55 -26.89 0.19
CA ALA D 419 -64.79 -27.63 0.00
C ALA D 419 -65.54 -27.70 1.33
N THR D 420 -64.78 -27.89 2.40
CA THR D 420 -65.35 -27.96 3.74
C THR D 420 -66.20 -26.74 4.07
N LEU D 421 -65.89 -25.61 3.46
CA LEU D 421 -66.67 -24.42 3.72
C LEU D 421 -67.91 -24.43 2.85
N ASP D 422 -67.87 -25.22 1.78
CA ASP D 422 -69.01 -25.32 0.88
C ASP D 422 -70.06 -26.22 1.51
N GLU D 423 -69.62 -27.07 2.43
CA GLU D 423 -70.51 -27.99 3.13
C GLU D 423 -71.58 -27.22 3.93
N ILE D 424 -71.74 -25.94 3.62
CA ILE D 424 -72.72 -25.08 4.29
C ILE D 424 -73.27 -24.01 3.36
N ARG D 458 -50.62 -25.86 0.14
CA ARG D 458 -50.31 -24.46 0.38
C ARG D 458 -49.57 -23.81 -0.81
N ASN D 459 -50.20 -22.83 -1.45
CA ASN D 459 -49.61 -22.14 -2.60
C ASN D 459 -49.50 -20.62 -2.46
N ARG D 460 -48.32 -20.08 -2.79
CA ARG D 460 -48.07 -18.64 -2.71
C ARG D 460 -48.90 -17.91 -3.77
N THR D 461 -48.26 -16.99 -4.48
CA THR D 461 -48.93 -16.21 -5.52
C THR D 461 -50.35 -15.76 -5.17
N SER D 462 -50.50 -15.07 -4.03
CA SER D 462 -51.80 -14.56 -3.54
C SER D 462 -51.62 -13.76 -2.25
N PRO D 463 -52.36 -12.66 -2.10
CA PRO D 463 -52.31 -11.76 -0.94
C PRO D 463 -52.41 -12.46 0.40
N PHE D 464 -53.58 -13.01 0.71
CA PHE D 464 -53.82 -13.69 1.97
C PHE D 464 -53.73 -15.17 1.70
N ALA D 465 -53.48 -15.96 2.74
CA ALA D 465 -53.36 -17.40 2.53
C ALA D 465 -53.36 -18.22 3.81
N PHE D 466 -54.39 -19.02 4.03
CA PHE D 466 -54.43 -19.85 5.22
C PHE D 466 -53.35 -20.89 5.06
N THR D 467 -52.23 -20.70 5.73
CA THR D 467 -51.12 -21.64 5.62
C THR D 467 -51.06 -22.72 6.68
N GLY D 468 -52.16 -22.89 7.44
CA GLY D 468 -52.19 -23.90 8.48
C GLY D 468 -52.06 -23.28 9.86
N ASN D 469 -53.12 -23.38 10.64
CA ASN D 469 -53.11 -22.80 11.96
C ASN D 469 -52.48 -21.42 11.92
N ARG D 470 -52.93 -20.56 10.99
CA ARG D 470 -52.47 -19.17 10.80
C ARG D 470 -52.64 -18.67 9.35
N PHE D 471 -52.74 -17.35 9.18
CA PHE D 471 -52.88 -16.72 7.86
C PHE D 471 -51.61 -15.97 7.53
N GLU D 472 -51.19 -15.98 6.27
CA GLU D 472 -49.97 -15.24 5.90
C GLU D 472 -50.35 -14.08 4.97
N PHE D 473 -49.94 -12.87 5.32
CA PHE D 473 -50.26 -11.69 4.52
C PHE D 473 -49.04 -11.21 3.73
N ARG D 474 -48.88 -11.75 2.53
CA ARG D 474 -47.74 -11.44 1.67
C ARG D 474 -47.64 -10.04 1.05
N ALA D 475 -48.75 -9.35 0.87
CA ALA D 475 -48.75 -8.01 0.24
C ALA D 475 -47.72 -7.02 0.76
N ALA D 476 -47.47 -7.07 2.06
CA ALA D 476 -46.54 -6.15 2.70
C ALA D 476 -45.20 -5.94 2.00
N GLY D 477 -44.70 -4.71 2.03
CA GLY D 477 -43.41 -4.43 1.41
C GLY D 477 -42.31 -4.86 2.37
N SER D 478 -41.07 -4.90 1.91
CA SER D 478 -39.98 -5.32 2.78
C SER D 478 -39.39 -4.19 3.60
N SER D 479 -39.77 -2.97 3.28
CA SER D 479 -39.26 -1.83 4.03
C SER D 479 -40.29 -1.28 4.99
N ALA D 480 -41.56 -1.58 4.72
CA ALA D 480 -42.65 -1.07 5.53
C ALA D 480 -42.55 -1.49 6.98
N ASN D 481 -43.20 -0.72 7.84
CA ASN D 481 -43.24 -1.01 9.26
C ASN D 481 -44.47 -1.88 9.42
N CYS D 482 -44.27 -3.13 9.83
CA CYS D 482 -45.39 -4.03 9.98
C CYS D 482 -46.61 -3.34 10.49
N ALA D 483 -46.50 -2.69 11.65
CA ALA D 483 -47.60 -1.96 12.28
C ALA D 483 -48.71 -1.58 11.29
N ALA D 484 -48.37 -0.77 10.29
CA ALA D 484 -49.34 -0.35 9.27
C ALA D 484 -50.25 -1.49 8.85
N ALA D 485 -49.66 -2.53 8.26
CA ALA D 485 -50.42 -3.69 7.83
C ALA D 485 -51.22 -4.25 8.99
N MET D 486 -50.60 -4.37 10.16
CA MET D 486 -51.32 -4.91 11.31
C MET D 486 -52.44 -4.00 11.75
N ILE D 487 -52.12 -2.73 11.98
CA ILE D 487 -53.14 -1.78 12.40
C ILE D 487 -54.37 -2.00 11.59
N ALA D 488 -54.23 -2.05 10.27
CA ALA D 488 -55.37 -2.29 9.41
C ALA D 488 -55.95 -3.67 9.75
N ILE D 489 -55.39 -4.71 9.15
CA ILE D 489 -55.85 -6.07 9.39
C ILE D 489 -56.49 -6.28 10.75
N ASN D 490 -55.82 -5.88 11.83
CA ASN D 490 -56.41 -6.07 13.14
C ASN D 490 -57.69 -5.30 13.39
N ALA D 491 -57.65 -3.97 13.34
CA ALA D 491 -58.88 -3.20 13.55
C ALA D 491 -59.98 -3.70 12.60
N ALA D 492 -59.64 -3.84 11.32
CA ALA D 492 -60.57 -4.32 10.33
C ALA D 492 -61.26 -5.58 10.85
N MET D 493 -60.46 -6.48 11.41
CA MET D 493 -61.00 -7.72 11.94
C MET D 493 -61.86 -7.39 13.14
N ALA D 494 -61.34 -6.56 14.04
CA ALA D 494 -62.07 -6.16 15.24
C ALA D 494 -63.50 -5.81 14.88
N ASN D 495 -63.64 -4.91 13.90
CA ASN D 495 -64.95 -4.48 13.43
C ASN D 495 -65.72 -5.71 12.99
N GLN D 496 -65.31 -6.28 11.87
CA GLN D 496 -65.94 -7.48 11.33
C GLN D 496 -66.40 -8.46 12.43
N LEU D 497 -65.72 -8.47 13.57
CA LEU D 497 -66.11 -9.35 14.65
C LEU D 497 -67.28 -8.72 15.38
N ASN D 498 -67.03 -7.59 16.03
CA ASN D 498 -68.07 -6.87 16.76
C ASN D 498 -69.34 -6.83 15.93
N GLU D 499 -69.18 -6.97 14.63
CA GLU D 499 -70.32 -6.94 13.73
C GLU D 499 -70.99 -8.31 13.77
N PHE D 500 -70.22 -9.35 13.51
CA PHE D 500 -70.75 -10.71 13.54
C PHE D 500 -71.51 -10.94 14.83
N LYS D 501 -71.03 -10.33 15.92
CA LYS D 501 -71.66 -10.50 17.23
C LYS D 501 -73.04 -9.86 17.27
N ALA D 502 -73.12 -8.55 17.11
CA ALA D 502 -74.41 -7.86 17.12
C ALA D 502 -75.39 -8.68 16.27
N SER D 503 -74.99 -8.95 15.03
CA SER D 503 -75.79 -9.72 14.11
C SER D 503 -76.29 -11.04 14.73
N VAL D 504 -75.38 -11.89 15.16
CA VAL D 504 -75.74 -13.18 15.78
C VAL D 504 -76.38 -12.97 17.14
N ASP D 505 -77.21 -11.93 17.26
CA ASP D 505 -77.92 -11.64 18.49
C ASP D 505 -79.40 -11.35 18.17
N LYS D 506 -80.12 -12.41 17.85
CA LYS D 506 -81.54 -12.31 17.52
C LYS D 506 -82.29 -13.35 18.34
N ASP D 515 -77.42 -19.56 20.71
CA ASP D 515 -76.72 -20.82 20.96
C ASP D 515 -76.78 -21.72 19.73
N GLU D 516 -77.61 -21.34 18.76
CA GLU D 516 -77.77 -22.09 17.53
C GLU D 516 -77.89 -21.09 16.41
N ALA D 517 -77.87 -19.82 16.81
CA ALA D 517 -77.97 -18.72 15.87
C ALA D 517 -76.71 -18.68 15.04
N ILE D 518 -75.57 -18.78 15.72
CA ILE D 518 -74.28 -18.77 15.06
C ILE D 518 -74.39 -19.38 13.66
N PHE D 519 -74.71 -20.68 13.61
CA PHE D 519 -74.83 -21.37 12.34
C PHE D 519 -75.58 -20.53 11.30
N ARG D 520 -76.57 -19.77 11.77
CA ARG D 520 -77.34 -18.91 10.88
C ARG D 520 -76.40 -17.88 10.27
N ILE D 521 -75.81 -17.04 11.12
CA ILE D 521 -74.92 -16.00 10.65
C ILE D 521 -73.71 -16.59 9.92
N LEU D 522 -73.09 -17.59 10.54
CA LEU D 522 -71.91 -18.22 9.97
C LEU D 522 -72.17 -18.58 8.50
N LYS D 523 -73.24 -19.32 8.24
CA LYS D 523 -73.56 -19.70 6.88
C LYS D 523 -73.88 -18.43 6.08
N GLU D 524 -74.56 -17.49 6.74
CA GLU D 524 -74.92 -16.23 6.11
C GLU D 524 -73.68 -15.54 5.57
N ASN D 525 -72.59 -15.64 6.32
CA ASN D 525 -71.33 -15.02 5.94
C ASN D 525 -70.53 -15.75 4.87
N ILE D 526 -70.47 -17.07 4.98
CA ILE D 526 -69.73 -17.84 3.99
C ILE D 526 -70.26 -17.45 2.62
N ILE D 527 -71.56 -17.55 2.45
CA ILE D 527 -72.19 -17.22 1.18
C ILE D 527 -71.82 -15.80 0.80
N ALA D 528 -71.76 -14.94 1.81
CA ALA D 528 -71.42 -13.55 1.63
C ALA D 528 -69.99 -13.32 1.13
N SER D 529 -69.03 -14.04 1.69
CA SER D 529 -67.63 -13.90 1.27
C SER D 529 -67.46 -14.40 -0.17
N GLU D 530 -67.54 -15.72 -0.36
CA GLU D 530 -67.42 -16.31 -1.67
C GLU D 530 -66.51 -15.49 -2.57
N LEU D 531 -67.08 -14.47 -3.22
CA LEU D 531 -66.32 -13.60 -4.11
C LEU D 531 -64.81 -13.54 -3.81
N ILE D 532 -64.48 -13.21 -2.57
CA ILE D 532 -63.11 -13.06 -2.11
C ILE D 532 -62.17 -14.27 -2.23
N ARG D 533 -62.70 -15.46 -2.07
CA ARG D 533 -61.89 -16.68 -2.15
C ARG D 533 -61.44 -17.02 -3.56
N PHE D 534 -60.15 -17.34 -3.71
CA PHE D 534 -59.58 -17.73 -4.99
C PHE D 534 -58.63 -18.87 -4.72
N GLU D 535 -58.02 -19.46 -5.75
CA GLU D 535 -57.11 -20.57 -5.52
C GLU D 535 -55.98 -20.75 -6.54
N GLY D 536 -56.00 -19.99 -7.64
CA GLY D 536 -54.98 -20.16 -8.67
C GLY D 536 -54.08 -19.02 -9.11
N ASP D 537 -53.19 -19.31 -10.07
CA ASP D 537 -52.23 -18.35 -10.63
C ASP D 537 -52.71 -16.91 -10.50
N GLY D 538 -52.46 -16.32 -9.33
CA GLY D 538 -52.89 -14.95 -9.07
C GLY D 538 -52.38 -13.90 -10.05
N TYR D 539 -51.35 -14.24 -10.82
CA TYR D 539 -50.80 -13.30 -11.79
C TYR D 539 -51.48 -13.51 -13.13
N SER D 540 -51.90 -14.75 -13.38
CA SER D 540 -52.57 -15.11 -14.62
C SER D 540 -53.52 -14.02 -15.09
N GLU D 541 -53.50 -13.75 -16.40
CA GLU D 541 -54.40 -12.75 -16.96
C GLU D 541 -55.81 -13.24 -16.69
N GLU D 542 -55.92 -14.54 -16.40
CA GLU D 542 -57.17 -15.19 -16.09
C GLU D 542 -57.83 -14.43 -14.94
N TRP D 543 -57.16 -14.44 -13.79
CA TRP D 543 -57.62 -13.78 -12.58
C TRP D 543 -57.73 -12.26 -12.74
N LYS D 544 -56.89 -11.69 -13.60
CA LYS D 544 -56.89 -10.26 -13.83
C LYS D 544 -58.32 -9.77 -14.01
N GLN D 545 -59.07 -10.48 -14.86
CA GLN D 545 -60.46 -10.13 -15.13
C GLN D 545 -61.40 -10.96 -14.27
N GLU D 546 -61.11 -12.25 -14.14
CA GLU D 546 -61.91 -13.18 -13.36
C GLU D 546 -62.32 -12.65 -11.98
N ALA D 547 -61.55 -11.70 -11.47
CA ALA D 547 -61.82 -11.09 -10.18
C ALA D 547 -62.50 -9.76 -10.41
N ALA D 548 -61.95 -8.98 -11.34
CA ALA D 548 -62.53 -7.68 -11.68
C ALA D 548 -64.01 -7.87 -11.88
N ARG D 549 -64.37 -9.06 -12.35
CA ARG D 549 -65.74 -9.45 -12.60
C ARG D 549 -66.50 -9.54 -11.27
N ARG D 550 -65.87 -10.18 -10.29
CA ARG D 550 -66.50 -10.36 -8.98
C ARG D 550 -66.63 -9.03 -8.25
N GLY D 551 -66.05 -7.98 -8.82
CA GLY D 551 -66.11 -6.69 -8.19
C GLY D 551 -64.90 -6.44 -7.29
N LEU D 552 -63.98 -7.40 -7.24
CA LEU D 552 -62.77 -7.25 -6.45
C LEU D 552 -61.96 -6.13 -7.09
N THR D 553 -61.65 -5.10 -6.30
CA THR D 553 -60.89 -3.97 -6.80
C THR D 553 -59.45 -4.31 -7.06
N ASN D 554 -58.86 -3.58 -8.00
CA ASN D 554 -57.47 -3.72 -8.38
C ASN D 554 -56.95 -2.30 -8.60
N ILE D 555 -56.03 -1.87 -7.74
CA ILE D 555 -55.45 -0.54 -7.85
C ILE D 555 -53.91 -0.53 -7.79
N CYS D 556 -53.29 -0.16 -8.90
CA CYS D 556 -51.84 -0.11 -8.99
C CYS D 556 -51.28 1.21 -8.52
N HIS D 557 -51.90 2.31 -8.95
CA HIS D 557 -51.45 3.63 -8.62
C HIS D 557 -51.44 3.93 -7.14
N VAL D 558 -50.26 4.21 -6.60
CA VAL D 558 -50.15 4.50 -5.19
C VAL D 558 -51.12 5.59 -4.77
N PRO D 559 -50.96 6.80 -5.29
CA PRO D 559 -51.90 7.84 -4.87
C PRO D 559 -53.32 7.30 -4.69
N GLU D 560 -53.96 6.95 -5.80
CA GLU D 560 -55.31 6.42 -5.73
C GLU D 560 -55.41 5.44 -4.57
N ALA D 561 -54.80 4.28 -4.74
CA ALA D 561 -54.81 3.22 -3.73
C ALA D 561 -54.76 3.77 -2.33
N LEU D 562 -53.93 4.80 -2.12
CA LEU D 562 -53.79 5.38 -0.80
C LEU D 562 -55.05 6.10 -0.39
N MET D 563 -55.55 6.96 -1.27
CA MET D 563 -56.75 7.75 -1.02
C MET D 563 -57.80 7.01 -0.20
N HIS D 564 -58.01 5.74 -0.51
CA HIS D 564 -59.00 4.97 0.21
C HIS D 564 -58.88 4.97 1.73
N TYR D 565 -57.87 5.63 2.28
CA TYR D 565 -57.81 5.64 3.72
C TYR D 565 -59.05 6.39 4.21
N MET D 566 -59.35 7.53 3.58
CA MET D 566 -60.49 8.39 3.92
C MET D 566 -61.80 7.82 3.38
N ASP D 567 -61.71 6.82 2.51
CA ASP D 567 -62.91 6.20 1.95
C ASP D 567 -63.80 5.79 3.13
N ASN D 568 -65.08 6.15 3.06
CA ASN D 568 -66.05 5.87 4.12
C ASN D 568 -65.93 4.53 4.82
N GLN D 569 -65.89 3.44 4.06
CA GLN D 569 -65.78 2.12 4.65
C GLN D 569 -64.62 2.07 5.64
N SER D 570 -63.42 2.40 5.15
CA SER D 570 -62.23 2.41 5.97
C SER D 570 -62.46 3.21 7.26
N ARG D 571 -62.96 4.44 7.09
CA ARG D 571 -63.24 5.33 8.22
C ARG D 571 -64.09 4.58 9.24
N ALA D 572 -65.04 3.81 8.73
CA ALA D 572 -65.93 3.02 9.55
C ALA D 572 -65.12 2.13 10.48
N VAL D 573 -64.02 1.61 9.95
CA VAL D 573 -63.15 0.74 10.73
C VAL D 573 -62.20 1.56 11.55
N LEU D 574 -61.46 2.44 10.89
CA LEU D 574 -60.49 3.26 11.58
C LEU D 574 -61.12 4.17 12.63
N ILE D 575 -61.94 5.12 12.21
CA ILE D 575 -62.55 6.01 13.17
C ILE D 575 -63.56 5.24 13.98
N GLY D 576 -64.23 4.29 13.33
CA GLY D 576 -65.22 3.51 14.03
C GLY D 576 -64.67 2.95 15.33
N GLU D 577 -63.72 2.03 15.22
CA GLU D 577 -63.11 1.39 16.38
C GLU D 577 -62.34 2.34 17.28
N ARG D 578 -62.56 3.64 17.13
CA ARG D 578 -61.86 4.62 17.95
C ARG D 578 -60.34 4.45 17.85
N ILE D 579 -59.85 4.16 16.64
CA ILE D 579 -58.41 3.99 16.37
C ILE D 579 -57.79 5.32 15.99
N PHE D 580 -58.54 6.11 15.22
CA PHE D 580 -58.09 7.43 14.80
C PHE D 580 -59.29 8.35 14.85
N ASN D 581 -59.05 9.65 14.99
CA ASN D 581 -60.16 10.58 14.99
C ASN D 581 -59.97 11.40 13.74
N GLU D 582 -61.05 11.74 13.06
CA GLU D 582 -60.99 12.53 11.83
C GLU D 582 -59.68 13.26 11.58
N THR D 583 -59.35 14.19 12.47
CA THR D 583 -58.12 14.97 12.36
C THR D 583 -56.90 14.10 12.14
N GLU D 584 -56.76 13.03 12.92
CA GLU D 584 -55.63 12.11 12.79
C GLU D 584 -55.64 11.47 11.41
N LEU D 585 -56.60 10.58 11.19
CA LEU D 585 -56.72 9.88 9.92
C LEU D 585 -56.40 10.85 8.80
N ALA D 586 -56.82 12.11 8.97
CA ALA D 586 -56.54 13.13 7.96
C ALA D 586 -55.04 13.14 7.74
N CYS D 587 -54.27 13.45 8.79
CA CYS D 587 -52.82 13.48 8.73
C CYS D 587 -52.29 12.20 8.07
N ARG D 588 -52.46 11.09 8.76
CA ARG D 588 -52.03 9.80 8.27
C ARG D 588 -52.05 9.83 6.74
N LEU D 589 -53.24 10.01 6.17
CA LEU D 589 -53.35 10.02 4.70
C LEU D 589 -52.47 11.03 4.04
N GLU D 590 -52.33 12.21 4.65
CA GLU D 590 -51.49 13.21 4.05
C GLU D 590 -50.03 12.82 4.14
N VAL D 591 -49.52 12.74 5.37
CA VAL D 591 -48.13 12.37 5.56
C VAL D 591 -47.78 11.18 4.66
N GLU D 592 -48.75 10.29 4.46
CA GLU D 592 -48.51 9.12 3.63
C GLU D 592 -48.30 9.55 2.19
N LEU D 593 -49.19 10.42 1.71
CA LEU D 593 -49.10 10.95 0.35
C LEU D 593 -47.83 11.77 0.27
N GLU D 594 -47.57 12.51 1.35
CA GLU D 594 -46.40 13.36 1.43
C GLU D 594 -45.18 12.55 1.05
N LYS D 595 -44.97 11.43 1.75
CA LYS D 595 -43.84 10.54 1.50
C LYS D 595 -43.74 10.20 0.03
N TYR D 596 -44.69 9.40 -0.43
CA TYR D 596 -44.71 9.03 -1.84
C TYR D 596 -44.16 10.18 -2.67
N THR D 597 -44.84 11.31 -2.62
CA THR D 597 -44.42 12.48 -3.39
C THR D 597 -42.93 12.77 -3.35
N MET D 598 -42.34 12.80 -2.16
CA MET D 598 -40.92 13.09 -2.04
C MET D 598 -40.14 11.98 -2.67
N LYS D 599 -40.39 10.75 -2.22
CA LYS D 599 -39.67 9.61 -2.78
C LYS D 599 -39.62 9.70 -4.29
N VAL D 600 -40.78 9.78 -4.94
CA VAL D 600 -40.83 9.86 -6.40
C VAL D 600 -40.01 11.03 -6.88
N GLN D 601 -40.02 12.12 -6.12
CA GLN D 601 -39.25 13.29 -6.50
C GLN D 601 -37.76 12.97 -6.56
N ILE D 602 -37.16 12.64 -5.42
CA ILE D 602 -35.74 12.31 -5.37
C ILE D 602 -35.33 11.37 -6.48
N GLU D 603 -36.09 10.29 -6.68
CA GLU D 603 -35.78 9.35 -7.73
C GLU D 603 -35.58 10.14 -9.02
N SER D 604 -36.56 10.99 -9.32
CA SER D 604 -36.51 11.84 -10.51
C SER D 604 -35.29 12.74 -10.47
N ARG D 605 -35.17 13.54 -9.41
CA ARG D 605 -34.05 14.45 -9.28
C ARG D 605 -32.78 13.70 -9.64
N VAL D 606 -32.46 12.68 -8.86
CA VAL D 606 -31.26 11.90 -9.09
C VAL D 606 -31.11 11.48 -10.54
N LEU D 607 -31.95 10.55 -10.97
CA LEU D 607 -31.91 10.07 -12.35
C LEU D 607 -31.66 11.17 -13.37
N GLY D 608 -32.13 12.38 -13.08
CA GLY D 608 -31.92 13.48 -14.00
C GLY D 608 -30.46 13.90 -13.98
N ASP D 609 -29.97 14.20 -12.79
CA ASP D 609 -28.59 14.63 -12.63
C ASP D 609 -27.64 13.55 -13.11
N LEU D 610 -27.88 12.31 -12.68
CA LEU D 610 -27.01 11.25 -13.09
C LEU D 610 -26.94 11.14 -14.59
N ALA D 611 -28.06 11.36 -15.26
CA ALA D 611 -28.07 11.23 -16.70
C ALA D 611 -27.21 12.29 -17.33
N ILE D 612 -27.56 13.53 -17.07
CA ILE D 612 -26.82 14.64 -17.63
C ILE D 612 -25.34 14.71 -17.24
N ASN D 613 -25.06 14.55 -15.94
CA ASN D 613 -23.70 14.61 -15.40
C ASN D 613 -22.84 13.39 -15.62
N HIS D 614 -23.36 12.21 -15.35
CA HIS D 614 -22.59 10.97 -15.47
C HIS D 614 -22.68 10.21 -16.77
N ILE D 615 -23.87 9.80 -17.16
CA ILE D 615 -24.05 9.02 -18.38
C ILE D 615 -23.70 9.71 -19.69
N VAL D 616 -24.39 10.80 -19.99
CA VAL D 616 -24.16 11.48 -21.24
C VAL D 616 -22.69 11.73 -21.53
N PRO D 617 -22.03 12.56 -20.71
CA PRO D 617 -20.62 12.89 -20.88
C PRO D 617 -19.80 11.73 -21.35
N ILE D 618 -20.16 10.51 -20.93
CA ILE D 618 -19.41 9.35 -21.36
C ILE D 618 -19.79 9.03 -22.76
N ALA D 619 -21.09 8.87 -22.98
CA ALA D 619 -21.58 8.56 -24.32
C ALA D 619 -20.80 9.39 -25.34
N VAL D 620 -20.65 10.68 -25.07
CA VAL D 620 -19.93 11.58 -25.95
C VAL D 620 -18.54 11.06 -26.11
N SER D 621 -17.81 11.01 -25.01
CA SER D 621 -16.44 10.54 -25.03
C SER D 621 -16.35 9.34 -25.97
N TYR D 622 -17.18 8.34 -25.76
CA TYR D 622 -17.11 7.17 -26.63
C TYR D 622 -17.45 7.51 -28.07
N GLN D 623 -18.47 8.33 -28.26
CA GLN D 623 -18.84 8.68 -29.61
C GLN D 623 -17.63 9.22 -30.33
N ASN D 624 -16.82 10.00 -29.63
CA ASN D 624 -15.62 10.57 -30.25
C ASN D 624 -14.76 9.44 -30.76
N ARG D 625 -14.47 8.49 -29.89
CA ARG D 625 -13.66 7.34 -30.28
C ARG D 625 -14.10 6.94 -31.67
N LEU D 626 -15.39 6.65 -31.80
CA LEU D 626 -15.99 6.22 -33.05
C LEU D 626 -15.76 7.20 -34.15
N LEU D 627 -16.03 8.47 -33.90
CA LEU D 627 -15.84 9.50 -34.91
C LEU D 627 -14.40 9.58 -35.35
N GLU D 628 -13.49 9.70 -34.39
CA GLU D 628 -12.09 9.80 -34.73
C GLU D 628 -11.74 8.67 -35.65
N ASN D 629 -12.41 7.54 -35.49
CA ASN D 629 -12.14 6.39 -36.35
C ASN D 629 -12.45 6.76 -37.80
N LEU D 630 -13.73 6.95 -38.10
CA LEU D 630 -14.13 7.31 -39.45
C LEU D 630 -13.34 8.50 -39.95
N CYS D 631 -13.49 9.61 -39.26
CA CYS D 631 -12.80 10.83 -39.64
C CYS D 631 -11.47 10.57 -40.33
N ARG D 632 -10.67 9.63 -39.80
CA ARG D 632 -9.37 9.32 -40.40
C ARG D 632 -9.58 8.34 -41.52
N MET D 633 -10.24 7.24 -41.21
CA MET D 633 -10.51 6.21 -42.20
C MET D 633 -11.01 6.85 -43.50
N LYS D 634 -12.10 7.59 -43.39
CA LYS D 634 -12.70 8.26 -44.54
C LYS D 634 -11.65 8.84 -45.45
N GLU D 635 -10.64 9.47 -44.85
CA GLU D 635 -9.61 10.09 -45.66
C GLU D 635 -8.41 9.20 -45.99
N ILE D 636 -8.59 7.88 -45.99
CA ILE D 636 -7.47 7.00 -46.31
C ILE D 636 -7.91 5.88 -47.21
N PHE D 637 -9.20 5.84 -47.50
CA PHE D 637 -9.73 4.78 -48.36
C PHE D 637 -10.61 5.35 -49.47
N SER D 638 -10.56 4.69 -50.63
CA SER D 638 -11.37 5.12 -51.75
C SER D 638 -12.81 5.14 -51.30
N GLU D 639 -13.49 6.25 -51.58
CA GLU D 639 -14.90 6.41 -51.21
C GLU D 639 -15.57 5.05 -51.21
N GLU D 640 -15.34 4.24 -52.25
CA GLU D 640 -15.95 2.92 -52.31
C GLU D 640 -15.66 2.17 -50.99
N GLU D 641 -14.39 1.97 -50.69
CA GLU D 641 -13.96 1.27 -49.48
C GLU D 641 -14.60 1.88 -48.26
N TYR D 642 -14.40 3.17 -48.08
CA TYR D 642 -14.95 3.88 -46.94
C TYR D 642 -16.45 3.68 -46.78
N GLU D 643 -17.18 3.70 -47.90
CA GLU D 643 -18.61 3.53 -47.85
C GLU D 643 -18.97 2.22 -47.18
N VAL D 644 -18.27 1.14 -47.53
CA VAL D 644 -18.59 -0.14 -46.94
C VAL D 644 -18.01 -0.37 -45.56
N MET D 645 -16.83 0.16 -45.29
CA MET D 645 -16.22 -0.03 -43.98
C MET D 645 -16.92 0.80 -42.92
N SER D 646 -17.08 2.11 -43.14
CA SER D 646 -17.75 2.95 -42.14
C SER D 646 -19.18 2.46 -41.86
N ALA D 647 -19.88 2.07 -42.91
CA ALA D 647 -21.25 1.57 -42.83
C ALA D 647 -21.84 1.55 -41.42
N ASP D 648 -21.76 0.40 -40.77
CA ASP D 648 -22.30 0.19 -39.43
C ASP D 648 -21.85 1.27 -38.46
N ARG D 649 -20.54 1.38 -38.27
CA ARG D 649 -19.98 2.36 -37.35
C ARG D 649 -20.74 3.67 -37.43
N LYS D 650 -20.71 4.24 -38.64
CA LYS D 650 -21.38 5.50 -38.92
C LYS D 650 -22.78 5.46 -38.33
N GLU D 651 -23.46 4.33 -38.51
CA GLU D 651 -24.82 4.18 -38.02
C GLU D 651 -24.91 4.31 -36.51
N LEU D 652 -24.09 3.54 -35.82
CA LEU D 652 -24.04 3.56 -34.35
C LEU D 652 -23.87 4.96 -33.82
N ILE D 653 -22.99 5.71 -34.47
CA ILE D 653 -22.77 7.09 -34.06
C ILE D 653 -24.15 7.75 -34.07
N LYS D 654 -24.86 7.58 -35.17
CA LYS D 654 -26.20 8.15 -35.27
C LYS D 654 -26.93 7.66 -34.03
N GLU D 655 -27.02 6.34 -33.90
CA GLU D 655 -27.67 5.70 -32.78
C GLU D 655 -27.38 6.43 -31.47
N ILE D 656 -26.10 6.57 -31.14
CA ILE D 656 -25.74 7.24 -29.91
C ILE D 656 -26.29 8.66 -29.88
N SER D 657 -25.88 9.47 -30.85
CA SER D 657 -26.33 10.84 -30.92
C SER D 657 -27.84 10.88 -30.68
N HIS D 658 -28.54 9.90 -31.23
CA HIS D 658 -29.97 9.84 -31.03
C HIS D 658 -30.21 9.80 -29.53
N ARG D 659 -29.91 8.65 -28.92
CA ARG D 659 -30.09 8.45 -27.49
C ARG D 659 -29.76 9.70 -26.66
N VAL D 660 -28.50 10.11 -26.70
CA VAL D 660 -28.06 11.30 -25.98
C VAL D 660 -29.11 12.38 -26.03
N SER D 661 -29.36 12.88 -27.23
CA SER D 661 -30.36 13.92 -27.43
C SER D 661 -31.66 13.56 -26.73
N ALA D 662 -32.20 12.39 -27.05
CA ALA D 662 -33.43 11.93 -26.46
C ALA D 662 -33.40 12.19 -24.97
N ILE D 663 -32.40 11.64 -24.30
CA ILE D 663 -32.26 11.80 -22.87
C ILE D 663 -32.26 13.26 -22.54
N LYS D 664 -31.37 14.01 -23.19
CA LYS D 664 -31.28 15.43 -22.93
C LYS D 664 -32.67 16.01 -22.83
N VAL D 665 -33.56 15.64 -23.76
CA VAL D 665 -34.92 16.14 -23.74
C VAL D 665 -35.70 15.60 -22.57
N LEU D 666 -36.04 14.33 -22.62
CA LEU D 666 -36.78 13.70 -21.54
C LEU D 666 -36.48 14.34 -20.20
N VAL D 667 -35.20 14.42 -19.84
CA VAL D 667 -34.82 15.02 -18.56
C VAL D 667 -35.43 16.41 -18.42
N ARG D 668 -35.16 17.27 -19.39
CA ARG D 668 -35.69 18.62 -19.38
C ARG D 668 -37.18 18.52 -19.11
N ASP D 669 -37.92 17.94 -20.05
CA ASP D 669 -39.35 17.80 -19.91
C ASP D 669 -39.75 17.30 -18.54
N MET D 670 -39.01 16.32 -18.04
CA MET D 670 -39.29 15.75 -16.74
C MET D 670 -39.05 16.80 -15.66
N THR D 671 -37.95 17.52 -15.78
CA THR D 671 -37.65 18.54 -14.81
C THR D 671 -38.84 19.47 -14.74
N GLU D 672 -39.36 19.83 -15.91
CA GLU D 672 -40.51 20.71 -15.99
C GLU D 672 -41.69 20.07 -15.25
N ALA D 673 -42.07 18.88 -15.70
CA ALA D 673 -43.18 18.17 -15.06
C ALA D 673 -43.07 18.37 -13.57
N ARG D 674 -42.00 17.87 -12.99
CA ARG D 674 -41.79 17.99 -11.56
C ARG D 674 -42.12 19.42 -11.16
N LYS D 675 -41.55 20.39 -11.87
CA LYS D 675 -41.79 21.80 -11.56
C LYS D 675 -43.27 22.06 -11.34
N VAL D 676 -44.05 22.07 -12.41
CA VAL D 676 -45.47 22.28 -12.29
C VAL D 676 -45.98 21.43 -11.13
N ALA D 677 -45.92 20.11 -11.27
CA ALA D 677 -46.38 19.20 -10.23
C ALA D 677 -46.17 19.81 -8.86
N ASN D 678 -44.93 20.18 -8.58
CA ASN D 678 -44.59 20.76 -7.30
C ASN D 678 -45.42 21.96 -6.91
N HIS D 679 -46.09 22.57 -7.87
CA HIS D 679 -46.88 23.75 -7.61
C HIS D 679 -48.35 23.54 -7.36
N LYS D 680 -48.87 22.35 -7.66
CA LYS D 680 -50.29 22.07 -7.44
C LYS D 680 -50.61 22.51 -6.02
N GLU D 681 -51.50 23.50 -5.87
CA GLU D 681 -51.84 24.02 -4.55
C GLU D 681 -52.64 23.02 -3.73
N ASN D 682 -52.03 21.88 -3.42
CA ASN D 682 -52.70 20.83 -2.64
C ASN D 682 -51.92 19.53 -2.61
N PHE D 683 -51.36 19.18 -1.46
CA PHE D 683 -50.56 17.95 -1.33
C PHE D 683 -51.22 16.76 -2.01
N LYS D 684 -52.54 16.67 -1.88
CA LYS D 684 -53.28 15.56 -2.45
C LYS D 684 -53.14 15.52 -3.96
N GLU D 685 -53.15 16.69 -4.59
CA GLU D 685 -53.01 16.77 -6.04
C GLU D 685 -51.57 16.57 -6.43
N LYS D 686 -50.69 17.21 -5.69
CA LYS D 686 -49.28 17.12 -5.95
C LYS D 686 -48.93 15.66 -6.19
N ALA D 687 -49.42 14.79 -5.31
CA ALA D 687 -49.17 13.35 -5.42
C ALA D 687 -49.54 12.87 -6.79
N PHE D 688 -50.82 12.96 -7.12
CA PHE D 688 -51.28 12.51 -8.44
C PHE D 688 -50.37 13.09 -9.50
N ALA D 689 -50.18 14.39 -9.47
CA ALA D 689 -49.31 15.05 -10.43
C ALA D 689 -48.09 14.16 -10.73
N TYR D 690 -47.39 13.74 -9.69
CA TYR D 690 -46.24 12.89 -9.89
C TYR D 690 -46.65 11.55 -10.51
N GLU D 691 -47.33 10.71 -9.74
CA GLU D 691 -47.74 9.40 -10.26
C GLU D 691 -48.25 9.57 -11.68
N GLU D 692 -48.82 10.72 -11.99
CA GLU D 692 -49.39 10.98 -13.30
C GLU D 692 -48.43 11.40 -14.40
N THR D 693 -47.73 12.51 -14.21
CA THR D 693 -46.83 13.01 -15.25
C THR D 693 -45.35 12.87 -15.02
N VAL D 694 -44.91 12.81 -13.76
CA VAL D 694 -43.47 12.68 -13.47
C VAL D 694 -43.00 11.24 -13.49
N ARG D 695 -43.62 10.40 -12.66
CA ARG D 695 -43.27 8.99 -12.59
C ARG D 695 -42.92 8.40 -13.95
N PRO D 696 -43.77 8.64 -14.96
CA PRO D 696 -43.56 8.11 -16.31
C PRO D 696 -42.17 8.22 -16.88
N TYR D 697 -41.51 9.37 -16.72
CA TYR D 697 -40.17 9.58 -17.27
C TYR D 697 -39.12 8.61 -16.76
N LEU D 698 -39.21 8.27 -15.48
CA LEU D 698 -38.24 7.36 -14.90
C LEU D 698 -37.92 6.21 -15.83
N GLU D 699 -38.95 5.55 -16.34
CA GLU D 699 -38.72 4.44 -17.24
C GLU D 699 -38.26 4.91 -18.60
N SER D 700 -38.84 6.00 -19.10
CA SER D 700 -38.49 6.55 -20.41
C SER D 700 -36.99 6.77 -20.51
N ILE D 701 -36.51 7.71 -19.71
CA ILE D 701 -35.10 8.06 -19.67
C ILE D 701 -34.23 6.83 -19.60
N ARG D 702 -34.57 5.96 -18.67
CA ARG D 702 -33.82 4.74 -18.48
C ARG D 702 -33.63 3.99 -19.77
N ASP D 703 -34.72 3.48 -20.33
CA ASP D 703 -34.61 2.69 -21.54
C ASP D 703 -33.46 3.10 -22.42
N HIS D 704 -33.23 4.40 -22.54
CA HIS D 704 -32.14 4.87 -23.38
C HIS D 704 -30.81 4.53 -22.74
N ILE D 705 -30.58 5.08 -21.55
CA ILE D 705 -29.34 4.83 -20.85
C ILE D 705 -28.99 3.35 -20.97
N ASP D 706 -29.91 2.48 -20.57
CA ASP D 706 -29.65 1.06 -20.66
C ASP D 706 -29.14 0.66 -22.03
N HIS D 707 -29.74 1.18 -23.09
CA HIS D 707 -29.25 0.82 -24.40
C HIS D 707 -27.83 1.30 -24.54
N LEU D 708 -27.60 2.55 -24.17
CA LEU D 708 -26.25 3.08 -24.28
C LEU D 708 -25.25 2.15 -23.59
N GLU D 709 -25.60 1.71 -22.38
CA GLU D 709 -24.72 0.83 -21.64
C GLU D 709 -24.25 -0.29 -22.56
N MET D 710 -25.19 -0.90 -23.27
CA MET D 710 -24.84 -1.99 -24.17
C MET D 710 -23.89 -1.60 -25.30
N GLU D 711 -23.93 -0.34 -25.71
CA GLU D 711 -23.09 0.07 -26.83
C GLU D 711 -21.66 0.53 -26.50
N ILE D 712 -21.55 1.42 -25.52
CA ILE D 712 -20.29 1.98 -25.08
C ILE D 712 -19.30 0.95 -24.54
N ASP D 713 -18.02 1.28 -24.59
CA ASP D 713 -16.90 0.44 -24.13
C ASP D 713 -16.93 0.14 -22.63
N ASP D 714 -16.98 -1.13 -22.25
CA ASP D 714 -17.03 -1.52 -20.84
C ASP D 714 -15.88 -0.95 -20.05
N GLU D 715 -14.80 -0.61 -20.76
CA GLU D 715 -13.59 -0.06 -20.18
C GLU D 715 -14.02 1.17 -19.43
N ILE D 716 -14.95 1.91 -20.02
CA ILE D 716 -15.49 3.11 -19.42
C ILE D 716 -16.84 2.74 -18.82
N TRP D 717 -17.74 3.71 -18.79
CA TRP D 717 -19.07 3.48 -18.23
C TRP D 717 -18.98 3.63 -16.72
N PRO D 718 -19.29 4.82 -16.22
CA PRO D 718 -19.26 5.20 -14.82
C PRO D 718 -19.82 4.27 -13.76
N LEU D 719 -20.96 3.66 -13.99
CA LEU D 719 -21.54 2.84 -12.93
C LEU D 719 -21.23 1.37 -12.89
N PRO D 720 -21.33 0.78 -11.70
CA PRO D 720 -21.07 -0.65 -11.62
C PRO D 720 -22.24 -1.28 -12.37
N LYS D 721 -21.96 -2.32 -13.16
CA LYS D 721 -23.00 -2.96 -13.96
C LYS D 721 -23.74 -4.04 -13.16
N TYR D 722 -25.04 -4.21 -13.42
CA TYR D 722 -25.83 -5.22 -12.71
C TYR D 722 -25.07 -6.50 -12.55
N ARG D 723 -24.47 -6.98 -13.63
CA ARG D 723 -23.71 -8.23 -13.58
C ARG D 723 -22.77 -8.24 -12.39
N GLU D 724 -22.32 -7.07 -11.98
CA GLU D 724 -21.39 -6.94 -10.87
C GLU D 724 -22.16 -6.73 -9.59
N LEU D 725 -23.17 -5.87 -9.63
CA LEU D 725 -23.95 -5.64 -8.43
C LEU D 725 -24.56 -6.94 -7.94
N LEU D 726 -24.69 -7.91 -8.82
CA LEU D 726 -25.30 -9.17 -8.44
C LEU D 726 -24.41 -10.38 -8.22
N PHE D 727 -23.21 -10.39 -8.77
CA PHE D 727 -22.31 -11.53 -8.60
C PHE D 727 -20.91 -11.02 -8.32
N THR D 728 -20.34 -10.30 -9.29
CA THR D 728 -18.99 -9.74 -9.15
C THR D 728 -18.90 -8.85 -7.92
N LYS E 3 -7.26 -3.06 -18.50
CA LYS E 3 -6.92 -2.22 -17.36
C LYS E 3 -7.28 -2.86 -16.02
N MET E 4 -8.03 -3.96 -16.09
CA MET E 4 -8.47 -4.71 -14.90
C MET E 4 -7.78 -6.06 -14.96
N ARG E 5 -7.50 -6.49 -16.19
CA ARG E 5 -6.82 -7.74 -16.42
C ARG E 5 -5.47 -7.61 -15.78
N PHE E 6 -4.82 -6.47 -15.98
CA PHE E 6 -3.51 -6.28 -15.40
C PHE E 6 -3.57 -6.16 -13.89
N PHE E 7 -4.58 -5.45 -13.40
CA PHE E 7 -4.74 -5.34 -11.96
C PHE E 7 -4.78 -6.75 -11.40
N ALA E 8 -5.05 -7.72 -12.27
CA ALA E 8 -5.13 -9.10 -11.87
C ALA E 8 -3.75 -9.69 -11.89
N LEU E 9 -3.05 -9.52 -12.99
CA LEU E 9 -1.71 -10.08 -13.07
C LEU E 9 -0.88 -9.50 -11.95
N GLN E 10 -0.95 -8.19 -11.79
CA GLN E 10 -0.19 -7.54 -10.75
C GLN E 10 -0.68 -8.04 -9.42
N GLU E 11 -1.97 -8.30 -9.35
CA GLU E 11 -2.57 -8.78 -8.12
C GLU E 11 -1.89 -10.04 -7.61
N LEU E 12 -1.74 -11.04 -8.47
CA LEU E 12 -1.15 -12.28 -8.04
C LEU E 12 0.37 -12.32 -8.01
N SER E 13 1.02 -11.19 -8.30
CA SER E 13 2.48 -11.18 -8.28
C SER E 13 2.93 -11.69 -6.91
N ASN E 14 2.13 -11.37 -5.90
CA ASN E 14 2.42 -11.78 -4.53
C ASN E 14 1.22 -12.50 -3.95
N ARG E 15 1.40 -13.76 -3.59
CA ARG E 15 0.33 -14.56 -3.03
C ARG E 15 0.84 -15.64 -2.09
N LYS E 16 1.26 -15.24 -0.89
CA LYS E 16 1.75 -16.22 0.06
C LYS E 16 0.69 -17.31 0.24
N PRO E 17 1.03 -18.58 -0.08
CA PRO E 17 0.10 -19.71 0.05
C PRO E 17 -0.24 -19.89 1.53
N LEU E 18 -1.52 -19.98 1.85
CA LEU E 18 -1.98 -20.15 3.21
C LEU E 18 -1.25 -21.26 3.96
N GLU E 19 -1.14 -21.11 5.28
CA GLU E 19 -0.51 -22.10 6.15
C GLU E 19 -1.63 -23.04 6.60
N ILE E 20 -1.35 -24.31 6.84
CA ILE E 20 -2.42 -25.18 7.29
C ILE E 20 -2.23 -25.73 8.71
N THR E 21 -1.92 -27.03 8.86
CA THR E 21 -1.72 -27.63 10.20
C THR E 21 -1.60 -29.16 10.21
N THR E 22 -2.75 -29.81 10.39
CA THR E 22 -2.94 -31.27 10.45
C THR E 22 -3.22 -31.66 11.89
N PRO E 23 -4.50 -31.86 12.23
CA PRO E 23 -4.94 -32.23 13.58
C PRO E 23 -3.89 -32.98 14.39
N SER E 24 -3.89 -34.30 14.25
CA SER E 24 -2.92 -35.12 14.95
C SER E 24 -2.12 -35.78 13.84
N ASN E 25 -1.13 -36.57 14.22
CA ASN E 25 -0.32 -37.25 13.23
C ASN E 25 -0.98 -38.59 12.89
N LYS E 26 -1.99 -38.95 13.70
CA LYS E 26 -2.72 -40.20 13.53
C LYS E 26 -4.09 -39.89 12.89
N LEU E 27 -4.28 -40.34 11.66
CA LEU E 27 -5.53 -40.09 10.95
C LEU E 27 -6.66 -40.56 11.81
N SER E 28 -6.62 -41.83 12.18
CA SER E 28 -7.66 -42.41 13.03
C SER E 28 -8.17 -41.42 14.09
N ASP E 29 -7.35 -40.45 14.47
CA ASP E 29 -7.75 -39.47 15.48
C ASP E 29 -8.87 -38.49 15.08
N TYR E 30 -8.97 -38.15 13.80
CA TYR E 30 -9.98 -37.19 13.41
C TYR E 30 -10.76 -37.60 12.17
N TYR E 31 -10.34 -38.66 11.49
CA TYR E 31 -11.10 -39.06 10.33
C TYR E 31 -12.51 -39.30 10.82
N ALA E 32 -13.50 -38.79 10.10
CA ALA E 32 -14.88 -38.95 10.48
C ALA E 32 -15.23 -38.14 11.72
N SER E 33 -14.31 -37.29 12.15
CA SER E 33 -14.56 -36.48 13.34
C SER E 33 -15.87 -35.71 13.25
N HIS E 34 -16.16 -35.17 12.08
CA HIS E 34 -17.38 -34.39 11.95
C HIS E 34 -18.59 -35.10 11.47
N VAL E 35 -18.67 -36.41 11.63
CA VAL E 35 -19.87 -37.09 11.18
C VAL E 35 -20.49 -37.98 12.22
N PHE E 36 -21.79 -37.81 12.41
CA PHE E 36 -22.54 -38.60 13.37
C PHE E 36 -22.75 -39.97 12.74
N ASP E 37 -21.72 -40.80 12.83
CA ASP E 37 -21.72 -42.17 12.29
C ASP E 37 -22.01 -43.14 13.41
N ARG E 38 -22.08 -44.44 13.11
CA ARG E 38 -22.36 -45.42 14.15
C ARG E 38 -21.42 -45.26 15.32
N LYS E 39 -20.13 -45.35 15.04
CA LYS E 39 -19.11 -45.22 16.07
C LYS E 39 -19.62 -44.26 17.15
N LYS E 40 -20.38 -43.24 16.76
CA LYS E 40 -20.89 -42.25 17.71
C LYS E 40 -22.36 -42.41 18.08
N MET E 41 -23.18 -42.95 17.19
CA MET E 41 -24.59 -43.12 17.52
C MET E 41 -24.62 -44.06 18.70
N GLN E 42 -23.74 -45.06 18.67
CA GLN E 42 -23.65 -46.03 19.74
C GLN E 42 -23.34 -45.30 21.03
N GLU E 43 -22.50 -44.27 20.95
CA GLU E 43 -22.14 -43.49 22.12
C GLU E 43 -23.30 -42.60 22.57
N TYR E 44 -23.66 -41.62 21.74
CA TYR E 44 -24.71 -40.67 22.07
C TYR E 44 -26.15 -41.17 22.16
N LEU E 45 -26.49 -42.20 21.39
CA LEU E 45 -27.87 -42.70 21.39
C LEU E 45 -28.14 -43.74 22.46
N PRO E 46 -29.39 -43.77 22.96
CA PRO E 46 -29.82 -44.71 24.00
C PRO E 46 -29.66 -46.15 23.53
N LYS E 47 -29.37 -47.05 24.47
CA LYS E 47 -29.18 -48.46 24.19
C LYS E 47 -30.14 -48.98 23.12
N GLU E 48 -31.38 -48.51 23.14
CA GLU E 48 -32.40 -48.92 22.18
C GLU E 48 -32.34 -48.11 20.90
N ALA E 49 -32.61 -46.82 21.01
CA ALA E 49 -32.61 -45.91 19.87
C ALA E 49 -31.55 -46.28 18.84
N TYR E 50 -30.38 -46.65 19.32
CA TYR E 50 -29.29 -47.05 18.43
C TYR E 50 -29.63 -48.34 17.70
N LYS E 51 -29.98 -49.36 18.48
CA LYS E 51 -30.35 -50.65 17.92
C LYS E 51 -31.38 -50.44 16.81
N ALA E 52 -32.06 -49.29 16.85
CA ALA E 52 -33.10 -48.96 15.88
C ALA E 52 -32.55 -48.31 14.64
N VAL E 53 -31.65 -47.35 14.80
CA VAL E 53 -31.09 -46.72 13.62
C VAL E 53 -30.58 -47.86 12.76
N VAL E 54 -30.08 -48.90 13.42
CA VAL E 54 -29.54 -50.04 12.70
C VAL E 54 -30.63 -50.88 12.03
N ASP E 55 -31.52 -51.45 12.83
CA ASP E 55 -32.60 -52.26 12.25
C ASP E 55 -33.21 -51.54 11.05
N ALA E 56 -33.16 -50.22 11.08
CA ALA E 56 -33.72 -49.43 10.00
C ALA E 56 -32.74 -49.45 8.82
N THR E 57 -31.49 -49.09 9.11
CA THR E 57 -30.47 -49.05 8.06
C THR E 57 -30.10 -50.47 7.67
N GLU E 58 -30.57 -51.45 8.45
CA GLU E 58 -30.29 -52.85 8.16
C GLU E 58 -31.30 -53.37 7.14
N LYS E 59 -31.46 -52.61 6.05
CA LYS E 59 -32.37 -52.94 4.97
C LYS E 59 -33.83 -53.04 5.43
N GLY E 60 -34.05 -52.96 6.74
CA GLY E 60 -35.40 -53.06 7.27
C GLY E 60 -36.23 -51.79 7.43
N THR E 61 -36.02 -51.09 8.54
CA THR E 61 -36.75 -49.86 8.92
C THR E 61 -38.09 -50.34 9.45
N PRO E 62 -39.07 -49.43 9.65
CA PRO E 62 -39.07 -47.98 9.45
C PRO E 62 -38.62 -47.29 10.73
N ILE E 63 -38.75 -45.97 10.75
CA ILE E 63 -38.33 -45.19 11.90
C ILE E 63 -39.53 -44.61 12.60
N SER E 64 -39.76 -45.05 13.84
CA SER E 64 -40.89 -44.57 14.62
C SER E 64 -40.76 -43.09 14.92
N ARG E 65 -41.89 -42.39 14.97
CA ARG E 65 -41.87 -40.96 15.28
C ARG E 65 -41.29 -40.83 16.68
N GLU E 66 -41.35 -41.93 17.44
CA GLU E 66 -40.82 -41.97 18.79
C GLU E 66 -39.31 -42.14 18.67
N MET E 67 -38.89 -43.21 17.98
CA MET E 67 -37.47 -43.49 17.78
C MET E 67 -36.78 -42.28 17.14
N ALA E 68 -37.54 -41.41 16.50
CA ALA E 68 -36.99 -40.22 15.87
C ALA E 68 -36.47 -39.30 16.96
N ASP E 69 -37.40 -38.68 17.69
CA ASP E 69 -37.02 -37.78 18.79
C ASP E 69 -35.94 -38.49 19.60
N LEU E 70 -36.09 -39.80 19.77
CA LEU E 70 -35.11 -40.58 20.50
C LEU E 70 -33.77 -40.22 19.90
N ILE E 71 -33.65 -40.37 18.59
CA ILE E 71 -32.42 -40.05 17.87
C ILE E 71 -32.14 -38.55 17.87
N ALA E 72 -32.95 -37.81 17.12
CA ALA E 72 -32.81 -36.37 17.04
C ALA E 72 -32.22 -35.75 18.30
N ASN E 73 -32.77 -36.08 19.46
CA ASN E 73 -32.24 -35.50 20.69
C ASN E 73 -30.80 -35.91 20.84
N GLY E 74 -30.55 -37.20 20.76
CA GLY E 74 -29.19 -37.66 20.90
C GLY E 74 -28.31 -36.97 19.86
N MET E 75 -28.78 -36.97 18.63
CA MET E 75 -28.05 -36.36 17.54
C MET E 75 -27.54 -34.96 17.90
N LYS E 76 -28.44 -34.09 18.38
CA LYS E 76 -28.10 -32.72 18.76
C LYS E 76 -27.00 -32.71 19.80
N SER E 77 -27.24 -33.40 20.90
CA SER E 77 -26.26 -33.49 21.96
C SER E 77 -24.85 -33.61 21.38
N TRP E 78 -24.74 -34.38 20.31
CA TRP E 78 -23.45 -34.57 19.65
C TRP E 78 -22.99 -33.29 18.99
N ALA E 79 -23.81 -32.79 18.08
CA ALA E 79 -23.50 -31.58 17.36
C ALA E 79 -23.14 -30.43 18.31
N LYS E 80 -23.79 -30.36 19.47
CA LYS E 80 -23.47 -29.29 20.40
C LYS E 80 -22.00 -29.39 20.80
N SER E 81 -21.47 -30.60 20.76
CA SER E 81 -20.09 -30.82 21.12
C SER E 81 -19.19 -30.17 20.10
N LEU E 82 -19.79 -29.72 19.00
CA LEU E 82 -19.05 -29.09 17.92
C LEU E 82 -19.52 -27.66 17.81
N ASN E 83 -20.31 -27.25 18.78
CA ASN E 83 -20.82 -25.90 18.78
C ASN E 83 -21.69 -25.65 17.57
N VAL E 84 -22.24 -26.69 16.96
CA VAL E 84 -23.11 -26.42 15.83
C VAL E 84 -24.27 -25.67 16.46
N THR E 85 -24.91 -24.80 15.69
CA THR E 85 -26.02 -24.03 16.25
C THR E 85 -27.18 -23.96 15.30
N HIS E 86 -27.08 -24.70 14.19
CA HIS E 86 -28.15 -24.73 13.20
C HIS E 86 -28.24 -26.10 12.60
N TYR E 87 -29.40 -26.41 12.05
CA TYR E 87 -29.62 -27.69 11.42
C TYR E 87 -30.24 -27.39 10.08
N THR E 88 -30.06 -28.29 9.12
CA THR E 88 -30.62 -28.10 7.81
C THR E 88 -30.76 -29.38 7.02
N HIS E 89 -31.78 -29.45 6.18
CA HIS E 89 -31.98 -30.63 5.38
C HIS E 89 -31.10 -30.52 4.15
N TRP E 90 -30.03 -31.30 4.12
CA TRP E 90 -29.11 -31.28 3.00
C TRP E 90 -29.71 -32.13 1.91
N PHE E 91 -29.78 -31.61 0.69
CA PHE E 91 -30.32 -32.41 -0.39
C PHE E 91 -30.11 -31.78 -1.75
N GLN E 92 -29.65 -32.57 -2.71
CA GLN E 92 -29.42 -32.08 -4.05
C GLN E 92 -30.68 -32.34 -4.88
N PRO E 93 -31.39 -31.28 -5.27
CA PRO E 93 -32.61 -31.40 -6.08
C PRO E 93 -32.24 -31.33 -7.54
N LEU E 94 -33.20 -31.51 -8.43
CA LEU E 94 -32.91 -31.43 -9.86
C LEU E 94 -32.58 -29.99 -10.23
N THR E 95 -32.46 -29.14 -9.22
CA THR E 95 -32.17 -27.72 -9.40
C THR E 95 -32.97 -27.16 -10.59
N LYS E 101 -31.62 -23.27 3.77
CA LYS E 101 -32.41 -22.89 4.93
C LYS E 101 -31.64 -23.35 6.15
N HIS E 102 -31.44 -22.43 7.09
CA HIS E 102 -30.74 -22.71 8.35
C HIS E 102 -31.63 -22.39 9.53
N ASP E 103 -31.75 -23.32 10.47
CA ASP E 103 -32.59 -23.08 11.64
C ASP E 103 -31.88 -23.30 12.96
N GLY E 104 -31.88 -22.28 13.80
CA GLY E 104 -31.25 -22.43 15.09
C GLY E 104 -32.13 -23.43 15.80
N PHE E 105 -31.66 -23.98 16.92
CA PHE E 105 -32.46 -24.94 17.65
C PHE E 105 -33.43 -24.17 18.52
N ILE E 106 -33.15 -22.88 18.68
CA ILE E 106 -33.98 -21.98 19.48
C ILE E 106 -35.46 -22.34 19.55
N GLU E 107 -36.01 -22.28 20.75
CA GLU E 107 -37.41 -22.60 20.98
C GLU E 107 -37.84 -22.22 22.39
N PHE E 108 -39.01 -21.63 22.50
CA PHE E 108 -39.54 -21.23 23.80
C PHE E 108 -40.13 -22.40 24.57
N GLY E 109 -39.64 -22.62 25.78
CA GLY E 109 -40.13 -23.70 26.61
C GLY E 109 -41.43 -23.35 27.31
N GLU E 110 -42.05 -24.34 27.93
CA GLU E 110 -43.31 -24.12 28.64
C GLU E 110 -43.13 -22.93 29.59
N ASP E 111 -42.15 -23.05 30.48
CA ASP E 111 -41.87 -22.02 31.47
C ASP E 111 -41.63 -20.66 30.85
N GLY E 112 -41.68 -20.58 29.54
CA GLY E 112 -41.47 -19.31 28.86
C GLY E 112 -40.01 -19.04 28.56
N GLU E 113 -39.10 -19.67 29.31
CA GLU E 113 -37.66 -19.49 29.13
C GLU E 113 -37.29 -20.12 27.80
N VAL E 114 -36.23 -19.61 27.17
CA VAL E 114 -35.79 -20.14 25.87
C VAL E 114 -34.91 -21.36 26.04
N ILE E 115 -35.04 -22.31 25.11
CA ILE E 115 -34.23 -23.53 25.14
C ILE E 115 -33.91 -23.94 23.73
N GLU E 116 -32.89 -24.77 23.55
CA GLU E 116 -32.54 -25.25 22.23
C GLU E 116 -33.08 -26.65 22.20
N ARG E 117 -33.70 -27.04 21.10
CA ARG E 117 -34.28 -28.36 21.00
C ARG E 117 -34.34 -28.84 19.56
N PHE E 118 -34.04 -30.10 19.33
CA PHE E 118 -34.13 -30.66 17.98
C PHE E 118 -35.10 -31.83 18.08
N SER E 119 -36.30 -31.63 17.56
CA SER E 119 -37.35 -32.65 17.60
C SER E 119 -37.17 -33.70 16.52
N GLY E 120 -37.32 -34.96 16.90
CA GLY E 120 -37.21 -36.02 15.92
C GLY E 120 -38.17 -35.74 14.77
N LYS E 121 -39.19 -34.92 15.05
CA LYS E 121 -40.19 -34.56 14.06
C LYS E 121 -39.52 -33.92 12.86
N LEU E 122 -38.20 -33.86 12.90
CA LEU E 122 -37.42 -33.27 11.82
C LEU E 122 -36.54 -34.27 11.10
N LEU E 123 -37.13 -35.42 10.75
CA LEU E 123 -36.41 -36.49 10.08
C LEU E 123 -37.45 -37.42 9.43
N THR E 148 -37.37 -32.76 4.43
CA THR E 148 -38.27 -33.71 3.79
C THR E 148 -37.74 -35.14 3.89
N ALA E 149 -37.85 -35.75 5.07
CA ALA E 149 -37.40 -37.12 5.27
C ALA E 149 -35.89 -37.36 5.14
N TRP E 150 -35.27 -37.71 6.26
CA TRP E 150 -33.84 -37.97 6.33
C TRP E 150 -33.47 -39.34 5.81
N ASP E 151 -32.44 -39.39 4.97
CA ASP E 151 -32.00 -40.66 4.45
C ASP E 151 -31.25 -41.40 5.55
N GLY E 152 -31.97 -42.17 6.37
CA GLY E 152 -31.35 -42.93 7.45
C GLY E 152 -30.06 -43.60 6.99
N SER E 153 -29.93 -43.77 5.67
CA SER E 153 -28.76 -44.40 5.08
C SER E 153 -27.49 -43.59 5.12
N SER E 154 -27.57 -42.29 4.87
CA SER E 154 -26.38 -41.42 4.89
C SER E 154 -26.27 -40.65 6.19
N PRO E 155 -25.17 -40.85 6.93
CA PRO E 155 -24.97 -40.15 8.19
C PRO E 155 -25.08 -38.64 8.12
N ALA E 156 -25.47 -38.04 9.24
CA ALA E 156 -25.59 -36.59 9.30
C ALA E 156 -24.17 -36.09 9.53
N PHE E 157 -23.83 -34.93 9.01
CA PHE E 157 -22.50 -34.40 9.19
C PHE E 157 -22.55 -32.94 9.58
N VAL E 158 -21.45 -32.44 10.14
CA VAL E 158 -21.39 -31.06 10.56
C VAL E 158 -20.36 -30.24 9.81
N VAL E 159 -20.81 -29.07 9.36
CA VAL E 159 -19.96 -28.13 8.62
C VAL E 159 -20.09 -26.74 9.23
N ASP E 160 -18.97 -26.16 9.63
CA ASP E 160 -18.95 -24.83 10.23
C ASP E 160 -20.27 -24.53 10.94
N THR E 161 -20.44 -25.07 12.14
CA THR E 161 -21.65 -24.83 12.94
C THR E 161 -22.99 -25.03 12.27
N THR E 162 -23.18 -26.14 11.56
CA THR E 162 -24.45 -26.41 10.91
C THR E 162 -24.62 -27.92 10.70
N LEU E 163 -25.53 -28.52 11.45
CA LEU E 163 -25.80 -29.93 11.32
C LEU E 163 -26.52 -30.12 10.00
N CYS E 164 -25.99 -30.99 9.14
CA CYS E 164 -26.62 -31.26 7.86
C CYS E 164 -27.26 -32.63 7.82
N ILE E 165 -28.56 -32.69 7.55
CA ILE E 165 -29.25 -33.96 7.50
C ILE E 165 -29.55 -34.31 6.07
N PRO E 166 -28.87 -35.33 5.53
CA PRO E 166 -29.13 -35.70 4.13
C PRO E 166 -30.59 -36.08 4.02
N THR E 167 -31.31 -35.56 3.02
CA THR E 167 -32.73 -35.90 2.90
C THR E 167 -33.11 -36.12 1.46
N ILE E 168 -34.36 -36.52 1.24
CA ILE E 168 -34.83 -36.75 -0.12
C ILE E 168 -35.94 -35.76 -0.43
N PHE E 169 -35.75 -34.96 -1.48
CA PHE E 169 -36.72 -33.96 -1.87
C PHE E 169 -37.96 -34.58 -2.55
N ILE E 170 -39.13 -34.32 -2.00
CA ILE E 170 -40.36 -34.87 -2.57
C ILE E 170 -41.43 -33.81 -2.77
N GLU E 175 -44.54 -36.79 -7.38
CA GLU E 175 -43.31 -37.20 -8.05
C GLU E 175 -42.12 -37.14 -7.09
N ALA E 176 -40.93 -37.02 -7.67
CA ALA E 176 -39.69 -36.93 -6.91
C ALA E 176 -38.84 -35.80 -7.52
N LEU E 177 -38.72 -34.69 -6.80
CA LEU E 177 -37.96 -33.55 -7.29
C LEU E 177 -36.45 -33.63 -7.07
N ASP E 178 -35.97 -34.72 -6.49
CA ASP E 178 -34.54 -34.84 -6.22
C ASP E 178 -33.80 -35.81 -7.11
N TYR E 179 -32.64 -36.25 -6.63
CA TYR E 179 -31.80 -37.21 -7.32
C TYR E 179 -31.64 -38.46 -6.47
N LYS E 180 -31.64 -38.26 -5.16
CA LYS E 180 -31.48 -39.34 -4.19
C LYS E 180 -32.52 -40.43 -4.42
N THR E 181 -33.78 -40.05 -4.33
CA THR E 181 -34.88 -40.99 -4.51
C THR E 181 -34.69 -41.89 -5.71
N PRO E 182 -34.67 -41.30 -6.92
CA PRO E 182 -34.48 -42.11 -8.11
C PRO E 182 -33.36 -43.11 -7.90
N LEU E 183 -32.21 -42.62 -7.43
CA LEU E 183 -31.08 -43.52 -7.21
C LEU E 183 -31.43 -44.60 -6.21
N LEU E 184 -31.66 -44.21 -4.96
CA LEU E 184 -31.99 -45.19 -3.94
C LEU E 184 -32.77 -46.33 -4.58
N LYS E 185 -33.86 -46.00 -5.27
CA LYS E 185 -34.68 -47.01 -5.93
C LYS E 185 -33.82 -47.82 -6.88
N ALA E 186 -33.24 -47.12 -7.86
CA ALA E 186 -32.39 -47.77 -8.84
C ALA E 186 -31.48 -48.76 -8.15
N LEU E 187 -30.80 -48.31 -7.10
CA LEU E 187 -29.89 -49.18 -6.39
C LEU E 187 -30.60 -50.38 -5.80
N ALA E 188 -31.80 -50.15 -5.27
CA ALA E 188 -32.59 -51.23 -4.69
C ALA E 188 -32.82 -52.30 -5.74
N ALA E 189 -33.53 -51.93 -6.80
CA ALA E 189 -33.81 -52.85 -7.89
C ALA E 189 -32.57 -53.69 -8.20
N VAL E 190 -31.45 -53.04 -8.48
CA VAL E 190 -30.22 -53.75 -8.80
C VAL E 190 -29.98 -54.85 -7.78
N ASP E 191 -30.14 -54.53 -6.51
CA ASP E 191 -29.92 -55.50 -5.46
C ASP E 191 -30.84 -56.70 -5.58
N LYS E 192 -32.14 -56.50 -5.35
CA LYS E 192 -33.12 -57.59 -5.47
C LYS E 192 -32.68 -58.46 -6.64
N ALA E 193 -32.72 -57.86 -7.83
CA ALA E 193 -32.33 -58.53 -9.07
C ALA E 193 -31.06 -59.38 -8.95
N ALA E 194 -29.92 -58.72 -8.78
CA ALA E 194 -28.63 -59.41 -8.69
C ALA E 194 -28.61 -60.46 -7.60
N THR E 195 -29.34 -60.22 -6.52
CA THR E 195 -29.38 -61.17 -5.42
C THR E 195 -30.05 -62.44 -5.89
N GLU E 196 -31.27 -62.29 -6.42
CA GLU E 196 -32.01 -63.42 -6.93
C GLU E 196 -31.11 -64.20 -7.88
N VAL E 197 -30.64 -63.53 -8.94
CA VAL E 197 -29.77 -64.18 -9.92
C VAL E 197 -28.55 -64.80 -9.24
N CYS E 198 -28.19 -64.29 -8.09
CA CYS E 198 -27.05 -64.84 -7.38
C CYS E 198 -27.43 -66.21 -6.85
N GLN E 199 -28.71 -66.37 -6.50
CA GLN E 199 -29.20 -67.63 -5.96
C GLN E 199 -28.74 -68.84 -6.77
N LEU E 200 -28.74 -68.72 -8.09
CA LEU E 200 -28.34 -69.84 -8.95
C LEU E 200 -26.99 -70.43 -8.57
N PHE E 201 -26.31 -69.78 -7.63
CA PHE E 201 -25.02 -70.24 -7.15
C PHE E 201 -25.12 -69.96 -5.65
N ASP E 202 -24.15 -70.43 -4.86
CA ASP E 202 -24.17 -70.21 -3.40
C ASP E 202 -25.53 -69.76 -2.86
N LYS E 203 -26.40 -70.75 -2.60
CA LYS E 203 -27.74 -70.51 -2.07
C LYS E 203 -27.84 -69.35 -1.10
N ASN E 204 -26.78 -69.10 -0.34
CA ASN E 204 -26.77 -68.00 0.63
C ASN E 204 -26.94 -66.68 -0.11
N ILE E 205 -26.06 -65.73 0.20
CA ILE E 205 -26.13 -64.43 -0.45
C ILE E 205 -27.52 -63.81 -0.24
N THR E 206 -27.69 -63.15 0.89
CA THR E 206 -28.93 -62.51 1.21
C THR E 206 -29.14 -61.29 0.30
N ARG E 207 -28.11 -60.47 0.14
CA ARG E 207 -28.22 -59.27 -0.69
C ARG E 207 -26.92 -58.93 -1.40
N VAL E 208 -27.00 -58.04 -2.38
CA VAL E 208 -25.82 -57.59 -3.14
C VAL E 208 -25.74 -56.08 -3.15
N PHE E 209 -24.65 -55.53 -2.65
CA PHE E 209 -24.45 -54.08 -2.59
C PHE E 209 -23.80 -53.55 -3.85
N THR E 210 -23.84 -52.22 -4.03
CA THR E 210 -23.24 -51.56 -5.20
C THR E 210 -22.14 -50.61 -4.78
N ASN E 211 -20.92 -50.82 -5.23
CA ASN E 211 -19.84 -49.94 -4.86
C ASN E 211 -19.47 -48.94 -5.94
N LEU E 212 -19.39 -47.68 -5.55
CA LEU E 212 -19.05 -46.62 -6.49
C LEU E 212 -17.75 -45.90 -6.16
N GLY E 213 -16.77 -45.98 -7.03
CA GLY E 213 -15.54 -45.27 -6.78
C GLY E 213 -15.46 -44.18 -7.83
N TRP E 214 -15.54 -42.92 -7.43
CA TRP E 214 -15.48 -41.85 -8.40
C TRP E 214 -14.13 -41.15 -8.46
N GLU E 215 -13.87 -40.49 -9.58
CA GLU E 215 -12.62 -39.75 -9.78
C GLU E 215 -12.99 -38.34 -10.19
N GLN E 216 -12.68 -37.36 -9.34
CA GLN E 216 -13.00 -35.95 -9.62
C GLN E 216 -11.92 -35.10 -10.25
N GLU E 217 -12.15 -34.62 -11.46
CA GLU E 217 -11.19 -33.76 -12.17
C GLU E 217 -11.67 -32.32 -12.14
N TYR E 218 -10.76 -31.35 -12.25
CA TYR E 218 -11.14 -29.94 -12.21
C TYR E 218 -9.97 -29.03 -12.60
N PHE E 219 -10.26 -27.75 -12.72
CA PHE E 219 -9.23 -26.77 -13.04
C PHE E 219 -9.31 -25.73 -11.93
N LEU E 220 -8.28 -24.90 -11.81
CA LEU E 220 -8.23 -23.82 -10.82
C LEU E 220 -7.74 -22.55 -11.53
N VAL E 221 -8.21 -21.39 -11.11
CA VAL E 221 -7.77 -20.12 -11.69
C VAL E 221 -7.69 -19.13 -10.56
N ASP E 222 -6.64 -18.33 -10.54
CA ASP E 222 -6.55 -17.38 -9.47
C ASP E 222 -7.80 -16.54 -9.60
N THR E 223 -8.54 -16.40 -8.51
CA THR E 223 -9.78 -15.65 -8.52
C THR E 223 -9.65 -14.38 -9.33
N SER E 224 -8.69 -13.52 -9.00
CA SER E 224 -8.50 -12.28 -9.75
C SER E 224 -8.63 -12.53 -11.24
N LEU E 225 -7.74 -13.34 -11.80
CA LEU E 225 -7.82 -13.63 -13.23
C LEU E 225 -9.22 -14.06 -13.61
N TYR E 226 -9.80 -14.94 -12.84
CA TYR E 226 -11.14 -15.45 -13.10
C TYR E 226 -12.17 -14.35 -13.24
N ASN E 227 -12.26 -13.46 -12.26
CA ASN E 227 -13.22 -12.36 -12.33
C ASN E 227 -12.95 -11.51 -13.56
N ALA E 228 -11.68 -11.29 -13.87
CA ALA E 228 -11.32 -10.49 -15.01
C ALA E 228 -11.77 -11.15 -16.30
N ARG E 229 -12.47 -12.27 -16.20
CA ARG E 229 -12.93 -12.97 -17.38
C ARG E 229 -14.42 -13.27 -17.20
N PRO E 230 -15.29 -12.33 -17.57
CA PRO E 230 -16.74 -12.53 -17.41
C PRO E 230 -17.34 -13.82 -17.94
N ASP E 231 -16.86 -14.28 -19.08
CA ASP E 231 -17.40 -15.51 -19.64
C ASP E 231 -17.06 -16.70 -18.75
N LEU E 232 -15.98 -16.61 -18.00
CA LEU E 232 -15.58 -17.70 -17.12
C LEU E 232 -16.52 -17.69 -15.92
N ARG E 233 -16.81 -16.51 -15.40
CA ARG E 233 -17.74 -16.39 -14.30
C ARG E 233 -18.99 -16.47 -15.16
N LEU E 234 -20.17 -16.72 -14.60
CA LEU E 234 -21.40 -16.80 -15.42
C LEU E 234 -21.54 -18.05 -16.32
N THR E 235 -20.48 -18.46 -17.00
CA THR E 235 -20.58 -19.62 -17.86
C THR E 235 -19.73 -20.79 -17.42
N GLY E 236 -18.74 -20.53 -16.59
CA GLY E 236 -17.94 -21.63 -16.11
C GLY E 236 -16.92 -22.07 -17.13
N ARG E 237 -17.03 -21.58 -18.36
CA ARG E 237 -16.10 -21.94 -19.44
C ARG E 237 -15.81 -20.73 -20.29
N THR E 238 -14.57 -20.61 -20.74
CA THR E 238 -14.21 -19.47 -21.59
C THR E 238 -15.05 -19.54 -22.86
N LEU E 239 -15.67 -18.43 -23.23
CA LEU E 239 -16.48 -18.39 -24.43
C LEU E 239 -15.68 -17.90 -25.62
N MET E 240 -14.41 -17.62 -25.39
CA MET E 240 -13.56 -17.12 -26.45
C MET E 240 -12.12 -17.22 -25.99
N GLY E 241 -11.17 -16.97 -26.89
CA GLY E 241 -9.78 -17.04 -26.50
C GLY E 241 -8.90 -17.91 -27.40
N HIS E 242 -7.81 -17.29 -27.85
CA HIS E 242 -6.82 -17.92 -28.72
C HIS E 242 -5.91 -18.79 -27.89
N SER E 243 -5.75 -20.04 -28.29
CA SER E 243 -4.91 -21.00 -27.58
C SER E 243 -3.43 -20.83 -27.95
N ILE E 258 3.65 -29.11 -8.76
CA ILE E 258 2.40 -28.53 -8.29
C ILE E 258 2.70 -27.28 -7.48
N PRO E 259 2.43 -26.10 -8.03
CA PRO E 259 2.68 -24.83 -7.34
C PRO E 259 2.27 -24.80 -5.88
N PRO E 260 3.09 -24.18 -5.02
CA PRO E 260 2.77 -24.11 -3.60
C PRO E 260 1.32 -23.68 -3.36
N ARG E 261 0.97 -22.49 -3.85
CA ARG E 261 -0.38 -21.98 -3.72
C ARG E 261 -1.37 -23.14 -3.70
N VAL E 262 -1.33 -23.93 -4.77
CA VAL E 262 -2.20 -25.07 -4.94
C VAL E 262 -2.00 -26.13 -3.90
N THR E 263 -0.79 -26.68 -3.80
CA THR E 263 -0.54 -27.71 -2.81
C THR E 263 -1.30 -27.39 -1.54
N ALA E 264 -1.06 -26.21 -0.98
CA ALA E 264 -1.75 -25.74 0.23
C ALA E 264 -3.25 -25.88 0.09
N PHE E 265 -3.80 -25.53 -1.06
CA PHE E 265 -5.23 -25.67 -1.27
C PHE E 265 -5.60 -27.10 -0.92
N MET E 266 -4.95 -28.04 -1.60
CA MET E 266 -5.16 -29.47 -1.40
C MET E 266 -4.89 -29.84 0.06
N LYS E 267 -3.74 -29.39 0.57
CA LYS E 267 -3.37 -29.66 1.95
C LYS E 267 -4.63 -29.55 2.81
N GLU E 268 -5.36 -28.45 2.67
CA GLU E 268 -6.57 -28.25 3.46
C GLU E 268 -7.66 -29.17 2.98
N LEU E 269 -8.13 -28.96 1.76
CA LEU E 269 -9.19 -29.79 1.19
C LEU E 269 -9.25 -31.20 1.72
N GLU E 270 -8.12 -31.88 1.66
CA GLU E 270 -8.02 -33.26 2.10
C GLU E 270 -8.40 -33.33 3.55
N ILE E 271 -7.65 -32.65 4.40
CA ILE E 271 -7.97 -32.67 5.84
C ILE E 271 -9.45 -32.50 6.04
N GLU E 272 -9.98 -31.39 5.57
CA GLU E 272 -11.39 -31.11 5.72
C GLU E 272 -12.25 -32.23 5.21
N CYS E 273 -11.81 -32.92 4.16
CA CYS E 273 -12.59 -34.05 3.62
C CYS E 273 -12.58 -35.19 4.62
N HIS E 274 -11.40 -35.55 5.08
CA HIS E 274 -11.29 -36.63 6.04
C HIS E 274 -12.23 -36.34 7.18
N LYS E 275 -12.03 -35.22 7.85
CA LYS E 275 -12.90 -34.88 8.97
C LYS E 275 -14.35 -35.16 8.60
N LEU E 276 -14.72 -34.86 7.36
CA LEU E 276 -16.08 -35.08 6.91
C LEU E 276 -16.44 -36.52 6.52
N GLY E 277 -15.57 -37.47 6.83
CA GLY E 277 -15.89 -38.84 6.49
C GLY E 277 -15.49 -39.27 5.08
N ILE E 278 -15.48 -38.35 4.13
CA ILE E 278 -15.09 -38.67 2.76
C ILE E 278 -13.66 -39.17 2.82
N PRO E 279 -13.39 -40.40 2.34
CA PRO E 279 -12.04 -40.97 2.37
C PRO E 279 -11.12 -40.69 1.18
N VAL E 280 -10.72 -39.45 1.00
CA VAL E 280 -9.86 -39.09 -0.11
C VAL E 280 -8.59 -39.89 -0.05
N LYS E 281 -8.30 -40.64 -1.12
CA LYS E 281 -7.10 -41.48 -1.19
C LYS E 281 -5.94 -40.86 -1.99
N THR E 282 -6.18 -40.47 -3.24
CA THR E 282 -5.13 -39.90 -4.06
C THR E 282 -5.47 -38.52 -4.57
N ARG E 283 -4.45 -37.82 -5.06
CA ARG E 283 -4.61 -36.47 -5.58
C ARG E 283 -3.38 -36.19 -6.40
N HIS E 284 -3.57 -35.83 -7.67
CA HIS E 284 -2.45 -35.52 -8.56
C HIS E 284 -2.91 -34.56 -9.63
N ASN E 285 -1.99 -33.98 -10.39
CA ASN E 285 -2.43 -33.06 -11.42
C ASN E 285 -2.56 -33.73 -12.77
N GLU E 286 -3.56 -33.27 -13.53
CA GLU E 286 -3.87 -33.81 -14.84
C GLU E 286 -2.95 -33.43 -15.98
N VAL E 287 -3.36 -33.86 -17.17
CA VAL E 287 -2.61 -33.63 -18.38
C VAL E 287 -2.51 -32.18 -18.70
N ALA E 288 -3.62 -31.47 -18.59
CA ALA E 288 -3.67 -30.04 -18.91
C ALA E 288 -3.05 -29.17 -17.85
N PRO E 289 -2.86 -27.87 -18.16
CA PRO E 289 -2.29 -26.93 -17.18
C PRO E 289 -3.38 -26.61 -16.17
N ASN E 290 -3.01 -26.42 -14.92
CA ASN E 290 -3.99 -26.11 -13.90
C ASN E 290 -5.13 -27.10 -13.80
N GLN E 291 -4.93 -28.34 -14.24
CA GLN E 291 -5.98 -29.34 -14.10
C GLN E 291 -5.49 -30.33 -13.05
N PHE E 292 -6.38 -30.89 -12.26
CA PHE E 292 -6.00 -31.83 -11.21
C PHE E 292 -7.13 -32.82 -10.92
N GLU E 293 -6.79 -33.94 -10.30
CA GLU E 293 -7.79 -34.95 -9.95
C GLU E 293 -7.73 -35.19 -8.44
N LEU E 294 -8.54 -36.11 -7.94
CA LEU E 294 -8.56 -36.50 -6.52
C LEU E 294 -9.67 -37.53 -6.36
N ALA E 295 -9.31 -38.71 -5.87
CA ALA E 295 -10.30 -39.76 -5.73
C ALA E 295 -10.19 -40.42 -4.39
N PRO E 296 -11.31 -40.94 -3.87
CA PRO E 296 -11.35 -41.62 -2.58
C PRO E 296 -11.39 -43.11 -2.80
N ILE E 297 -11.64 -43.84 -1.73
CA ILE E 297 -11.77 -45.28 -1.81
C ILE E 297 -13.26 -45.52 -2.08
N PHE E 298 -13.60 -46.47 -2.94
CA PHE E 298 -15.01 -46.72 -3.25
C PHE E 298 -15.89 -46.81 -2.01
N GLU E 299 -17.18 -46.61 -2.19
CA GLU E 299 -18.14 -46.68 -1.09
C GLU E 299 -19.52 -47.03 -1.61
N ASN E 300 -20.33 -47.72 -0.82
CA ASN E 300 -21.67 -48.10 -1.28
C ASN E 300 -22.29 -46.92 -2.03
N CYS E 301 -22.40 -47.09 -3.34
CA CYS E 301 -22.91 -46.09 -4.25
C CYS E 301 -23.58 -44.86 -3.67
N ASN E 302 -24.71 -45.04 -3.00
CA ASN E 302 -25.42 -43.89 -2.45
C ASN E 302 -24.50 -42.98 -1.65
N LEU E 303 -23.79 -43.55 -0.69
CA LEU E 303 -22.88 -42.76 0.14
C LEU E 303 -21.85 -42.15 -0.76
N ALA E 304 -21.20 -43.00 -1.56
CA ALA E 304 -20.19 -42.52 -2.47
C ALA E 304 -20.70 -41.22 -3.05
N ASN E 305 -21.81 -41.30 -3.80
CA ASN E 305 -22.39 -40.12 -4.41
C ASN E 305 -22.49 -38.98 -3.41
N ASP E 306 -23.35 -39.12 -2.41
CA ASP E 306 -23.50 -38.08 -1.40
C ASP E 306 -22.13 -37.48 -1.13
N HIS E 307 -21.17 -38.32 -0.77
CA HIS E 307 -19.83 -37.84 -0.50
C HIS E 307 -19.32 -36.95 -1.62
N ASN E 308 -19.21 -37.47 -2.83
CA ASN E 308 -18.71 -36.66 -3.93
C ASN E 308 -19.44 -35.32 -3.97
N GLN E 309 -20.77 -35.36 -3.98
CA GLN E 309 -21.56 -34.14 -4.00
C GLN E 309 -21.00 -33.16 -2.99
N LEU E 310 -20.87 -33.59 -1.74
CA LEU E 310 -20.33 -32.75 -0.67
C LEU E 310 -18.93 -32.25 -1.01
N VAL E 311 -18.07 -33.14 -1.51
CA VAL E 311 -16.73 -32.73 -1.85
C VAL E 311 -16.73 -31.53 -2.76
N MET E 312 -17.59 -31.53 -3.77
CA MET E 312 -17.62 -30.39 -4.66
C MET E 312 -17.89 -29.14 -3.83
N ASP E 313 -18.84 -29.21 -2.89
CA ASP E 313 -19.13 -28.06 -2.03
C ASP E 313 -17.85 -27.65 -1.34
N LEU E 314 -17.27 -28.55 -0.55
CA LEU E 314 -16.04 -28.25 0.13
C LEU E 314 -15.05 -27.55 -0.78
N MET E 315 -14.74 -28.17 -1.90
CA MET E 315 -13.78 -27.59 -2.82
C MET E 315 -14.07 -26.13 -3.10
N LYS E 316 -15.30 -25.83 -3.48
CA LYS E 316 -15.62 -24.45 -3.77
C LYS E 316 -15.38 -23.55 -2.58
N ARG E 317 -15.94 -23.89 -1.42
CA ARG E 317 -15.73 -22.99 -0.29
C ARG E 317 -14.26 -22.82 -0.02
N ILE E 318 -13.54 -23.92 0.07
CA ILE E 318 -12.11 -23.86 0.37
C ILE E 318 -11.29 -23.13 -0.67
N ALA E 319 -11.58 -23.38 -1.93
CA ALA E 319 -10.84 -22.74 -3.01
C ALA E 319 -10.86 -21.24 -2.83
N ARG E 320 -12.06 -20.69 -2.71
CA ARG E 320 -12.26 -19.26 -2.52
C ARG E 320 -11.32 -18.76 -1.44
N LYS E 321 -11.34 -19.43 -0.30
CA LYS E 321 -10.48 -19.11 0.83
C LYS E 321 -9.01 -19.04 0.39
N HIS E 322 -8.64 -19.84 -0.61
CA HIS E 322 -7.27 -19.85 -1.10
C HIS E 322 -7.09 -18.98 -2.30
N HIS E 323 -7.97 -18.01 -2.44
CA HIS E 323 -7.89 -17.09 -3.56
C HIS E 323 -7.79 -17.80 -4.91
N PHE E 324 -8.61 -18.85 -5.08
CA PHE E 324 -8.68 -19.63 -6.33
C PHE E 324 -10.13 -19.78 -6.69
N ALA E 325 -10.40 -20.26 -7.89
CA ALA E 325 -11.76 -20.50 -8.33
C ALA E 325 -11.68 -21.87 -8.92
N VAL E 326 -12.46 -22.82 -8.41
CA VAL E 326 -12.42 -24.18 -8.92
C VAL E 326 -13.38 -24.27 -10.10
N LEU E 327 -12.87 -24.69 -11.25
CA LEU E 327 -13.69 -24.79 -12.44
C LEU E 327 -14.12 -26.21 -12.69
N PHE E 328 -15.42 -26.47 -12.48
CA PHE E 328 -15.98 -27.81 -12.65
C PHE E 328 -16.58 -28.11 -14.02
N HIS E 329 -16.62 -27.12 -14.89
CA HIS E 329 -17.17 -27.33 -16.23
C HIS E 329 -16.32 -28.40 -16.90
N GLU E 330 -16.91 -29.17 -17.81
CA GLU E 330 -16.15 -30.22 -18.45
C GLU E 330 -15.15 -29.73 -19.49
N LYS E 331 -15.29 -28.49 -19.95
CA LYS E 331 -14.37 -27.96 -20.95
C LYS E 331 -14.11 -26.49 -20.71
N PRO E 332 -13.46 -26.15 -19.59
CA PRO E 332 -13.17 -24.76 -19.26
C PRO E 332 -12.50 -24.05 -20.42
N TYR E 333 -11.31 -24.51 -20.77
CA TYR E 333 -10.57 -23.89 -21.85
C TYR E 333 -10.66 -24.75 -23.08
N ASN E 334 -10.86 -24.11 -24.22
CA ASN E 334 -10.95 -24.81 -25.48
C ASN E 334 -9.57 -25.25 -25.90
N GLY E 335 -9.47 -26.33 -26.64
CA GLY E 335 -8.16 -26.77 -27.08
C GLY E 335 -7.25 -27.40 -26.02
N VAL E 336 -7.80 -27.92 -24.94
CA VAL E 336 -6.97 -28.54 -23.91
C VAL E 336 -7.80 -29.54 -23.12
N ASN E 337 -7.19 -30.69 -22.82
CA ASN E 337 -7.88 -31.74 -22.09
C ASN E 337 -9.11 -31.26 -21.33
N GLY E 338 -10.24 -31.94 -21.50
CA GLY E 338 -11.44 -31.56 -20.78
C GLY E 338 -11.36 -32.21 -19.41
N SER E 339 -12.34 -31.95 -18.55
CA SER E 339 -12.34 -32.54 -17.20
C SER E 339 -13.45 -33.56 -17.17
N GLY E 340 -13.18 -34.73 -16.61
CA GLY E 340 -14.20 -35.75 -16.54
C GLY E 340 -14.32 -36.38 -15.16
N LYS E 341 -15.42 -37.08 -14.92
CA LYS E 341 -15.65 -37.76 -13.64
C LYS E 341 -15.93 -39.23 -13.90
N HIS E 342 -14.91 -40.06 -13.75
CA HIS E 342 -15.09 -41.49 -13.98
C HIS E 342 -15.90 -42.10 -12.89
N ASN E 343 -16.54 -43.22 -13.20
CA ASN E 343 -17.32 -43.95 -12.21
C ASN E 343 -16.95 -45.41 -12.27
N ASN E 344 -16.15 -45.85 -11.32
CA ASN E 344 -15.74 -47.23 -11.26
C ASN E 344 -16.83 -47.94 -10.50
N TRP E 345 -17.53 -48.80 -11.22
CA TRP E 345 -18.68 -49.56 -10.72
C TRP E 345 -18.35 -51.00 -10.46
N SER E 346 -18.93 -51.56 -9.40
CA SER E 346 -18.69 -52.96 -9.03
C SER E 346 -19.83 -53.43 -8.15
N LEU E 347 -19.96 -54.74 -7.96
CA LEU E 347 -21.05 -55.27 -7.13
C LEU E 347 -20.61 -56.28 -6.09
N CYS E 348 -20.37 -55.81 -4.86
CA CYS E 348 -19.93 -56.67 -3.76
C CYS E 348 -21.19 -57.34 -3.17
N THR E 349 -21.17 -58.67 -3.05
CA THR E 349 -22.32 -59.40 -2.49
C THR E 349 -22.14 -59.47 -0.99
N ASP E 350 -23.24 -59.50 -0.26
CA ASP E 350 -23.20 -59.50 1.20
C ASP E 350 -22.33 -60.59 1.84
N THR E 351 -22.06 -61.67 1.12
CA THR E 351 -21.22 -62.74 1.67
C THR E 351 -19.79 -62.50 1.25
N GLY E 352 -19.55 -61.37 0.58
CA GLY E 352 -18.22 -61.07 0.08
C GLY E 352 -18.36 -61.34 -1.40
N ILE E 353 -17.27 -61.30 -2.16
CA ILE E 353 -17.30 -61.55 -3.60
C ILE E 353 -17.47 -60.31 -4.46
N ASN E 354 -16.40 -59.94 -5.17
CA ASN E 354 -16.42 -58.77 -6.02
C ASN E 354 -17.52 -58.92 -7.04
N LEU E 355 -17.80 -60.15 -7.42
CA LEU E 355 -18.86 -60.45 -8.39
C LEU E 355 -18.51 -59.92 -9.78
N PHE E 356 -17.34 -59.31 -9.89
CA PHE E 356 -16.84 -58.74 -11.13
C PHE E 356 -15.36 -59.06 -11.12
N ALA E 357 -14.96 -59.94 -10.20
CA ALA E 357 -13.56 -60.29 -10.10
C ALA E 357 -13.29 -61.69 -10.60
N PRO E 358 -12.51 -61.81 -11.68
CA PRO E 358 -12.19 -63.13 -12.23
C PRO E 358 -11.27 -63.90 -11.28
N GLY E 359 -9.96 -63.69 -11.45
CA GLY E 359 -8.96 -64.32 -10.59
C GLY E 359 -8.75 -65.82 -10.72
N LYS E 360 -7.63 -66.20 -11.32
CA LYS E 360 -7.28 -67.61 -11.51
C LYS E 360 -8.38 -68.42 -12.20
N ASN E 361 -8.04 -69.05 -13.32
CA ASN E 361 -8.98 -69.87 -14.08
C ASN E 361 -10.40 -69.27 -14.11
N PRO E 362 -10.56 -68.12 -14.79
CA PRO E 362 -11.85 -67.44 -14.92
C PRO E 362 -12.94 -68.28 -15.56
N LYS E 363 -12.54 -69.27 -16.35
CA LYS E 363 -13.50 -70.15 -17.02
C LYS E 363 -14.26 -70.94 -15.96
N GLY E 364 -13.63 -71.13 -14.81
CA GLY E 364 -14.25 -71.87 -13.73
C GLY E 364 -15.24 -71.05 -12.90
N ASN E 365 -14.90 -69.80 -12.65
CA ASN E 365 -15.75 -68.90 -11.87
C ASN E 365 -17.03 -68.57 -12.64
N MET E 366 -17.92 -69.56 -12.73
CA MET E 366 -19.19 -69.43 -13.46
C MET E 366 -20.03 -68.22 -13.02
N LEU E 367 -20.04 -67.93 -11.72
CA LEU E 367 -20.78 -66.79 -11.20
C LEU E 367 -20.37 -65.52 -11.94
N PHE E 368 -19.09 -65.19 -11.84
CA PHE E 368 -18.50 -64.04 -12.51
C PHE E 368 -18.97 -64.05 -13.95
N LEU E 369 -18.60 -65.09 -14.69
CA LEU E 369 -19.00 -65.21 -16.09
C LEU E 369 -20.44 -64.73 -16.24
N THR E 370 -21.33 -65.32 -15.45
CA THR E 370 -22.74 -64.96 -15.49
C THR E 370 -22.97 -63.46 -15.45
N PHE E 371 -22.30 -62.78 -14.53
CA PHE E 371 -22.48 -61.34 -14.40
C PHE E 371 -21.78 -60.56 -15.51
N LEU E 372 -20.53 -60.88 -15.77
CA LEU E 372 -19.80 -60.18 -16.81
C LEU E 372 -20.64 -60.13 -18.07
N VAL E 373 -20.89 -61.31 -18.64
CA VAL E 373 -21.68 -61.39 -19.85
C VAL E 373 -22.93 -60.52 -19.70
N ASN E 374 -23.51 -60.53 -18.51
CA ASN E 374 -24.71 -59.74 -18.25
C ASN E 374 -24.44 -58.26 -18.49
N VAL E 375 -23.47 -57.71 -17.77
CA VAL E 375 -23.13 -56.32 -17.95
C VAL E 375 -23.13 -56.08 -19.45
N LEU E 376 -22.30 -56.85 -20.16
CA LEU E 376 -22.19 -56.75 -21.61
C LEU E 376 -23.52 -56.51 -22.28
N MET E 377 -24.49 -57.35 -21.99
CA MET E 377 -25.82 -57.21 -22.58
C MET E 377 -26.43 -55.85 -22.22
N MET E 378 -26.34 -55.47 -20.95
CA MET E 378 -26.91 -54.21 -20.48
C MET E 378 -26.32 -53.02 -21.22
N VAL E 379 -25.00 -52.90 -21.20
CA VAL E 379 -24.36 -51.79 -21.88
C VAL E 379 -24.83 -51.78 -23.32
N HIS E 380 -24.86 -52.97 -23.93
CA HIS E 380 -25.30 -53.13 -25.31
C HIS E 380 -26.79 -52.78 -25.50
N LYS E 381 -27.65 -53.49 -24.79
CA LYS E 381 -29.09 -53.32 -24.87
C LYS E 381 -29.57 -51.95 -24.42
N ASN E 382 -28.73 -51.19 -23.73
CA ASN E 382 -29.14 -49.86 -23.26
C ASN E 382 -28.27 -48.70 -23.69
N GLN E 383 -27.63 -48.80 -24.85
CA GLN E 383 -26.75 -47.72 -25.32
C GLN E 383 -27.32 -46.33 -25.06
N ASP E 384 -28.28 -45.93 -25.88
CA ASP E 384 -28.91 -44.63 -25.75
C ASP E 384 -29.20 -44.21 -24.32
N LEU E 385 -29.78 -45.09 -23.52
CA LEU E 385 -30.10 -44.75 -22.12
C LEU E 385 -28.89 -44.22 -21.37
N LEU E 386 -27.76 -44.91 -21.47
CA LEU E 386 -26.57 -44.43 -20.78
C LEU E 386 -26.15 -43.11 -21.41
N ARG E 387 -25.77 -43.13 -22.67
CA ARG E 387 -25.34 -41.91 -23.34
C ARG E 387 -26.22 -40.72 -22.97
N ALA E 388 -27.44 -40.98 -22.53
CA ALA E 388 -28.32 -39.88 -22.16
C ALA E 388 -28.07 -39.47 -20.72
N SER E 389 -27.77 -40.43 -19.86
CA SER E 389 -27.56 -40.10 -18.46
C SER E 389 -26.31 -39.30 -18.22
N ILE E 390 -25.52 -39.08 -19.26
CA ILE E 390 -24.32 -38.30 -19.05
C ILE E 390 -24.21 -37.11 -19.99
N MET E 391 -25.19 -36.96 -20.87
CA MET E 391 -25.18 -35.86 -21.83
C MET E 391 -25.55 -34.54 -21.14
N SER E 392 -24.90 -33.45 -21.53
CA SER E 392 -25.16 -32.13 -20.95
C SER E 392 -24.46 -31.04 -21.76
N ALA E 393 -25.11 -29.90 -21.88
CA ALA E 393 -24.54 -28.80 -22.63
C ALA E 393 -23.03 -28.66 -22.40
N GLY E 394 -22.60 -28.93 -21.18
CA GLY E 394 -21.19 -28.80 -20.91
C GLY E 394 -20.39 -29.97 -21.43
N ASN E 395 -20.84 -31.18 -21.11
CA ASN E 395 -20.15 -32.39 -21.53
C ASN E 395 -20.09 -32.50 -23.04
N SER E 396 -21.08 -31.93 -23.72
CA SER E 396 -21.10 -31.99 -25.16
C SER E 396 -19.74 -31.51 -25.64
N HIS E 397 -19.28 -30.41 -25.05
CA HIS E 397 -18.00 -29.85 -25.41
C HIS E 397 -16.83 -30.77 -25.10
N ARG E 398 -17.07 -31.81 -24.31
CA ARG E 398 -15.98 -32.71 -23.92
C ARG E 398 -15.86 -34.06 -24.60
N LEU E 399 -16.84 -34.94 -24.37
CA LEU E 399 -16.76 -36.26 -24.95
C LEU E 399 -16.44 -36.26 -26.45
N GLY E 400 -15.71 -37.29 -26.87
CA GLY E 400 -15.29 -37.43 -28.25
C GLY E 400 -14.19 -36.43 -28.49
N ALA E 401 -13.01 -36.65 -27.90
CA ALA E 401 -11.88 -35.74 -28.04
C ALA E 401 -10.66 -36.15 -27.22
N ASN E 402 -9.91 -35.16 -26.75
CA ASN E 402 -8.71 -35.38 -25.95
C ASN E 402 -8.97 -36.29 -24.75
N GLU E 403 -8.83 -37.59 -24.96
CA GLU E 403 -9.02 -38.63 -23.95
C GLU E 403 -10.44 -38.77 -23.41
N ALA E 404 -11.40 -38.23 -24.15
CA ALA E 404 -12.81 -38.29 -23.76
C ALA E 404 -13.60 -39.17 -24.71
N PRO E 405 -14.21 -40.24 -24.20
CA PRO E 405 -15.00 -41.19 -25.00
C PRO E 405 -16.10 -40.55 -25.87
N PRO E 406 -16.11 -40.87 -27.17
CA PRO E 406 -17.10 -40.32 -28.08
C PRO E 406 -18.47 -40.89 -27.71
N ALA E 407 -19.54 -40.23 -28.14
CA ALA E 407 -20.88 -40.72 -27.82
C ALA E 407 -21.17 -42.03 -28.53
N ILE E 408 -20.43 -43.08 -28.21
CA ILE E 408 -20.59 -44.39 -28.83
C ILE E 408 -20.27 -45.46 -27.79
N LEU E 409 -21.23 -45.87 -26.98
CA LEU E 409 -20.91 -46.87 -25.97
C LEU E 409 -20.35 -48.14 -26.58
N SER E 410 -19.35 -48.71 -25.91
CA SER E 410 -18.71 -49.94 -26.37
C SER E 410 -17.69 -50.43 -25.36
N ILE E 411 -18.03 -51.50 -24.66
CA ILE E 411 -17.17 -52.08 -23.62
C ILE E 411 -15.79 -52.51 -24.08
N PHE E 412 -14.87 -52.63 -23.13
CA PHE E 412 -13.50 -53.06 -23.38
C PHE E 412 -13.17 -54.18 -22.38
N LEU E 413 -12.94 -55.39 -22.89
CA LEU E 413 -12.63 -56.51 -22.00
C LEU E 413 -11.15 -56.85 -21.99
N GLY E 414 -10.47 -56.48 -23.07
CA GLY E 414 -9.04 -56.73 -23.16
C GLY E 414 -8.60 -58.18 -23.34
N SER E 415 -8.03 -58.46 -24.50
CA SER E 415 -7.51 -59.79 -24.86
C SER E 415 -7.84 -60.90 -23.86
N GLN E 416 -7.00 -61.03 -22.83
CA GLN E 416 -7.19 -62.07 -21.82
C GLN E 416 -8.65 -62.48 -21.68
N LEU E 417 -9.39 -61.75 -20.87
CA LEU E 417 -10.81 -62.03 -20.64
C LEU E 417 -11.58 -62.09 -21.95
N SER E 418 -11.11 -61.35 -22.95
CA SER E 418 -11.79 -61.30 -24.24
C SER E 418 -11.86 -62.67 -24.91
N ALA E 419 -10.73 -63.15 -25.40
CA ALA E 419 -10.68 -64.46 -26.05
C ALA E 419 -11.41 -65.46 -25.18
N THR E 420 -11.22 -65.34 -23.87
CA THR E 420 -11.86 -66.23 -22.91
C THR E 420 -13.38 -66.24 -23.07
N LEU E 421 -13.94 -65.16 -23.56
CA LEU E 421 -15.38 -65.13 -23.75
C LEU E 421 -15.72 -65.80 -25.08
N ASP E 422 -14.75 -65.89 -25.97
CA ASP E 422 -14.96 -66.53 -27.26
C ASP E 422 -14.96 -68.04 -27.09
N GLU E 423 -14.34 -68.50 -26.01
CA GLU E 423 -14.26 -69.91 -25.71
C GLU E 423 -15.67 -70.50 -25.51
N ILE E 424 -16.68 -69.77 -25.93
CA ILE E 424 -18.06 -70.22 -25.80
C ILE E 424 -18.94 -69.72 -26.97
N ARG E 458 -4.96 -52.87 -19.94
CA ARG E 458 -6.03 -51.90 -19.69
C ARG E 458 -5.82 -50.60 -20.48
N ASN E 459 -6.74 -50.29 -21.39
CA ASN E 459 -6.64 -49.09 -22.23
C ASN E 459 -7.86 -48.16 -22.16
N ARG E 460 -7.60 -46.86 -21.98
CA ARG E 460 -8.65 -45.84 -21.91
C ARG E 460 -9.34 -45.71 -23.27
N THR E 461 -9.55 -44.46 -23.70
CA THR E 461 -10.19 -44.17 -24.98
C THR E 461 -11.38 -45.08 -25.30
N SER E 462 -12.35 -45.14 -24.39
CA SER E 462 -13.57 -45.96 -24.56
C SER E 462 -14.51 -45.76 -23.38
N PRO E 463 -15.83 -45.72 -23.65
CA PRO E 463 -16.88 -45.53 -22.65
C PRO E 463 -16.78 -46.42 -21.42
N PHE E 464 -17.01 -47.71 -21.61
CA PHE E 464 -16.98 -48.67 -20.52
C PHE E 464 -15.66 -49.40 -20.63
N ALA E 465 -15.21 -50.03 -19.55
CA ALA E 465 -13.94 -50.73 -19.58
C ALA E 465 -13.69 -51.58 -18.37
N PHE E 466 -13.61 -52.89 -18.56
CA PHE E 466 -13.33 -53.78 -17.44
C PHE E 466 -11.89 -53.54 -17.06
N THR E 467 -11.67 -52.81 -15.97
CA THR E 467 -10.32 -52.49 -15.54
C THR E 467 -9.75 -53.42 -14.48
N GLY E 468 -10.40 -54.56 -14.25
CA GLY E 468 -9.91 -55.50 -13.25
C GLY E 468 -10.76 -55.47 -12.00
N ASN E 469 -11.47 -56.56 -11.75
CA ASN E 469 -12.35 -56.63 -10.59
C ASN E 469 -13.13 -55.33 -10.45
N ARG E 470 -13.76 -54.89 -11.55
CA ARG E 470 -14.59 -53.66 -11.63
C ARG E 470 -14.65 -53.04 -13.05
N PHE E 471 -15.71 -52.29 -13.32
CA PHE E 471 -15.88 -51.61 -14.62
C PHE E 471 -15.75 -50.10 -14.42
N GLU E 472 -15.13 -49.41 -15.36
CA GLU E 472 -14.99 -47.96 -15.22
C GLU E 472 -15.82 -47.26 -16.29
N PHE E 473 -16.71 -46.35 -15.89
CA PHE E 473 -17.58 -45.65 -16.84
C PHE E 473 -17.11 -44.21 -17.06
N ARG E 474 -16.23 -44.04 -18.04
CA ARG E 474 -15.64 -42.74 -18.35
C ARG E 474 -16.52 -41.65 -18.95
N ALA E 475 -17.59 -42.02 -19.64
CA ALA E 475 -18.45 -41.05 -20.30
C ALA E 475 -18.90 -39.84 -19.47
N ALA E 476 -19.12 -40.08 -18.19
CA ALA E 476 -19.58 -39.05 -17.27
C ALA E 476 -18.87 -37.70 -17.34
N GLY E 477 -19.62 -36.61 -17.20
CA GLY E 477 -19.00 -35.30 -17.20
C GLY E 477 -18.39 -35.03 -15.84
N SER E 478 -17.58 -33.99 -15.71
CA SER E 478 -16.96 -33.70 -14.43
C SER E 478 -17.85 -32.87 -13.50
N SER E 479 -18.93 -32.32 -14.03
CA SER E 479 -19.81 -31.50 -13.22
C SER E 479 -21.06 -32.25 -12.85
N ALA E 480 -21.37 -33.28 -13.61
CA ALA E 480 -22.58 -34.06 -13.39
C ALA E 480 -22.65 -34.68 -12.03
N ASN E 481 -23.86 -34.96 -11.59
CA ASN E 481 -24.07 -35.62 -10.31
C ASN E 481 -24.05 -37.10 -10.63
N CYS E 482 -23.06 -37.81 -10.10
CA CYS E 482 -22.95 -39.22 -10.38
C CYS E 482 -24.29 -39.88 -10.49
N ALA E 483 -25.11 -39.76 -9.44
CA ALA E 483 -26.45 -40.36 -9.41
C ALA E 483 -27.01 -40.67 -10.81
N ALA E 484 -27.19 -39.64 -11.63
CA ALA E 484 -27.72 -39.80 -12.99
C ALA E 484 -27.12 -41.02 -13.67
N ALA E 485 -25.80 -40.99 -13.88
CA ALA E 485 -25.12 -42.11 -14.52
C ALA E 485 -25.43 -43.39 -13.78
N MET E 486 -25.36 -43.38 -12.45
CA MET E 486 -25.64 -44.58 -11.68
C MET E 486 -27.09 -45.01 -11.85
N ILE E 487 -28.02 -44.11 -11.58
CA ILE E 487 -29.44 -44.43 -11.70
C ILE E 487 -29.64 -45.24 -12.97
N ALA E 488 -29.09 -44.76 -14.06
CA ALA E 488 -29.23 -45.48 -15.32
C ALA E 488 -28.50 -46.81 -15.16
N ILE E 489 -27.20 -46.81 -15.38
CA ILE E 489 -26.41 -48.03 -15.28
C ILE E 489 -26.99 -49.05 -14.32
N ASN E 490 -27.31 -48.67 -13.09
CA ASN E 490 -27.85 -49.64 -12.15
C ASN E 490 -29.20 -50.22 -12.54
N ALA E 491 -30.24 -49.40 -12.66
CA ALA E 491 -31.55 -49.92 -13.07
C ALA E 491 -31.41 -50.75 -14.35
N ALA E 492 -30.74 -50.17 -15.34
CA ALA E 492 -30.51 -50.83 -16.61
C ALA E 492 -30.00 -52.24 -16.34
N MET E 493 -29.04 -52.36 -15.43
CA MET E 493 -28.48 -53.65 -15.10
C MET E 493 -29.55 -54.48 -14.42
N ALA E 494 -30.23 -53.87 -13.45
CA ALA E 494 -31.29 -54.57 -12.71
C ALA E 494 -32.19 -55.32 -13.69
N ASN E 495 -32.69 -54.59 -14.68
CA ASN E 495 -33.56 -55.15 -15.70
C ASN E 495 -32.83 -56.33 -16.34
N GLN E 496 -31.81 -56.01 -17.13
CA GLN E 496 -30.99 -57.03 -17.81
C GLN E 496 -30.77 -58.28 -16.94
N LEU E 497 -30.77 -58.14 -15.63
CA LEU E 497 -30.58 -59.29 -14.76
C LEU E 497 -31.90 -60.01 -14.66
N ASN E 498 -32.89 -59.36 -14.04
CA ASN E 498 -34.22 -59.93 -13.90
C ASN E 498 -34.65 -60.61 -15.18
N GLU E 499 -34.06 -60.16 -16.28
CA GLU E 499 -34.37 -60.71 -17.59
C GLU E 499 -33.64 -62.02 -17.75
N PHE E 500 -32.32 -61.99 -17.57
CA PHE E 500 -31.51 -63.18 -17.68
C PHE E 500 -32.10 -64.30 -16.82
N LYS E 501 -32.68 -63.92 -15.68
CA LYS E 501 -33.27 -64.89 -14.76
C LYS E 501 -34.49 -65.58 -15.37
N ALA E 502 -35.55 -64.80 -15.64
CA ALA E 502 -36.75 -65.37 -16.24
C ALA E 502 -36.32 -66.31 -17.36
N SER E 503 -35.51 -65.78 -18.28
CA SER E 503 -35.02 -66.55 -19.41
C SER E 503 -34.40 -67.88 -18.98
N VAL E 504 -33.38 -67.84 -18.12
CA VAL E 504 -32.72 -69.05 -17.64
C VAL E 504 -33.64 -69.86 -16.69
N ASP E 505 -34.93 -69.89 -17.02
CA ASP E 505 -35.91 -70.64 -16.25
C ASP E 505 -36.78 -71.46 -17.19
N LYS E 506 -36.19 -72.54 -17.71
CA LYS E 506 -36.89 -73.43 -18.64
C LYS E 506 -36.68 -74.86 -18.16
N ASP E 515 -29.95 -75.59 -13.46
CA ASP E 515 -28.65 -75.89 -12.86
C ASP E 515 -27.57 -76.08 -13.94
N GLU E 516 -28.01 -76.18 -15.19
CA GLU E 516 -27.10 -76.36 -16.30
C GLU E 516 -27.64 -75.52 -17.44
N ALA E 517 -28.76 -74.88 -17.16
CA ALA E 517 -29.41 -74.01 -18.13
C ALA E 517 -28.55 -72.79 -18.33
N ILE E 518 -28.11 -72.21 -17.22
CA ILE E 518 -27.26 -71.03 -17.26
C ILE E 518 -26.39 -71.03 -18.51
N PHE E 519 -25.49 -72.02 -18.60
CA PHE E 519 -24.60 -72.12 -19.76
C PHE E 519 -25.35 -71.85 -21.06
N ARG E 520 -26.60 -72.30 -21.13
CA ARG E 520 -27.41 -72.10 -22.31
C ARG E 520 -27.59 -70.60 -22.54
N ILE E 521 -28.21 -69.93 -21.58
CA ILE E 521 -28.47 -68.50 -21.68
C ILE E 521 -27.16 -67.71 -21.77
N LEU E 522 -26.22 -68.03 -20.88
CA LEU E 522 -24.93 -67.34 -20.86
C LEU E 522 -24.32 -67.29 -22.26
N LYS E 523 -24.20 -68.44 -22.90
CA LYS E 523 -23.64 -68.49 -24.25
C LYS E 523 -24.57 -67.73 -25.17
N GLU E 524 -25.88 -67.89 -24.94
CA GLU E 524 -26.88 -67.22 -25.76
C GLU E 524 -26.66 -65.72 -25.76
N ASN E 525 -26.24 -65.19 -24.61
CA ASN E 525 -25.99 -63.76 -24.45
C ASN E 525 -24.68 -63.28 -25.01
N ILE E 526 -23.62 -64.04 -24.79
CA ILE E 526 -22.32 -63.63 -25.30
C ILE E 526 -22.47 -63.36 -26.79
N ILE E 527 -22.99 -64.34 -27.50
CA ILE E 527 -23.18 -64.22 -28.94
C ILE E 527 -24.03 -63.00 -29.22
N ALA E 528 -25.00 -62.77 -28.34
CA ALA E 528 -25.90 -61.64 -28.47
C ALA E 528 -25.21 -60.28 -28.33
N SER E 529 -24.31 -60.15 -27.35
CA SER E 529 -23.59 -58.90 -27.12
C SER E 529 -22.66 -58.62 -28.31
N GLU E 530 -21.59 -59.40 -28.41
CA GLU E 530 -20.64 -59.23 -29.50
C GLU E 530 -20.56 -57.79 -29.99
N LEU E 531 -21.47 -57.42 -30.88
CA LEU E 531 -21.50 -56.07 -31.42
C LEU E 531 -20.88 -55.00 -30.51
N ILE E 532 -21.38 -54.94 -29.27
CA ILE E 532 -20.94 -53.97 -28.27
C ILE E 532 -19.47 -53.95 -27.89
N ARG E 533 -18.81 -55.10 -27.90
CA ARG E 533 -17.40 -55.19 -27.53
C ARG E 533 -16.45 -54.61 -28.58
N PHE E 534 -15.51 -53.79 -28.13
CA PHE E 534 -14.51 -53.18 -29.00
C PHE E 534 -13.19 -53.23 -28.25
N GLU E 535 -12.09 -52.81 -28.88
CA GLU E 535 -10.79 -52.85 -28.21
C GLU E 535 -9.76 -51.79 -28.62
N GLY E 536 -10.05 -51.01 -29.68
CA GLY E 536 -9.08 -50.03 -30.14
C GLY E 536 -9.43 -48.55 -30.23
N ASP E 537 -8.45 -47.76 -30.70
CA ASP E 537 -8.56 -46.31 -30.85
C ASP E 537 -10.01 -45.85 -31.04
N GLY E 538 -10.71 -45.70 -29.92
CA GLY E 538 -12.11 -45.28 -29.96
C GLY E 538 -12.39 -43.98 -30.69
N TYR E 539 -11.37 -43.17 -30.93
CA TYR E 539 -11.55 -41.90 -31.64
C TYR E 539 -11.31 -42.11 -33.12
N SER E 540 -10.45 -43.09 -33.43
CA SER E 540 -10.12 -43.40 -34.81
C SER E 540 -11.33 -43.33 -35.72
N GLU E 541 -11.14 -42.75 -36.90
CA GLU E 541 -12.22 -42.65 -37.87
C GLU E 541 -12.64 -44.07 -38.20
N GLU E 542 -11.73 -44.99 -37.89
CA GLU E 542 -11.93 -46.42 -38.09
C GLU E 542 -13.23 -46.84 -37.41
N TRP E 543 -13.24 -46.68 -36.09
CA TRP E 543 -14.38 -47.03 -35.25
C TRP E 543 -15.60 -46.16 -35.53
N LYS E 544 -15.37 -44.93 -35.99
CA LYS E 544 -16.46 -44.03 -36.31
C LYS E 544 -17.52 -44.74 -37.13
N GLN E 545 -17.07 -45.46 -38.16
CA GLN E 545 -17.96 -46.21 -39.04
C GLN E 545 -18.04 -47.67 -38.61
N GLU E 546 -16.88 -48.24 -38.27
CA GLU E 546 -16.77 -49.64 -37.84
C GLU E 546 -17.84 -50.06 -36.83
N ALA E 547 -18.37 -49.07 -36.10
CA ALA E 547 -19.41 -49.32 -35.09
C ALA E 547 -20.75 -48.98 -35.69
N ALA E 548 -20.82 -47.84 -36.35
CA ALA E 548 -22.05 -47.39 -36.99
C ALA E 548 -22.58 -48.55 -37.81
N ARG E 549 -21.66 -49.36 -38.30
CA ARG E 549 -21.97 -50.54 -39.09
C ARG E 549 -22.67 -51.58 -38.22
N ARG E 550 -22.15 -51.80 -37.02
CA ARG E 550 -22.72 -52.77 -36.10
C ARG E 550 -24.08 -52.31 -35.59
N GLY E 551 -24.46 -51.09 -35.92
CA GLY E 551 -25.73 -50.57 -35.46
C GLY E 551 -25.59 -49.79 -34.17
N LEU E 552 -24.36 -49.68 -33.67
CA LEU E 552 -24.11 -48.94 -32.43
C LEU E 552 -24.40 -47.48 -32.73
N THR E 553 -25.32 -46.90 -31.96
CA THR E 553 -25.70 -45.51 -32.17
C THR E 553 -24.61 -44.55 -31.75
N ASN E 554 -24.63 -43.39 -32.38
CA ASN E 554 -23.70 -42.33 -32.10
C ASN E 554 -24.49 -41.04 -32.17
N ILE E 555 -24.65 -40.36 -31.03
CA ILE E 555 -25.40 -39.11 -30.99
C ILE E 555 -24.65 -37.98 -30.30
N CYS E 556 -24.30 -36.94 -31.06
CA CYS E 556 -23.56 -35.81 -30.52
C CYS E 556 -24.48 -34.76 -29.94
N HIS E 557 -25.54 -34.44 -30.68
CA HIS E 557 -26.49 -33.42 -30.26
C HIS E 557 -27.19 -33.71 -28.94
N VAL E 558 -26.97 -32.83 -27.97
CA VAL E 558 -27.59 -33.02 -26.67
C VAL E 558 -29.09 -33.24 -26.78
N PRO E 559 -29.83 -32.24 -27.28
CA PRO E 559 -31.27 -32.45 -27.38
C PRO E 559 -31.60 -33.88 -27.80
N GLU E 560 -31.29 -34.22 -29.05
CA GLU E 560 -31.57 -35.57 -29.53
C GLU E 560 -31.19 -36.58 -28.45
N ALA E 561 -29.89 -36.76 -28.26
CA ALA E 561 -29.37 -37.70 -27.29
C ALA E 561 -30.21 -37.77 -26.04
N LEU E 562 -30.67 -36.62 -25.58
CA LEU E 562 -31.48 -36.59 -24.38
C LEU E 562 -32.83 -37.25 -24.59
N MET E 563 -33.51 -36.84 -25.65
CA MET E 563 -34.84 -37.35 -26.01
C MET E 563 -35.03 -38.82 -25.67
N HIS E 564 -34.02 -39.63 -25.96
CA HIS E 564 -34.13 -41.05 -25.68
C HIS E 564 -34.52 -41.43 -24.27
N TYR E 565 -34.70 -40.46 -23.38
CA TYR E 565 -35.12 -40.86 -22.05
C TYR E 565 -36.52 -41.49 -22.20
N MET E 566 -37.39 -40.85 -22.98
CA MET E 566 -38.76 -41.31 -23.23
C MET E 566 -38.79 -42.45 -24.24
N ASP E 567 -37.68 -42.70 -24.91
CA ASP E 567 -37.60 -43.78 -25.89
C ASP E 567 -38.09 -45.04 -25.20
N ASN E 568 -39.00 -45.77 -25.84
CA ASN E 568 -39.60 -46.99 -25.28
C ASN E 568 -38.67 -47.91 -24.49
N GLN E 569 -37.54 -48.28 -25.08
CA GLN E 569 -36.60 -49.17 -24.41
C GLN E 569 -36.28 -48.63 -23.03
N SER E 570 -35.79 -47.40 -22.99
CA SER E 570 -35.44 -46.75 -21.73
C SER E 570 -36.60 -46.86 -20.73
N ARG E 571 -37.79 -46.46 -21.19
CA ARG E 571 -39.00 -46.51 -20.35
C ARG E 571 -39.15 -47.89 -19.74
N ALA E 572 -38.83 -48.90 -20.56
CA ALA E 572 -38.91 -50.29 -20.13
C ALA E 572 -38.06 -50.49 -18.89
N VAL E 573 -36.92 -49.81 -18.86
CA VAL E 573 -36.03 -49.93 -17.72
C VAL E 573 -36.46 -48.98 -16.62
N LEU E 574 -36.58 -47.70 -16.95
CA LEU E 574 -36.96 -46.70 -15.98
C LEU E 574 -38.34 -46.96 -15.36
N ILE E 575 -39.39 -46.91 -16.17
CA ILE E 575 -40.72 -47.14 -15.63
C ILE E 575 -40.86 -48.59 -15.30
N GLY E 576 -40.24 -49.44 -16.10
CA GLY E 576 -40.31 -50.87 -15.85
C GLY E 576 -39.99 -51.18 -14.41
N GLU E 577 -38.73 -51.00 -14.02
CA GLU E 577 -38.25 -51.27 -12.67
C GLU E 577 -38.90 -50.41 -11.61
N ARG E 578 -40.02 -49.77 -11.91
CA ARG E 578 -40.71 -48.93 -10.95
C ARG E 578 -39.77 -47.87 -10.37
N ILE E 579 -38.92 -47.29 -11.23
CA ILE E 579 -37.98 -46.24 -10.83
C ILE E 579 -38.63 -44.87 -11.01
N PHE E 580 -39.40 -44.72 -12.07
CA PHE E 580 -40.10 -43.48 -12.35
C PHE E 580 -41.46 -43.85 -12.91
N ASN E 581 -42.44 -42.96 -12.75
CA ASN E 581 -43.75 -43.23 -13.30
C ASN E 581 -43.91 -42.21 -14.39
N GLU E 582 -44.53 -42.60 -15.50
CA GLU E 582 -44.77 -41.71 -16.64
C GLU E 582 -44.62 -40.23 -16.35
N THR E 583 -45.47 -39.71 -15.47
CA THR E 583 -45.45 -38.31 -15.08
C THR E 583 -44.06 -37.84 -14.70
N GLU E 584 -43.38 -38.60 -13.85
CA GLU E 584 -42.02 -38.27 -13.43
C GLU E 584 -41.08 -38.21 -14.63
N LEU E 585 -40.78 -39.39 -15.17
CA LEU E 585 -39.89 -39.50 -16.31
C LEU E 585 -40.17 -38.34 -17.25
N ALA E 586 -41.44 -37.95 -17.36
CA ALA E 586 -41.82 -36.84 -18.21
C ALA E 586 -41.00 -35.63 -17.78
N CYS E 587 -41.17 -35.21 -16.52
CA CYS E 587 -40.44 -34.09 -15.94
C CYS E 587 -38.96 -34.24 -16.23
N ARG E 588 -38.36 -35.24 -15.59
CA ARG E 588 -36.94 -35.51 -15.77
C ARG E 588 -36.51 -35.03 -17.16
N LEU E 589 -37.07 -35.64 -18.20
CA LEU E 589 -36.69 -35.28 -19.56
C LEU E 589 -36.86 -33.80 -19.85
N GLU E 590 -37.92 -33.19 -19.33
CA GLU E 590 -38.11 -31.77 -19.59
C GLU E 590 -37.09 -30.97 -18.82
N VAL E 591 -37.15 -31.02 -17.50
CA VAL E 591 -36.21 -30.25 -16.70
C VAL E 591 -34.81 -30.42 -17.26
N GLU E 592 -34.52 -31.60 -17.80
CA GLU E 592 -33.20 -31.84 -18.37
C GLU E 592 -33.00 -30.99 -19.61
N LEU E 593 -34.00 -30.98 -20.48
CA LEU E 593 -33.96 -30.19 -21.69
C LEU E 593 -33.95 -28.74 -21.26
N GLU E 594 -34.77 -28.43 -20.25
CA GLU E 594 -34.87 -27.09 -19.72
C GLU E 594 -33.48 -26.53 -19.49
N LYS E 595 -32.70 -27.26 -18.68
CA LYS E 595 -31.33 -26.85 -18.35
C LYS E 595 -30.54 -26.51 -19.62
N TYR E 596 -30.25 -27.53 -20.40
CA TYR E 596 -29.53 -27.33 -21.64
C TYR E 596 -29.91 -25.99 -22.24
N THR E 597 -31.18 -25.85 -22.56
CA THR E 597 -31.68 -24.63 -23.16
C THR E 597 -31.19 -23.35 -22.49
N MET E 598 -31.28 -23.27 -21.17
CA MET E 598 -30.82 -22.07 -20.47
C MET E 598 -29.32 -21.94 -20.61
N LYS E 599 -28.59 -22.99 -20.25
CA LYS E 599 -27.15 -22.96 -20.35
C LYS E 599 -26.74 -22.37 -21.69
N VAL E 600 -27.21 -22.99 -22.78
CA VAL E 600 -26.85 -22.53 -24.11
C VAL E 600 -27.22 -21.09 -24.28
N GLN E 601 -28.33 -20.70 -23.68
CA GLN E 601 -28.76 -19.32 -23.78
C GLN E 601 -27.72 -18.37 -23.17
N ILE E 602 -27.51 -18.47 -21.85
CA ILE E 602 -26.53 -17.63 -21.17
C ILE E 602 -25.22 -17.52 -21.94
N GLU E 603 -24.69 -18.66 -22.36
CA GLU E 603 -23.45 -18.66 -23.11
C GLU E 603 -23.60 -17.65 -24.22
N SER E 604 -24.68 -17.77 -24.98
CA SER E 604 -24.97 -16.87 -26.08
C SER E 604 -25.08 -15.44 -25.58
N ARG E 605 -26.00 -15.21 -24.64
CA ARG E 605 -26.21 -13.88 -24.10
C ARG E 605 -24.86 -13.26 -23.82
N VAL E 606 -24.11 -13.87 -22.91
CA VAL E 606 -22.80 -13.37 -22.55
C VAL E 606 -21.96 -13.05 -23.76
N LEU E 607 -21.49 -14.09 -24.45
CA LEU E 607 -20.65 -13.90 -25.63
C LEU E 607 -21.10 -12.73 -26.49
N GLY E 608 -22.40 -12.48 -26.55
CA GLY E 608 -22.90 -11.38 -27.34
C GLY E 608 -22.50 -10.05 -26.74
N ASP E 609 -22.87 -9.87 -25.48
CA ASP E 609 -22.56 -8.65 -24.76
C ASP E 609 -21.07 -8.44 -24.70
N LEU E 610 -20.33 -9.47 -24.33
CA LEU E 610 -18.89 -9.32 -24.24
C LEU E 610 -18.31 -8.86 -25.56
N ALA E 611 -18.85 -9.37 -26.66
CA ALA E 611 -18.32 -9.01 -27.95
C ALA E 611 -18.54 -7.54 -28.24
N ILE E 612 -19.80 -7.13 -28.22
CA ILE E 612 -20.15 -5.76 -28.49
C ILE E 612 -19.58 -4.73 -27.52
N ASN E 613 -19.70 -5.00 -26.21
CA ASN E 613 -19.23 -4.14 -25.14
C ASN E 613 -17.75 -4.14 -24.88
N HIS E 614 -17.13 -5.32 -24.78
CA HIS E 614 -15.71 -5.43 -24.47
C HIS E 614 -14.74 -5.54 -25.62
N ILE E 615 -14.90 -6.56 -26.46
CA ILE E 615 -13.98 -6.78 -27.58
C ILE E 615 -13.95 -5.70 -28.65
N VAL E 616 -15.09 -5.48 -29.30
CA VAL E 616 -15.15 -4.50 -30.37
C VAL E 616 -14.51 -3.18 -30.02
N PRO E 617 -15.09 -2.47 -29.05
CA PRO E 617 -14.59 -1.17 -28.61
C PRO E 617 -13.09 -1.09 -28.58
N ILE E 618 -12.42 -2.19 -28.29
CA ILE E 618 -10.98 -2.17 -28.27
C ILE E 618 -10.48 -2.20 -29.67
N ALA E 619 -10.94 -3.20 -30.41
CA ALA E 619 -10.56 -3.34 -31.81
C ALA E 619 -10.50 -1.96 -32.44
N VAL E 620 -11.56 -1.18 -32.22
CA VAL E 620 -11.65 0.16 -32.77
C VAL E 620 -10.47 0.96 -32.29
N SER E 621 -10.39 1.12 -30.97
CA SER E 621 -9.30 1.88 -30.39
C SER E 621 -8.01 1.54 -31.11
N TYR E 622 -7.67 0.26 -31.19
CA TYR E 622 -6.44 -0.10 -31.86
C TYR E 622 -6.46 0.31 -33.32
N GLN E 623 -7.56 0.07 -34.00
CA GLN E 623 -7.63 0.43 -35.41
C GLN E 623 -7.22 1.88 -35.57
N ASN E 624 -7.65 2.73 -34.65
CA ASN E 624 -7.32 4.15 -34.71
C ASN E 624 -5.81 4.30 -34.70
N ARG E 625 -5.16 3.65 -33.75
CA ARG E 625 -3.72 3.71 -33.66
C ARG E 625 -3.20 3.58 -35.06
N LEU E 626 -3.60 2.50 -35.72
CA LEU E 626 -3.16 2.20 -37.07
C LEU E 626 -3.47 3.30 -38.05
N LEU E 627 -4.72 3.75 -38.04
CA LEU E 627 -5.13 4.81 -38.94
C LEU E 627 -4.33 6.07 -38.69
N GLU E 628 -4.28 6.51 -37.44
CA GLU E 628 -3.54 7.73 -37.14
C GLU E 628 -2.17 7.62 -37.75
N ASN E 629 -1.65 6.39 -37.82
CA ASN E 629 -0.33 6.19 -38.40
C ASN E 629 -0.35 6.63 -39.86
N LEU E 630 -1.05 5.88 -40.69
CA LEU E 630 -1.11 6.21 -42.12
C LEU E 630 -1.51 7.66 -42.29
N CYS E 631 -2.71 7.98 -41.81
CA CYS E 631 -3.22 9.33 -41.94
C CYS E 631 -2.13 10.39 -41.97
N ARG E 632 -1.14 10.27 -41.09
CA ARG E 632 -0.03 11.24 -41.05
C ARG E 632 0.99 10.86 -42.07
N MET E 633 1.46 9.62 -42.01
CA MET E 633 2.44 9.12 -42.94
C MET E 633 2.09 9.52 -44.36
N LYS E 634 0.90 9.13 -44.79
CA LYS E 634 0.41 9.43 -46.13
C LYS E 634 0.74 10.85 -46.54
N GLU E 635 0.56 11.78 -45.62
CA GLU E 635 0.82 13.16 -45.93
C GLU E 635 2.25 13.64 -45.63
N ILE E 636 3.23 12.74 -45.62
CA ILE E 636 4.61 13.15 -45.36
C ILE E 636 5.56 12.43 -46.29
N PHE E 637 5.04 11.53 -47.11
CA PHE E 637 5.88 10.79 -48.03
C PHE E 637 5.32 10.81 -49.44
N SER E 638 6.23 10.82 -50.41
CA SER E 638 5.82 10.82 -51.81
C SER E 638 4.95 9.62 -52.04
N GLU E 639 3.79 9.85 -52.66
CA GLU E 639 2.84 8.79 -52.95
C GLU E 639 3.58 7.48 -53.14
N GLU E 640 4.67 7.50 -53.91
CA GLU E 640 5.46 6.31 -54.13
C GLU E 640 5.80 5.66 -52.79
N GLU E 641 6.53 6.41 -51.95
CA GLU E 641 6.93 5.92 -50.63
C GLU E 641 5.74 5.42 -49.84
N TYR E 642 4.74 6.28 -49.69
CA TYR E 642 3.54 5.93 -48.95
C TYR E 642 2.91 4.64 -49.45
N GLU E 643 2.86 4.47 -50.77
CA GLU E 643 2.25 3.28 -51.33
C GLU E 643 2.91 2.03 -50.79
N VAL E 644 4.24 2.03 -50.70
CA VAL E 644 4.94 0.85 -50.23
C VAL E 644 4.99 0.71 -48.73
N MET E 645 5.07 1.83 -48.01
CA MET E 645 5.13 1.75 -46.57
C MET E 645 3.78 1.40 -45.97
N SER E 646 2.72 2.11 -46.35
CA SER E 646 1.39 1.80 -45.79
C SER E 646 0.98 0.36 -46.12
N ALA E 647 1.26 -0.05 -47.35
CA ALA E 647 0.94 -1.40 -47.81
C ALA E 647 0.21 -2.30 -46.80
N ASP E 648 0.99 -3.13 -46.11
CA ASP E 648 0.47 -4.07 -45.10
C ASP E 648 -0.47 -3.42 -44.11
N ARG E 649 0.07 -2.44 -43.38
CA ARG E 649 -0.73 -1.72 -42.38
C ARG E 649 -2.16 -1.50 -42.90
N LYS E 650 -2.25 -0.76 -43.98
CA LYS E 650 -3.50 -0.42 -44.63
C LYS E 650 -4.35 -1.68 -44.70
N GLU E 651 -3.73 -2.78 -45.08
CA GLU E 651 -4.45 -4.04 -45.22
C GLU E 651 -5.06 -4.50 -43.92
N LEU E 652 -4.23 -4.58 -42.87
CA LEU E 652 -4.67 -5.00 -41.55
C LEU E 652 -5.88 -4.21 -41.09
N ILE E 653 -5.85 -2.90 -41.33
CA ILE E 653 -6.96 -2.05 -40.96
C ILE E 653 -8.18 -2.68 -41.62
N LYS E 654 -8.07 -2.98 -42.91
CA LYS E 654 -9.17 -3.61 -43.62
C LYS E 654 -9.53 -4.83 -42.79
N GLU E 655 -8.56 -5.71 -42.63
CA GLU E 655 -8.71 -6.93 -41.85
C GLU E 655 -9.55 -6.69 -40.61
N ILE E 656 -9.13 -5.74 -39.77
CA ILE E 656 -9.87 -5.46 -38.55
C ILE E 656 -11.31 -5.05 -38.86
N SER E 657 -11.44 -3.96 -39.60
CA SER E 657 -12.77 -3.47 -39.96
C SER E 657 -13.62 -4.66 -40.38
N HIS E 658 -13.03 -5.58 -41.13
CA HIS E 658 -13.77 -6.75 -41.56
C HIS E 658 -14.31 -7.43 -40.31
N ARG E 659 -13.43 -8.07 -39.56
CA ARG E 659 -13.80 -8.77 -38.34
C ARG E 659 -14.88 -8.06 -37.55
N VAL E 660 -14.57 -6.85 -37.08
CA VAL E 660 -15.52 -6.05 -36.31
C VAL E 660 -16.90 -6.20 -36.88
N SER E 661 -17.07 -5.71 -38.12
CA SER E 661 -18.35 -5.77 -38.79
C SER E 661 -18.93 -7.18 -38.70
N ALA E 662 -18.15 -8.15 -39.14
CA ALA E 662 -18.58 -9.53 -39.11
C ALA E 662 -19.23 -9.81 -37.77
N ILE E 663 -18.49 -9.59 -36.71
CA ILE E 663 -19.00 -9.84 -35.37
C ILE E 663 -20.29 -9.10 -35.18
N LYS E 664 -20.25 -7.80 -35.43
CA LYS E 664 -21.42 -6.95 -35.26
C LYS E 664 -22.62 -7.68 -35.82
N VAL E 665 -22.48 -8.28 -37.00
CA VAL E 665 -23.59 -9.01 -37.60
C VAL E 665 -23.91 -10.28 -36.85
N LEU E 666 -23.02 -11.26 -36.93
CA LEU E 666 -23.22 -12.52 -36.24
C LEU E 666 -24.00 -12.35 -34.95
N VAL E 667 -23.53 -11.45 -34.09
CA VAL E 667 -24.21 -11.21 -32.83
C VAL E 667 -25.68 -10.89 -33.05
N ARG E 668 -25.94 -9.89 -33.87
CA ARG E 668 -27.30 -9.50 -34.18
C ARG E 668 -28.07 -10.76 -34.57
N ASP E 669 -27.68 -11.36 -35.69
CA ASP E 669 -28.34 -12.55 -36.18
C ASP E 669 -28.56 -13.56 -35.08
N MET E 670 -27.53 -13.74 -34.25
CA MET E 670 -27.62 -14.69 -33.16
C MET E 670 -28.68 -14.24 -32.19
N THR E 671 -28.66 -12.97 -31.86
CA THR E 671 -29.63 -12.44 -30.92
C THR E 671 -31.01 -12.81 -31.44
N GLU E 672 -31.20 -12.63 -32.73
CA GLU E 672 -32.47 -12.94 -33.37
C GLU E 672 -32.76 -14.42 -33.18
N ALA E 673 -31.86 -15.26 -33.67
CA ALA E 673 -32.05 -16.70 -33.52
C ALA E 673 -32.63 -16.98 -32.14
N ARG E 674 -31.87 -16.64 -31.11
CA ARG E 674 -32.29 -16.85 -29.74
C ARG E 674 -33.73 -16.38 -29.63
N LYS E 675 -34.00 -15.16 -30.09
CA LYS E 675 -35.35 -14.61 -30.01
C LYS E 675 -36.37 -15.65 -30.47
N VAL E 676 -36.44 -15.88 -31.77
CA VAL E 676 -37.37 -16.86 -32.29
C VAL E 676 -37.30 -18.12 -31.41
N ALA E 677 -36.16 -18.79 -31.42
CA ALA E 677 -35.98 -20.00 -30.63
C ALA E 677 -36.79 -19.92 -29.35
N ASN E 678 -36.55 -18.86 -28.58
CA ASN E 678 -37.23 -18.66 -27.31
C ASN E 678 -38.75 -18.68 -27.41
N HIS E 679 -39.28 -18.53 -28.62
CA HIS E 679 -40.71 -18.50 -28.81
C HIS E 679 -41.36 -19.82 -29.21
N LYS E 680 -40.57 -20.80 -29.64
CA LYS E 680 -41.13 -22.09 -30.02
C LYS E 680 -42.10 -22.50 -28.90
N GLU E 681 -43.38 -22.65 -29.22
CA GLU E 681 -44.37 -23.01 -28.21
C GLU E 681 -44.24 -24.45 -27.75
N ASN E 682 -43.10 -24.77 -27.11
CA ASN E 682 -42.84 -26.12 -26.63
C ASN E 682 -41.39 -26.31 -26.19
N PHE E 683 -41.18 -26.44 -24.88
CA PHE E 683 -39.83 -26.63 -24.34
C PHE E 683 -38.99 -27.61 -25.14
N LYS E 684 -39.63 -28.70 -25.57
CA LYS E 684 -38.94 -29.72 -26.35
C LYS E 684 -38.37 -29.16 -27.64
N GLU E 685 -39.14 -28.29 -28.31
CA GLU E 685 -38.67 -27.70 -29.54
C GLU E 685 -37.65 -26.61 -29.26
N LYS E 686 -37.96 -25.79 -28.27
CA LYS E 686 -37.09 -24.71 -27.88
C LYS E 686 -35.67 -25.24 -27.84
N ALA E 687 -35.49 -26.39 -27.20
CA ALA E 687 -34.18 -27.01 -27.08
C ALA E 687 -33.54 -27.15 -28.45
N PHE E 688 -34.16 -27.96 -29.30
CA PHE E 688 -33.62 -28.15 -30.65
C PHE E 688 -33.30 -26.79 -31.25
N ALA E 689 -34.27 -25.88 -31.22
CA ALA E 689 -34.05 -24.56 -31.76
C ALA E 689 -32.63 -24.08 -31.46
N TYR E 690 -32.24 -24.13 -30.19
CA TYR E 690 -30.91 -23.70 -29.81
C TYR E 690 -29.86 -24.58 -30.45
N GLU E 691 -29.75 -25.83 -29.99
CA GLU E 691 -28.76 -26.74 -30.55
C GLU E 691 -28.72 -26.60 -32.06
N GLU E 692 -29.85 -26.23 -32.65
CA GLU E 692 -29.94 -26.11 -34.10
C GLU E 692 -29.46 -24.80 -34.71
N THR E 693 -30.06 -23.69 -34.32
CA THR E 693 -29.69 -22.41 -34.89
C THR E 693 -28.90 -21.44 -34.03
N VAL E 694 -29.00 -21.55 -32.70
CA VAL E 694 -28.27 -20.64 -31.82
C VAL E 694 -26.86 -21.14 -31.53
N ARG E 695 -26.76 -22.36 -31.00
CA ARG E 695 -25.47 -22.94 -30.68
C ARG E 695 -24.39 -22.61 -31.71
N PRO E 696 -24.71 -22.78 -33.01
CA PRO E 696 -23.77 -22.51 -34.08
C PRO E 696 -22.97 -21.22 -33.99
N TYR E 697 -23.61 -20.12 -33.64
CA TYR E 697 -22.93 -18.83 -33.58
C TYR E 697 -21.78 -18.76 -32.59
N LEU E 698 -21.94 -19.44 -31.47
CA LEU E 698 -20.90 -19.43 -30.46
C LEU E 698 -19.53 -19.57 -31.08
N GLU E 699 -19.35 -20.56 -31.93
CA GLU E 699 -18.06 -20.76 -32.58
C GLU E 699 -17.79 -19.71 -33.63
N SER E 700 -18.81 -19.35 -34.41
CA SER E 700 -18.67 -18.36 -35.46
C SER E 700 -18.06 -17.09 -34.92
N ILE E 701 -18.82 -16.43 -34.04
CA ILE E 701 -18.40 -15.18 -33.42
C ILE E 701 -16.98 -15.27 -32.92
N ARG E 702 -16.74 -16.33 -32.16
CA ARG E 702 -15.43 -16.54 -31.59
C ARG E 702 -14.34 -16.45 -32.60
N ASP E 703 -14.33 -17.38 -33.54
CA ASP E 703 -13.26 -17.39 -34.53
C ASP E 703 -12.74 -16.01 -34.85
N HIS E 704 -13.63 -15.04 -34.96
CA HIS E 704 -13.20 -13.69 -35.27
C HIS E 704 -12.45 -13.09 -34.10
N ILE E 705 -13.14 -12.97 -32.97
CA ILE E 705 -12.52 -12.40 -31.79
C ILE E 705 -11.12 -12.96 -31.64
N ASP E 706 -11.02 -14.28 -31.63
CA ASP E 706 -9.72 -14.90 -31.50
C ASP E 706 -8.70 -14.32 -32.47
N HIS E 707 -9.09 -14.16 -33.72
CA HIS E 707 -8.16 -13.59 -34.67
C HIS E 707 -7.77 -12.20 -34.21
N LEU E 708 -8.77 -11.40 -33.86
CA LEU E 708 -8.49 -10.05 -33.41
C LEU E 708 -7.46 -10.06 -32.29
N GLU E 709 -7.65 -10.94 -31.32
CA GLU E 709 -6.72 -11.05 -30.22
C GLU E 709 -5.30 -11.09 -30.75
N MET E 710 -5.04 -11.92 -31.75
CA MET E 710 -3.70 -12.02 -32.31
C MET E 710 -3.22 -10.74 -32.96
N GLU E 711 -4.12 -9.90 -33.45
CA GLU E 711 -3.70 -8.69 -34.11
C GLU E 711 -3.46 -7.47 -33.24
N ILE E 712 -4.40 -7.18 -32.35
CA ILE E 712 -4.35 -6.04 -31.46
C ILE E 712 -3.18 -6.06 -30.47
N ASP E 713 -2.77 -4.89 -30.02
CA ASP E 713 -1.66 -4.68 -29.06
C ASP E 713 -1.89 -5.34 -27.69
N ASP E 714 -1.01 -6.25 -27.29
CA ASP E 714 -1.17 -6.95 -26.01
C ASP E 714 -1.29 -6.00 -24.84
N GLU E 715 -0.80 -4.78 -25.04
CA GLU E 715 -0.82 -3.74 -24.02
C GLU E 715 -2.25 -3.58 -23.63
N ILE E 716 -3.12 -3.63 -24.61
CA ILE E 716 -4.56 -3.53 -24.39
C ILE E 716 -5.14 -4.94 -24.41
N TRP E 717 -6.38 -5.07 -24.85
CA TRP E 717 -7.03 -6.36 -24.90
C TRP E 717 -7.57 -6.69 -23.51
N PRO E 718 -8.84 -6.36 -23.27
CA PRO E 718 -9.56 -6.56 -22.03
C PRO E 718 -9.43 -7.85 -21.25
N LEU E 719 -9.44 -8.98 -21.92
CA LEU E 719 -9.41 -10.23 -21.16
C LEU E 719 -8.08 -10.86 -20.87
N PRO E 720 -8.02 -11.67 -19.81
CA PRO E 720 -6.75 -12.33 -19.52
C PRO E 720 -6.60 -13.33 -20.67
N LYS E 721 -5.39 -13.50 -21.18
CA LYS E 721 -5.15 -14.40 -22.30
C LYS E 721 -4.90 -15.84 -21.84
N TYR E 722 -5.33 -16.83 -22.63
CA TYR E 722 -5.13 -18.23 -22.25
C TYR E 722 -3.76 -18.48 -21.68
N ARG E 723 -2.74 -17.97 -22.35
CA ARG E 723 -1.37 -18.16 -21.89
C ARG E 723 -1.26 -17.83 -20.40
N GLU E 724 -2.11 -16.92 -19.94
CA GLU E 724 -2.07 -16.51 -18.55
C GLU E 724 -3.02 -17.37 -17.75
N LEU E 725 -4.23 -17.58 -18.25
CA LEU E 725 -5.17 -18.41 -17.52
C LEU E 725 -4.57 -19.78 -17.24
N LEU E 726 -3.60 -20.19 -18.05
CA LEU E 726 -3.00 -21.51 -17.88
C LEU E 726 -1.63 -21.61 -17.22
N PHE E 727 -0.85 -20.54 -17.18
CA PHE E 727 0.47 -20.60 -16.57
C PHE E 727 0.68 -19.33 -15.75
N THR E 728 0.68 -18.19 -16.43
CA THR E 728 0.87 -16.90 -15.76
C THR E 728 -0.18 -16.70 -14.68
N LYS F 3 4.37 -1.38 -19.54
CA LYS F 3 3.50 -0.98 -18.45
C LYS F 3 3.43 -2.06 -17.36
N MET F 4 3.97 -3.24 -17.66
CA MET F 4 3.97 -4.36 -16.73
C MET F 4 5.42 -4.61 -16.40
N ARG F 5 6.28 -4.29 -17.35
CA ARG F 5 7.71 -4.44 -17.18
C ARG F 5 8.11 -3.57 -16.02
N PHE F 6 7.58 -2.36 -16.00
CA PHE F 6 7.91 -1.45 -14.93
C PHE F 6 7.30 -1.89 -13.60
N PHE F 7 6.07 -2.38 -13.65
CA PHE F 7 5.45 -2.88 -12.43
C PHE F 7 6.41 -3.91 -11.86
N ALA F 8 7.32 -4.41 -12.68
CA ALA F 8 8.26 -5.40 -12.25
C ALA F 8 9.43 -4.72 -11.63
N LEU F 9 10.02 -3.77 -12.34
CA LEU F 9 11.17 -3.06 -11.79
C LEU F 9 10.78 -2.44 -10.46
N GLN F 10 9.63 -1.79 -10.44
CA GLN F 10 9.18 -1.16 -9.21
C GLN F 10 8.92 -2.25 -8.19
N GLU F 11 8.46 -3.38 -8.68
CA GLU F 11 8.15 -4.50 -7.81
C GLU F 11 9.35 -4.88 -6.98
N LEU F 12 10.49 -5.10 -7.62
CA LEU F 12 11.67 -5.50 -6.87
C LEU F 12 12.45 -4.40 -6.19
N SER F 13 11.97 -3.16 -6.26
CA SER F 13 12.70 -2.08 -5.60
C SER F 13 12.92 -2.46 -4.15
N ASN F 14 11.96 -3.21 -3.60
CA ASN F 14 12.01 -3.66 -2.20
C ASN F 14 11.79 -5.15 -2.15
N ARG F 15 12.79 -5.86 -1.66
CA ARG F 15 12.71 -7.32 -1.57
C ARG F 15 13.55 -7.87 -0.41
N LYS F 16 13.07 -7.70 0.81
CA LYS F 16 13.82 -8.22 1.95
C LYS F 16 14.10 -9.70 1.72
N PRO F 17 15.39 -10.09 1.66
CA PRO F 17 15.80 -11.48 1.46
C PRO F 17 15.33 -12.30 2.65
N LEU F 18 14.67 -13.42 2.39
CA LEU F 18 14.15 -14.28 3.44
C LEU F 18 15.17 -14.64 4.51
N GLU F 19 14.70 -14.87 5.74
CA GLU F 19 15.55 -15.25 6.86
C GLU F 19 15.59 -16.78 6.84
N ILE F 20 16.69 -17.40 7.26
CA ILE F 20 16.70 -18.86 7.27
C ILE F 20 16.81 -19.47 8.67
N THR F 21 17.96 -20.06 9.03
CA THR F 21 18.14 -20.67 10.36
C THR F 21 19.42 -21.48 10.54
N THR F 22 19.33 -22.77 10.23
CA THR F 22 20.38 -23.80 10.32
C THR F 22 20.10 -24.68 11.53
N PRO F 23 19.52 -25.86 11.30
CA PRO F 23 19.16 -26.84 12.34
C PRO F 23 20.05 -26.74 13.56
N SER F 24 21.15 -27.48 13.55
CA SER F 24 22.11 -27.45 14.64
C SER F 24 23.38 -26.90 14.04
N ASN F 25 24.41 -26.74 14.87
CA ASN F 25 25.66 -26.23 14.38
C ASN F 25 26.52 -27.41 13.88
N LYS F 26 26.05 -28.62 14.18
CA LYS F 26 26.74 -29.86 13.81
C LYS F 26 26.00 -30.49 12.64
N LEU F 27 26.64 -30.51 11.48
CA LEU F 27 26.03 -31.08 10.29
C LEU F 27 25.55 -32.46 10.60
N SER F 28 26.47 -33.30 11.04
CA SER F 28 26.15 -34.67 11.39
C SER F 28 24.79 -34.81 12.06
N ASP F 29 24.29 -33.74 12.68
CA ASP F 29 23.00 -33.79 13.34
C ASP F 29 21.78 -33.92 12.44
N TYR F 30 21.84 -33.37 11.23
CA TYR F 30 20.68 -33.43 10.35
C TYR F 30 20.97 -33.88 8.93
N TYR F 31 22.25 -33.98 8.57
CA TYR F 31 22.55 -34.44 7.22
C TYR F 31 21.87 -35.78 7.08
N ALA F 32 21.19 -36.00 5.96
CA ALA F 32 20.50 -37.26 5.74
C ALA F 32 19.30 -37.42 6.64
N SER F 33 18.93 -36.37 7.38
CA SER F 33 17.78 -36.45 8.28
C SER F 33 16.52 -36.92 7.59
N HIS F 34 16.32 -36.47 6.36
CA HIS F 34 15.12 -36.86 5.65
C HIS F 34 15.21 -38.04 4.73
N VAL F 35 16.18 -38.92 4.95
CA VAL F 35 16.26 -40.08 4.08
C VAL F 35 16.36 -41.40 4.81
N PHE F 36 15.49 -42.33 4.41
CA PHE F 36 15.45 -43.63 5.00
C PHE F 36 16.64 -44.40 4.45
N ASP F 37 17.81 -44.14 5.02
CA ASP F 37 19.07 -44.78 4.63
C ASP F 37 19.35 -45.92 5.59
N ARG F 38 20.44 -46.66 5.38
CA ARG F 38 20.78 -47.77 6.27
C ARG F 38 20.76 -47.34 7.71
N LYS F 39 21.57 -46.33 8.02
CA LYS F 39 21.67 -45.81 9.37
C LYS F 39 20.32 -45.95 10.05
N LYS F 40 19.24 -45.81 9.30
CA LYS F 40 17.90 -45.91 9.86
C LYS F 40 17.16 -47.22 9.57
N MET F 41 17.46 -47.87 8.45
CA MET F 41 16.78 -49.12 8.16
C MET F 41 17.16 -50.06 9.28
N GLN F 42 18.41 -49.99 9.68
CA GLN F 42 18.92 -50.82 10.76
C GLN F 42 18.10 -50.56 12.01
N GLU F 43 17.72 -49.30 12.23
CA GLU F 43 16.91 -48.95 13.39
C GLU F 43 15.46 -49.42 13.23
N TYR F 44 14.74 -48.85 12.26
CA TYR F 44 13.33 -49.20 12.02
C TYR F 44 12.98 -50.59 11.50
N LEU F 45 13.89 -51.21 10.73
CA LEU F 45 13.60 -52.52 10.18
C LEU F 45 13.97 -53.68 11.10
N PRO F 46 13.20 -54.78 11.02
CA PRO F 46 13.42 -55.98 11.84
C PRO F 46 14.79 -56.55 11.58
N LYS F 47 15.37 -57.17 12.61
CA LYS F 47 16.71 -57.78 12.54
C LYS F 47 16.98 -58.46 11.18
N GLU F 48 15.97 -59.12 10.64
CA GLU F 48 16.08 -59.83 9.36
C GLU F 48 15.84 -58.91 8.19
N ALA F 49 14.63 -58.38 8.08
CA ALA F 49 14.24 -57.48 6.99
C ALA F 49 15.39 -56.59 6.54
N TYR F 50 16.15 -56.09 7.51
CA TYR F 50 17.29 -55.22 7.21
C TYR F 50 18.39 -56.02 6.51
N LYS F 51 18.79 -57.12 7.13
CA LYS F 51 19.81 -57.98 6.55
C LYS F 51 19.46 -58.28 5.10
N ALA F 52 18.17 -58.14 4.77
CA ALA F 52 17.67 -58.41 3.40
C ALA F 52 17.81 -57.21 2.48
N VAL F 53 17.45 -56.03 2.95
CA VAL F 53 17.59 -54.87 2.09
C VAL F 53 19.02 -54.90 1.62
N VAL F 54 19.90 -55.35 2.51
CA VAL F 54 21.31 -55.39 2.18
C VAL F 54 21.64 -56.48 1.17
N ASP F 55 21.41 -57.74 1.53
CA ASP F 55 21.71 -58.82 0.61
C ASP F 55 21.18 -58.49 -0.79
N ALA F 56 20.13 -57.69 -0.84
CA ALA F 56 19.55 -57.29 -2.11
C ALA F 56 20.42 -56.22 -2.74
N THR F 57 20.67 -55.15 -1.98
CA THR F 57 21.48 -54.05 -2.47
C THR F 57 22.94 -54.48 -2.56
N GLU F 58 23.26 -55.65 -2.01
CA GLU F 58 24.62 -56.17 -2.03
C GLU F 58 24.82 -56.92 -3.34
N LYS F 59 24.47 -56.25 -4.44
CA LYS F 59 24.61 -56.79 -5.80
C LYS F 59 23.80 -58.08 -6.00
N GLY F 60 23.22 -58.60 -4.94
CA GLY F 60 22.46 -59.84 -5.05
C GLY F 60 20.96 -59.76 -5.34
N THR F 61 20.16 -59.54 -4.29
CA THR F 61 18.69 -59.47 -4.36
C THR F 61 18.23 -60.92 -4.44
N PRO F 62 16.94 -61.18 -4.74
CA PRO F 62 15.83 -60.27 -5.02
C PRO F 62 15.13 -59.92 -3.72
N ILE F 63 14.00 -59.24 -3.85
CA ILE F 63 13.23 -58.83 -2.69
C ILE F 63 11.92 -59.61 -2.63
N SER F 64 11.78 -60.42 -1.58
CA SER F 64 10.58 -61.23 -1.40
C SER F 64 9.35 -60.35 -1.18
N ARG F 65 8.21 -60.80 -1.68
CA ARG F 65 6.98 -60.04 -1.49
C ARG F 65 6.74 -59.96 0.02
N GLU F 66 7.34 -60.91 0.75
CA GLU F 66 7.24 -60.95 2.20
C GLU F 66 8.18 -59.89 2.76
N MET F 67 9.45 -59.99 2.40
CA MET F 67 10.46 -59.03 2.85
C MET F 67 10.04 -57.60 2.50
N ALA F 68 9.16 -57.45 1.52
CA ALA F 68 8.66 -56.13 1.11
C ALA F 68 7.84 -55.55 2.24
N ASP F 69 6.66 -56.11 2.45
CA ASP F 69 5.80 -55.65 3.53
C ASP F 69 6.66 -55.52 4.78
N LEU F 70 7.59 -56.47 4.96
CA LEU F 70 8.49 -56.40 6.11
C LEU F 70 9.07 -55.00 6.13
N ILE F 71 9.64 -54.59 5.00
CA ILE F 71 10.23 -53.26 4.86
C ILE F 71 9.17 -52.20 4.89
N ALA F 72 8.40 -52.11 3.81
CA ALA F 72 7.34 -51.13 3.68
C ALA F 72 6.75 -50.71 5.03
N ASN F 73 6.37 -51.68 5.86
CA ASN F 73 5.79 -51.34 7.15
C ASN F 73 6.80 -50.55 7.95
N GLY F 74 8.00 -51.09 8.07
CA GLY F 74 9.02 -50.38 8.82
C GLY F 74 9.24 -49.00 8.23
N MET F 75 9.35 -48.97 6.90
CA MET F 75 9.57 -47.72 6.19
C MET F 75 8.59 -46.65 6.64
N LYS F 76 7.29 -46.96 6.61
CA LYS F 76 6.24 -45.99 7.01
C LYS F 76 6.47 -45.49 8.42
N SER F 77 6.56 -46.42 9.36
CA SER F 77 6.79 -46.08 10.74
C SER F 77 7.79 -44.93 10.84
N TRP F 78 8.81 -44.96 9.98
CA TRP F 78 9.82 -43.92 9.96
C TRP F 78 9.23 -42.61 9.47
N ALA F 79 8.70 -42.64 8.27
CA ALA F 79 8.10 -41.48 7.66
C ALA F 79 7.04 -40.83 8.59
N LYS F 80 6.32 -41.63 9.36
CA LYS F 80 5.32 -41.06 10.24
C LYS F 80 6.02 -40.14 11.23
N SER F 81 7.28 -40.44 11.52
CA SER F 81 8.05 -39.66 12.46
C SER F 81 8.31 -38.29 11.89
N LEU F 82 7.98 -38.12 10.62
CA LEU F 82 8.17 -36.86 9.93
C LEU F 82 6.82 -36.33 9.51
N ASN F 83 5.78 -36.98 9.99
CA ASN F 83 4.44 -36.56 9.68
C ASN F 83 4.18 -36.69 8.20
N VAL F 84 4.92 -37.53 7.51
CA VAL F 84 4.61 -37.65 6.09
C VAL F 84 3.22 -38.28 6.10
N THR F 85 2.43 -38.01 5.07
CA THR F 85 1.08 -38.55 5.04
C THR F 85 0.71 -39.10 3.67
N HIS F 86 1.69 -39.11 2.78
CA HIS F 86 1.48 -39.61 1.44
C HIS F 86 2.74 -40.30 0.95
N TYR F 87 2.57 -41.16 -0.03
CA TYR F 87 3.68 -41.89 -0.60
C TYR F 87 3.53 -41.76 -2.10
N THR F 88 4.65 -41.86 -2.80
CA THR F 88 4.60 -41.75 -4.25
C THR F 88 5.80 -42.36 -4.92
N HIS F 89 5.59 -42.88 -6.12
CA HIS F 89 6.70 -43.48 -6.84
C HIS F 89 7.44 -42.39 -7.57
N TRP F 90 8.60 -42.04 -7.07
CA TRP F 90 9.42 -41.00 -7.68
C TRP F 90 10.14 -41.60 -8.86
N PHE F 91 10.06 -40.97 -10.02
CA PHE F 91 10.76 -41.50 -11.18
C PHE F 91 10.76 -40.55 -12.35
N GLN F 92 11.93 -40.36 -12.96
CA GLN F 92 12.07 -39.48 -14.11
C GLN F 92 11.90 -40.32 -15.37
N PRO F 93 10.80 -40.11 -16.11
CA PRO F 93 10.52 -40.84 -17.35
C PRO F 93 11.10 -40.06 -18.52
N LEU F 94 11.02 -40.62 -19.72
CA LEU F 94 11.55 -39.91 -20.88
C LEU F 94 10.68 -38.70 -21.18
N THR F 95 9.74 -38.42 -20.28
CA THR F 95 8.80 -37.31 -20.41
C THR F 95 8.31 -37.20 -21.86
N LYS F 101 1.46 -38.39 -8.67
CA LYS F 101 0.40 -39.12 -7.98
C LYS F 101 0.77 -39.19 -6.51
N HIS F 102 -0.16 -38.79 -5.65
CA HIS F 102 0.04 -38.82 -4.20
C HIS F 102 -1.03 -39.68 -3.54
N ASP F 103 -0.63 -40.61 -2.68
CA ASP F 103 -1.60 -41.46 -2.01
C ASP F 103 -1.47 -41.46 -0.50
N GLY F 104 -2.55 -41.13 0.19
CA GLY F 104 -2.50 -41.16 1.63
C GLY F 104 -2.36 -42.63 1.95
N PHE F 105 -2.02 -42.96 3.19
CA PHE F 105 -1.88 -44.35 3.57
C PHE F 105 -3.27 -44.88 3.88
N ILE F 106 -4.21 -43.97 4.04
CA ILE F 106 -5.60 -44.30 4.34
C ILE F 106 -6.08 -45.64 3.80
N GLU F 107 -6.79 -46.39 4.64
CA GLU F 107 -7.31 -47.70 4.27
C GLU F 107 -8.25 -48.24 5.33
N PHE F 108 -9.36 -48.79 4.88
CA PHE F 108 -10.35 -49.36 5.77
C PHE F 108 -9.95 -50.74 6.29
N GLY F 109 -9.89 -50.87 7.62
CA GLY F 109 -9.53 -52.13 8.23
C GLY F 109 -10.69 -53.11 8.27
N GLU F 110 -10.39 -54.36 8.64
CA GLU F 110 -11.42 -55.38 8.72
C GLU F 110 -12.58 -54.85 9.56
N ASP F 111 -12.26 -54.46 10.79
CA ASP F 111 -13.25 -53.96 11.72
C ASP F 111 -14.05 -52.78 11.18
N GLY F 112 -13.73 -52.37 9.96
CA GLY F 112 -14.44 -51.25 9.35
C GLY F 112 -13.82 -49.90 9.69
N GLU F 113 -13.10 -49.82 10.81
CA GLU F 113 -12.45 -48.60 11.26
C GLU F 113 -11.34 -48.26 10.27
N VAL F 114 -11.02 -46.98 10.12
CA VAL F 114 -9.97 -46.56 9.18
C VAL F 114 -8.59 -46.67 9.80
N ILE F 115 -7.61 -47.01 8.99
CA ILE F 115 -6.23 -47.15 9.46
C ILE F 115 -5.31 -46.71 8.35
N GLU F 116 -4.06 -46.40 8.69
CA GLU F 116 -3.10 -46.00 7.69
C GLU F 116 -2.23 -47.23 7.53
N ARG F 117 -1.90 -47.58 6.29
CA ARG F 117 -1.10 -48.77 6.04
C ARG F 117 -0.30 -48.65 4.74
N PHE F 118 0.96 -49.08 4.77
CA PHE F 118 1.77 -49.05 3.56
C PHE F 118 2.19 -50.49 3.30
N SER F 119 1.58 -51.09 2.28
CA SER F 119 1.86 -52.48 1.95
C SER F 119 3.12 -52.64 1.14
N GLY F 120 3.94 -53.64 1.49
CA GLY F 120 5.15 -53.88 0.76
C GLY F 120 4.79 -54.07 -0.71
N LYS F 121 3.54 -54.43 -0.95
CA LYS F 121 3.04 -54.65 -2.30
C LYS F 121 3.24 -53.40 -3.14
N LEU F 122 3.85 -52.38 -2.53
CA LEU F 122 4.10 -51.11 -3.21
C LEU F 122 5.58 -50.84 -3.39
N LEU F 123 6.30 -51.84 -3.88
CA LEU F 123 7.73 -51.72 -4.11
C LEU F 123 8.16 -52.82 -5.09
N THR F 148 5.97 -48.47 -9.87
CA THR F 148 6.49 -49.49 -10.76
C THR F 148 7.88 -49.98 -10.34
N ALA F 149 7.95 -50.77 -9.28
CA ALA F 149 9.24 -51.32 -8.81
C ALA F 149 10.22 -50.28 -8.27
N TRP F 150 10.47 -50.38 -6.96
CA TRP F 150 11.38 -49.48 -6.27
C TRP F 150 12.82 -49.85 -6.48
N ASP F 151 13.65 -48.86 -6.76
CA ASP F 151 15.06 -49.11 -6.95
C ASP F 151 15.70 -49.34 -5.60
N GLY F 152 15.70 -50.59 -5.12
CA GLY F 152 16.31 -50.91 -3.83
C GLY F 152 17.63 -50.19 -3.63
N SER F 153 18.25 -49.79 -4.75
CA SER F 153 19.53 -49.10 -4.74
C SER F 153 19.49 -47.70 -4.19
N SER F 154 18.48 -46.92 -4.56
CA SER F 154 18.37 -45.53 -4.08
C SER F 154 17.41 -45.38 -2.92
N PRO F 155 17.91 -44.91 -1.78
CA PRO F 155 17.06 -44.74 -0.61
C PRO F 155 15.82 -43.90 -0.84
N ALA F 156 14.78 -44.17 -0.04
CA ALA F 156 13.54 -43.44 -0.14
C ALA F 156 13.78 -42.19 0.67
N PHE F 157 13.17 -41.09 0.26
CA PHE F 157 13.37 -39.83 0.97
C PHE F 157 12.05 -39.14 1.19
N VAL F 158 12.03 -38.20 2.12
CA VAL F 158 10.82 -37.46 2.44
C VAL F 158 10.90 -35.98 2.16
N VAL F 159 9.88 -35.48 1.47
CA VAL F 159 9.80 -34.07 1.10
C VAL F 159 8.42 -33.54 1.50
N ASP F 160 8.39 -32.49 2.31
CA ASP F 160 7.15 -31.88 2.75
C ASP F 160 6.01 -32.90 2.80
N THR F 161 6.01 -33.74 3.83
CA THR F 161 4.94 -34.74 4.01
C THR F 161 4.62 -35.66 2.84
N THR F 162 5.64 -36.23 2.20
CA THR F 162 5.42 -37.15 1.09
C THR F 162 6.60 -38.07 0.92
N LEU F 163 6.41 -39.34 1.26
CA LEU F 163 7.46 -40.33 1.12
C LEU F 163 7.65 -40.57 -0.37
N CYS F 164 8.88 -40.43 -0.84
CA CYS F 164 9.16 -40.64 -2.26
C CYS F 164 9.96 -41.91 -2.47
N ILE F 165 9.41 -42.83 -3.27
CA ILE F 165 10.10 -44.08 -3.51
C ILE F 165 10.68 -44.07 -4.93
N PRO F 166 12.01 -43.97 -5.05
CA PRO F 166 12.62 -43.95 -6.38
C PRO F 166 12.20 -45.24 -7.08
N THR F 167 11.75 -45.16 -8.32
CA THR F 167 11.34 -46.38 -9.02
C THR F 167 11.77 -46.35 -10.46
N ILE F 168 11.53 -47.44 -11.17
CA ILE F 168 11.89 -47.51 -12.59
C ILE F 168 10.62 -47.65 -13.42
N PHE F 169 10.39 -46.71 -14.32
CA PHE F 169 9.21 -46.73 -15.17
C PHE F 169 9.30 -47.80 -16.26
N ILE F 170 8.33 -48.70 -16.30
CA ILE F 170 8.32 -49.77 -17.29
C ILE F 170 6.98 -49.88 -18.02
N GLU F 175 9.23 -52.50 -23.30
CA GLU F 175 10.38 -51.61 -23.34
C GLU F 175 10.64 -50.98 -21.96
N ALA F 176 11.32 -49.84 -21.97
CA ALA F 176 11.65 -49.09 -20.75
C ALA F 176 11.36 -47.63 -21.01
N LEU F 177 10.29 -47.11 -20.41
CA LEU F 177 9.91 -45.71 -20.60
C LEU F 177 10.66 -44.70 -19.74
N ASP F 178 11.62 -45.17 -18.94
CA ASP F 178 12.36 -44.26 -18.08
C ASP F 178 13.79 -44.01 -18.50
N TYR F 179 14.59 -43.55 -17.53
CA TYR F 179 16.01 -43.26 -17.73
C TYR F 179 16.84 -44.15 -16.80
N LYS F 180 16.28 -44.43 -15.63
CA LYS F 180 16.93 -45.25 -14.61
C LYS F 180 17.34 -46.59 -15.19
N THR F 181 16.37 -47.34 -15.69
CA THR F 181 16.61 -48.67 -16.24
C THR F 181 17.80 -48.66 -17.17
N PRO F 182 17.71 -47.94 -18.30
CA PRO F 182 18.83 -47.90 -19.25
C PRO F 182 20.14 -47.71 -18.51
N LEU F 183 20.19 -46.74 -17.59
CA LEU F 183 21.42 -46.48 -16.84
C LEU F 183 21.81 -47.68 -16.02
N LEU F 184 20.99 -48.02 -15.03
CA LEU F 184 21.29 -49.15 -14.18
C LEU F 184 22.00 -50.22 -15.01
N LYS F 185 21.40 -50.60 -16.13
CA LYS F 185 21.98 -51.61 -17.00
C LYS F 185 23.37 -51.14 -17.43
N ALA F 186 23.41 -50.00 -18.11
CA ALA F 186 24.66 -49.44 -18.59
C ALA F 186 25.71 -49.56 -17.51
N LEU F 187 25.38 -49.10 -16.31
CA LEU F 187 26.32 -49.17 -15.20
C LEU F 187 26.75 -50.60 -14.90
N ALA F 188 25.79 -51.52 -14.95
CA ALA F 188 26.08 -52.93 -14.70
C ALA F 188 27.15 -53.37 -15.66
N ALA F 189 26.81 -53.38 -16.95
CA ALA F 189 27.75 -53.78 -17.98
C ALA F 189 29.15 -53.27 -17.65
N VAL F 190 29.29 -51.96 -17.48
CA VAL F 190 30.57 -51.37 -17.18
C VAL F 190 31.27 -52.14 -16.09
N ASP F 191 30.52 -52.48 -15.04
CA ASP F 191 31.11 -53.21 -13.94
C ASP F 191 31.66 -54.57 -14.36
N LYS F 192 30.77 -55.49 -14.73
CA LYS F 192 31.17 -56.82 -15.17
C LYS F 192 32.46 -56.63 -15.97
N ALA F 193 32.32 -55.95 -17.11
CA ALA F 193 33.45 -55.66 -18.00
C ALA F 193 34.73 -55.24 -17.29
N ALA F 194 34.72 -54.06 -16.70
CA ALA F 194 35.90 -53.54 -16.01
C ALA F 194 36.42 -54.49 -14.94
N THR F 195 35.52 -55.22 -14.29
CA THR F 195 35.95 -56.15 -13.24
C THR F 195 36.77 -57.25 -13.88
N GLU F 196 36.19 -57.89 -14.89
CA GLU F 196 36.88 -58.96 -15.59
C GLU F 196 38.27 -58.45 -16.01
N VAL F 197 38.30 -57.38 -16.79
CA VAL F 197 39.55 -56.80 -17.26
C VAL F 197 40.46 -56.46 -16.09
N CYS F 198 39.86 -56.25 -14.92
CA CYS F 198 40.67 -55.95 -13.75
C CYS F 198 41.42 -57.21 -13.33
N GLN F 199 40.80 -58.37 -13.57
CA GLN F 199 41.41 -59.64 -13.20
C GLN F 199 42.86 -59.76 -13.65
N LEU F 200 43.18 -59.29 -14.84
CA LEU F 200 44.54 -59.38 -15.36
C LEU F 200 45.58 -58.84 -14.40
N PHE F 201 45.11 -58.25 -13.30
CA PHE F 201 45.99 -57.70 -12.27
C PHE F 201 45.24 -58.08 -11.00
N ASP F 202 45.86 -57.86 -9.83
CA ASP F 202 45.23 -58.20 -8.56
C ASP F 202 44.01 -59.14 -8.68
N LYS F 203 44.29 -60.43 -8.75
CA LYS F 203 43.27 -61.46 -8.88
C LYS F 203 41.98 -61.16 -8.13
N ASN F 204 42.08 -60.46 -7.01
CA ASN F 204 40.91 -60.11 -6.22
C ASN F 204 39.98 -59.23 -7.03
N ILE F 205 39.56 -58.11 -6.44
CA ILE F 205 38.68 -57.20 -7.14
C ILE F 205 37.43 -57.93 -7.61
N THR F 206 36.46 -58.02 -6.71
CA THR F 206 35.20 -58.67 -7.01
C THR F 206 34.41 -57.83 -8.01
N ARG F 207 34.29 -56.52 -7.76
CA ARG F 207 33.54 -55.64 -8.64
C ARG F 207 34.15 -54.24 -8.74
N VAL F 208 33.70 -53.47 -9.72
CA VAL F 208 34.17 -52.10 -9.93
C VAL F 208 32.98 -51.15 -10.02
N PHE F 209 32.95 -50.16 -9.13
CA PHE F 209 31.86 -49.19 -9.08
C PHE F 209 32.14 -48.00 -9.98
N THR F 210 31.12 -47.19 -10.24
CA THR F 210 31.26 -45.99 -11.09
C THR F 210 30.90 -44.74 -10.30
N ASN F 211 31.84 -43.80 -10.18
CA ASN F 211 31.54 -42.60 -9.42
C ASN F 211 31.27 -41.42 -10.32
N LEU F 212 30.19 -40.71 -10.02
CA LEU F 212 29.80 -39.54 -10.79
C LEU F 212 29.77 -38.26 -9.98
N GLY F 213 30.61 -37.31 -10.32
CA GLY F 213 30.57 -36.06 -9.61
C GLY F 213 30.04 -35.03 -10.59
N TRP F 214 28.87 -34.47 -10.34
CA TRP F 214 28.34 -33.49 -11.28
C TRP F 214 28.48 -32.05 -10.82
N GLU F 215 28.43 -31.12 -11.76
CA GLU F 215 28.53 -29.69 -11.45
C GLU F 215 27.33 -28.99 -12.07
N GLN F 216 26.43 -28.45 -11.24
CA GLN F 216 25.23 -27.78 -11.74
C GLN F 216 25.29 -26.26 -11.89
N GLU F 217 25.14 -25.78 -13.12
CA GLU F 217 25.16 -24.34 -13.40
C GLU F 217 23.73 -23.87 -13.68
N TYR F 218 23.45 -22.58 -13.46
CA TYR F 218 22.11 -22.05 -13.68
C TYR F 218 22.10 -20.52 -13.60
N PHE F 219 20.96 -19.93 -13.93
CA PHE F 219 20.79 -18.50 -13.84
C PHE F 219 19.56 -18.29 -12.96
N LEU F 220 19.38 -17.08 -12.45
CA LEU F 220 18.22 -16.73 -11.62
C LEU F 220 17.66 -15.40 -12.14
N VAL F 221 16.36 -15.18 -12.02
CA VAL F 221 15.76 -13.92 -12.45
C VAL F 221 14.68 -13.62 -11.49
N ASP F 222 14.53 -12.37 -11.08
CA ASP F 222 13.47 -12.09 -10.15
C ASP F 222 12.21 -12.49 -10.85
N THR F 223 11.39 -13.30 -10.19
CA THR F 223 10.15 -13.78 -10.79
C THR F 223 9.44 -12.70 -11.57
N SER F 224 9.14 -11.57 -10.92
CA SER F 224 8.45 -10.46 -11.60
C SER F 224 9.05 -10.23 -12.99
N LEU F 225 10.31 -9.85 -13.06
CA LEU F 225 10.96 -9.65 -14.34
C LEU F 225 10.71 -10.83 -15.26
N TYR F 226 10.91 -12.03 -14.74
CA TYR F 226 10.72 -13.23 -15.52
C TYR F 226 9.36 -13.31 -16.17
N ASN F 227 8.29 -13.16 -15.38
CA ASN F 227 6.94 -13.21 -15.93
C ASN F 227 6.76 -12.14 -16.98
N ALA F 228 7.32 -10.97 -16.72
CA ALA F 228 7.22 -9.86 -17.66
C ALA F 228 7.92 -10.19 -18.96
N ARG F 229 8.42 -11.40 -19.09
CA ARG F 229 9.12 -11.80 -20.29
C ARG F 229 8.55 -13.14 -20.75
N PRO F 230 7.46 -13.12 -21.51
CA PRO F 230 6.83 -14.36 -21.98
C PRO F 230 7.75 -15.39 -22.63
N ASP F 231 8.70 -14.96 -23.43
CA ASP F 231 9.59 -15.89 -24.08
C ASP F 231 10.45 -16.61 -23.05
N LEU F 232 10.69 -15.98 -21.91
CA LEU F 232 11.50 -16.62 -20.88
C LEU F 232 10.66 -17.69 -20.20
N ARG F 233 9.39 -17.37 -19.95
CA ARG F 233 8.49 -18.36 -19.38
C ARG F 233 8.18 -19.07 -20.68
N LEU F 234 7.62 -20.26 -20.66
CA LEU F 234 7.32 -20.96 -21.94
C LEU F 234 8.52 -21.52 -22.71
N THR F 235 9.60 -20.76 -22.84
CA THR F 235 10.75 -21.25 -23.59
C THR F 235 11.98 -21.46 -22.73
N GLY F 236 12.02 -20.82 -21.58
CA GLY F 236 13.16 -20.99 -20.71
C GLY F 236 14.36 -20.18 -21.16
N ARG F 237 14.27 -19.59 -22.35
CA ARG F 237 15.37 -18.78 -22.89
C ARG F 237 14.79 -17.58 -23.60
N THR F 238 15.47 -16.44 -23.50
CA THR F 238 15.00 -15.25 -24.19
C THR F 238 15.02 -15.53 -25.68
N LEU F 239 13.93 -15.22 -26.37
CA LEU F 239 13.86 -15.44 -27.80
C LEU F 239 14.23 -14.17 -28.55
N MET F 240 14.58 -13.12 -27.81
CA MET F 240 14.94 -11.87 -28.44
C MET F 240 15.62 -10.99 -27.41
N GLY F 241 16.17 -9.86 -27.84
CA GLY F 241 16.82 -8.99 -26.88
C GLY F 241 18.23 -8.55 -27.24
N HIS F 242 18.42 -7.24 -27.21
CA HIS F 242 19.69 -6.61 -27.51
C HIS F 242 20.60 -6.70 -26.29
N SER F 243 21.82 -7.18 -26.51
CA SER F 243 22.79 -7.35 -25.44
C SER F 243 23.51 -6.03 -25.13
N ILE F 258 27.89 -11.61 -4.24
CA ILE F 258 26.63 -12.34 -4.40
C ILE F 258 25.54 -11.64 -3.64
N PRO F 259 24.61 -10.99 -4.33
CA PRO F 259 23.50 -10.28 -3.70
C PRO F 259 22.82 -11.02 -2.56
N PRO F 260 22.47 -10.31 -1.47
CA PRO F 260 21.81 -10.94 -0.33
C PRO F 260 20.67 -11.84 -0.78
N ARG F 261 19.68 -11.25 -1.45
CA ARG F 261 18.54 -11.99 -1.97
C ARG F 261 18.98 -13.42 -2.28
N VAL F 262 19.95 -13.52 -3.19
CA VAL F 262 20.48 -14.77 -3.63
C VAL F 262 21.12 -15.58 -2.54
N THR F 263 22.13 -15.02 -1.88
CA THR F 263 22.80 -15.76 -0.81
C THR F 263 21.76 -16.54 -0.02
N ALA F 264 20.76 -15.83 0.49
CA ALA F 264 19.67 -16.45 1.24
C ALA F 264 19.06 -17.63 0.49
N PHE F 265 18.84 -17.47 -0.80
CA PHE F 265 18.31 -18.55 -1.59
C PHE F 265 19.17 -19.78 -1.34
N MET F 266 20.47 -19.63 -1.60
CA MET F 266 21.45 -20.70 -1.41
C MET F 266 21.43 -21.16 0.04
N LYS F 267 21.48 -20.21 0.97
CA LYS F 267 21.46 -20.51 2.39
C LYS F 267 20.47 -21.65 2.61
N GLU F 268 19.26 -21.50 2.08
CA GLU F 268 18.25 -22.54 2.25
C GLU F 268 18.59 -23.75 1.41
N LEU F 269 18.55 -23.59 0.10
CA LEU F 269 18.85 -24.69 -0.81
C LEU F 269 19.80 -25.74 -0.25
N GLU F 270 20.94 -25.27 0.23
CA GLU F 270 21.97 -26.15 0.76
C GLU F 270 21.38 -26.93 1.91
N ILE F 271 20.94 -26.24 2.96
CA ILE F 271 20.37 -26.93 4.10
C ILE F 271 19.42 -28.01 3.62
N GLU F 272 18.41 -27.60 2.89
CA GLU F 272 17.43 -28.53 2.40
C GLU F 272 18.04 -29.68 1.66
N CYS F 273 19.15 -29.42 0.96
CA CYS F 273 19.82 -30.49 0.22
C CYS F 273 20.43 -31.47 1.20
N HIS F 274 21.20 -30.95 2.15
CA HIS F 274 21.81 -31.80 3.13
C HIS F 274 20.77 -32.69 3.74
N LYS F 275 19.75 -32.11 4.36
CA LYS F 275 18.70 -32.89 4.95
C LYS F 275 18.30 -34.03 3.99
N LEU F 276 18.27 -33.73 2.70
CA LEU F 276 17.89 -34.73 1.72
C LEU F 276 18.98 -35.73 1.33
N GLY F 277 20.08 -35.74 2.05
CA GLY F 277 21.13 -36.69 1.69
C GLY F 277 22.12 -36.20 0.63
N ILE F 278 21.67 -35.35 -0.28
CA ILE F 278 22.56 -34.82 -1.31
C ILE F 278 23.67 -34.07 -0.60
N PRO F 279 24.94 -34.43 -0.83
CA PRO F 279 26.06 -33.77 -0.16
C PRO F 279 26.66 -32.55 -0.86
N VAL F 280 25.92 -31.46 -0.93
CA VAL F 280 26.41 -30.26 -1.58
C VAL F 280 27.70 -29.79 -0.93
N LYS F 281 28.77 -29.69 -1.72
CA LYS F 281 30.07 -29.25 -1.21
C LYS F 281 30.40 -27.79 -1.48
N THR F 282 30.35 -27.35 -2.72
CA THR F 282 30.68 -25.97 -3.05
C THR F 282 29.55 -25.26 -3.76
N ARG F 283 29.65 -23.94 -3.79
CA ARG F 283 28.65 -23.08 -4.44
C ARG F 283 29.30 -21.74 -4.66
N HIS F 284 29.29 -21.28 -5.91
CA HIS F 284 29.89 -19.98 -6.24
C HIS F 284 29.20 -19.43 -7.48
N ASN F 285 29.43 -18.16 -7.79
CA ASN F 285 28.80 -17.62 -8.99
C ASN F 285 29.69 -17.70 -10.21
N GLU F 286 29.05 -17.93 -11.35
CA GLU F 286 29.73 -18.10 -12.63
C GLU F 286 30.24 -16.83 -13.29
N VAL F 287 30.74 -17.01 -14.50
CA VAL F 287 31.32 -15.93 -15.28
C VAL F 287 30.29 -14.89 -15.63
N ALA F 288 29.12 -15.34 -16.07
CA ALA F 288 28.05 -14.45 -16.47
C ALA F 288 27.32 -13.81 -15.30
N PRO F 289 26.47 -12.81 -15.58
CA PRO F 289 25.71 -12.14 -14.53
C PRO F 289 24.59 -13.07 -14.12
N ASN F 290 24.23 -13.06 -12.84
CA ASN F 290 23.17 -13.93 -12.37
C ASN F 290 23.36 -15.39 -12.71
N GLN F 291 24.60 -15.84 -12.94
CA GLN F 291 24.82 -17.26 -13.19
C GLN F 291 25.54 -17.80 -11.97
N PHE F 292 25.31 -19.06 -11.62
CA PHE F 292 25.94 -19.64 -10.44
C PHE F 292 26.09 -21.14 -10.59
N GLU F 293 26.95 -21.76 -9.79
CA GLU F 293 27.16 -23.20 -9.85
C GLU F 293 26.91 -23.78 -8.45
N LEU F 294 27.11 -25.07 -8.29
CA LEU F 294 26.96 -25.77 -6.99
C LEU F 294 27.19 -27.24 -7.27
N ALA F 295 28.15 -27.84 -6.57
CA ALA F 295 28.45 -29.23 -6.81
C ALA F 295 28.62 -29.95 -5.50
N PRO F 296 28.31 -31.25 -5.48
CA PRO F 296 28.43 -32.09 -4.30
C PRO F 296 29.69 -32.93 -4.41
N ILE F 297 29.83 -33.88 -3.50
CA ILE F 297 30.96 -34.79 -3.53
C ILE F 297 30.48 -35.96 -4.41
N PHE F 298 31.34 -36.51 -5.26
CA PHE F 298 30.93 -37.61 -6.12
C PHE F 298 30.17 -38.70 -5.39
N GLU F 299 29.42 -39.51 -6.12
CA GLU F 299 28.63 -40.60 -5.53
C GLU F 299 28.38 -41.67 -6.57
N ASN F 300 28.29 -42.92 -6.16
CA ASN F 300 28.05 -43.99 -7.13
C ASN F 300 27.01 -43.51 -8.15
N CYS F 301 27.50 -43.31 -9.36
CA CYS F 301 26.72 -42.81 -10.49
C CYS F 301 25.20 -42.77 -10.34
N ASN F 302 24.57 -43.93 -10.22
CA ASN F 302 23.12 -43.95 -10.11
C ASN F 302 22.61 -42.99 -9.06
N LEU F 303 23.14 -43.09 -7.84
CA LEU F 303 22.71 -42.21 -6.77
C LEU F 303 23.02 -40.80 -7.16
N ALA F 304 24.26 -40.58 -7.54
CA ALA F 304 24.66 -39.25 -7.96
C ALA F 304 23.54 -38.68 -8.79
N ASN F 305 23.25 -39.31 -9.92
CA ASN F 305 22.20 -38.87 -10.81
C ASN F 305 20.93 -38.59 -10.05
N ASP F 306 20.31 -39.64 -9.50
CA ASP F 306 19.10 -39.43 -8.73
C ASP F 306 19.21 -38.15 -7.94
N HIS F 307 20.26 -38.04 -7.14
CA HIS F 307 20.47 -36.83 -6.35
C HIS F 307 20.36 -35.59 -7.20
N ASN F 308 21.23 -35.42 -8.19
CA ASN F 308 21.14 -34.24 -9.03
C ASN F 308 19.71 -33.97 -9.47
N GLN F 309 19.07 -34.99 -10.04
CA GLN F 309 17.69 -34.86 -10.49
C GLN F 309 16.86 -34.18 -9.41
N LEU F 310 16.91 -34.73 -8.22
CA LEU F 310 16.17 -34.16 -7.10
C LEU F 310 16.58 -32.72 -6.82
N VAL F 311 17.88 -32.44 -6.84
CA VAL F 311 18.34 -31.10 -6.58
C VAL F 311 17.65 -30.11 -7.49
N MET F 312 17.53 -30.44 -8.77
CA MET F 312 16.87 -29.52 -9.66
C MET F 312 15.48 -29.22 -9.11
N ASP F 313 14.77 -30.28 -8.68
CA ASP F 313 13.43 -30.09 -8.12
C ASP F 313 13.52 -29.10 -6.99
N LEU F 314 14.31 -29.45 -5.96
CA LEU F 314 14.47 -28.56 -4.82
C LEU F 314 14.69 -27.13 -5.26
N MET F 315 15.70 -26.92 -6.10
CA MET F 315 16.00 -25.57 -6.56
C MET F 315 14.78 -24.82 -7.04
N LYS F 316 14.02 -25.45 -7.92
CA LYS F 316 12.83 -24.79 -8.42
C LYS F 316 11.85 -24.46 -7.31
N ARG F 317 11.48 -25.43 -6.49
CA ARG F 317 10.53 -25.11 -5.45
C ARG F 317 11.06 -24.00 -4.59
N ILE F 318 12.28 -24.15 -4.09
CA ILE F 318 12.86 -23.13 -3.24
C ILE F 318 13.00 -21.75 -3.87
N ALA F 319 13.48 -21.72 -5.11
CA ALA F 319 13.66 -20.45 -5.80
C ALA F 319 12.37 -19.65 -5.74
N ARG F 320 11.28 -20.27 -6.20
CA ARG F 320 9.97 -19.62 -6.22
C ARG F 320 9.72 -18.97 -4.87
N LYS F 321 9.92 -19.75 -3.81
CA LYS F 321 9.73 -19.27 -2.45
C LYS F 321 10.56 -18.00 -2.23
N HIS F 322 11.69 -17.88 -2.90
CA HIS F 322 12.53 -16.71 -2.74
C HIS F 322 12.29 -15.68 -3.81
N HIS F 323 11.10 -15.73 -4.39
CA HIS F 323 10.74 -14.78 -5.42
C HIS F 323 11.77 -14.71 -6.55
N PHE F 324 12.26 -15.87 -6.97
CA PHE F 324 13.24 -16.00 -8.05
C PHE F 324 12.73 -17.05 -9.00
N ALA F 325 13.37 -17.16 -10.15
CA ALA F 325 13.00 -18.18 -11.13
C ALA F 325 14.35 -18.75 -11.53
N VAL F 326 14.54 -20.04 -11.33
CA VAL F 326 15.81 -20.66 -11.68
C VAL F 326 15.77 -21.05 -13.14
N LEU F 327 16.72 -20.55 -13.93
CA LEU F 327 16.73 -20.86 -15.35
C LEU F 327 17.74 -21.94 -15.66
N PHE F 328 17.24 -23.12 -16.02
CA PHE F 328 18.11 -24.26 -16.32
C PHE F 328 18.45 -24.46 -17.80
N HIS F 329 17.89 -23.63 -18.67
CA HIS F 329 18.18 -23.75 -20.09
C HIS F 329 19.68 -23.53 -20.26
N GLU F 330 20.28 -24.15 -21.27
CA GLU F 330 21.72 -24.01 -21.45
C GLU F 330 22.15 -22.65 -22.00
N LYS F 331 21.21 -21.90 -22.55
CA LYS F 331 21.56 -20.58 -23.09
C LYS F 331 20.43 -19.60 -22.86
N PRO F 332 20.15 -19.25 -21.60
CA PRO F 332 19.07 -18.31 -21.27
C PRO F 332 19.20 -17.03 -22.06
N TYR F 333 20.27 -16.31 -21.83
CA TYR F 333 20.49 -15.05 -22.53
C TYR F 333 21.52 -15.23 -23.60
N ASN F 334 21.24 -14.64 -24.75
CA ASN F 334 22.14 -14.74 -25.89
C ASN F 334 23.34 -13.85 -25.64
N GLY F 335 24.49 -14.18 -26.19
CA GLY F 335 25.65 -13.34 -25.99
C GLY F 335 26.29 -13.35 -24.61
N VAL F 336 26.09 -14.41 -23.83
CA VAL F 336 26.69 -14.47 -22.51
C VAL F 336 26.84 -15.93 -22.10
N ASN F 337 27.97 -16.26 -21.49
CA ASN F 337 28.26 -17.61 -21.04
C ASN F 337 27.02 -18.46 -20.91
N GLY F 338 27.04 -19.65 -21.52
CA GLY F 338 25.90 -20.55 -21.42
C GLY F 338 26.03 -21.30 -20.10
N SER F 339 25.06 -22.16 -19.77
CA SER F 339 25.13 -22.92 -18.53
C SER F 339 25.40 -24.35 -18.89
N GLY F 340 26.29 -25.03 -18.17
CA GLY F 340 26.57 -26.41 -18.49
C GLY F 340 26.60 -27.30 -17.27
N LYS F 341 26.54 -28.60 -17.49
CA LYS F 341 26.57 -29.57 -16.39
C LYS F 341 27.69 -30.56 -16.64
N HIS F 342 28.82 -30.35 -15.99
CA HIS F 342 29.96 -31.23 -16.17
C HIS F 342 29.71 -32.54 -15.49
N ASN F 343 30.38 -33.59 -15.97
CA ASN F 343 30.25 -34.91 -15.38
C ASN F 343 31.65 -35.47 -15.17
N ASN F 344 32.11 -35.43 -13.93
CA ASN F 344 33.42 -35.95 -13.60
C ASN F 344 33.18 -37.42 -13.34
N TRP F 345 33.76 -38.24 -14.23
CA TRP F 345 33.63 -39.68 -14.23
C TRP F 345 34.90 -40.36 -13.73
N SER F 346 34.73 -41.44 -12.98
CA SER F 346 35.85 -42.22 -12.45
C SER F 346 35.37 -43.62 -12.11
N LEU F 347 36.31 -44.55 -11.92
CA LEU F 347 35.93 -45.93 -11.61
C LEU F 347 36.64 -46.52 -10.40
N CYS F 348 36.03 -46.43 -9.22
CA CYS F 348 36.60 -46.97 -8.00
C CYS F 348 36.33 -48.47 -7.96
N THR F 349 37.38 -49.29 -7.76
CA THR F 349 37.20 -50.75 -7.69
C THR F 349 36.89 -51.13 -6.26
N ASP F 350 36.13 -52.20 -6.08
CA ASP F 350 35.71 -52.63 -4.75
C ASP F 350 36.81 -52.82 -3.73
N THR F 351 38.04 -53.03 -4.18
CA THR F 351 39.16 -53.21 -3.25
C THR F 351 39.83 -51.86 -3.04
N GLY F 352 39.24 -50.81 -3.62
CA GLY F 352 39.82 -49.50 -3.51
C GLY F 352 40.43 -49.28 -4.88
N ILE F 353 41.17 -48.20 -5.09
CA ILE F 353 41.82 -47.93 -6.38
C ILE F 353 40.99 -47.05 -7.31
N ASN F 354 41.43 -45.82 -7.49
CA ASN F 354 40.75 -44.88 -8.36
C ASN F 354 40.64 -45.47 -9.74
N LEU F 355 41.61 -46.30 -10.11
CA LEU F 355 41.61 -46.94 -11.43
C LEU F 355 41.78 -45.93 -12.55
N PHE F 356 41.91 -44.68 -12.18
CA PHE F 356 42.07 -43.59 -13.13
C PHE F 356 43.07 -42.68 -12.47
N ALA F 357 43.70 -43.16 -11.40
CA ALA F 357 44.68 -42.35 -10.67
C ALA F 357 46.10 -42.83 -10.91
N PRO F 358 46.92 -42.00 -11.54
CA PRO F 358 48.33 -42.36 -11.81
C PRO F 358 49.13 -42.41 -10.50
N GLY F 359 49.66 -41.26 -10.09
CA GLY F 359 50.42 -41.16 -8.85
C GLY F 359 51.77 -41.83 -8.77
N LYS F 360 52.84 -41.04 -8.79
CA LYS F 360 54.20 -41.55 -8.71
C LYS F 360 54.49 -42.63 -9.76
N ASN F 361 55.53 -42.41 -10.56
CA ASN F 361 55.94 -43.35 -11.61
C ASN F 361 54.76 -44.04 -12.28
N PRO F 362 53.96 -43.29 -13.05
CA PRO F 362 52.79 -43.80 -13.77
C PRO F 362 53.11 -44.90 -14.77
N LYS F 363 54.36 -44.94 -15.23
CA LYS F 363 54.79 -45.96 -16.18
C LYS F 363 54.70 -47.33 -15.51
N GLY F 364 54.83 -47.33 -14.17
CA GLY F 364 54.78 -48.57 -13.43
C GLY F 364 53.36 -49.08 -13.17
N ASN F 365 52.45 -48.17 -12.88
CA ASN F 365 51.05 -48.52 -12.61
C ASN F 365 50.39 -49.03 -13.88
N MET F 366 50.75 -50.26 -14.28
CA MET F 366 50.23 -50.89 -15.49
C MET F 366 48.70 -50.95 -15.55
N LEU F 367 48.06 -51.19 -14.40
CA LEU F 367 46.59 -51.24 -14.35
C LEU F 367 46.01 -49.95 -14.93
N PHE F 368 46.34 -48.84 -14.29
CA PHE F 368 45.92 -47.51 -14.72
C PHE F 368 46.14 -47.41 -16.22
N LEU F 369 47.40 -47.53 -16.66
CA LEU F 369 47.73 -47.44 -18.07
C LEU F 369 46.66 -48.19 -18.86
N THR F 370 46.43 -49.45 -18.50
CA THR F 370 45.45 -50.28 -19.17
C THR F 370 44.10 -49.59 -19.34
N PHE F 371 43.62 -48.97 -18.27
CA PHE F 371 42.34 -48.30 -18.33
C PHE F 371 42.41 -46.98 -19.09
N LEU F 372 43.36 -46.13 -18.75
CA LEU F 372 43.48 -44.86 -19.44
C LEU F 372 43.41 -45.07 -20.93
N VAL F 373 44.40 -45.77 -21.47
CA VAL F 373 44.44 -46.03 -22.89
C VAL F 373 43.07 -46.51 -23.36
N ASN F 374 42.41 -47.30 -22.52
CA ASN F 374 41.10 -47.82 -22.87
C ASN F 374 40.11 -46.68 -23.07
N VAL F 375 39.93 -45.85 -22.05
CA VAL F 375 39.03 -44.72 -22.16
C VAL F 375 39.31 -44.12 -23.53
N LEU F 376 40.57 -43.73 -23.76
CA LEU F 376 41.00 -43.13 -25.02
C LEU F 376 40.34 -43.78 -26.22
N MET F 377 40.44 -45.09 -26.32
CA MET F 377 39.82 -45.81 -27.41
C MET F 377 38.31 -45.57 -27.47
N MET F 378 37.66 -45.67 -26.32
CA MET F 378 36.21 -45.51 -26.23
C MET F 378 35.78 -44.14 -26.73
N VAL F 379 36.34 -43.09 -26.14
CA VAL F 379 35.99 -41.75 -26.54
C VAL F 379 36.19 -41.65 -28.04
N HIS F 380 37.31 -42.19 -28.52
CA HIS F 380 37.65 -42.18 -29.95
C HIS F 380 36.67 -43.01 -30.78
N LYS F 381 36.60 -44.30 -30.46
CA LYS F 381 35.75 -45.25 -31.17
C LYS F 381 34.26 -44.94 -31.08
N ASN F 382 33.86 -44.07 -30.15
CA ASN F 382 32.44 -43.75 -30.01
C ASN F 382 32.06 -42.27 -30.09
N GLN F 383 32.82 -41.49 -30.85
CA GLN F 383 32.56 -40.06 -30.97
C GLN F 383 31.07 -39.75 -31.07
N ASP F 384 30.51 -39.97 -32.25
CA ASP F 384 29.10 -39.71 -32.51
C ASP F 384 28.17 -40.11 -31.37
N LEU F 385 28.34 -41.33 -30.84
CA LEU F 385 27.49 -41.80 -29.75
C LEU F 385 27.44 -40.82 -28.58
N LEU F 386 28.60 -40.36 -28.13
CA LEU F 386 28.60 -39.42 -27.04
C LEU F 386 27.94 -38.12 -27.50
N ARG F 387 28.55 -37.46 -28.49
CA ARG F 387 27.98 -36.22 -28.99
C ARG F 387 26.47 -36.28 -29.12
N ALA F 388 25.93 -37.48 -29.22
CA ALA F 388 24.48 -37.62 -29.34
C ALA F 388 23.82 -37.64 -27.98
N SER F 389 24.49 -38.23 -27.00
CA SER F 389 23.90 -38.33 -25.69
C SER F 389 23.83 -36.98 -24.99
N ILE F 390 24.37 -35.94 -25.60
CA ILE F 390 24.27 -34.65 -24.94
C ILE F 390 23.67 -33.58 -25.83
N MET F 391 23.32 -33.94 -27.06
CA MET F 391 22.74 -32.99 -27.98
C MET F 391 21.26 -32.71 -27.61
N SER F 392 20.84 -31.46 -27.76
CA SER F 392 19.47 -31.05 -27.44
C SER F 392 19.20 -29.65 -27.95
N ALA F 393 17.98 -29.41 -28.42
CA ALA F 393 17.61 -28.11 -28.94
C ALA F 393 18.20 -26.98 -28.09
N GLY F 394 18.24 -27.21 -26.78
CA GLY F 394 18.78 -26.16 -25.93
C GLY F 394 20.29 -26.09 -26.01
N ASN F 395 20.94 -27.23 -25.80
CA ASN F 395 22.39 -27.31 -25.80
C ASN F 395 22.97 -26.87 -27.13
N SER F 396 22.22 -27.06 -28.19
CA SER F 396 22.71 -26.65 -29.50
C SER F 396 23.14 -25.21 -29.37
N HIS F 397 22.32 -24.41 -28.71
CA HIS F 397 22.62 -23.00 -28.52
C HIS F 397 23.85 -22.77 -27.66
N ARG F 398 24.33 -23.81 -26.98
CA ARG F 398 25.49 -23.63 -26.11
C ARG F 398 26.83 -24.12 -26.58
N LEU F 399 26.99 -25.43 -26.72
CA LEU F 399 28.27 -25.97 -27.12
C LEU F 399 28.88 -25.26 -28.32
N GLY F 400 30.22 -25.20 -28.30
CA GLY F 400 30.97 -24.54 -29.35
C GLY F 400 30.80 -23.05 -29.17
N ALA F 401 31.39 -22.50 -28.12
CA ALA F 401 31.28 -21.07 -27.82
C ALA F 401 31.98 -20.65 -26.52
N ASN F 402 31.41 -19.66 -25.85
CA ASN F 402 31.96 -19.14 -24.60
C ASN F 402 32.18 -20.24 -23.57
N GLU F 403 33.37 -20.84 -23.61
CA GLU F 403 33.79 -21.91 -22.71
C GLU F 403 33.02 -23.23 -22.83
N ALA F 404 32.31 -23.39 -23.94
CA ALA F 404 31.53 -24.60 -24.20
C ALA F 404 32.14 -25.41 -25.34
N PRO F 405 32.55 -26.66 -25.06
CA PRO F 405 33.16 -27.56 -26.05
C PRO F 405 32.36 -27.73 -27.34
N PRO F 406 33.00 -27.51 -28.49
CA PRO F 406 32.33 -27.66 -29.79
C PRO F 406 31.96 -29.12 -30.02
N ALA F 407 31.03 -29.40 -30.91
CA ALA F 407 30.65 -30.79 -31.15
C ALA F 407 31.78 -31.56 -31.85
N ILE F 408 32.91 -31.72 -31.15
CA ILE F 408 34.07 -32.43 -31.69
C ILE F 408 34.78 -33.13 -30.54
N LEU F 409 34.38 -34.36 -30.22
CA LEU F 409 35.03 -35.02 -29.10
C LEU F 409 36.53 -35.16 -29.30
N SER F 410 37.29 -34.94 -28.23
CA SER F 410 38.74 -35.04 -28.29
C SER F 410 39.34 -34.89 -26.89
N ILE F 411 39.83 -35.99 -26.34
CA ILE F 411 40.41 -36.01 -24.99
C ILE F 411 41.59 -35.09 -24.78
N PHE F 412 41.86 -34.80 -23.51
CA PHE F 412 42.97 -33.94 -23.11
C PHE F 412 43.73 -34.67 -22.00
N LEU F 413 44.98 -35.04 -22.26
CA LEU F 413 45.78 -35.75 -21.26
C LEU F 413 46.79 -34.84 -20.57
N GLY F 414 47.19 -33.78 -21.27
CA GLY F 414 48.14 -32.84 -20.71
C GLY F 414 49.57 -33.30 -20.58
N SER F 415 50.45 -32.67 -21.36
CA SER F 415 51.89 -32.95 -21.36
C SER F 415 52.32 -34.16 -20.54
N GLN F 416 52.54 -33.95 -19.25
CA GLN F 416 52.96 -35.01 -18.34
C GLN F 416 52.50 -36.39 -18.82
N LEU F 417 51.28 -36.76 -18.46
CA LEU F 417 50.72 -38.05 -18.84
C LEU F 417 50.78 -38.25 -20.35
N SER F 418 50.72 -37.15 -21.10
CA SER F 418 50.74 -37.23 -22.55
C SER F 418 52.01 -37.87 -23.08
N ALA F 419 53.13 -37.15 -23.02
CA ALA F 419 54.39 -37.69 -23.49
C ALA F 419 54.56 -39.10 -22.94
N THR F 420 54.16 -39.29 -21.70
CA THR F 420 54.26 -40.59 -21.04
C THR F 420 53.57 -41.67 -21.85
N LEU F 421 52.55 -41.31 -22.62
CA LEU F 421 51.86 -42.30 -23.42
C LEU F 421 52.63 -42.55 -24.70
N ASP F 422 53.48 -41.59 -25.07
CA ASP F 422 54.27 -41.73 -26.27
C ASP F 422 55.42 -42.67 -26.01
N GLU F 423 55.78 -42.81 -24.74
CA GLU F 423 56.86 -43.68 -24.33
C GLU F 423 56.57 -45.13 -24.72
N ILE F 424 55.59 -45.32 -25.60
CA ILE F 424 55.23 -46.66 -26.04
C ILE F 424 54.74 -46.65 -27.49
N ARG F 458 46.09 -28.53 -16.34
CA ARG F 458 44.68 -28.83 -16.65
C ARG F 458 43.99 -27.65 -17.36
N ASN F 459 43.55 -27.87 -18.60
CA ASN F 459 42.89 -26.82 -19.39
C ASN F 459 41.51 -27.21 -19.93
N ARG F 460 40.54 -26.32 -19.75
CA ARG F 460 39.16 -26.52 -20.21
C ARG F 460 39.11 -26.53 -21.73
N THR F 461 38.15 -25.81 -22.30
CA THR F 461 37.99 -25.72 -23.75
C THR F 461 38.23 -27.04 -24.49
N SER F 462 37.49 -28.09 -24.10
CA SER F 462 37.59 -29.42 -24.71
C SER F 462 36.58 -30.38 -24.08
N PRO F 463 35.96 -31.27 -24.88
CA PRO F 463 34.97 -32.24 -24.45
C PRO F 463 35.35 -33.09 -23.23
N PHE F 464 36.33 -33.97 -23.42
CA PHE F 464 36.80 -34.84 -22.36
C PHE F 464 38.08 -34.25 -21.83
N ALA F 465 38.47 -34.62 -20.61
CA ALA F 465 39.70 -34.07 -20.05
C ALA F 465 40.13 -34.77 -18.79
N PHE F 466 41.30 -35.42 -18.83
CA PHE F 466 41.82 -36.09 -17.65
C PHE F 466 42.24 -34.99 -16.70
N THR F 467 41.42 -34.74 -15.67
CA THR F 467 41.71 -33.67 -14.72
C THR F 467 42.42 -34.14 -13.45
N GLY F 468 42.95 -35.35 -13.46
CA GLY F 468 43.65 -35.85 -12.29
C GLY F 468 42.80 -36.87 -11.55
N ASN F 469 43.26 -38.11 -11.53
CA ASN F 469 42.50 -39.16 -10.87
C ASN F 469 41.01 -39.02 -11.16
N ARG F 470 40.67 -38.90 -12.46
CA ARG F 470 39.28 -38.76 -12.98
C ARG F 470 39.20 -38.00 -14.31
N PHE F 471 38.14 -38.26 -15.08
CA PHE F 471 37.91 -37.59 -16.36
C PHE F 471 36.71 -36.67 -16.25
N GLU F 472 36.73 -35.50 -16.88
CA GLU F 472 35.59 -34.59 -16.79
C GLU F 472 34.95 -34.46 -18.16
N PHE F 473 33.64 -34.71 -18.25
CA PHE F 473 32.94 -34.64 -19.53
C PHE F 473 32.09 -33.38 -19.64
N ARG F 474 32.70 -32.32 -20.14
CA ARG F 474 32.04 -31.02 -20.25
C ARG F 474 30.90 -30.82 -21.25
N ALA F 475 30.85 -31.64 -22.29
CA ALA F 475 29.82 -31.51 -23.34
C ALA F 475 28.38 -31.40 -22.86
N ALA F 476 28.06 -32.12 -21.80
CA ALA F 476 26.72 -32.14 -21.25
C ALA F 476 26.02 -30.79 -21.10
N GLY F 477 24.72 -30.76 -21.36
CA GLY F 477 23.98 -29.52 -21.19
C GLY F 477 23.66 -29.33 -19.71
N SER F 478 23.17 -28.16 -19.32
CA SER F 478 22.86 -27.92 -17.91
C SER F 478 21.46 -28.38 -17.53
N SER F 479 20.65 -28.69 -18.53
CA SER F 479 19.29 -29.11 -18.24
C SER F 479 19.14 -30.62 -18.40
N ALA F 480 20.05 -31.21 -19.15
CA ALA F 480 19.99 -32.63 -19.42
C ALA F 480 20.04 -33.48 -18.17
N ASN F 481 19.53 -34.70 -18.29
CA ASN F 481 19.55 -35.63 -17.18
C ASN F 481 20.86 -36.37 -17.36
N CYS F 482 21.76 -36.23 -16.40
CA CYS F 482 23.05 -36.89 -16.49
C CYS F 482 22.93 -38.26 -17.14
N ALA F 483 22.11 -39.13 -16.55
CA ALA F 483 21.90 -40.48 -17.07
C ALA F 483 22.28 -40.65 -18.54
N ALA F 484 21.61 -39.91 -19.42
CA ALA F 484 21.89 -39.97 -20.85
C ALA F 484 23.39 -40.02 -21.12
N ALA F 485 24.09 -38.96 -20.74
CA ALA F 485 25.53 -38.90 -20.93
C ALA F 485 26.19 -40.13 -20.32
N MET F 486 25.79 -40.49 -19.10
CA MET F 486 26.39 -41.66 -18.45
C MET F 486 26.07 -42.93 -19.17
N ILE F 487 24.77 -43.18 -19.41
CA ILE F 487 24.36 -44.38 -20.11
C ILE F 487 25.30 -44.62 -21.29
N ALA F 488 25.53 -43.59 -22.08
CA ALA F 488 26.42 -43.72 -23.22
C ALA F 488 27.81 -44.02 -22.68
N ILE F 489 28.55 -42.98 -22.32
CA ILE F 489 29.90 -43.15 -21.78
C ILE F 489 30.14 -44.48 -21.09
N ASN F 490 29.29 -44.87 -20.16
CA ASN F 490 29.50 -46.13 -19.47
C ASN F 490 29.40 -47.35 -20.36
N ALA F 491 28.25 -47.59 -20.98
CA ALA F 491 28.12 -48.75 -21.88
C ALA F 491 29.25 -48.74 -22.92
N ALA F 492 29.43 -47.58 -23.56
CA ALA F 492 30.48 -47.42 -24.55
C ALA F 492 31.79 -47.95 -23.99
N MET F 493 32.09 -47.59 -22.74
CA MET F 493 33.32 -48.04 -22.11
C MET F 493 33.23 -49.53 -21.90
N ALA F 494 32.11 -49.99 -21.36
CA ALA F 494 31.90 -51.42 -21.10
C ALA F 494 32.33 -52.22 -22.32
N ASN F 495 31.80 -51.86 -23.48
CA ASN F 495 32.14 -52.52 -24.73
C ASN F 495 33.65 -52.46 -24.92
N GLN F 496 34.16 -51.27 -25.20
CA GLN F 496 35.59 -51.05 -25.38
C GLN F 496 36.44 -51.88 -24.43
N LEU F 497 35.93 -52.20 -23.24
CA LEU F 497 36.69 -53.02 -22.30
C LEU F 497 36.57 -54.47 -22.73
N ASN F 498 35.36 -55.02 -22.66
CA ASN F 498 35.11 -56.40 -23.05
C ASN F 498 35.81 -56.71 -24.36
N GLU F 499 36.09 -55.66 -25.12
CA GLU F 499 36.77 -55.81 -26.39
C GLU F 499 38.26 -55.99 -26.11
N PHE F 500 38.83 -55.04 -25.39
CA PHE F 500 40.26 -55.09 -25.05
C PHE F 500 40.58 -56.45 -24.46
N LYS F 501 39.63 -57.02 -23.72
CA LYS F 501 39.83 -58.32 -23.07
C LYS F 501 39.95 -59.44 -24.11
N ALA F 502 38.88 -59.69 -24.84
CA ALA F 502 38.92 -60.73 -25.87
C ALA F 502 40.23 -60.62 -26.62
N SER F 503 40.50 -59.43 -27.14
CA SER F 503 41.71 -59.15 -27.89
C SER F 503 42.96 -59.61 -27.14
N VAL F 504 43.17 -59.11 -25.92
CA VAL F 504 44.34 -59.48 -25.12
C VAL F 504 44.26 -60.92 -24.62
N ASP F 505 43.72 -61.79 -25.47
CA ASP F 505 43.59 -63.21 -25.14
C ASP F 505 44.09 -64.05 -26.31
N LYS F 506 45.42 -64.08 -26.46
CA LYS F 506 46.08 -64.84 -27.50
C LYS F 506 47.19 -65.68 -26.91
N ASP F 515 49.74 -62.53 -19.71
CA ASP F 515 50.46 -61.94 -18.58
C ASP F 515 51.49 -60.92 -19.07
N GLU F 516 51.72 -60.90 -20.37
CA GLU F 516 52.67 -59.99 -20.97
C GLU F 516 52.06 -59.52 -22.28
N ALA F 517 50.90 -60.09 -22.57
CA ALA F 517 50.17 -59.76 -23.78
C ALA F 517 49.69 -58.33 -23.67
N ILE F 518 49.10 -58.01 -22.52
CA ILE F 518 48.60 -56.67 -22.28
C ILE F 518 49.42 -55.64 -23.03
N PHE F 519 50.69 -55.51 -22.66
CA PHE F 519 51.59 -54.55 -23.30
C PHE F 519 51.39 -54.54 -24.82
N ARG F 520 51.14 -55.72 -25.39
CA ARG F 520 50.92 -55.83 -26.84
C ARG F 520 49.71 -55.01 -27.21
N ILE F 521 48.55 -55.38 -26.67
CA ILE F 521 47.31 -54.68 -26.97
C ILE F 521 47.35 -53.23 -26.54
N LEU F 522 47.81 -53.00 -25.31
CA LEU F 522 47.91 -51.64 -24.77
C LEU F 522 48.60 -50.72 -25.78
N LYS F 523 49.80 -51.10 -26.21
CA LYS F 523 50.52 -50.30 -27.18
C LYS F 523 49.73 -50.26 -28.47
N GLU F 524 49.12 -51.40 -28.81
CA GLU F 524 48.33 -51.50 -30.03
C GLU F 524 47.24 -50.45 -30.03
N ASN F 525 46.67 -50.18 -28.86
CA ASN F 525 45.59 -49.20 -28.72
C ASN F 525 46.04 -47.76 -28.69
N ILE F 526 47.12 -47.48 -27.97
CA ILE F 526 47.62 -46.11 -27.89
C ILE F 526 47.78 -45.61 -29.32
N ILE F 527 48.51 -46.36 -30.12
CA ILE F 527 48.76 -45.98 -31.50
C ILE F 527 47.43 -45.81 -32.21
N ALA F 528 46.48 -46.66 -31.84
CA ALA F 528 45.15 -46.64 -32.42
C ALA F 528 44.37 -45.37 -32.10
N SER F 529 44.42 -44.94 -30.84
CA SER F 529 43.71 -43.73 -30.43
C SER F 529 44.31 -42.49 -31.12
N GLU F 530 45.52 -42.11 -30.70
CA GLU F 530 46.22 -40.97 -31.28
C GLU F 530 45.24 -39.92 -31.77
N LEU F 531 44.75 -40.10 -33.00
CA LEU F 531 43.81 -39.16 -33.59
C LEU F 531 42.98 -38.34 -32.57
N ILE F 532 42.31 -39.06 -31.67
CA ILE F 532 41.44 -38.47 -30.66
C ILE F 532 42.05 -37.48 -29.67
N ARG F 533 43.32 -37.67 -29.33
CA ARG F 533 43.99 -36.79 -28.37
C ARG F 533 44.32 -35.42 -28.95
N PHE F 534 44.00 -34.37 -28.19
CA PHE F 534 44.29 -33.00 -28.58
C PHE F 534 44.77 -32.27 -27.35
N GLU F 535 45.17 -31.00 -27.47
CA GLU F 535 45.65 -30.28 -26.30
C GLU F 535 45.45 -28.76 -26.30
N GLY F 536 45.01 -28.19 -27.42
CA GLY F 536 44.86 -26.73 -27.50
C GLY F 536 43.52 -26.08 -27.84
N ASP F 537 43.53 -24.74 -27.88
CA ASP F 537 42.34 -23.92 -28.18
C ASP F 537 41.30 -24.68 -29.00
N GLY F 538 40.46 -25.47 -28.32
CA GLY F 538 39.44 -26.25 -28.99
C GLY F 538 38.47 -25.48 -29.86
N TYR F 539 38.41 -24.16 -29.67
CA TYR F 539 37.51 -23.34 -30.48
C TYR F 539 38.25 -22.82 -31.69
N SER F 540 39.57 -22.65 -31.53
CA SER F 540 40.43 -22.15 -32.61
C SER F 540 40.04 -22.73 -33.96
N GLU F 541 40.02 -21.88 -34.98
CA GLU F 541 39.69 -22.32 -36.33
C GLU F 541 40.75 -23.36 -36.70
N GLU F 542 41.84 -23.33 -35.96
CA GLU F 542 42.95 -24.24 -36.14
C GLU F 542 42.41 -25.67 -36.05
N TRP F 543 41.88 -26.00 -34.88
CA TRP F 543 41.32 -27.31 -34.59
C TRP F 543 40.10 -27.63 -35.44
N LYS F 544 39.36 -26.59 -35.83
CA LYS F 544 38.17 -26.77 -36.65
C LYS F 544 38.48 -27.73 -37.79
N GLN F 545 39.59 -27.50 -38.48
CA GLN F 545 40.01 -28.34 -39.60
C GLN F 545 41.01 -29.38 -39.14
N GLU F 546 41.95 -28.96 -38.30
CA GLU F 546 43.00 -29.83 -37.78
C GLU F 546 42.49 -31.19 -37.30
N ALA F 547 41.20 -31.23 -36.94
CA ALA F 547 40.57 -32.47 -36.46
C ALA F 547 39.80 -33.09 -37.60
N ALA F 548 39.05 -32.25 -38.31
CA ALA F 548 38.25 -32.71 -39.44
C ALA F 548 39.17 -33.55 -40.32
N ARG F 549 40.44 -33.18 -40.31
CA ARG F 549 41.48 -33.84 -41.07
C ARG F 549 41.69 -35.26 -40.53
N ARG F 550 41.77 -35.37 -39.21
CA ARG F 550 41.97 -36.66 -38.55
C ARG F 550 40.77 -37.57 -38.73
N GLY F 551 39.67 -37.01 -39.26
CA GLY F 551 38.48 -37.80 -39.44
C GLY F 551 37.53 -37.65 -38.27
N LEU F 552 37.92 -36.82 -37.30
CA LEU F 552 37.05 -36.59 -36.13
C LEU F 552 35.81 -35.86 -36.63
N THR F 553 34.65 -36.45 -36.39
CA THR F 553 33.41 -35.84 -36.83
C THR F 553 33.06 -34.59 -36.05
N ASN F 554 32.30 -33.73 -36.70
CA ASN F 554 31.84 -32.48 -36.12
C ASN F 554 30.42 -32.29 -36.63
N ILE F 555 29.46 -32.37 -35.73
CA ILE F 555 28.05 -32.21 -36.09
C ILE F 555 27.31 -31.20 -35.22
N CYS F 556 26.88 -30.10 -35.82
CA CYS F 556 26.17 -29.05 -35.10
C CYS F 556 24.67 -29.29 -35.06
N HIS F 557 24.11 -29.67 -36.20
CA HIS F 557 22.68 -29.92 -36.30
C HIS F 557 22.16 -31.01 -35.40
N VAL F 558 21.25 -30.64 -34.50
CA VAL F 558 20.70 -31.62 -33.58
C VAL F 558 20.16 -32.82 -34.32
N PRO F 559 19.13 -32.64 -35.15
CA PRO F 559 18.60 -33.81 -35.85
C PRO F 559 19.71 -34.76 -36.28
N GLU F 560 20.52 -34.34 -37.24
CA GLU F 560 21.62 -35.18 -37.70
C GLU F 560 22.31 -35.84 -36.50
N ALA F 561 23.05 -35.03 -35.75
CA ALA F 561 23.78 -35.50 -34.57
C ALA F 561 23.01 -36.56 -33.81
N LEU F 562 21.71 -36.38 -33.67
CA LEU F 562 20.90 -37.33 -32.95
C LEU F 562 20.81 -38.66 -33.69
N MET F 563 20.47 -38.57 -34.97
CA MET F 563 20.32 -39.75 -35.82
C MET F 563 21.30 -40.88 -35.49
N HIS F 564 22.56 -40.52 -35.25
CA HIS F 564 23.56 -41.52 -34.94
C HIS F 564 23.23 -42.47 -33.81
N TYR F 565 22.08 -42.32 -33.17
CA TYR F 565 21.79 -43.28 -32.14
C TYR F 565 21.64 -44.65 -32.83
N MET F 566 20.91 -44.67 -33.94
CA MET F 566 20.66 -45.89 -34.73
C MET F 566 21.87 -46.29 -35.58
N ASP F 567 22.85 -45.39 -35.68
CA ASP F 567 24.06 -45.66 -36.46
C ASP F 567 24.62 -46.98 -35.94
N ASN F 568 24.93 -47.89 -36.86
CA ASN F 568 25.44 -49.23 -36.54
C ASN F 568 26.41 -49.33 -35.37
N GLN F 569 27.47 -48.52 -35.38
CA GLN F 569 28.45 -48.55 -34.30
C GLN F 569 27.75 -48.42 -32.95
N SER F 570 26.99 -47.35 -32.79
CA SER F 570 26.26 -47.09 -31.55
C SER F 570 25.45 -48.32 -31.15
N ARG F 571 24.68 -48.85 -32.09
CA ARG F 571 23.84 -50.04 -31.87
C ARG F 571 24.70 -51.15 -31.30
N ALA F 572 25.91 -51.26 -31.84
CA ALA F 572 26.86 -52.26 -31.39
C ALA F 572 27.06 -52.14 -29.90
N VAL F 573 27.10 -50.89 -29.40
CA VAL F 573 27.30 -50.65 -27.99
C VAL F 573 25.98 -50.77 -27.25
N LEU F 574 24.99 -49.99 -27.69
CA LEU F 574 23.70 -50.00 -27.05
C LEU F 574 23.02 -51.36 -27.08
N ILE F 575 22.69 -51.86 -28.27
CA ILE F 575 22.03 -53.15 -28.35
C ILE F 575 23.04 -54.24 -28.00
N GLY F 576 24.29 -54.02 -28.39
CA GLY F 576 25.30 -54.99 -28.08
C GLY F 576 25.28 -55.39 -26.62
N GLU F 577 25.67 -54.46 -25.75
CA GLU F 577 25.71 -54.70 -24.32
C GLU F 577 24.35 -55.00 -23.70
N ARG F 578 23.36 -55.36 -24.51
CA ARG F 578 22.04 -55.68 -24.00
C ARG F 578 21.47 -54.53 -23.15
N ILE F 579 21.71 -53.28 -23.59
CA ILE F 579 21.22 -52.08 -22.90
C ILE F 579 19.84 -51.72 -23.42
N PHE F 580 19.66 -51.87 -24.72
CA PHE F 580 18.38 -51.58 -25.37
C PHE F 580 18.15 -52.65 -26.43
N ASN F 581 16.90 -52.90 -26.78
CA ASN F 581 16.63 -53.87 -27.82
C ASN F 581 16.05 -53.05 -28.95
N GLU F 582 16.40 -53.39 -30.19
CA GLU F 582 15.90 -52.68 -31.38
C GLU F 582 14.69 -51.78 -31.15
N THR F 583 13.58 -52.40 -30.77
CA THR F 583 12.34 -51.68 -30.52
C THR F 583 12.56 -50.48 -29.60
N GLU F 584 13.26 -50.68 -28.49
CA GLU F 584 13.55 -49.60 -27.55
C GLU F 584 14.36 -48.50 -28.20
N LEU F 585 15.62 -48.80 -28.50
CA LEU F 585 16.50 -47.84 -29.13
C LEU F 585 15.70 -47.07 -30.18
N ALA F 586 14.81 -47.77 -30.87
CA ALA F 586 13.97 -47.12 -31.87
C ALA F 586 13.28 -45.93 -31.21
N CYS F 587 12.47 -46.21 -30.18
CA CYS F 587 11.75 -45.18 -29.42
C CYS F 587 12.71 -44.07 -29.02
N ARG F 588 13.63 -44.41 -28.12
CA ARG F 588 14.62 -43.47 -27.65
C ARG F 588 14.88 -42.43 -28.74
N LEU F 589 15.42 -42.87 -29.87
CA LEU F 589 15.72 -41.95 -30.96
C LEU F 589 14.54 -41.12 -31.40
N GLU F 590 13.35 -41.72 -31.43
CA GLU F 590 12.19 -40.96 -31.84
C GLU F 590 11.81 -39.94 -30.78
N VAL F 591 11.43 -40.43 -29.61
CA VAL F 591 11.04 -39.52 -28.54
C VAL F 591 12.06 -38.40 -28.42
N GLU F 592 13.32 -38.70 -28.72
CA GLU F 592 14.36 -37.70 -28.63
C GLU F 592 14.16 -36.65 -29.71
N LEU F 593 13.92 -37.13 -30.93
CA LEU F 593 13.67 -36.26 -32.07
C LEU F 593 12.37 -35.53 -31.78
N GLU F 594 11.41 -36.28 -31.24
CA GLU F 594 10.10 -35.73 -30.91
C GLU F 594 10.28 -34.43 -30.12
N LYS F 595 11.02 -34.52 -29.00
CA LYS F 595 11.29 -33.37 -28.16
C LYS F 595 11.79 -32.20 -28.96
N TYR F 596 13.01 -32.33 -29.48
CA TYR F 596 13.60 -31.29 -30.29
C TYR F 596 12.51 -30.60 -31.10
N THR F 597 11.83 -31.37 -31.94
CA THR F 597 10.79 -30.83 -32.77
C THR F 597 9.81 -29.91 -32.05
N MET F 598 9.31 -30.34 -30.90
CA MET F 598 8.35 -29.52 -30.16
C MET F 598 9.04 -28.29 -29.66
N LYS F 599 10.14 -28.48 -28.94
CA LYS F 599 10.88 -27.34 -28.42
C LYS F 599 11.06 -26.26 -29.48
N VAL F 600 11.62 -26.64 -30.62
CA VAL F 600 11.85 -25.69 -31.70
C VAL F 600 10.56 -25.06 -32.11
N GLN F 601 9.49 -25.84 -32.07
CA GLN F 601 8.18 -25.33 -32.43
C GLN F 601 7.76 -24.19 -31.50
N ILE F 602 7.56 -24.50 -30.22
CA ILE F 602 7.16 -23.49 -29.27
C ILE F 602 7.96 -22.22 -29.39
N GLU F 603 9.28 -22.36 -29.48
CA GLU F 603 10.14 -21.19 -29.60
C GLU F 603 9.59 -20.35 -30.76
N SER F 604 9.37 -21.01 -31.89
CA SER F 604 8.83 -20.34 -33.06
C SER F 604 7.47 -19.75 -32.76
N ARG F 605 6.53 -20.59 -32.34
CA ARG F 605 5.19 -20.13 -32.03
C ARG F 605 5.30 -18.84 -31.24
N VAL F 606 5.86 -18.92 -30.04
CA VAL F 606 6.02 -17.76 -29.18
C VAL F 606 6.57 -16.57 -29.92
N LEU F 607 7.85 -16.62 -30.28
CA LEU F 607 8.49 -15.53 -31.00
C LEU F 607 7.60 -14.88 -32.05
N GLY F 608 6.74 -15.69 -32.67
CA GLY F 608 5.85 -15.17 -33.70
C GLY F 608 4.80 -14.28 -33.07
N ASP F 609 4.09 -14.86 -32.10
CA ASP F 609 3.03 -14.13 -31.41
C ASP F 609 3.60 -12.90 -30.73
N LEU F 610 4.68 -13.08 -29.99
CA LEU F 610 5.27 -11.94 -29.31
C LEU F 610 5.59 -10.82 -30.29
N ALA F 611 6.07 -11.18 -31.47
CA ALA F 611 6.44 -10.16 -32.44
C ALA F 611 5.23 -9.38 -32.87
N ILE F 612 4.27 -10.09 -33.44
CA ILE F 612 3.08 -9.45 -33.94
C ILE F 612 2.23 -8.74 -32.88
N ASN F 613 2.00 -9.38 -31.74
CA ASN F 613 1.21 -8.85 -30.64
C ASN F 613 1.89 -7.83 -29.77
N HIS F 614 3.12 -8.11 -29.35
CA HIS F 614 3.81 -7.21 -28.43
C HIS F 614 4.75 -6.19 -29.02
N ILE F 615 5.74 -6.64 -29.79
CA ILE F 615 6.73 -5.74 -30.38
C ILE F 615 6.22 -4.74 -31.40
N VAL F 616 5.64 -5.26 -32.49
CA VAL F 616 5.17 -4.39 -33.54
C VAL F 616 4.31 -3.25 -33.05
N PRO F 617 3.14 -3.56 -32.48
CA PRO F 617 2.21 -2.56 -31.96
C PRO F 617 2.90 -1.40 -31.30
N ILE F 618 4.03 -1.66 -30.65
CA ILE F 618 4.76 -0.58 -30.01
C ILE F 618 5.48 0.22 -31.06
N ALA F 619 6.27 -0.48 -31.86
CA ALA F 619 7.01 0.16 -32.92
C ALA F 619 6.11 1.21 -33.57
N VAL F 620 4.88 0.81 -33.89
CA VAL F 620 3.92 1.71 -34.51
C VAL F 620 3.72 2.91 -33.64
N SER F 621 3.23 2.66 -32.44
CA SER F 621 2.99 3.72 -31.49
C SER F 621 4.14 4.71 -31.54
N TYR F 622 5.37 4.23 -31.38
CA TYR F 622 6.49 5.14 -31.42
C TYR F 622 6.62 5.84 -32.77
N GLN F 623 6.43 5.08 -33.84
CA GLN F 623 6.54 5.68 -35.15
C GLN F 623 5.64 6.88 -35.23
N ASN F 624 4.45 6.77 -34.66
CA ASN F 624 3.49 7.88 -34.67
C ASN F 624 4.14 9.08 -34.03
N ARG F 625 4.69 8.89 -32.84
CA ARG F 625 5.35 9.98 -32.13
C ARG F 625 6.15 10.74 -33.16
N LEU F 626 7.04 10.02 -33.83
CA LEU F 626 7.91 10.58 -34.84
C LEU F 626 7.16 11.30 -35.93
N LEU F 627 6.16 10.64 -36.50
CA LEU F 627 5.38 11.23 -37.56
C LEU F 627 4.70 12.49 -37.09
N GLU F 628 3.98 12.40 -35.98
CA GLU F 628 3.28 13.57 -35.47
C GLU F 628 4.25 14.72 -35.42
N ASN F 629 5.52 14.41 -35.17
CA ASN F 629 6.54 15.45 -35.10
C ASN F 629 6.62 16.14 -36.45
N LEU F 630 7.12 15.45 -37.46
CA LEU F 630 7.26 16.04 -38.79
C LEU F 630 5.94 16.65 -39.23
N CYS F 631 4.93 15.80 -39.34
CA CYS F 631 3.62 16.24 -39.77
C CYS F 631 3.34 17.70 -39.39
N ARG F 632 3.65 18.08 -38.16
CA ARG F 632 3.43 19.47 -37.72
C ARG F 632 4.57 20.34 -38.16
N MET F 633 5.78 19.92 -37.82
CA MET F 633 6.97 20.67 -38.20
C MET F 633 6.90 21.09 -39.67
N LYS F 634 6.76 20.10 -40.54
CA LYS F 634 6.68 20.33 -41.97
C LYS F 634 5.84 21.55 -42.29
N GLU F 635 4.70 21.66 -41.63
CA GLU F 635 3.82 22.77 -41.89
C GLU F 635 4.07 24.03 -41.05
N ILE F 636 5.29 24.21 -40.54
CA ILE F 636 5.58 25.40 -39.72
C ILE F 636 6.94 25.98 -40.09
N PHE F 637 7.63 25.33 -41.00
CA PHE F 637 8.94 25.80 -41.40
C PHE F 637 9.08 25.84 -42.92
N SER F 638 9.83 26.81 -43.41
CA SER F 638 10.04 26.95 -44.83
C SER F 638 10.64 25.65 -45.32
N GLU F 639 10.06 25.12 -46.40
CA GLU F 639 10.52 23.89 -47.01
C GLU F 639 12.00 23.73 -46.75
N GLU F 640 12.76 24.80 -46.98
CA GLU F 640 14.20 24.75 -46.75
C GLU F 640 14.48 24.20 -45.36
N GLU F 641 13.98 24.90 -44.34
CA GLU F 641 14.17 24.53 -42.94
C GLU F 641 13.73 23.10 -42.72
N TYR F 642 12.49 22.82 -43.07
CA TYR F 642 11.95 21.48 -42.89
C TYR F 642 12.81 20.40 -43.53
N GLU F 643 13.33 20.67 -44.72
CA GLU F 643 14.16 19.69 -45.41
C GLU F 643 15.33 19.28 -44.54
N VAL F 644 15.99 20.26 -43.92
CA VAL F 644 17.14 19.93 -43.10
C VAL F 644 16.82 19.41 -41.72
N MET F 645 15.75 19.91 -41.11
CA MET F 645 15.38 19.46 -39.77
C MET F 645 14.79 18.07 -39.79
N SER F 646 13.79 17.80 -40.63
CA SER F 646 13.21 16.46 -40.69
C SER F 646 14.26 15.40 -41.06
N ALA F 647 15.12 15.75 -42.02
CA ALA F 647 16.18 14.88 -42.48
C ALA F 647 16.23 13.49 -41.82
N ASP F 648 17.08 13.36 -40.81
CA ASP F 648 17.26 12.10 -40.07
C ASP F 648 15.96 11.49 -39.63
N ARG F 649 15.20 12.23 -38.82
CA ARG F 649 13.92 11.75 -38.32
C ARG F 649 13.17 10.97 -39.39
N LYS F 650 12.86 11.68 -40.47
CA LYS F 650 12.15 11.14 -41.61
C LYS F 650 12.76 9.78 -41.95
N GLU F 651 14.08 9.72 -41.98
CA GLU F 651 14.77 8.48 -42.31
C GLU F 651 14.43 7.35 -41.37
N LEU F 652 14.58 7.61 -40.07
CA LEU F 652 14.31 6.62 -39.03
C LEU F 652 12.92 6.04 -39.20
N ILE F 653 11.97 6.91 -39.50
CA ILE F 653 10.60 6.45 -39.71
C ILE F 653 10.69 5.38 -40.78
N LYS F 654 11.38 5.70 -41.88
CA LYS F 654 11.54 4.72 -42.94
C LYS F 654 12.08 3.47 -42.27
N GLU F 655 13.23 3.64 -41.62
CA GLU F 655 13.91 2.56 -40.90
C GLU F 655 12.91 1.69 -40.16
N ILE F 656 12.11 2.31 -39.31
CA ILE F 656 11.14 1.54 -38.54
C ILE F 656 10.18 0.80 -39.47
N SER F 657 9.46 1.56 -40.29
CA SER F 657 8.49 0.97 -41.22
C SER F 657 9.15 -0.22 -41.89
N HIS F 658 10.42 -0.09 -42.22
CA HIS F 658 11.12 -1.20 -42.85
C HIS F 658 11.01 -2.40 -41.93
N ARG F 659 11.74 -2.34 -40.80
CA ARG F 659 11.73 -3.41 -39.81
C ARG F 659 10.37 -4.04 -39.62
N VAL F 660 9.41 -3.25 -39.14
CA VAL F 660 8.06 -3.73 -38.92
C VAL F 660 7.65 -4.66 -40.04
N SER F 661 7.54 -4.12 -41.24
CA SER F 661 7.15 -4.90 -42.42
C SER F 661 7.96 -6.19 -42.49
N ALA F 662 9.28 -6.04 -42.48
CA ALA F 662 10.16 -7.19 -42.53
C ALA F 662 9.64 -8.27 -41.59
N ILE F 663 9.52 -7.92 -40.32
CA ILE F 663 9.06 -8.85 -39.33
C ILE F 663 7.74 -9.44 -39.77
N LYS F 664 6.79 -8.56 -40.05
CA LYS F 664 5.48 -8.99 -40.47
C LYS F 664 5.63 -10.16 -41.44
N VAL F 665 6.55 -10.02 -42.38
CA VAL F 665 6.76 -11.09 -43.36
C VAL F 665 7.37 -12.30 -42.73
N LEU F 666 8.64 -12.20 -42.36
CA LEU F 666 9.34 -13.31 -41.74
C LEU F 666 8.42 -14.20 -40.93
N VAL F 667 7.67 -13.59 -40.01
CA VAL F 667 6.73 -14.36 -39.19
C VAL F 667 5.81 -15.19 -40.05
N ARG F 668 5.11 -14.54 -40.98
CA ARG F 668 4.20 -15.22 -41.88
C ARG F 668 4.94 -16.40 -42.45
N ASP F 669 5.96 -16.11 -43.26
CA ASP F 669 6.75 -17.16 -43.90
C ASP F 669 7.12 -18.25 -42.94
N MET F 670 7.53 -17.87 -41.74
CA MET F 670 7.91 -18.83 -40.73
C MET F 670 6.72 -19.66 -40.32
N THR F 671 5.59 -18.99 -40.13
CA THR F 671 4.39 -19.70 -39.74
C THR F 671 4.15 -20.78 -40.76
N GLU F 672 4.31 -20.41 -42.03
CA GLU F 672 4.12 -21.35 -43.14
C GLU F 672 5.10 -22.50 -42.98
N ALA F 673 6.39 -22.19 -42.96
CA ALA F 673 7.41 -23.22 -42.81
C ALA F 673 6.92 -24.22 -41.79
N ARG F 674 6.73 -23.78 -40.57
CA ARG F 674 6.26 -24.66 -39.52
C ARG F 674 5.10 -25.48 -40.07
N LYS F 675 4.13 -24.83 -40.69
CA LYS F 675 2.98 -25.53 -41.24
C LYS F 675 3.42 -26.77 -42.02
N VAL F 676 3.98 -26.54 -43.20
CA VAL F 676 4.47 -27.66 -44.01
C VAL F 676 5.23 -28.60 -43.10
N ALA F 677 6.35 -28.15 -42.57
CA ALA F 677 7.17 -28.97 -41.68
C ALA F 677 6.31 -29.92 -40.87
N ASN F 678 5.33 -29.37 -40.17
CA ASN F 678 4.45 -30.17 -39.34
C ASN F 678 3.74 -31.28 -40.09
N HIS F 679 3.69 -31.19 -41.41
CA HIS F 679 3.02 -32.21 -42.20
C HIS F 679 3.87 -33.33 -42.74
N LYS F 680 5.19 -33.19 -42.71
CA LYS F 680 6.06 -34.24 -43.21
C LYS F 680 5.57 -35.55 -42.59
N GLU F 681 5.12 -36.49 -43.43
CA GLU F 681 4.60 -37.76 -42.93
C GLU F 681 5.69 -38.65 -42.35
N ASN F 682 6.32 -38.19 -41.27
CA ASN F 682 7.40 -38.94 -40.62
C ASN F 682 8.16 -38.11 -39.59
N PHE F 683 7.99 -38.44 -38.32
CA PHE F 683 8.64 -37.71 -37.22
C PHE F 683 10.11 -37.40 -37.53
N LYS F 684 10.80 -38.38 -38.12
CA LYS F 684 12.20 -38.23 -38.44
C LYS F 684 12.43 -37.08 -39.38
N GLU F 685 11.54 -36.93 -40.36
CA GLU F 685 11.67 -35.84 -41.33
C GLU F 685 11.23 -34.55 -40.72
N LYS F 686 10.12 -34.61 -40.01
CA LYS F 686 9.58 -33.43 -39.36
C LYS F 686 10.71 -32.70 -38.66
N ALA F 687 11.52 -33.43 -37.91
CA ALA F 687 12.65 -32.85 -37.20
C ALA F 687 13.50 -32.04 -38.16
N PHE F 688 14.11 -32.71 -39.14
CA PHE F 688 14.94 -32.00 -40.11
C PHE F 688 14.21 -30.78 -40.61
N ALA F 689 12.97 -30.98 -41.07
CA ALA F 689 12.17 -29.86 -41.56
C ALA F 689 12.41 -28.62 -40.71
N TYR F 690 12.24 -28.76 -39.40
CA TYR F 690 12.47 -27.64 -38.51
C TYR F 690 13.92 -27.19 -38.56
N GLU F 691 14.84 -27.99 -38.02
CA GLU F 691 16.25 -27.61 -38.03
C GLU F 691 16.61 -27.01 -39.38
N GLU F 692 15.91 -27.44 -40.41
CA GLU F 692 16.22 -26.98 -41.75
C GLU F 692 15.60 -25.67 -42.16
N THR F 693 14.27 -25.59 -42.16
CA THR F 693 13.60 -24.38 -42.62
C THR F 693 12.97 -23.48 -41.57
N VAL F 694 12.59 -24.03 -40.43
CA VAL F 694 11.97 -23.23 -39.38
C VAL F 694 12.99 -22.56 -38.48
N ARG F 695 13.85 -23.36 -37.86
CA ARG F 695 14.88 -22.84 -36.97
C ARG F 695 15.49 -21.52 -37.46
N PRO F 696 15.85 -21.46 -38.75
CA PRO F 696 16.45 -20.26 -39.31
C PRO F 696 15.80 -18.94 -38.99
N TYR F 697 14.47 -18.87 -39.04
CA TYR F 697 13.75 -17.62 -38.78
C TYR F 697 13.98 -17.03 -37.40
N LEU F 698 14.10 -17.90 -36.41
CA LEU F 698 14.30 -17.45 -35.05
C LEU F 698 15.31 -16.31 -34.99
N GLU F 699 16.46 -16.49 -35.62
CA GLU F 699 17.48 -15.45 -35.62
C GLU F 699 17.08 -14.30 -36.53
N SER F 700 16.53 -14.61 -37.70
CA SER F 700 16.12 -13.59 -38.66
C SER F 700 15.23 -12.55 -37.99
N ILE F 701 14.05 -13.00 -37.59
CA ILE F 701 13.06 -12.15 -36.94
C ILE F 701 13.70 -11.29 -35.87
N ARG F 702 14.44 -11.97 -34.99
CA ARG F 702 15.08 -11.31 -33.90
C ARG F 702 15.88 -10.11 -34.35
N ASP F 703 16.92 -10.35 -35.12
CA ASP F 703 17.80 -9.26 -35.54
C ASP F 703 17.04 -7.96 -35.70
N HIS F 704 15.84 -8.03 -36.25
CA HIS F 704 15.07 -6.81 -36.45
C HIS F 704 14.61 -6.27 -35.12
N ILE F 705 13.80 -7.06 -34.41
CA ILE F 705 13.30 -6.65 -33.11
C ILE F 705 14.43 -5.98 -32.33
N ASP F 706 15.54 -6.70 -32.17
CA ASP F 706 16.64 -6.12 -31.44
C ASP F 706 16.98 -4.73 -31.93
N HIS F 707 17.04 -4.52 -33.24
CA HIS F 707 17.34 -3.19 -33.73
C HIS F 707 16.27 -2.23 -33.26
N LEU F 708 15.03 -2.62 -33.44
CA LEU F 708 13.95 -1.75 -32.99
C LEU F 708 14.13 -1.34 -31.54
N GLU F 709 14.45 -2.31 -30.70
CA GLU F 709 14.66 -2.01 -29.29
C GLU F 709 15.57 -0.80 -29.15
N MET F 710 16.67 -0.79 -29.90
CA MET F 710 17.61 0.32 -29.82
C MET F 710 17.03 1.64 -30.26
N GLU F 711 16.05 1.61 -31.16
CA GLU F 711 15.49 2.85 -31.66
C GLU F 711 14.36 3.48 -30.85
N ILE F 712 13.36 2.67 -30.50
CA ILE F 712 12.21 3.09 -29.75
C ILE F 712 12.53 3.64 -28.35
N ASP F 713 11.63 4.48 -27.83
CA ASP F 713 11.74 5.13 -26.52
C ASP F 713 11.75 4.14 -25.35
N ASP F 714 12.80 4.15 -24.54
CA ASP F 714 12.89 3.23 -23.41
C ASP F 714 11.70 3.32 -22.48
N GLU F 715 11.03 4.47 -22.54
CA GLU F 715 9.87 4.75 -21.71
C GLU F 715 8.90 3.65 -21.97
N ILE F 716 8.80 3.27 -23.24
CA ILE F 716 7.92 2.20 -23.66
C ILE F 716 8.77 0.94 -23.81
N TRP F 717 8.37 0.08 -24.73
CA TRP F 717 9.09 -1.15 -24.98
C TRP F 717 8.65 -2.18 -23.96
N PRO F 718 7.68 -2.99 -24.31
CA PRO F 718 7.08 -4.04 -23.49
C PRO F 718 7.96 -4.95 -22.65
N LEU F 719 9.08 -5.42 -23.16
CA LEU F 719 9.86 -6.36 -22.39
C LEU F 719 10.96 -5.84 -21.51
N PRO F 720 11.32 -6.59 -20.46
CA PRO F 720 12.40 -6.14 -19.61
C PRO F 720 13.65 -6.26 -20.51
N LYS F 721 14.55 -5.28 -20.44
CA LYS F 721 15.73 -5.29 -21.27
C LYS F 721 16.87 -6.09 -20.64
N TYR F 722 17.68 -6.77 -21.46
CA TYR F 722 18.81 -7.56 -20.94
C TYR F 722 19.51 -6.86 -19.80
N ARG F 723 19.83 -5.58 -20.00
CA ARG F 723 20.53 -4.82 -19.00
C ARG F 723 19.87 -5.00 -17.65
N GLU F 724 18.56 -5.25 -17.67
CA GLU F 724 17.82 -5.42 -16.44
C GLU F 724 17.78 -6.87 -16.05
N LEU F 725 17.51 -7.73 -17.01
CA LEU F 725 17.48 -9.15 -16.71
C LEU F 725 18.81 -9.61 -16.11
N LEU F 726 19.88 -8.86 -16.37
CA LEU F 726 21.18 -9.23 -15.87
C LEU F 726 21.75 -8.50 -14.67
N PHE F 727 21.29 -7.30 -14.39
CA PHE F 727 21.81 -6.54 -13.26
C PHE F 727 20.66 -5.89 -12.50
N THR F 728 19.93 -5.00 -13.19
CA THR F 728 18.79 -4.31 -12.60
C THR F 728 17.74 -5.31 -12.09
#